data_9QE1
#
_entry.id   9QE1
#
_cell.length_a   1.00
_cell.length_b   1.00
_cell.length_c   1.00
_cell.angle_alpha   90.00
_cell.angle_beta   90.00
_cell.angle_gamma   90.00
#
_symmetry.space_group_name_H-M   'P 1'
#
loop_
_entity.id
_entity.type
_entity.pdbx_description
1 polymer JetC
2 polymer JetB
3 polymer JetA
4 non-polymer "ADENOSINE-5'-DIPHOSPHATE"
#
loop_
_entity_poly.entity_id
_entity_poly.type
_entity_poly.pdbx_seq_one_letter_code
_entity_poly.pdbx_strand_id
1 'polypeptide(L)'
;MMTEAKWVMNRAGLLNFWYYDDEIFPFSDGKLLLRGTNGSGKSVTMQSFLPVLLDGKKSPDRLDPFGSKARRMEDYLLGE
KEVVDRDERTGYLFIEYKKAGVERYITTGIGMQAKRHKGIKSWYFVITDNRRIGYDFELAHSQLGDRVPFSAKELENRIG
EGGYVVHTQREYMELVNKYIFGFQSNEAYEDLIKLLIQLRSPKLSKDFKPTVIYEILESALPPLTDDELRHLSDTIESMD
QTQQQLEQLEREFASSSRLVNQYHSYNQYILAERAGKWQDALKRYTVAEEHVKGLTAQDEELTQEIKQEEEQKQQFAQQQ
EIALEEKKRLERHEVWNLEEDKRKKIENTKSLSSEINSLQKKWDHKNSQYNRLWQEREQSQNQIRQHESGMEDLLGELQF
DAEEAAFSEHEVNVHDFERHQEEEFDFSIWIGEIGSHEQLLANLNQLADEENRLSEEHNRLQRQSSEKKKEVDAIRKNLD
HLADWFTEEKQRLEHQVFTWIEQHPKLIFSNERRQEIARSIEGLYEENRYEQVREKLLAVVNDYITDISTKKKLMETKIE
DKKHELEAARAELHHWKTLKMPNPDRAKDTEAFRLQLLEDGQAFIPFYAAVEFQDDVTEEQKERIESALKQTGILDSLIT
ENALAPTHDRVIRPEPQLLGYTLADYLRPDLEADSLISNKLVDEILRSISLEQEGAGFHVDVDGSYSLGCLVGHAPNEGP
SKYIGRSSRKRYQQEKIKECQETIEQLQLELEELKVQLSQYEENLLQAAQWKQTMPTDQELNDLNVQIEKTGHQLEEQKK
VLFQLDEQWKQVHGHLQVIKIQLHQEGRQLNLSLTKEVLGQALISAKNYRDQLYSFKDLFQKCLFARKRIEDLTHRLFEM
ETELDDLKGDQNVKESQLRKEKAEIESIEQQLKLKGIEEVRLRIQQVQQELREATEGINHLLETIPQKKAKQETCQNELA
AAKTSAEFWSNMADEWEQMVRADIARGFVEVVEMDPVKIVKQLESILGKYDRSKLNEQLTKTFINEQIFLTEYRMFEYPE
ETERPEWFSKEWGEYYEPFMNEWNQLQSRRLILMEYKGQRVSPYFVFTSLEKELEDQKGWLDEQDRQLYEDIIVNTVGVI
LRNRIKRAEKWVSEMDKIMESRDNSSGLTFSIAWKPLTAESEQELDTKDLVKLLQRNSKFLNEDDLNRITKHFQSRIGKA
KELIQLRNEGSTLHQVLKEVLDYRKWFTFVLSFKRVNEPKRELTNNAFFKFSGGEKAMAMYIPLFTAAYSRYKEAGEMAP
YIISLDEAFAGVDENNIRDMFEVVEQLGFNYIMNSQALWGDYDTISSLSICELVRPKNADFVTVIRYQWDGKQRTFVVDD
EHVEELVTHDG
;
A,B
2 'polypeptide(L)'
;MIMEQTQLFDEKAIQGMDILFHHYWILRAEQPEWYQLIREREKVLRRYLDEKFGLRLIVHQHFIKLEKIPVEPEGWMGIQ
DFQEPMDYAIFCCALAFLEGKAVDEQFLLSELCQEIQADYPGDFPLDWTLYTHRKSLIRAVKVLMEFQLIRTIDGDIGRF
DQNEEQEVLYEASTYSRYFMRTYPDDFSSYQHWSELLKEDWKLNQEDERRKRVYRKLFFSPGLHRLDQQDPDFLYIRNYR
NRLAEDIEKHSEYKLHVYKNTAFLSIAEPRQYQQVFPNSKASTDIILQLSKYIHGEPERFKANENGEILMTEGEFEQVVD
DLRQQFGTGWAKYFRDMSTKGIRTELLRAMKDWMMAEVDSETSLIRIKSLTGVMTGEYPSDFQTGGTEG
;
D
3 'polypeptide(L)'
;GPAAMDSTMKKIIEASYLTADSAAHYRTILRYFYHQHERMRDFIAPEELLEHMRSIPAFADFQEDQLHQQLAQLVKWNNL
IARQDMTNAKTIEEYKKKRFRYQCTPYTVEIERMIVQLEKLGDTFQGSLERSQFDRLFQAITSLQNELENDLNKSAEEYM
RIWEDVFRYFQTIRTSTADYIAYINSEQTDQRMQTEAFLVYKNQFTTYLRDFIVSLQKTSLQIQHSLSELTLERLQHFFQ
KLIEHRGAIPRLEDVSSSTNDWLTEYEEYWFSLRQWFLGSAVQQSELDILQWQTNEMIRRMTRYVQRIGERQQHFRSRKK
DYLQLSKWFVECRDSEEAHKLSAVVFGSMTIQHLQLEEATTENLHVDTWDEAPTELTIKPRTVRYREKTKPGSFNSNEQK
KKEQRELYLKEREQEKKLIEKYMTQGKITLSALSTVEPFIRKVLLSWIGKSMAAKNRMVKTDYGLHVKVMLDYEKTITLQ
AEDGNLLMPDATFLFEETRG
;
E,J
#
loop_
_chem_comp.id
_chem_comp.type
_chem_comp.name
_chem_comp.formula
ADP non-polymer ADENOSINE-5'-DIPHOSPHATE 'C10 H15 N5 O10 P2'
#
# COMPACT_ATOMS: atom_id res chain seq x y z
N MET A 1 10.60 -35.52 51.58
CA MET A 1 10.11 -36.05 50.33
C MET A 1 11.23 -36.20 49.32
N MET A 2 11.02 -37.03 48.30
CA MET A 2 12.03 -37.28 47.29
C MET A 2 12.29 -36.01 46.49
N THR A 3 13.27 -36.10 45.59
CA THR A 3 13.41 -35.12 44.52
C THR A 3 12.72 -35.65 43.26
N GLU A 4 12.21 -34.73 42.45
CA GLU A 4 11.67 -35.11 41.16
C GLU A 4 12.79 -35.69 40.30
N ALA A 5 12.39 -36.54 39.36
CA ALA A 5 13.37 -37.15 38.45
C ALA A 5 13.59 -36.23 37.25
N LYS A 6 14.82 -35.77 37.08
CA LYS A 6 15.10 -34.75 36.10
C LYS A 6 14.83 -35.24 34.69
N TRP A 7 14.40 -34.33 33.84
CA TRP A 7 14.22 -34.60 32.42
C TRP A 7 15.59 -34.64 31.76
N VAL A 8 15.66 -35.27 30.59
CA VAL A 8 16.86 -35.28 29.77
C VAL A 8 16.43 -35.25 28.32
N MET A 9 17.19 -34.55 27.50
CA MET A 9 16.91 -34.44 26.08
C MET A 9 17.58 -35.57 25.32
N ASN A 10 16.82 -36.59 24.93
CA ASN A 10 17.38 -37.53 23.98
C ASN A 10 16.45 -37.76 22.80
N ARG A 11 16.38 -36.78 21.92
CA ARG A 11 16.22 -36.93 20.49
C ARG A 11 15.95 -35.53 19.96
N ALA A 12 16.19 -35.32 18.67
CA ALA A 12 15.96 -34.01 18.08
C ALA A 12 15.79 -34.20 16.59
N GLY A 13 14.62 -33.83 16.06
CA GLY A 13 14.24 -34.18 14.71
C GLY A 13 14.10 -32.98 13.81
N LEU A 14 14.08 -33.23 12.51
CA LEU A 14 13.61 -32.31 11.50
C LEU A 14 12.87 -33.13 10.46
N LEU A 15 11.93 -32.49 9.75
CA LEU A 15 11.12 -33.21 8.78
C LEU A 15 10.78 -32.25 7.65
N ASN A 16 11.43 -32.41 6.50
CA ASN A 16 11.23 -31.53 5.36
C ASN A 16 11.56 -30.10 5.72
N PHE A 17 12.50 -29.91 6.63
CA PHE A 17 12.95 -28.59 7.04
C PHE A 17 14.32 -28.31 6.44
N TRP A 18 14.50 -27.09 5.95
CA TRP A 18 15.78 -26.71 5.36
C TRP A 18 16.19 -27.79 4.36
N TYR A 19 17.49 -28.04 4.21
CA TYR A 19 17.95 -29.15 3.38
C TYR A 19 17.82 -30.48 4.09
N TYR A 20 17.51 -30.47 5.38
CA TYR A 20 17.21 -31.71 6.06
C TYR A 20 15.93 -32.30 5.51
N ASP A 21 15.92 -33.62 5.36
CA ASP A 21 14.82 -34.31 4.72
C ASP A 21 14.05 -35.12 5.76
N ASP A 22 14.76 -35.98 6.48
CA ASP A 22 14.16 -36.65 7.64
C ASP A 22 15.33 -37.15 8.50
N GLU A 23 15.72 -36.34 9.47
CA GLU A 23 16.85 -36.64 10.33
C GLU A 23 16.39 -36.57 11.78
N ILE A 24 17.03 -37.36 12.63
CA ILE A 24 16.76 -37.32 14.07
C ILE A 24 18.06 -37.55 14.81
N PHE A 25 18.53 -36.55 15.49
CA PHE A 25 19.80 -36.59 16.19
C PHE A 25 19.61 -37.17 17.57
N PRO A 26 20.32 -38.21 17.95
CA PRO A 26 20.19 -38.72 19.32
C PRO A 26 21.14 -38.03 20.27
N PHE A 27 20.78 -37.93 21.55
CA PHE A 27 21.64 -37.38 22.58
C PHE A 27 22.11 -38.50 23.48
N SER A 28 23.41 -38.55 23.74
CA SER A 28 23.94 -39.48 24.72
C SER A 28 23.86 -38.84 26.11
N ASP A 29 22.91 -39.32 26.92
CA ASP A 29 22.72 -38.76 28.26
C ASP A 29 22.54 -37.26 28.22
N GLY A 30 21.78 -36.77 27.26
CA GLY A 30 21.42 -35.37 27.19
C GLY A 30 22.44 -34.48 26.52
N LYS A 31 23.50 -35.04 25.94
CA LYS A 31 24.57 -34.24 25.37
C LYS A 31 24.71 -34.57 23.89
N LEU A 32 25.16 -33.59 23.12
CA LEU A 32 25.24 -33.72 21.68
C LEU A 32 26.27 -32.73 21.17
N LEU A 33 26.95 -33.06 20.08
CA LEU A 33 28.01 -32.21 19.56
C LEU A 33 28.07 -32.35 18.05
N LEU A 34 27.43 -31.44 17.34
CA LEU A 34 27.49 -31.41 15.89
C LEU A 34 28.88 -30.97 15.45
N ARG A 35 29.28 -31.40 14.27
CA ARG A 35 30.55 -30.95 13.69
C ARG A 35 30.50 -31.13 12.19
N GLY A 36 31.29 -30.32 11.49
CA GLY A 36 31.40 -30.45 10.06
C GLY A 36 32.03 -29.24 9.42
N THR A 37 32.48 -29.39 8.17
CA THR A 37 33.09 -28.28 7.46
C THR A 37 32.13 -27.11 7.41
N ASN A 38 32.69 -25.90 7.40
CA ASN A 38 31.87 -24.71 7.43
C ASN A 38 30.98 -24.64 6.19
N GLY A 39 29.81 -24.04 6.36
CA GLY A 39 28.80 -24.01 5.32
C GLY A 39 27.96 -25.26 5.21
N SER A 40 27.99 -26.12 6.24
CA SER A 40 27.30 -27.40 6.18
C SER A 40 26.02 -27.44 7.02
N GLY A 41 25.82 -26.48 7.92
CA GLY A 41 24.63 -26.44 8.73
C GLY A 41 24.88 -26.63 10.21
N LYS A 42 26.13 -26.73 10.66
CA LYS A 42 26.40 -26.94 12.07
C LYS A 42 25.82 -25.82 12.92
N SER A 43 25.55 -24.66 12.32
CA SER A 43 24.95 -23.56 13.06
C SER A 43 23.44 -23.51 12.86
N VAL A 44 22.98 -23.71 11.63
CA VAL A 44 21.56 -23.57 11.33
C VAL A 44 20.76 -24.64 12.07
N THR A 45 21.28 -25.86 12.13
CA THR A 45 20.58 -26.91 12.86
C THR A 45 20.37 -26.51 14.32
N MET A 46 21.46 -26.12 14.99
CA MET A 46 21.35 -25.78 16.40
C MET A 46 20.42 -24.59 16.60
N GLN A 47 20.55 -23.56 15.77
CA GLN A 47 19.63 -22.43 15.88
C GLN A 47 18.19 -22.88 15.74
N SER A 48 17.95 -23.84 14.85
CA SER A 48 16.59 -24.35 14.70
C SER A 48 16.13 -25.07 15.96
N PHE A 49 17.01 -25.83 16.61
CA PHE A 49 16.59 -26.56 17.79
C PHE A 49 16.47 -25.64 19.00
N LEU A 50 17.51 -24.87 19.29
CA LEU A 50 17.54 -24.07 20.50
C LEU A 50 17.82 -22.62 20.13
N PRO A 51 17.19 -21.65 20.80
CA PRO A 51 16.16 -21.77 21.83
C PRO A 51 14.76 -21.78 21.23
N VAL A 52 14.66 -21.96 19.91
CA VAL A 52 13.36 -21.85 19.25
C VAL A 52 12.35 -22.78 19.88
N LEU A 53 12.72 -24.03 20.09
CA LEU A 53 11.76 -25.00 20.60
C LEU A 53 11.46 -24.77 22.07
N LEU A 54 12.26 -23.97 22.76
CA LEU A 54 12.01 -23.72 24.18
C LEU A 54 10.86 -22.75 24.38
N ASP A 55 10.75 -21.75 23.52
CA ASP A 55 9.66 -20.78 23.60
C ASP A 55 8.83 -20.69 22.34
N GLY A 56 9.45 -20.92 21.18
CA GLY A 56 8.74 -20.84 19.94
C GLY A 56 8.84 -19.53 19.21
N LYS A 57 9.43 -18.50 19.82
CA LYS A 57 9.63 -17.24 19.12
C LYS A 57 10.58 -17.47 17.95
N LYS A 58 10.19 -17.00 16.76
CA LYS A 58 10.93 -17.27 15.55
C LYS A 58 11.36 -16.00 14.83
N SER A 59 11.28 -14.84 15.48
CA SER A 59 11.60 -13.59 14.82
C SER A 59 13.09 -13.59 14.43
N PRO A 60 13.45 -12.78 13.44
CA PRO A 60 14.82 -12.85 12.91
C PRO A 60 15.89 -12.68 13.99
N ASP A 61 15.62 -11.89 15.01
CA ASP A 61 16.63 -11.67 16.05
C ASP A 61 17.02 -12.97 16.73
N ARG A 62 16.05 -13.86 16.98
CA ARG A 62 16.37 -15.09 17.68
C ARG A 62 17.24 -16.00 16.83
N LEU A 63 16.89 -16.19 15.56
CA LEU A 63 17.73 -17.00 14.69
C LEU A 63 19.06 -16.32 14.43
N ASP A 64 19.05 -15.01 14.26
CA ASP A 64 20.24 -14.29 13.81
C ASP A 64 21.30 -14.31 14.91
N PRO A 65 22.53 -14.77 14.63
CA PRO A 65 23.56 -14.75 15.67
C PRO A 65 23.99 -13.34 16.07
N PHE A 66 24.20 -12.45 15.09
CA PHE A 66 24.59 -11.10 15.43
C PHE A 66 23.52 -10.36 16.22
N GLY A 67 22.30 -10.88 16.24
CA GLY A 67 21.17 -10.08 16.67
C GLY A 67 20.67 -9.15 15.59
N SER A 68 21.22 -9.25 14.39
CA SER A 68 20.76 -8.45 13.26
C SER A 68 19.54 -9.09 12.62
N LYS A 69 19.14 -8.60 11.44
CA LYS A 69 17.92 -9.04 10.77
C LYS A 69 18.24 -9.72 9.45
N ALA A 70 19.28 -10.55 9.42
CA ALA A 70 19.75 -11.10 8.16
C ALA A 70 18.74 -12.05 7.53
N ARG A 71 18.26 -13.03 8.29
CA ARG A 71 17.46 -14.10 7.72
C ARG A 71 16.20 -14.34 8.56
N ARG A 72 15.11 -14.63 7.88
CA ARG A 72 13.84 -14.96 8.52
C ARG A 72 13.74 -16.47 8.70
N MET A 73 12.74 -16.89 9.48
CA MET A 73 12.51 -18.32 9.65
C MET A 73 12.16 -18.98 8.32
N GLU A 74 11.35 -18.33 7.50
CA GLU A 74 11.02 -18.88 6.20
C GLU A 74 12.27 -19.27 5.43
N ASP A 75 13.28 -18.40 5.45
CA ASP A 75 14.48 -18.67 4.66
C ASP A 75 15.13 -19.97 5.09
N TYR A 76 15.21 -20.23 6.39
CA TYR A 76 15.72 -21.51 6.85
C TYR A 76 14.81 -22.65 6.42
N LEU A 77 13.49 -22.44 6.52
CA LEU A 77 12.57 -23.52 6.22
C LEU A 77 12.64 -23.92 4.75
N LEU A 78 12.69 -22.95 3.85
CA LEU A 78 12.65 -23.25 2.42
C LEU A 78 14.03 -23.50 1.82
N GLY A 79 15.08 -22.88 2.36
CA GLY A 79 16.40 -23.05 1.81
C GLY A 79 16.64 -22.13 0.64
N GLU A 80 17.90 -22.00 0.23
CA GLU A 80 18.24 -21.10 -0.86
C GLU A 80 17.53 -21.53 -2.14
N LYS A 81 16.93 -20.57 -2.83
CA LYS A 81 16.28 -20.90 -4.10
C LYS A 81 17.28 -21.39 -5.13
N GLU A 82 18.55 -21.01 -5.01
CA GLU A 82 19.57 -21.44 -5.95
C GLU A 82 19.94 -22.90 -5.78
N VAL A 83 19.45 -23.57 -4.74
CA VAL A 83 19.83 -24.95 -4.44
C VAL A 83 18.63 -25.88 -4.53
N VAL A 84 17.51 -25.49 -3.93
CA VAL A 84 16.30 -26.31 -3.89
C VAL A 84 15.25 -25.64 -4.75
N ASP A 85 14.70 -26.40 -5.69
CA ASP A 85 13.71 -25.89 -6.64
C ASP A 85 12.29 -26.09 -6.09
N ARG A 86 12.03 -25.44 -4.97
CA ARG A 86 10.73 -25.52 -4.33
C ARG A 86 10.38 -24.17 -3.73
N ASP A 87 9.07 -23.90 -3.66
CA ASP A 87 8.57 -22.66 -3.12
C ASP A 87 7.41 -22.88 -2.15
N GLU A 88 7.25 -24.10 -1.65
CA GLU A 88 6.21 -24.39 -0.67
C GLU A 88 6.61 -25.64 0.10
N ARG A 89 6.49 -25.59 1.42
CA ARG A 89 6.95 -26.68 2.27
C ARG A 89 6.14 -26.71 3.55
N THR A 90 6.25 -27.83 4.25
CA THR A 90 5.79 -27.95 5.62
C THR A 90 6.86 -28.67 6.42
N GLY A 91 7.43 -27.98 7.40
CA GLY A 91 8.52 -28.52 8.16
C GLY A 91 8.10 -28.76 9.60
N TYR A 92 8.74 -29.76 10.21
CA TYR A 92 8.49 -30.10 11.60
C TYR A 92 9.80 -30.17 12.36
N LEU A 93 9.86 -29.48 13.48
CA LEU A 93 10.96 -29.58 14.42
C LEU A 93 10.40 -30.12 15.72
N PHE A 94 11.18 -30.91 16.44
CA PHE A 94 10.70 -31.41 17.71
C PHE A 94 11.87 -31.91 18.53
N ILE A 95 11.68 -31.89 19.84
CA ILE A 95 12.62 -32.44 20.81
C ILE A 95 11.87 -33.43 21.67
N GLU A 96 12.56 -34.45 22.14
CA GLU A 96 11.94 -35.54 22.89
C GLU A 96 12.66 -35.70 24.21
N TYR A 97 12.02 -35.27 25.29
CA TYR A 97 12.60 -35.36 26.62
C TYR A 97 12.32 -36.73 27.23
N LYS A 98 13.27 -37.24 27.99
CA LYS A 98 13.14 -38.49 28.72
C LYS A 98 13.49 -38.25 30.19
N LYS A 99 12.73 -38.86 31.08
CA LYS A 99 12.98 -38.74 32.50
C LYS A 99 14.05 -39.74 32.89
N ALA A 100 15.15 -39.24 33.42
CA ALA A 100 16.29 -40.11 33.73
C ALA A 100 15.86 -41.22 34.68
N GLY A 101 16.25 -42.45 34.35
CA GLY A 101 15.91 -43.59 35.17
C GLY A 101 14.49 -44.08 35.03
N VAL A 102 13.73 -43.56 34.07
CA VAL A 102 12.35 -43.96 33.85
C VAL A 102 12.13 -44.01 32.34
N GLU A 103 10.98 -44.55 31.94
CA GLU A 103 10.65 -44.74 30.53
C GLU A 103 9.50 -43.88 30.07
N ARG A 104 9.40 -42.63 30.55
CA ARG A 104 8.36 -41.72 30.10
C ARG A 104 8.96 -40.66 29.19
N TYR A 105 8.30 -40.42 28.06
CA TYR A 105 8.79 -39.48 27.05
C TYR A 105 7.72 -38.42 26.79
N ILE A 106 8.15 -37.15 26.81
CA ILE A 106 7.30 -36.02 26.45
C ILE A 106 7.94 -35.33 25.26
N THR A 107 7.13 -35.09 24.23
CA THR A 107 7.60 -34.47 23.00
C THR A 107 7.06 -33.05 22.90
N THR A 108 7.84 -32.18 22.27
CA THR A 108 7.40 -30.83 21.96
C THR A 108 8.01 -30.44 20.62
N GLY A 109 7.20 -29.84 19.75
CA GLY A 109 7.66 -29.54 18.42
C GLY A 109 6.85 -28.44 17.77
N ILE A 110 7.43 -27.84 16.74
CA ILE A 110 6.81 -26.76 16.00
C ILE A 110 6.43 -27.27 14.62
N GLY A 111 5.37 -26.72 14.07
CA GLY A 111 4.96 -27.04 12.71
C GLY A 111 4.77 -25.75 11.92
N MET A 112 5.42 -25.68 10.76
CA MET A 112 5.43 -24.47 9.96
C MET A 112 5.05 -24.82 8.53
N GLN A 113 4.38 -23.88 7.87
CA GLN A 113 4.15 -23.93 6.44
C GLN A 113 4.52 -22.58 5.85
N ALA A 114 5.30 -22.61 4.77
CA ALA A 114 5.80 -21.37 4.18
C ALA A 114 5.68 -21.44 2.68
N LYS A 115 5.27 -20.33 2.08
CA LYS A 115 5.25 -20.15 0.64
C LYS A 115 6.18 -18.98 0.32
N ARG A 116 7.18 -19.23 -0.52
CA ARG A 116 8.30 -18.31 -0.63
C ARG A 116 7.82 -16.87 -0.69
N HIS A 117 8.31 -16.05 0.24
CA HIS A 117 7.92 -14.66 0.41
C HIS A 117 6.43 -14.47 0.14
N LYS A 118 5.59 -15.24 0.84
CA LYS A 118 4.15 -15.07 0.75
C LYS A 118 3.47 -15.20 2.11
N GLY A 119 4.22 -15.47 3.16
CA GLY A 119 3.66 -15.56 4.50
C GLY A 119 3.76 -16.96 5.07
N ILE A 120 4.11 -17.04 6.35
CA ILE A 120 4.41 -18.29 7.03
C ILE A 120 3.44 -18.48 8.19
N LYS A 121 2.69 -19.57 8.16
CA LYS A 121 1.86 -19.99 9.27
C LYS A 121 2.74 -20.69 10.31
N SER A 122 2.12 -21.11 11.41
CA SER A 122 2.84 -21.93 12.38
C SER A 122 1.85 -22.51 13.38
N TRP A 123 2.13 -23.74 13.79
CA TRP A 123 1.37 -24.37 14.86
C TRP A 123 2.32 -25.18 15.72
N TYR A 124 2.11 -25.13 17.03
CA TYR A 124 2.95 -25.80 18.00
C TYR A 124 2.15 -26.91 18.65
N PHE A 125 2.84 -27.91 19.20
CA PHE A 125 2.16 -29.04 19.79
C PHE A 125 2.99 -29.62 20.93
N VAL A 126 2.33 -30.40 21.78
CA VAL A 126 2.99 -31.07 22.88
C VAL A 126 2.24 -32.38 23.15
N ILE A 127 2.98 -33.48 23.14
CA ILE A 127 2.41 -34.82 23.31
C ILE A 127 2.79 -35.33 24.68
N THR A 128 1.82 -35.92 25.39
CA THR A 128 2.00 -36.29 26.78
C THR A 128 1.59 -37.72 27.11
N ASP A 129 1.14 -38.51 26.15
CA ASP A 129 0.66 -39.86 26.43
C ASP A 129 1.78 -40.89 26.43
N ASN A 130 3.03 -40.46 26.33
CA ASN A 130 4.19 -41.34 26.25
C ASN A 130 4.34 -41.99 24.88
N ARG A 131 3.80 -41.36 23.83
CA ARG A 131 4.10 -41.80 22.48
C ARG A 131 5.34 -41.10 21.97
N ARG A 132 6.11 -41.82 21.16
CA ARG A 132 7.36 -41.30 20.62
C ARG A 132 7.23 -41.19 19.11
N ILE A 133 7.65 -40.05 18.57
CA ILE A 133 7.60 -39.87 17.12
C ILE A 133 8.61 -40.81 16.49
N GLY A 134 8.12 -41.71 15.64
CA GLY A 134 8.97 -42.67 14.97
C GLY A 134 8.94 -44.07 15.52
N TYR A 135 8.24 -44.31 16.62
CA TYR A 135 8.07 -45.66 17.14
C TYR A 135 6.62 -46.08 17.27
N ASP A 136 5.76 -45.21 17.78
CA ASP A 136 4.33 -45.47 17.81
C ASP A 136 3.54 -44.23 17.41
N PHE A 137 4.18 -43.32 16.67
CA PHE A 137 3.56 -42.09 16.22
C PHE A 137 4.33 -41.62 14.99
N GLU A 138 3.65 -40.88 14.12
CA GLU A 138 4.30 -40.38 12.93
C GLU A 138 3.75 -39.00 12.58
N LEU A 139 4.52 -38.26 11.81
CA LEU A 139 4.15 -36.91 11.41
C LEU A 139 3.78 -36.80 9.95
N ALA A 140 4.19 -37.76 9.12
CA ALA A 140 3.90 -37.72 7.69
C ALA A 140 3.42 -39.09 7.25
N HIS A 141 2.13 -39.18 6.91
CA HIS A 141 1.56 -40.44 6.46
C HIS A 141 2.02 -40.75 5.03
N SER A 142 2.11 -42.03 4.73
CA SER A 142 2.53 -42.49 3.42
C SER A 142 1.39 -42.56 2.42
N GLN A 143 0.16 -42.25 2.86
CA GLN A 143 -0.97 -42.29 1.96
C GLN A 143 -0.68 -41.49 0.70
N LEU A 144 -1.37 -41.85 -0.39
CA LEU A 144 -1.17 -41.21 -1.68
C LEU A 144 0.18 -41.59 -2.28
N GLY A 145 0.95 -42.43 -1.59
CA GLY A 145 2.22 -42.90 -2.09
C GLY A 145 3.43 -42.11 -1.66
N ASP A 146 3.36 -40.78 -1.70
CA ASP A 146 4.45 -39.95 -1.26
C ASP A 146 4.40 -39.81 0.26
N ARG A 147 5.19 -38.92 0.82
CA ARG A 147 5.11 -38.56 2.22
C ARG A 147 4.66 -37.12 2.33
N VAL A 148 3.58 -36.88 3.07
CA VAL A 148 2.99 -35.57 3.25
C VAL A 148 2.97 -35.28 4.75
N PRO A 149 3.65 -34.25 5.24
CA PRO A 149 3.54 -33.91 6.66
C PRO A 149 2.10 -33.56 7.01
N PHE A 150 1.70 -33.91 8.23
CA PHE A 150 0.34 -33.66 8.66
C PHE A 150 0.03 -32.17 8.66
N SER A 151 -1.21 -31.84 8.31
CA SER A 151 -1.68 -30.47 8.46
C SER A 151 -2.19 -30.26 9.88
N ALA A 152 -2.46 -29.00 10.21
CA ALA A 152 -2.81 -28.65 11.58
C ALA A 152 -3.94 -29.53 12.11
N LYS A 153 -5.02 -29.68 11.34
CA LYS A 153 -6.17 -30.41 11.84
C LYS A 153 -5.84 -31.88 12.08
N GLU A 154 -5.13 -32.51 11.15
CA GLU A 154 -4.80 -33.92 11.33
C GLU A 154 -3.89 -34.12 12.54
N LEU A 155 -2.92 -33.22 12.71
CA LEU A 155 -2.04 -33.31 13.87
C LEU A 155 -2.82 -33.15 15.16
N GLU A 156 -3.77 -32.21 15.18
CA GLU A 156 -4.60 -32.04 16.36
C GLU A 156 -5.46 -33.27 16.63
N ASN A 157 -5.98 -33.88 15.56
CA ASN A 157 -6.80 -35.08 15.74
C ASN A 157 -5.99 -36.21 16.34
N ARG A 158 -4.84 -36.52 15.75
CA ARG A 158 -4.03 -37.62 16.26
C ARG A 158 -3.52 -37.33 17.67
N ILE A 159 -2.97 -36.14 17.86
CA ILE A 159 -2.47 -35.75 19.18
C ILE A 159 -3.62 -35.51 20.14
N GLY A 160 -4.70 -34.89 19.66
CA GLY A 160 -5.70 -34.30 20.53
C GLY A 160 -6.03 -35.13 21.75
N GLU A 161 -6.12 -36.44 21.59
CA GLU A 161 -6.42 -37.30 22.73
C GLU A 161 -5.29 -37.26 23.76
N GLY A 162 -4.05 -37.32 23.29
CA GLY A 162 -2.93 -37.49 24.20
C GLY A 162 -2.16 -36.23 24.50
N GLY A 163 -2.35 -35.17 23.72
CA GLY A 163 -1.58 -33.96 23.91
C GLY A 163 -2.30 -32.76 23.35
N TYR A 164 -1.69 -31.60 23.57
CA TYR A 164 -2.28 -30.33 23.17
C TYR A 164 -1.67 -29.84 21.88
N VAL A 165 -2.46 -29.11 21.10
CA VAL A 165 -1.99 -28.39 19.93
C VAL A 165 -2.49 -26.96 20.03
N VAL A 166 -1.58 -26.00 19.86
CA VAL A 166 -1.89 -24.59 20.02
C VAL A 166 -1.36 -23.84 18.82
N HIS A 167 -1.92 -22.64 18.59
CA HIS A 167 -1.58 -21.85 17.42
C HIS A 167 -1.01 -20.48 17.77
N THR A 168 -0.52 -20.28 18.99
CA THR A 168 0.06 -19.02 19.41
C THR A 168 1.32 -19.28 20.23
N GLN A 169 2.36 -18.50 19.96
CA GLN A 169 3.64 -18.72 20.64
C GLN A 169 3.47 -18.66 22.15
N ARG A 170 2.63 -17.75 22.65
CA ARG A 170 2.45 -17.64 24.08
C ARG A 170 1.97 -18.96 24.68
N GLU A 171 0.94 -19.56 24.08
CA GLU A 171 0.41 -20.80 24.62
C GLU A 171 1.46 -21.89 24.58
N TYR A 172 2.22 -21.97 23.49
CA TYR A 172 3.25 -23.00 23.41
C TYR A 172 4.30 -22.82 24.50
N MET A 173 4.74 -21.58 24.72
CA MET A 173 5.76 -21.34 25.73
C MET A 173 5.23 -21.68 27.12
N GLU A 174 3.99 -21.30 27.42
CA GLU A 174 3.41 -21.65 28.70
C GLU A 174 3.34 -23.16 28.86
N LEU A 175 2.92 -23.87 27.80
CA LEU A 175 2.85 -25.33 27.88
C LEU A 175 4.21 -25.94 28.17
N VAL A 176 5.23 -25.52 27.42
CA VAL A 176 6.55 -26.10 27.59
C VAL A 176 7.06 -25.84 29.00
N ASN A 177 6.92 -24.60 29.48
CA ASN A 177 7.35 -24.32 30.85
C ASN A 177 6.60 -25.22 31.82
N LYS A 178 5.27 -25.21 31.74
CA LYS A 178 4.42 -25.95 32.66
C LYS A 178 4.82 -27.41 32.75
N TYR A 179 5.10 -28.04 31.61
CA TYR A 179 5.39 -29.47 31.64
C TYR A 179 6.86 -29.74 31.96
N ILE A 180 7.77 -29.20 31.17
CA ILE A 180 9.17 -29.57 31.30
C ILE A 180 9.84 -28.79 32.43
N PHE A 181 9.79 -27.46 32.37
CA PHE A 181 10.66 -26.67 33.24
C PHE A 181 10.01 -26.35 34.56
N GLY A 182 8.70 -26.12 34.57
CA GLY A 182 8.02 -25.84 35.81
C GLY A 182 8.52 -24.60 36.52
N PHE A 183 8.90 -23.57 35.77
CA PHE A 183 9.21 -22.29 36.39
C PHE A 183 7.97 -21.79 37.11
N GLN A 184 8.18 -21.12 38.24
CA GLN A 184 7.08 -20.55 39.00
C GLN A 184 6.61 -19.23 38.43
N SER A 185 7.16 -18.80 37.29
CA SER A 185 6.72 -17.58 36.64
C SER A 185 7.17 -17.60 35.19
N ASN A 186 6.46 -16.85 34.35
CA ASN A 186 6.86 -16.74 32.95
C ASN A 186 8.08 -15.84 32.79
N GLU A 187 8.20 -14.82 33.63
CA GLU A 187 9.28 -13.86 33.49
C GLU A 187 10.63 -14.55 33.65
N ALA A 188 10.76 -15.39 34.67
CA ALA A 188 12.03 -16.09 34.88
C ALA A 188 12.39 -16.94 33.69
N TYR A 189 11.40 -17.63 33.11
CA TYR A 189 11.65 -18.43 31.91
C TYR A 189 12.15 -17.55 30.78
N GLU A 190 11.54 -16.39 30.59
CA GLU A 190 11.99 -15.51 29.52
C GLU A 190 13.43 -15.06 29.76
N ASP A 191 13.78 -14.72 30.99
CA ASP A 191 15.16 -14.29 31.24
C ASP A 191 16.14 -15.44 31.03
N LEU A 192 15.77 -16.65 31.42
CA LEU A 192 16.62 -17.80 31.14
C LEU A 192 16.89 -17.92 29.65
N ILE A 193 15.83 -17.81 28.85
CA ILE A 193 16.01 -17.94 27.42
C ILE A 193 16.85 -16.80 26.88
N LYS A 194 16.72 -15.61 27.43
CA LYS A 194 17.58 -14.51 26.99
C LYS A 194 19.03 -14.83 27.25
N LEU A 195 19.34 -15.36 28.43
CA LEU A 195 20.73 -15.70 28.72
C LEU A 195 21.23 -16.79 27.77
N LEU A 196 20.38 -17.78 27.50
CA LEU A 196 20.79 -18.83 26.55
C LEU A 196 21.09 -18.24 25.19
N ILE A 197 20.27 -17.29 24.73
CA ILE A 197 20.55 -16.64 23.46
C ILE A 197 21.89 -15.93 23.51
N GLN A 198 22.18 -15.23 24.61
CA GLN A 198 23.45 -14.52 24.70
C GLN A 198 24.63 -15.48 24.62
N LEU A 199 24.57 -16.61 25.34
CA LEU A 199 25.67 -17.56 25.28
C LEU A 199 25.98 -17.92 23.83
N ARG A 200 24.94 -18.04 23.02
CA ARG A 200 25.05 -18.56 21.67
C ARG A 200 25.44 -17.49 20.66
N SER A 201 26.08 -16.42 21.11
CA SER A 201 26.50 -15.33 20.25
C SER A 201 28.01 -15.37 20.09
N PRO A 202 28.53 -14.98 18.92
CA PRO A 202 29.90 -15.35 18.56
C PRO A 202 30.97 -14.37 19.03
N LYS A 203 30.62 -13.32 19.77
CA LYS A 203 31.64 -12.36 20.16
C LYS A 203 32.69 -13.00 21.05
N LEU A 204 32.34 -14.08 21.75
CA LEU A 204 33.32 -14.76 22.60
C LEU A 204 34.50 -15.26 21.79
N SER A 205 34.23 -15.98 20.70
CA SER A 205 35.29 -16.66 19.98
C SER A 205 36.36 -15.71 19.47
N LYS A 206 35.98 -14.47 19.16
CA LYS A 206 36.91 -13.53 18.55
C LYS A 206 37.58 -12.64 19.59
N ASP A 207 36.78 -11.85 20.31
CA ASP A 207 37.31 -10.91 21.30
C ASP A 207 37.38 -11.58 22.67
N PHE A 208 38.24 -12.58 22.77
CA PHE A 208 38.29 -13.41 23.95
C PHE A 208 38.91 -12.62 25.10
N LYS A 209 38.09 -11.87 25.82
CA LYS A 209 38.56 -11.13 26.99
C LYS A 209 37.37 -10.81 27.88
N PRO A 210 37.61 -10.45 29.15
CA PRO A 210 36.50 -10.34 30.11
C PRO A 210 35.41 -9.38 29.71
N THR A 211 35.74 -8.23 29.12
CA THR A 211 34.71 -7.23 28.85
C THR A 211 33.61 -7.79 27.97
N VAL A 212 33.90 -8.87 27.24
CA VAL A 212 32.83 -9.59 26.55
C VAL A 212 31.84 -10.14 27.58
N ILE A 213 32.33 -10.69 28.68
CA ILE A 213 31.43 -11.24 29.69
C ILE A 213 30.51 -10.16 30.24
N TYR A 214 31.04 -8.96 30.46
CA TYR A 214 30.18 -7.89 30.97
C TYR A 214 29.07 -7.56 29.98
N GLU A 215 29.40 -7.51 28.69
CA GLU A 215 28.37 -7.25 27.70
C GLU A 215 27.36 -8.38 27.65
N ILE A 216 27.82 -9.63 27.74
CA ILE A 216 26.91 -10.76 27.69
C ILE A 216 25.95 -10.72 28.88
N LEU A 217 26.49 -10.56 30.08
CA LEU A 217 25.63 -10.48 31.26
C LEU A 217 24.74 -9.25 31.19
N GLU A 218 25.33 -8.09 30.93
CA GLU A 218 24.53 -6.87 30.90
C GLU A 218 23.39 -6.99 29.91
N SER A 219 23.60 -7.67 28.79
CA SER A 219 22.52 -7.86 27.83
C SER A 219 21.51 -8.88 28.33
N ALA A 220 21.88 -9.71 29.31
CA ALA A 220 20.98 -10.75 29.79
C ALA A 220 19.87 -10.19 30.67
N LEU A 221 20.13 -9.10 31.37
CA LEU A 221 19.13 -8.55 32.26
C LEU A 221 17.91 -8.11 31.46
N PRO A 222 16.70 -8.37 31.95
CA PRO A 222 15.52 -8.01 31.19
C PRO A 222 15.20 -6.53 31.35
N PRO A 223 15.07 -5.78 30.26
CA PRO A 223 14.78 -4.36 30.36
C PRO A 223 13.28 -4.13 30.56
N LEU A 224 12.90 -2.85 30.52
CA LEU A 224 11.48 -2.51 30.60
C LEU A 224 10.80 -2.83 29.29
N THR A 225 9.96 -3.85 29.30
CA THR A 225 9.16 -4.16 28.12
C THR A 225 8.26 -2.97 27.79
N ASP A 226 8.07 -2.73 26.50
CA ASP A 226 7.44 -1.49 26.08
C ASP A 226 6.06 -1.31 26.69
N ASP A 227 5.40 -2.40 27.07
CA ASP A 227 4.05 -2.27 27.61
C ASP A 227 4.05 -1.43 28.89
N GLU A 228 4.95 -1.73 29.83
CA GLU A 228 4.93 -1.02 31.09
C GLU A 228 5.20 0.47 30.90
N LEU A 229 6.13 0.82 30.02
CA LEU A 229 6.36 2.23 29.74
C LEU A 229 5.23 2.84 28.95
N ARG A 230 4.42 2.03 28.27
CA ARG A 230 3.47 2.58 27.31
C ARG A 230 2.48 3.51 27.99
N HIS A 231 1.96 3.12 29.15
CA HIS A 231 1.04 4.01 29.85
C HIS A 231 1.69 5.34 30.14
N LEU A 232 2.91 5.33 30.65
CA LEU A 232 3.58 6.58 31.00
C LEU A 232 3.84 7.43 29.76
N SER A 233 4.43 6.83 28.72
CA SER A 233 4.74 7.61 27.53
C SER A 233 3.48 8.13 26.87
N ASP A 234 2.45 7.29 26.75
CA ASP A 234 1.20 7.74 26.15
C ASP A 234 0.59 8.89 26.95
N THR A 235 0.52 8.75 28.26
CA THR A 235 -0.10 9.78 29.08
C THR A 235 0.67 11.08 28.99
N ILE A 236 2.00 11.02 29.09
CA ILE A 236 2.77 12.25 29.05
C ILE A 236 2.68 12.90 27.68
N GLU A 237 2.69 12.10 26.61
CA GLU A 237 2.54 12.68 25.29
C GLU A 237 1.19 13.35 25.14
N SER A 238 0.12 12.71 25.63
CA SER A 238 -1.20 13.34 25.55
C SER A 238 -1.25 14.63 26.33
N MET A 239 -0.66 14.65 27.53
CA MET A 239 -0.69 15.87 28.33
C MET A 239 0.09 16.99 27.66
N ASP A 240 1.27 16.68 27.11
CA ASP A 240 2.02 17.72 26.42
C ASP A 240 1.30 18.19 25.16
N GLN A 241 0.62 17.29 24.46
CA GLN A 241 -0.18 17.70 23.32
C GLN A 241 -1.27 18.67 23.75
N THR A 242 -1.94 18.38 24.87
CA THR A 242 -2.96 19.28 25.36
C THR A 242 -2.35 20.64 25.67
N GLN A 243 -1.17 20.65 26.29
CA GLN A 243 -0.52 21.92 26.60
C GLN A 243 -0.25 22.72 25.33
N GLN A 244 0.28 22.06 24.31
CA GLN A 244 0.57 22.77 23.07
C GLN A 244 -0.70 23.28 22.41
N GLN A 245 -1.78 22.49 22.44
CA GLN A 245 -3.04 22.96 21.86
C GLN A 245 -3.56 24.17 22.62
N LEU A 246 -3.46 24.16 23.95
CA LEU A 246 -3.90 25.30 24.72
C LEU A 246 -3.07 26.53 24.38
N GLU A 247 -1.77 26.36 24.20
CA GLU A 247 -0.93 27.50 23.83
C GLU A 247 -1.30 28.03 22.44
N GLN A 248 -1.59 27.14 21.49
CA GLN A 248 -2.04 27.61 20.19
C GLN A 248 -3.34 28.40 20.32
N LEU A 249 -4.27 27.89 21.11
CA LEU A 249 -5.53 28.59 21.29
C LEU A 249 -5.29 29.96 21.92
N GLU A 250 -4.40 30.03 22.89
CA GLU A 250 -4.12 31.32 23.52
C GLU A 250 -3.49 32.29 22.53
N ARG A 251 -2.56 31.81 21.70
CA ARG A 251 -1.98 32.67 20.67
C ARG A 251 -3.06 33.22 19.75
N GLU A 252 -3.92 32.33 19.24
CA GLU A 252 -4.96 32.79 18.33
C GLU A 252 -5.89 33.77 19.01
N PHE A 253 -6.22 33.51 20.28
CA PHE A 253 -7.11 34.42 21.00
C PHE A 253 -6.47 35.78 21.18
N ALA A 254 -5.18 35.82 21.49
CA ALA A 254 -4.51 37.10 21.65
C ALA A 254 -4.48 37.87 20.34
N SER A 255 -4.19 37.18 19.24
CA SER A 255 -4.21 37.85 17.93
C SER A 255 -5.60 38.36 17.62
N SER A 256 -6.63 37.55 17.89
CA SER A 256 -7.99 37.99 17.66
C SER A 256 -8.33 39.19 18.52
N SER A 257 -7.81 39.23 19.75
CA SER A 257 -8.06 40.38 20.61
C SER A 257 -7.45 41.64 20.01
N ARG A 258 -6.20 41.57 19.58
CA ARG A 258 -5.59 42.74 18.95
C ARG A 258 -6.39 43.17 17.73
N LEU A 259 -6.76 42.22 16.87
CA LEU A 259 -7.48 42.56 15.67
C LEU A 259 -8.82 43.19 15.98
N VAL A 260 -9.56 42.61 16.92
CA VAL A 260 -10.90 43.12 17.22
C VAL A 260 -10.82 44.48 17.86
N ASN A 261 -9.82 44.72 18.72
CA ASN A 261 -9.72 46.04 19.30
C ASN A 261 -9.40 47.09 18.22
N GLN A 262 -8.47 46.80 17.31
CA GLN A 262 -8.19 47.75 16.24
C GLN A 262 -9.42 47.97 15.37
N TYR A 263 -10.11 46.90 15.03
CA TYR A 263 -11.28 46.99 14.17
C TYR A 263 -12.41 47.74 14.85
N HIS A 264 -12.58 47.57 16.15
CA HIS A 264 -13.62 48.28 16.86
C HIS A 264 -13.29 49.76 16.98
N SER A 265 -12.03 50.10 17.18
CA SER A 265 -11.65 51.52 17.13
C SER A 265 -11.96 52.09 15.76
N TYR A 266 -11.63 51.36 14.70
CA TYR A 266 -11.91 51.83 13.36
C TYR A 266 -13.40 52.07 13.16
N ASN A 267 -14.23 51.12 13.61
CA ASN A 267 -15.67 51.27 13.40
C ASN A 267 -16.24 52.40 14.26
N GLN A 268 -15.78 52.55 15.49
CA GLN A 268 -16.18 53.70 16.28
C GLN A 268 -15.87 54.99 15.53
N TYR A 269 -14.68 55.07 14.93
CA TYR A 269 -14.32 56.29 14.22
C TYR A 269 -15.21 56.51 13.01
N ILE A 270 -15.50 55.44 12.27
CA ILE A 270 -16.36 55.59 11.09
C ILE A 270 -17.73 56.12 11.49
N LEU A 271 -18.33 55.50 12.50
CA LEU A 271 -19.65 55.96 12.92
C LEU A 271 -19.60 57.39 13.44
N ALA A 272 -18.56 57.72 14.20
CA ALA A 272 -18.47 59.08 14.72
C ALA A 272 -18.36 60.09 13.58
N GLU A 273 -17.56 59.79 12.56
CA GLU A 273 -17.41 60.73 11.46
C GLU A 273 -18.70 60.89 10.68
N ARG A 274 -19.39 59.78 10.40
CA ARG A 274 -20.65 59.89 9.68
C ARG A 274 -21.69 60.65 10.50
N ALA A 275 -21.72 60.43 11.81
CA ALA A 275 -22.63 61.20 12.66
C ALA A 275 -22.28 62.67 12.63
N GLY A 276 -20.98 63.00 12.66
CA GLY A 276 -20.59 64.40 12.59
C GLY A 276 -21.04 65.05 11.30
N LYS A 277 -20.86 64.36 10.19
CA LYS A 277 -21.32 64.91 8.91
C LYS A 277 -22.83 65.05 8.89
N TRP A 278 -23.56 64.08 9.42
CA TRP A 278 -25.01 64.19 9.48
C TRP A 278 -25.44 65.40 10.28
N GLN A 279 -24.81 65.60 11.44
CA GLN A 279 -25.14 66.76 12.27
C GLN A 279 -24.83 68.05 11.55
N ASP A 280 -23.70 68.11 10.85
CA ASP A 280 -23.36 69.31 10.10
C ASP A 280 -24.41 69.58 9.03
N ALA A 281 -24.84 68.54 8.32
CA ALA A 281 -25.86 68.71 7.30
C ALA A 281 -27.14 69.25 7.90
N LEU A 282 -27.58 68.70 9.02
CA LEU A 282 -28.81 69.18 9.64
C LEU A 282 -28.68 70.63 10.08
N LYS A 283 -27.53 70.99 10.66
CA LYS A 283 -27.32 72.38 11.06
C LYS A 283 -27.45 73.31 9.87
N ARG A 284 -26.74 73.01 8.78
CA ARG A 284 -26.79 73.87 7.61
C ARG A 284 -28.20 73.91 7.03
N TYR A 285 -28.90 72.78 7.02
CA TYR A 285 -30.26 72.75 6.51
C TYR A 285 -31.17 73.64 7.32
N THR A 286 -31.02 73.62 8.65
CA THR A 286 -31.85 74.48 9.49
C THR A 286 -31.56 75.95 9.21
N VAL A 287 -30.29 76.31 9.06
CA VAL A 287 -29.97 77.69 8.71
C VAL A 287 -30.62 78.06 7.39
N ALA A 288 -30.57 77.15 6.42
CA ALA A 288 -31.17 77.42 5.12
C ALA A 288 -32.68 77.60 5.24
N GLU A 289 -33.33 76.79 6.06
CA GLU A 289 -34.77 76.94 6.23
C GLU A 289 -35.11 78.29 6.84
N GLU A 290 -34.36 78.70 7.86
CA GLU A 290 -34.56 80.02 8.44
C GLU A 290 -34.42 81.11 7.39
N HIS A 291 -33.36 81.02 6.57
CA HIS A 291 -33.16 82.02 5.53
C HIS A 291 -34.32 82.04 4.56
N VAL A 292 -34.79 80.86 4.15
CA VAL A 292 -35.88 80.83 3.17
C VAL A 292 -37.10 81.53 3.74
N LYS A 293 -37.48 81.21 4.97
CA LYS A 293 -38.67 81.83 5.54
C LYS A 293 -38.49 83.34 5.66
N GLY A 294 -37.33 83.77 6.18
CA GLY A 294 -37.13 85.20 6.39
C GLY A 294 -37.13 85.98 5.08
N LEU A 295 -36.44 85.46 4.08
CA LEU A 295 -36.39 86.15 2.80
C LEU A 295 -37.74 86.13 2.10
N THR A 296 -38.53 85.06 2.27
CA THR A 296 -39.86 85.07 1.70
C THR A 296 -40.73 86.15 2.34
N ALA A 297 -40.65 86.28 3.67
CA ALA A 297 -41.41 87.33 4.34
C ALA A 297 -40.97 88.71 3.85
N GLN A 298 -39.66 88.93 3.76
CA GLN A 298 -39.17 90.23 3.30
C GLN A 298 -39.58 90.49 1.86
N ASP A 299 -39.56 89.45 1.02
CA ASP A 299 -40.01 89.61 -0.36
C ASP A 299 -41.46 90.01 -0.43
N GLU A 300 -42.31 89.39 0.38
CA GLU A 300 -43.71 89.78 0.40
C GLU A 300 -43.85 91.24 0.83
N GLU A 301 -43.12 91.63 1.86
CA GLU A 301 -43.18 93.02 2.31
C GLU A 301 -42.78 93.96 1.17
N LEU A 302 -41.69 93.64 0.47
CA LEU A 302 -41.24 94.51 -0.61
C LEU A 302 -42.24 94.56 -1.75
N THR A 303 -42.87 93.43 -2.07
CA THR A 303 -43.89 93.44 -3.11
C THR A 303 -45.02 94.40 -2.73
N GLN A 304 -45.54 94.26 -1.51
CA GLN A 304 -46.63 95.14 -1.10
C GLN A 304 -46.19 96.60 -1.11
N GLU A 305 -44.98 96.87 -0.61
CA GLU A 305 -44.51 98.25 -0.55
C GLU A 305 -44.38 98.85 -1.94
N ILE A 306 -43.81 98.11 -2.88
CA ILE A 306 -43.66 98.64 -4.23
C ILE A 306 -45.03 98.88 -4.85
N LYS A 307 -45.96 97.96 -4.64
CA LYS A 307 -47.31 98.16 -5.18
C LYS A 307 -47.93 99.44 -4.64
N GLN A 308 -47.87 99.62 -3.32
CA GLN A 308 -48.48 100.80 -2.73
C GLN A 308 -47.77 102.07 -3.18
N GLU A 309 -46.44 102.03 -3.31
CA GLU A 309 -45.73 103.22 -3.77
C GLU A 309 -46.12 103.57 -5.19
N GLU A 310 -46.30 102.58 -6.06
CA GLU A 310 -46.75 102.90 -7.41
C GLU A 310 -48.16 103.48 -7.38
N GLU A 311 -49.03 102.95 -6.52
CA GLU A 311 -50.37 103.51 -6.42
C GLU A 311 -50.34 104.96 -5.96
N GLN A 312 -49.49 105.26 -4.98
CA GLN A 312 -49.37 106.64 -4.51
C GLN A 312 -48.75 107.52 -5.58
N LYS A 313 -47.81 106.98 -6.36
CA LYS A 313 -47.26 107.75 -7.47
C LYS A 313 -48.35 108.13 -8.45
N GLN A 314 -49.24 107.19 -8.77
CA GLN A 314 -50.35 107.51 -9.66
C GLN A 314 -51.30 108.52 -9.03
N GLN A 315 -51.54 108.41 -7.73
CA GLN A 315 -52.38 109.39 -7.05
C GLN A 315 -51.79 110.78 -7.18
N PHE A 316 -50.48 110.92 -6.92
CA PHE A 316 -49.83 112.21 -7.05
C PHE A 316 -49.88 112.70 -8.48
N ALA A 317 -49.71 111.80 -9.45
CA ALA A 317 -49.79 112.21 -10.85
C ALA A 317 -51.17 112.76 -11.18
N GLN A 318 -52.22 112.10 -10.71
CA GLN A 318 -53.57 112.60 -10.94
C GLN A 318 -53.74 113.98 -10.32
N GLN A 319 -53.32 114.13 -9.06
CA GLN A 319 -53.47 115.41 -8.38
C GLN A 319 -52.70 116.50 -9.10
N GLN A 320 -51.48 116.18 -9.56
CA GLN A 320 -50.66 117.15 -10.26
C GLN A 320 -51.33 117.58 -11.57
N GLU A 321 -51.85 116.63 -12.33
CA GLU A 321 -52.49 116.98 -13.59
C GLU A 321 -53.72 117.85 -13.34
N ILE A 322 -54.54 117.50 -12.35
CA ILE A 322 -55.72 118.30 -12.07
C ILE A 322 -55.32 119.68 -11.58
N ALA A 323 -54.24 119.78 -10.81
CA ALA A 323 -53.77 121.08 -10.36
C ALA A 323 -53.33 121.94 -11.54
N LEU A 324 -52.62 121.34 -12.50
CA LEU A 324 -52.23 122.09 -13.69
C LEU A 324 -53.47 122.56 -14.47
N GLU A 325 -54.47 121.68 -14.60
CA GLU A 325 -55.68 122.07 -15.30
C GLU A 325 -56.38 123.22 -14.60
N GLU A 326 -56.48 123.15 -13.28
CA GLU A 326 -57.13 124.23 -12.54
C GLU A 326 -56.32 125.52 -12.63
N LYS A 327 -55.00 125.41 -12.67
CA LYS A 327 -54.17 126.59 -12.90
C LYS A 327 -54.50 127.21 -14.26
N LYS A 328 -54.60 126.38 -15.28
CA LYS A 328 -54.99 126.88 -16.60
C LYS A 328 -56.31 127.64 -16.52
N ARG A 329 -57.33 127.01 -15.94
CA ARG A 329 -58.65 127.62 -15.91
C ARG A 329 -58.68 128.87 -15.03
N LEU A 330 -57.82 128.94 -14.02
CA LEU A 330 -57.71 130.16 -13.22
C LEU A 330 -56.95 131.24 -13.97
N GLU A 331 -56.17 130.86 -14.98
CA GLU A 331 -55.33 131.84 -15.67
C GLU A 331 -56.14 132.69 -16.65
N ARG A 332 -56.73 132.06 -17.65
CA ARG A 332 -57.19 132.79 -18.83
C ARG A 332 -58.58 132.32 -19.24
N HIS A 333 -59.37 133.27 -19.76
CA HIS A 333 -60.66 132.98 -20.38
C HIS A 333 -61.59 132.26 -19.40
N GLU A 334 -61.70 132.78 -18.18
CA GLU A 334 -62.34 132.02 -17.11
C GLU A 334 -63.84 131.84 -17.34
N VAL A 335 -64.56 132.93 -17.67
CA VAL A 335 -66.03 132.87 -17.65
C VAL A 335 -66.54 131.90 -18.71
N TRP A 336 -66.20 132.16 -19.97
CA TRP A 336 -66.74 131.36 -21.06
C TRP A 336 -66.28 129.92 -20.95
N ASN A 337 -65.01 129.70 -20.59
CA ASN A 337 -64.51 128.34 -20.42
C ASN A 337 -65.28 127.62 -19.33
N LEU A 338 -65.52 128.28 -18.21
CA LEU A 338 -66.24 127.66 -17.10
C LEU A 338 -67.64 127.27 -17.53
N GLU A 339 -68.32 128.15 -18.25
CA GLU A 339 -69.70 127.85 -18.65
C GLU A 339 -69.75 126.78 -19.72
N GLU A 340 -68.78 126.78 -20.64
CA GLU A 340 -68.80 125.84 -21.75
C GLU A 340 -68.43 124.44 -21.30
N ASP A 341 -67.36 124.32 -20.50
CA ASP A 341 -66.78 123.00 -20.24
C ASP A 341 -67.73 122.10 -19.48
N LYS A 342 -68.45 122.65 -18.49
CA LYS A 342 -69.21 121.81 -17.58
C LYS A 342 -70.13 120.86 -18.33
N ARG A 343 -70.77 121.33 -19.40
CA ARG A 343 -71.65 120.46 -20.18
C ARG A 343 -70.84 119.37 -20.86
N LYS A 344 -69.72 119.75 -21.50
CA LYS A 344 -68.87 118.77 -22.14
C LYS A 344 -68.32 117.77 -21.13
N LYS A 345 -67.91 118.26 -19.96
CA LYS A 345 -67.39 117.37 -18.93
C LYS A 345 -68.46 116.39 -18.45
N ILE A 346 -69.70 116.87 -18.27
CA ILE A 346 -70.77 116.00 -17.81
C ILE A 346 -71.04 114.92 -18.85
N GLU A 347 -71.12 115.31 -20.13
CA GLU A 347 -71.33 114.33 -21.18
C GLU A 347 -70.18 113.32 -21.21
N ASN A 348 -68.95 113.80 -21.04
CA ASN A 348 -67.80 112.90 -21.08
C ASN A 348 -67.85 111.92 -19.93
N THR A 349 -68.25 112.37 -18.74
CA THR A 349 -68.40 111.45 -17.62
C THR A 349 -69.48 110.41 -17.90
N LYS A 350 -70.60 110.82 -18.49
CA LYS A 350 -71.62 109.84 -18.85
C LYS A 350 -71.08 108.82 -19.84
N SER A 351 -70.35 109.30 -20.85
CA SER A 351 -69.79 108.40 -21.86
C SER A 351 -68.80 107.43 -21.23
N LEU A 352 -67.97 107.93 -20.32
CA LEU A 352 -67.00 107.06 -19.65
C LEU A 352 -67.71 106.02 -18.80
N SER A 353 -68.80 106.40 -18.13
CA SER A 353 -69.57 105.42 -17.38
C SER A 353 -70.12 104.34 -18.29
N SER A 354 -70.70 104.73 -19.42
CA SER A 354 -71.26 103.75 -20.35
C SER A 354 -70.17 102.83 -20.88
N GLU A 355 -69.00 103.38 -21.23
CA GLU A 355 -67.92 102.55 -21.75
C GLU A 355 -67.36 101.63 -20.68
N ILE A 356 -67.30 102.10 -19.44
CA ILE A 356 -66.85 101.25 -18.34
C ILE A 356 -67.80 100.07 -18.19
N ASN A 357 -69.11 100.32 -18.27
CA ASN A 357 -70.05 99.20 -18.20
C ASN A 357 -69.91 98.27 -19.39
N SER A 358 -69.66 98.80 -20.59
CA SER A 358 -69.46 97.94 -21.75
C SER A 358 -68.25 97.04 -21.55
N LEU A 359 -67.15 97.62 -21.07
CA LEU A 359 -65.97 96.81 -20.77
C LEU A 359 -66.25 95.80 -19.67
N GLN A 360 -67.07 96.17 -18.69
CA GLN A 360 -67.45 95.22 -17.65
C GLN A 360 -68.18 94.03 -18.25
N LYS A 361 -69.10 94.30 -19.18
CA LYS A 361 -69.82 93.22 -19.84
C LYS A 361 -68.86 92.31 -20.60
N LYS A 362 -67.96 92.91 -21.38
CA LYS A 362 -67.01 92.10 -22.16
C LYS A 362 -66.11 91.29 -21.23
N TRP A 363 -65.65 91.91 -20.15
CA TRP A 363 -64.77 91.24 -19.20
C TRP A 363 -65.49 90.09 -18.52
N ASP A 364 -66.75 90.26 -18.17
CA ASP A 364 -67.51 89.17 -17.56
C ASP A 364 -67.74 88.04 -18.55
N HIS A 365 -68.01 88.36 -19.81
CA HIS A 365 -68.12 87.30 -20.82
C HIS A 365 -66.82 86.52 -20.92
N LYS A 366 -65.70 87.22 -20.98
CA LYS A 366 -64.40 86.55 -21.05
C LYS A 366 -64.16 85.69 -19.82
N ASN A 367 -64.49 86.20 -18.63
CA ASN A 367 -64.26 85.45 -17.40
C ASN A 367 -65.14 84.22 -17.34
N SER A 368 -66.39 84.32 -17.80
CA SER A 368 -67.27 83.17 -17.84
C SER A 368 -66.74 82.10 -18.78
N GLN A 369 -66.30 82.50 -19.97
CA GLN A 369 -65.73 81.52 -20.89
C GLN A 369 -64.45 80.92 -20.34
N TYR A 370 -63.65 81.74 -19.64
CA TYR A 370 -62.44 81.25 -19.00
C TYR A 370 -62.76 80.21 -17.94
N ASN A 371 -63.80 80.44 -17.15
CA ASN A 371 -64.22 79.45 -16.15
C ASN A 371 -64.71 78.18 -16.82
N ARG A 372 -65.44 78.30 -17.92
CA ARG A 372 -65.86 77.12 -18.67
C ARG A 372 -64.64 76.32 -19.13
N LEU A 373 -63.65 77.00 -19.70
CA LEU A 373 -62.44 76.31 -20.12
C LEU A 373 -61.72 75.68 -18.94
N TRP A 374 -61.73 76.35 -17.78
CA TRP A 374 -61.13 75.79 -16.58
C TRP A 374 -61.83 74.49 -16.19
N GLN A 375 -63.16 74.47 -16.26
CA GLN A 375 -63.89 73.24 -15.96
C GLN A 375 -63.52 72.14 -16.95
N GLU A 376 -63.43 72.48 -18.23
CA GLU A 376 -63.08 71.48 -19.23
C GLU A 376 -61.68 70.93 -19.00
N ARG A 377 -60.74 71.80 -18.65
CA ARG A 377 -59.38 71.35 -18.35
C ARG A 377 -59.39 70.44 -17.13
N GLU A 378 -60.20 70.77 -16.13
CA GLU A 378 -60.31 69.89 -14.97
C GLU A 378 -60.87 68.53 -15.34
N GLN A 379 -61.87 68.50 -16.23
CA GLN A 379 -62.42 67.22 -16.66
C GLN A 379 -61.37 66.39 -17.41
N SER A 380 -60.60 67.04 -18.29
CA SER A 380 -59.53 66.33 -18.98
C SER A 380 -58.49 65.82 -18.00
N GLN A 381 -58.19 66.61 -16.96
CA GLN A 381 -57.27 66.16 -15.92
C GLN A 381 -57.83 64.96 -15.18
N ASN A 382 -59.14 64.94 -14.96
CA ASN A 382 -59.78 63.78 -14.33
C ASN A 382 -59.59 62.54 -15.20
N GLN A 383 -59.83 62.68 -16.50
CA GLN A 383 -59.61 61.56 -17.41
C GLN A 383 -58.17 61.09 -17.36
N ILE A 384 -57.23 62.02 -17.34
CA ILE A 384 -55.81 61.68 -17.29
C ILE A 384 -55.51 60.92 -16.00
N ARG A 385 -56.06 61.39 -14.88
CA ARG A 385 -55.83 60.70 -13.61
C ARG A 385 -56.34 59.28 -13.67
N GLN A 386 -57.56 59.10 -14.19
CA GLN A 386 -58.14 57.75 -14.26
C GLN A 386 -57.29 56.84 -15.14
N HIS A 387 -56.89 57.32 -16.32
CA HIS A 387 -56.11 56.47 -17.21
C HIS A 387 -54.72 56.19 -16.64
N GLU A 388 -54.03 57.22 -16.14
CA GLU A 388 -52.67 57.04 -15.64
C GLU A 388 -52.66 56.08 -14.45
N SER A 389 -53.63 56.21 -13.54
CA SER A 389 -53.70 55.26 -12.44
C SER A 389 -53.72 53.83 -12.95
N GLY A 390 -54.52 53.57 -13.98
CA GLY A 390 -54.59 52.22 -14.52
C GLY A 390 -53.27 51.74 -15.08
N MET A 391 -52.60 52.59 -15.87
CA MET A 391 -51.33 52.18 -16.46
C MET A 391 -50.33 51.74 -15.40
N GLU A 392 -50.41 52.32 -14.20
CA GLU A 392 -49.51 51.89 -13.13
C GLU A 392 -49.72 50.43 -12.78
N ASP A 393 -50.98 50.01 -12.65
CA ASP A 393 -51.25 48.60 -12.37
C ASP A 393 -50.79 47.71 -13.52
N LEU A 394 -51.05 48.14 -14.76
CA LEU A 394 -50.61 47.36 -15.90
C LEU A 394 -49.10 47.19 -15.88
N LEU A 395 -48.37 48.20 -15.41
CA LEU A 395 -46.93 48.07 -15.32
C LEU A 395 -46.51 47.01 -14.31
N GLY A 396 -47.21 46.93 -13.17
CA GLY A 396 -46.93 45.86 -12.23
C GLY A 396 -47.20 44.50 -12.84
N GLU A 397 -48.33 44.37 -13.54
CA GLU A 397 -48.63 43.12 -14.23
C GLU A 397 -47.54 42.76 -15.21
N LEU A 398 -47.06 43.75 -15.97
CA LEU A 398 -46.06 43.52 -16.99
C LEU A 398 -44.73 43.10 -16.37
N GLN A 399 -44.35 43.73 -15.26
CA GLN A 399 -43.14 43.30 -14.56
C GLN A 399 -43.28 41.88 -14.04
N PHE A 400 -44.45 41.54 -13.51
CA PHE A 400 -44.66 40.18 -13.03
C PHE A 400 -44.52 39.18 -14.17
N ASP A 401 -45.10 39.50 -15.32
CA ASP A 401 -45.00 38.59 -16.46
C ASP A 401 -43.57 38.48 -16.96
N ALA A 402 -42.83 39.58 -16.98
CA ALA A 402 -41.43 39.52 -17.39
C ALA A 402 -40.64 38.65 -16.42
N GLU A 403 -40.91 38.78 -15.12
CA GLU A 403 -40.23 37.95 -14.15
C GLU A 403 -40.52 36.47 -14.39
N GLU A 404 -41.80 36.13 -14.60
CA GLU A 404 -42.14 34.73 -14.85
C GLU A 404 -41.47 34.21 -16.12
N ALA A 405 -41.52 35.00 -17.20
CA ALA A 405 -40.96 34.53 -18.46
C ALA A 405 -39.48 34.86 -18.57
N ALA A 406 -38.89 35.44 -17.52
CA ALA A 406 -37.49 35.83 -17.53
C ALA A 406 -37.19 36.72 -18.73
N PHE A 407 -37.99 37.78 -18.87
CA PHE A 407 -37.87 38.70 -19.99
C PHE A 407 -37.02 39.88 -19.54
N SER A 408 -35.72 39.78 -19.80
CA SER A 408 -34.79 40.83 -19.39
C SER A 408 -35.05 42.12 -20.16
N GLU A 409 -35.50 42.02 -21.40
CA GLU A 409 -35.74 43.22 -22.18
C GLU A 409 -36.83 44.09 -21.56
N HIS A 410 -37.70 43.49 -20.74
CA HIS A 410 -38.79 44.25 -20.14
C HIS A 410 -38.27 45.51 -19.46
N GLU A 411 -37.23 45.37 -18.64
CA GLU A 411 -36.67 46.54 -17.97
C GLU A 411 -36.14 47.54 -19.00
N VAL A 412 -35.36 47.05 -19.96
CA VAL A 412 -34.78 47.94 -20.97
C VAL A 412 -35.87 48.62 -21.77
N ASN A 413 -36.85 47.84 -22.23
CA ASN A 413 -37.94 48.43 -23.00
C ASN A 413 -38.79 49.37 -22.17
N VAL A 414 -39.06 49.03 -20.91
CA VAL A 414 -39.83 49.92 -20.05
C VAL A 414 -39.12 51.26 -19.93
N HIS A 415 -37.83 51.25 -19.62
CA HIS A 415 -37.11 52.50 -19.49
C HIS A 415 -37.03 53.25 -20.82
N ASP A 416 -36.80 52.56 -21.93
CA ASP A 416 -36.85 53.21 -23.23
C ASP A 416 -38.17 53.93 -23.41
N PHE A 417 -39.27 53.30 -23.00
CA PHE A 417 -40.56 53.96 -23.01
C PHE A 417 -40.56 55.15 -22.08
N GLU A 418 -39.81 55.07 -20.97
CA GLU A 418 -39.85 56.13 -19.97
C GLU A 418 -38.94 57.30 -20.34
N ARG A 419 -37.94 57.07 -21.20
CA ARG A 419 -37.10 58.18 -21.64
C ARG A 419 -37.75 58.98 -22.75
N HIS A 420 -38.87 58.51 -23.29
CA HIS A 420 -39.73 59.37 -24.08
C HIS A 420 -40.90 59.87 -23.24
N GLN A 421 -41.71 58.95 -22.70
CA GLN A 421 -42.64 59.24 -21.62
C GLN A 421 -43.87 60.05 -22.02
N GLU A 422 -43.82 60.71 -23.18
CA GLU A 422 -45.00 61.41 -23.66
C GLU A 422 -45.11 61.45 -25.16
N GLU A 423 -44.20 60.84 -25.90
CA GLU A 423 -44.20 60.95 -27.35
C GLU A 423 -45.19 59.97 -27.95
N GLU A 424 -45.40 60.09 -29.26
CA GLU A 424 -46.20 59.11 -30.00
C GLU A 424 -45.38 57.84 -30.07
N PHE A 425 -45.31 57.14 -28.94
CA PHE A 425 -44.33 56.08 -28.76
C PHE A 425 -44.59 54.96 -29.76
N ASP A 426 -43.50 54.38 -30.28
CA ASP A 426 -43.56 53.26 -31.20
C ASP A 426 -43.29 51.99 -30.41
N PHE A 427 -44.28 51.11 -30.33
CA PHE A 427 -44.12 49.86 -29.60
C PHE A 427 -43.58 48.74 -30.47
N SER A 428 -43.35 48.98 -31.76
CA SER A 428 -42.99 47.90 -32.67
C SER A 428 -41.82 47.10 -32.14
N ILE A 429 -40.78 47.76 -31.64
CA ILE A 429 -39.60 47.05 -31.18
C ILE A 429 -39.93 46.24 -29.92
N TRP A 430 -40.75 46.81 -29.04
CA TRP A 430 -41.13 46.08 -27.83
C TRP A 430 -41.93 44.82 -28.17
N ILE A 431 -42.89 44.95 -29.08
CA ILE A 431 -43.67 43.79 -29.50
C ILE A 431 -42.77 42.76 -30.17
N GLY A 432 -41.84 43.21 -31.00
CA GLY A 432 -40.91 42.28 -31.62
C GLY A 432 -40.06 41.55 -30.60
N GLU A 433 -39.62 42.25 -29.56
CA GLU A 433 -38.81 41.60 -28.53
C GLU A 433 -39.63 40.55 -27.80
N ILE A 434 -40.87 40.87 -27.43
CA ILE A 434 -41.66 39.85 -26.72
C ILE A 434 -41.95 38.69 -27.66
N GLY A 435 -42.13 38.95 -28.95
CA GLY A 435 -42.33 37.86 -29.89
C GLY A 435 -41.12 36.95 -29.97
N SER A 436 -39.93 37.54 -30.03
CA SER A 436 -38.71 36.73 -30.03
C SER A 436 -38.58 35.92 -28.76
N HIS A 437 -38.92 36.52 -27.61
CA HIS A 437 -38.87 35.78 -26.35
C HIS A 437 -39.84 34.61 -26.37
N GLU A 438 -41.05 34.82 -26.88
CA GLU A 438 -42.02 33.74 -26.94
C GLU A 438 -41.54 32.63 -27.88
N GLN A 439 -40.92 33.01 -29.00
CA GLN A 439 -40.38 32.00 -29.90
C GLN A 439 -39.28 31.19 -29.22
N LEU A 440 -38.41 31.87 -28.47
CA LEU A 440 -37.37 31.16 -27.74
C LEU A 440 -37.98 30.19 -26.76
N LEU A 441 -39.02 30.61 -26.04
CA LEU A 441 -39.66 29.70 -25.11
C LEU A 441 -40.29 28.53 -25.83
N ALA A 442 -40.87 28.74 -27.02
CA ALA A 442 -41.42 27.63 -27.77
C ALA A 442 -40.33 26.61 -28.12
N ASN A 443 -39.19 27.10 -28.59
CA ASN A 443 -38.10 26.19 -28.95
C ASN A 443 -37.62 25.42 -27.72
N LEU A 444 -37.44 26.13 -26.61
CA LEU A 444 -36.98 25.45 -25.40
C LEU A 444 -38.02 24.46 -24.89
N ASN A 445 -39.31 24.76 -25.07
CA ASN A 445 -40.33 23.80 -24.68
C ASN A 445 -40.27 22.55 -25.52
N GLN A 446 -40.05 22.69 -26.83
CA GLN A 446 -39.90 21.50 -27.67
C GLN A 446 -38.69 20.68 -27.27
N LEU A 447 -37.55 21.35 -27.01
CA LEU A 447 -36.38 20.60 -26.56
C LEU A 447 -36.65 19.92 -25.23
N ALA A 448 -37.36 20.60 -24.32
CA ALA A 448 -37.65 19.99 -23.03
C ALA A 448 -38.50 18.75 -23.20
N ASP A 449 -39.50 18.80 -24.08
CA ASP A 449 -40.32 17.60 -24.30
C ASP A 449 -39.49 16.47 -24.91
N GLU A 450 -38.63 16.79 -25.88
CA GLU A 450 -37.78 15.76 -26.46
C GLU A 450 -36.87 15.14 -25.40
N GLU A 451 -36.29 15.99 -24.56
CA GLU A 451 -35.43 15.50 -23.50
C GLU A 451 -36.19 14.63 -22.52
N ASN A 452 -37.41 15.01 -22.17
CA ASN A 452 -38.20 14.21 -21.24
C ASN A 452 -38.54 12.85 -21.84
N ARG A 453 -38.88 12.83 -23.12
CA ARG A 453 -39.14 11.57 -23.80
C ARG A 453 -37.92 10.66 -23.76
N LEU A 454 -36.77 11.19 -24.18
CA LEU A 454 -35.55 10.38 -24.15
C LEU A 454 -35.19 9.99 -22.72
N SER A 455 -35.51 10.83 -21.75
CA SER A 455 -35.22 10.49 -20.36
C SER A 455 -36.05 9.31 -19.90
N GLU A 456 -37.32 9.27 -20.28
CA GLU A 456 -38.14 8.11 -19.94
C GLU A 456 -37.59 6.85 -20.59
N GLU A 457 -37.25 6.93 -21.88
CA GLU A 457 -36.67 5.78 -22.54
C GLU A 457 -35.38 5.35 -21.86
N HIS A 458 -34.56 6.33 -21.48
CA HIS A 458 -33.27 6.04 -20.89
C HIS A 458 -33.42 5.41 -19.51
N ASN A 459 -34.40 5.85 -18.73
CA ASN A 459 -34.66 5.20 -17.46
C ASN A 459 -35.12 3.76 -17.67
N ARG A 460 -35.97 3.52 -18.66
CA ARG A 460 -36.37 2.14 -18.94
C ARG A 460 -35.14 1.30 -19.25
N LEU A 461 -34.28 1.78 -20.14
CA LEU A 461 -33.10 1.00 -20.50
C LEU A 461 -32.15 0.81 -19.32
N GLN A 462 -31.95 1.86 -18.52
CA GLN A 462 -31.07 1.72 -17.37
C GLN A 462 -31.58 0.66 -16.42
N ARG A 463 -32.88 0.67 -16.13
CA ARG A 463 -33.40 -0.35 -15.23
C ARG A 463 -33.25 -1.74 -15.83
N GLN A 464 -33.52 -1.90 -17.13
CA GLN A 464 -33.34 -3.22 -17.74
C GLN A 464 -31.89 -3.68 -17.63
N SER A 465 -30.95 -2.80 -17.94
CA SER A 465 -29.54 -3.19 -17.91
C SER A 465 -29.11 -3.53 -16.50
N SER A 466 -29.58 -2.76 -15.51
CA SER A 466 -29.23 -3.06 -14.13
C SER A 466 -29.82 -4.39 -13.69
N GLU A 467 -31.03 -4.70 -14.12
CA GLU A 467 -31.61 -6.00 -13.79
C GLU A 467 -30.80 -7.14 -14.39
N LYS A 468 -30.38 -6.99 -15.64
CA LYS A 468 -29.55 -8.04 -16.22
C LYS A 468 -28.21 -8.13 -15.53
N LYS A 469 -27.64 -7.01 -15.10
CA LYS A 469 -26.41 -7.06 -14.32
C LYS A 469 -26.63 -7.82 -13.01
N LYS A 470 -27.76 -7.59 -12.35
CA LYS A 470 -28.05 -8.34 -11.14
C LYS A 470 -28.13 -9.83 -11.42
N GLU A 471 -28.83 -10.22 -12.47
CA GLU A 471 -28.93 -11.64 -12.79
C GLU A 471 -27.56 -12.24 -13.09
N VAL A 472 -26.76 -11.55 -13.89
CA VAL A 472 -25.46 -12.09 -14.26
C VAL A 472 -24.58 -12.23 -13.04
N ASP A 473 -24.58 -11.24 -12.16
CA ASP A 473 -23.73 -11.35 -10.98
C ASP A 473 -24.23 -12.43 -10.04
N ALA A 474 -25.54 -12.60 -9.92
CA ALA A 474 -26.07 -13.69 -9.10
C ALA A 474 -25.61 -15.04 -9.65
N ILE A 475 -25.68 -15.21 -10.97
CA ILE A 475 -25.23 -16.46 -11.58
C ILE A 475 -23.75 -16.67 -11.34
N ARG A 476 -22.96 -15.60 -11.46
CA ARG A 476 -21.52 -15.76 -11.25
C ARG A 476 -21.20 -16.14 -9.80
N LYS A 477 -21.87 -15.53 -8.84
CA LYS A 477 -21.66 -15.94 -7.45
C LYS A 477 -22.07 -17.38 -7.25
N ASN A 478 -23.19 -17.79 -7.84
CA ASN A 478 -23.61 -19.18 -7.72
C ASN A 478 -22.59 -20.13 -8.33
N LEU A 479 -22.01 -19.75 -9.46
CA LEU A 479 -21.01 -20.60 -10.09
C LEU A 479 -19.76 -20.70 -9.23
N ASP A 480 -19.32 -19.60 -8.63
CA ASP A 480 -18.16 -19.68 -7.74
C ASP A 480 -18.45 -20.57 -6.55
N HIS A 481 -19.65 -20.44 -5.97
CA HIS A 481 -20.02 -21.30 -4.86
C HIS A 481 -20.01 -22.77 -5.28
N LEU A 482 -20.56 -23.07 -6.46
CA LEU A 482 -20.53 -24.45 -6.95
C LEU A 482 -19.11 -24.93 -7.15
N ALA A 483 -18.23 -24.08 -7.66
CA ALA A 483 -16.85 -24.50 -7.86
C ALA A 483 -16.20 -24.85 -6.54
N ASP A 484 -16.40 -24.03 -5.51
CA ASP A 484 -15.86 -24.37 -4.20
C ASP A 484 -16.45 -25.67 -3.70
N TRP A 485 -17.77 -25.84 -3.87
CA TRP A 485 -18.42 -27.06 -3.42
C TRP A 485 -17.84 -28.28 -4.13
N PHE A 486 -17.53 -28.14 -5.41
CA PHE A 486 -17.01 -29.24 -6.20
C PHE A 486 -15.58 -29.58 -5.79
N THR A 487 -14.77 -28.57 -5.49
CA THR A 487 -13.44 -28.86 -4.98
C THR A 487 -13.51 -29.61 -3.66
N GLU A 488 -14.37 -29.15 -2.75
CA GLU A 488 -14.54 -29.87 -1.50
C GLU A 488 -15.00 -31.29 -1.74
N GLU A 489 -15.94 -31.48 -2.67
CA GLU A 489 -16.45 -32.82 -2.95
C GLU A 489 -15.37 -33.71 -3.53
N LYS A 490 -14.52 -33.17 -4.40
CA LYS A 490 -13.43 -33.98 -4.95
C LYS A 490 -12.48 -34.42 -3.86
N GLN A 491 -12.16 -33.51 -2.93
CA GLN A 491 -11.32 -33.93 -1.82
C GLN A 491 -11.99 -35.04 -1.01
N ARG A 492 -13.30 -34.91 -0.76
CA ARG A 492 -14.01 -35.94 -0.03
C ARG A 492 -14.00 -37.26 -0.77
N LEU A 493 -14.15 -37.22 -2.10
CA LEU A 493 -14.10 -38.46 -2.88
C LEU A 493 -12.73 -39.11 -2.78
N GLU A 494 -11.66 -38.31 -2.82
CA GLU A 494 -10.34 -38.87 -2.62
C GLU A 494 -10.25 -39.53 -1.25
N HIS A 495 -10.79 -38.88 -0.23
CA HIS A 495 -10.78 -39.45 1.10
C HIS A 495 -11.50 -40.80 1.12
N GLN A 496 -12.67 -40.87 0.48
CA GLN A 496 -13.41 -42.13 0.46
C GLN A 496 -12.66 -43.21 -0.30
N VAL A 497 -12.05 -42.86 -1.43
CA VAL A 497 -11.34 -43.87 -2.21
C VAL A 497 -10.21 -44.46 -1.39
N PHE A 498 -9.42 -43.60 -0.74
CA PHE A 498 -8.27 -44.11 0.00
C PHE A 498 -8.67 -44.62 1.38
N THR A 499 -9.91 -44.42 1.79
CA THR A 499 -10.44 -45.13 2.95
C THR A 499 -10.96 -46.51 2.54
N TRP A 500 -11.34 -46.66 1.28
CA TRP A 500 -11.73 -47.97 0.79
C TRP A 500 -10.52 -48.87 0.64
N ILE A 501 -9.38 -48.32 0.21
CA ILE A 501 -8.18 -49.13 0.10
C ILE A 501 -7.73 -49.62 1.47
N GLU A 502 -7.63 -48.69 2.43
CA GLU A 502 -7.03 -49.05 3.71
C GLU A 502 -7.96 -49.91 4.55
N GLN A 503 -9.21 -50.07 4.14
CA GLN A 503 -10.08 -51.02 4.83
C GLN A 503 -9.91 -52.43 4.27
N HIS A 504 -9.31 -52.56 3.09
CA HIS A 504 -9.09 -53.86 2.49
C HIS A 504 -7.59 -54.16 2.48
N PRO A 505 -7.04 -54.68 3.59
CA PRO A 505 -5.58 -54.87 3.65
C PRO A 505 -5.08 -55.95 2.72
N LYS A 506 -5.94 -56.86 2.27
CA LYS A 506 -5.49 -57.95 1.41
C LYS A 506 -5.08 -57.48 0.02
N LEU A 507 -5.37 -56.23 -0.33
CA LEU A 507 -5.03 -55.69 -1.64
C LEU A 507 -3.77 -54.85 -1.51
N ILE A 508 -2.80 -55.12 -2.39
CA ILE A 508 -1.47 -54.52 -2.29
C ILE A 508 -1.33 -53.35 -3.25
N PHE A 509 -1.66 -52.15 -2.78
CA PHE A 509 -1.48 -50.95 -3.58
C PHE A 509 -0.10 -50.37 -3.31
N SER A 510 0.83 -50.63 -4.23
CA SER A 510 2.16 -50.07 -4.08
C SER A 510 2.09 -48.55 -4.03
N ASN A 511 3.22 -47.93 -3.67
CA ASN A 511 3.27 -46.48 -3.65
C ASN A 511 3.06 -45.90 -5.04
N GLU A 512 3.64 -46.54 -6.07
CA GLU A 512 3.49 -46.01 -7.42
C GLU A 512 2.04 -46.03 -7.86
N ARG A 513 1.33 -47.12 -7.61
CA ARG A 513 -0.08 -47.15 -7.98
C ARG A 513 -0.89 -46.16 -7.16
N ARG A 514 -0.52 -45.96 -5.89
CA ARG A 514 -1.21 -44.94 -5.12
C ARG A 514 -1.01 -43.56 -5.73
N GLN A 515 0.20 -43.27 -6.22
CA GLN A 515 0.41 -42.02 -6.93
C GLN A 515 -0.45 -41.94 -8.17
N GLU A 516 -0.53 -43.04 -8.92
CA GLU A 516 -1.35 -43.04 -10.13
C GLU A 516 -2.79 -42.70 -9.81
N ILE A 517 -3.37 -43.37 -8.82
CA ILE A 517 -4.75 -43.09 -8.44
C ILE A 517 -4.88 -41.66 -7.93
N ALA A 518 -3.93 -41.21 -7.12
CA ALA A 518 -4.00 -39.86 -6.59
C ALA A 518 -4.09 -38.86 -7.72
N ARG A 519 -3.20 -38.96 -8.71
CA ARG A 519 -3.23 -37.98 -9.79
C ARG A 519 -4.49 -38.13 -10.63
N SER A 520 -4.91 -39.37 -10.92
CA SER A 520 -6.10 -39.54 -11.74
C SER A 520 -7.32 -38.91 -11.08
N ILE A 521 -7.48 -39.08 -9.77
CA ILE A 521 -8.54 -38.36 -9.07
C ILE A 521 -8.29 -36.86 -9.16
N GLU A 522 -7.04 -36.44 -8.97
CA GLU A 522 -6.73 -35.02 -8.95
C GLU A 522 -7.18 -34.34 -10.23
N GLY A 523 -7.14 -35.05 -11.35
CA GLY A 523 -7.57 -34.50 -12.61
C GLY A 523 -8.95 -34.91 -13.05
N LEU A 524 -9.94 -34.93 -12.15
CA LEU A 524 -11.26 -35.36 -12.55
C LEU A 524 -11.97 -34.27 -13.35
N TYR A 525 -12.43 -34.65 -14.55
CA TYR A 525 -13.28 -33.83 -15.39
C TYR A 525 -12.53 -32.68 -16.04
N GLU A 526 -11.28 -32.46 -15.64
CA GLU A 526 -10.43 -31.55 -16.41
C GLU A 526 -9.56 -32.31 -17.39
N GLU A 527 -9.08 -33.48 -16.98
CA GLU A 527 -8.24 -34.33 -17.81
C GLU A 527 -8.89 -35.67 -18.14
N ASN A 528 -9.30 -36.43 -17.14
CA ASN A 528 -9.76 -37.79 -17.34
C ASN A 528 -11.01 -38.04 -16.53
N ARG A 529 -11.96 -38.73 -17.14
CA ARG A 529 -13.17 -39.09 -16.43
C ARG A 529 -12.84 -40.05 -15.29
N TYR A 530 -13.88 -40.40 -14.53
CA TYR A 530 -13.70 -41.31 -13.41
C TYR A 530 -13.17 -42.66 -13.87
N GLU A 531 -13.39 -43.01 -15.13
CA GLU A 531 -13.10 -44.36 -15.58
C GLU A 531 -11.65 -44.75 -15.31
N GLN A 532 -10.74 -43.78 -15.32
CA GLN A 532 -9.33 -44.13 -15.14
C GLN A 532 -9.02 -44.46 -13.68
N VAL A 533 -9.86 -44.01 -12.75
CA VAL A 533 -9.63 -44.34 -11.35
C VAL A 533 -10.15 -45.73 -11.03
N ARG A 534 -11.45 -45.95 -11.23
CA ARG A 534 -12.01 -47.25 -10.92
C ARG A 534 -11.39 -48.34 -11.79
N GLU A 535 -10.86 -47.98 -12.96
CA GLU A 535 -10.15 -48.99 -13.75
C GLU A 535 -8.91 -49.49 -13.03
N LYS A 536 -8.19 -48.60 -12.35
CA LYS A 536 -7.00 -49.03 -11.62
C LYS A 536 -7.37 -49.77 -10.34
N LEU A 537 -8.42 -49.31 -9.66
CA LEU A 537 -8.91 -50.08 -8.52
C LEU A 537 -9.28 -51.50 -8.96
N LEU A 538 -9.99 -51.61 -10.09
CA LEU A 538 -10.35 -52.92 -10.60
C LEU A 538 -9.13 -53.69 -11.06
N ALA A 539 -8.09 -53.00 -11.51
CA ALA A 539 -6.87 -53.72 -11.87
C ALA A 539 -6.28 -54.43 -10.65
N VAL A 540 -6.22 -53.73 -9.52
CA VAL A 540 -5.74 -54.38 -8.30
C VAL A 540 -6.67 -55.52 -7.91
N VAL A 541 -7.97 -55.28 -7.94
CA VAL A 541 -8.91 -56.32 -7.53
C VAL A 541 -8.80 -57.53 -8.45
N ASN A 542 -8.54 -57.30 -9.73
CA ASN A 542 -8.43 -58.41 -10.68
C ASN A 542 -7.12 -59.16 -10.51
N ASP A 543 -6.04 -58.47 -10.15
CA ASP A 543 -4.84 -59.20 -9.76
C ASP A 543 -5.14 -60.14 -8.60
N TYR A 544 -5.82 -59.63 -7.58
CA TYR A 544 -6.13 -60.47 -6.43
C TYR A 544 -7.02 -61.64 -6.82
N ILE A 545 -8.05 -61.39 -7.61
CA ILE A 545 -8.99 -62.45 -7.98
C ILE A 545 -8.31 -63.46 -8.89
N THR A 546 -7.40 -63.02 -9.75
CA THR A 546 -6.62 -63.95 -10.55
C THR A 546 -5.79 -64.86 -9.67
N ASP A 547 -5.14 -64.29 -8.66
CA ASP A 547 -4.37 -65.12 -7.73
C ASP A 547 -5.25 -66.15 -7.06
N ILE A 548 -6.42 -65.73 -6.58
CA ILE A 548 -7.30 -66.66 -5.89
C ILE A 548 -7.79 -67.75 -6.84
N SER A 549 -8.10 -67.38 -8.10
CA SER A 549 -8.51 -68.39 -9.06
C SER A 549 -7.39 -69.40 -9.33
N THR A 550 -6.15 -68.92 -9.43
CA THR A 550 -5.03 -69.82 -9.65
C THR A 550 -4.91 -70.81 -8.50
N LYS A 551 -4.97 -70.31 -7.26
CA LYS A 551 -4.83 -71.21 -6.13
C LYS A 551 -6.02 -72.16 -6.04
N LYS A 552 -7.21 -71.71 -6.43
CA LYS A 552 -8.36 -72.60 -6.46
C LYS A 552 -8.16 -73.73 -7.47
N LYS A 553 -7.62 -73.39 -8.65
CA LYS A 553 -7.38 -74.42 -9.65
C LYS A 553 -6.36 -75.43 -9.13
N LEU A 554 -5.29 -74.95 -8.48
CA LEU A 554 -4.31 -75.86 -7.92
C LEU A 554 -4.94 -76.73 -6.83
N MET A 555 -5.86 -76.16 -6.04
CA MET A 555 -6.54 -76.95 -5.03
C MET A 555 -7.41 -78.03 -5.65
N GLU A 556 -8.10 -77.72 -6.74
CA GLU A 556 -8.88 -78.75 -7.42
C GLU A 556 -7.98 -79.87 -7.94
N THR A 557 -6.85 -79.51 -8.55
CA THR A 557 -5.93 -80.52 -9.05
C THR A 557 -5.42 -81.40 -7.92
N LYS A 558 -5.04 -80.79 -6.80
CA LYS A 558 -4.54 -81.58 -5.68
C LYS A 558 -5.64 -82.37 -5.00
N ILE A 559 -6.89 -81.90 -5.08
CA ILE A 559 -8.01 -82.71 -4.60
C ILE A 559 -8.14 -83.97 -5.44
N GLU A 560 -8.04 -83.83 -6.75
CA GLU A 560 -8.04 -85.02 -7.61
C GLU A 560 -6.90 -85.95 -7.23
N ASP A 561 -5.71 -85.38 -7.02
CA ASP A 561 -4.55 -86.20 -6.67
C ASP A 561 -4.78 -86.96 -5.38
N LYS A 562 -5.30 -86.28 -4.35
CA LYS A 562 -5.54 -86.93 -3.07
C LYS A 562 -6.66 -87.95 -3.17
N LYS A 563 -7.69 -87.68 -3.99
CA LYS A 563 -8.71 -88.68 -4.23
C LYS A 563 -8.10 -89.95 -4.77
N HIS A 564 -7.19 -89.83 -5.73
CA HIS A 564 -6.59 -91.02 -6.32
C HIS A 564 -5.63 -91.72 -5.36
N GLU A 565 -4.86 -90.96 -4.57
CA GLU A 565 -3.99 -91.60 -3.59
C GLU A 565 -4.81 -92.35 -2.55
N LEU A 566 -5.90 -91.74 -2.07
CA LEU A 566 -6.76 -92.42 -1.11
C LEU A 566 -7.46 -93.62 -1.75
N GLU A 567 -7.74 -93.56 -3.05
CA GLU A 567 -8.31 -94.72 -3.73
C GLU A 567 -7.30 -95.86 -3.81
N ALA A 568 -6.03 -95.55 -4.05
CA ALA A 568 -5.00 -96.59 -3.99
C ALA A 568 -4.88 -97.19 -2.60
N ALA A 569 -4.94 -96.34 -1.57
CA ALA A 569 -4.93 -96.84 -0.20
C ALA A 569 -6.15 -97.72 0.05
N ARG A 570 -7.31 -97.32 -0.46
CA ARG A 570 -8.52 -98.13 -0.33
C ARG A 570 -8.34 -99.49 -1.00
N ALA A 571 -7.73 -99.50 -2.19
CA ALA A 571 -7.51 -100.76 -2.88
C ALA A 571 -6.60 -101.68 -2.08
N GLU A 572 -5.51 -101.13 -1.51
CA GLU A 572 -4.63 -101.94 -0.69
C GLU A 572 -5.36 -102.47 0.54
N LEU A 573 -6.16 -101.62 1.19
CA LEU A 573 -6.90 -102.05 2.36
C LEU A 573 -7.88 -103.16 2.01
N HIS A 574 -8.54 -103.04 0.85
CA HIS A 574 -9.45 -104.09 0.40
C HIS A 574 -8.70 -105.38 0.13
N HIS A 575 -7.52 -105.29 -0.49
CA HIS A 575 -6.73 -106.48 -0.77
C HIS A 575 -6.37 -107.20 0.53
N TRP A 576 -5.93 -106.45 1.55
CA TRP A 576 -5.62 -107.09 2.82
C TRP A 576 -6.87 -107.61 3.50
N LYS A 577 -7.99 -106.91 3.34
CA LYS A 577 -9.26 -107.41 3.84
C LYS A 577 -9.63 -108.73 3.16
N THR A 578 -9.39 -108.81 1.85
CA THR A 578 -9.65 -110.00 1.06
C THR A 578 -8.42 -110.90 0.93
N LEU A 579 -7.56 -110.93 1.95
CA LEU A 579 -6.34 -111.72 1.88
C LEU A 579 -6.65 -113.17 2.21
N LYS A 580 -6.49 -114.05 1.22
CA LYS A 580 -6.61 -115.49 1.47
C LYS A 580 -5.40 -116.02 2.21
N MET A 581 -4.21 -115.55 1.83
CA MET A 581 -2.97 -116.02 2.44
C MET A 581 -1.85 -115.08 2.02
N PRO A 582 -0.71 -115.12 2.71
CA PRO A 582 0.43 -114.31 2.26
C PRO A 582 1.22 -115.01 1.17
N ASN A 583 1.62 -114.23 0.17
CA ASN A 583 2.33 -114.75 -1.00
C ASN A 583 3.79 -114.33 -0.95
N PRO A 584 4.74 -115.27 -0.84
CA PRO A 584 6.15 -114.89 -0.93
C PRO A 584 6.48 -114.35 -2.31
N ASP A 585 7.75 -113.98 -2.48
CA ASP A 585 8.22 -113.48 -3.77
C ASP A 585 7.97 -114.51 -4.86
N ARG A 586 7.47 -114.05 -6.00
CA ARG A 586 7.12 -114.94 -7.08
C ARG A 586 7.19 -114.20 -8.41
N ALA A 587 7.24 -114.97 -9.49
CA ALA A 587 7.05 -114.46 -10.83
C ALA A 587 5.70 -114.92 -11.38
N LYS A 588 5.21 -114.19 -12.38
CA LYS A 588 3.93 -114.55 -12.99
C LYS A 588 4.00 -115.92 -13.65
N ASP A 589 5.21 -116.36 -14.02
CA ASP A 589 5.36 -117.71 -14.56
C ASP A 589 5.07 -118.76 -13.48
N THR A 590 5.52 -118.51 -12.26
CA THR A 590 5.17 -119.41 -11.16
C THR A 590 3.67 -119.43 -10.93
N GLU A 591 3.02 -118.26 -11.03
CA GLU A 591 1.57 -118.21 -10.90
C GLU A 591 0.89 -119.02 -12.00
N ALA A 592 1.41 -118.94 -13.23
CA ALA A 592 0.85 -119.74 -14.32
C ALA A 592 1.01 -121.23 -14.04
N PHE A 593 2.19 -121.64 -13.55
CA PHE A 593 2.41 -123.05 -13.24
C PHE A 593 1.47 -123.52 -12.14
N ARG A 594 1.29 -122.72 -11.09
CA ARG A 594 0.45 -123.15 -9.99
C ARG A 594 -1.03 -123.11 -10.37
N LEU A 595 -1.41 -122.19 -11.28
CA LEU A 595 -2.76 -122.24 -11.83
C LEU A 595 -2.97 -123.52 -12.64
N GLN A 596 -1.95 -123.92 -13.41
CA GLN A 596 -2.04 -125.19 -14.12
C GLN A 596 -2.21 -126.35 -13.14
N LEU A 597 -1.45 -126.34 -12.04
CA LEU A 597 -1.60 -127.39 -11.04
C LEU A 597 -3.01 -127.38 -10.45
N LEU A 598 -3.53 -126.20 -10.12
CA LEU A 598 -4.87 -126.11 -9.55
C LEU A 598 -5.92 -126.65 -10.53
N GLU A 599 -5.82 -126.26 -11.80
CA GLU A 599 -6.75 -126.77 -12.80
C GLU A 599 -6.63 -128.28 -12.92
N ASP A 600 -5.40 -128.81 -12.86
CA ASP A 600 -5.21 -130.26 -12.83
C ASP A 600 -5.76 -130.86 -11.54
N GLY A 601 -5.77 -130.09 -10.45
CA GLY A 601 -6.19 -130.61 -9.17
C GLY A 601 -5.12 -131.40 -8.45
N GLN A 602 -3.87 -131.25 -8.86
CA GLN A 602 -2.78 -132.00 -8.24
C GLN A 602 -2.63 -131.62 -6.77
N ALA A 603 -2.29 -132.61 -5.95
CA ALA A 603 -2.13 -132.39 -4.52
C ALA A 603 -0.83 -131.65 -4.28
N PHE A 604 -0.92 -130.44 -3.75
CA PHE A 604 0.25 -129.62 -3.46
C PHE A 604 -0.08 -128.66 -2.33
N ILE A 605 0.95 -128.21 -1.63
CA ILE A 605 0.80 -127.21 -0.57
C ILE A 605 2.14 -126.51 -0.35
N PRO A 606 2.19 -125.18 -0.37
CA PRO A 606 3.46 -124.51 -0.09
C PRO A 606 3.96 -124.82 1.31
N PHE A 607 5.28 -124.75 1.49
CA PHE A 607 5.88 -125.08 2.76
C PHE A 607 5.37 -124.17 3.87
N TYR A 608 5.31 -122.86 3.61
CA TYR A 608 4.90 -121.93 4.66
C TYR A 608 3.46 -122.19 5.11
N ALA A 609 2.61 -122.70 4.22
CA ALA A 609 1.23 -123.01 4.58
C ALA A 609 1.09 -124.39 5.21
N ALA A 610 2.19 -125.12 5.36
CA ALA A 610 2.12 -126.51 5.80
C ALA A 610 2.52 -126.71 7.26
N VAL A 611 3.34 -125.82 7.83
CA VAL A 611 3.91 -126.06 9.14
C VAL A 611 3.80 -124.80 9.98
N GLU A 612 3.85 -124.98 11.30
CA GLU A 612 3.94 -123.89 12.26
C GLU A 612 4.99 -124.25 13.30
N PHE A 613 5.60 -123.22 13.88
CA PHE A 613 6.70 -123.40 14.82
C PHE A 613 6.18 -123.88 16.18
N GLN A 614 7.09 -124.51 16.94
CA GLN A 614 6.72 -125.08 18.22
C GLN A 614 6.75 -124.01 19.32
N ASP A 615 6.33 -124.42 20.52
CA ASP A 615 6.18 -123.48 21.63
C ASP A 615 7.51 -122.84 22.05
N ASP A 616 8.58 -123.64 22.15
CA ASP A 616 9.87 -123.12 22.59
C ASP A 616 10.50 -122.16 21.58
N VAL A 617 9.98 -122.12 20.36
CA VAL A 617 10.51 -121.23 19.33
C VAL A 617 9.94 -119.83 19.56
N THR A 618 10.67 -119.00 20.30
CA THR A 618 10.22 -117.64 20.54
C THR A 618 10.26 -116.84 19.23
N GLU A 619 9.83 -115.58 19.33
CA GLU A 619 9.72 -114.76 18.13
C GLU A 619 11.07 -114.58 17.45
N GLU A 620 12.15 -114.47 18.22
CA GLU A 620 13.48 -114.36 17.63
C GLU A 620 13.82 -115.60 16.82
N GLN A 621 13.54 -116.79 17.38
CA GLN A 621 13.82 -118.02 16.67
C GLN A 621 12.95 -118.15 15.42
N LYS A 622 11.66 -117.83 15.53
CA LYS A 622 10.79 -117.85 14.37
C LYS A 622 11.33 -116.93 13.28
N GLU A 623 11.72 -115.72 13.66
CA GLU A 623 12.22 -114.76 12.70
C GLU A 623 13.47 -115.28 12.00
N ARG A 624 14.43 -115.78 12.77
CA ARG A 624 15.66 -116.29 12.17
C ARG A 624 15.36 -117.42 11.20
N ILE A 625 14.55 -118.39 11.62
CA ILE A 625 14.31 -119.57 10.81
C ILE A 625 13.54 -119.22 9.55
N GLU A 626 12.51 -118.38 9.67
CA GLU A 626 11.73 -118.01 8.50
C GLU A 626 12.56 -117.17 7.54
N SER A 627 13.43 -116.30 8.06
CA SER A 627 14.32 -115.53 7.20
C SER A 627 15.25 -116.45 6.42
N ALA A 628 15.82 -117.45 7.11
CA ALA A 628 16.68 -118.40 6.42
C ALA A 628 15.90 -119.17 5.35
N LEU A 629 14.68 -119.59 5.68
CA LEU A 629 13.86 -120.30 4.70
C LEU A 629 13.58 -119.44 3.49
N LYS A 630 13.25 -118.16 3.70
CA LYS A 630 13.01 -117.26 2.59
C LYS A 630 14.26 -117.08 1.73
N GLN A 631 15.41 -116.93 2.38
CA GLN A 631 16.66 -116.79 1.64
C GLN A 631 16.94 -118.03 0.80
N THR A 632 16.71 -119.21 1.37
CA THR A 632 16.91 -120.45 0.60
C THR A 632 15.80 -120.65 -0.43
N GLY A 633 14.67 -119.98 -0.25
CA GLY A 633 13.52 -120.19 -1.11
C GLY A 633 12.64 -121.35 -0.71
N ILE A 634 13.01 -122.07 0.35
CA ILE A 634 12.21 -123.22 0.80
C ILE A 634 10.82 -122.78 1.20
N LEU A 635 10.65 -121.50 1.56
CA LEU A 635 9.41 -121.04 2.15
C LEU A 635 8.23 -121.30 1.23
N ASP A 636 8.38 -121.03 -0.06
CA ASP A 636 7.27 -121.19 -0.99
C ASP A 636 7.27 -122.57 -1.66
N SER A 637 8.29 -123.37 -1.42
CA SER A 637 8.39 -124.67 -2.09
C SER A 637 7.17 -125.54 -1.77
N LEU A 638 6.84 -126.42 -2.70
CA LEU A 638 5.61 -127.20 -2.63
C LEU A 638 5.88 -128.61 -2.13
N ILE A 639 5.05 -129.06 -1.20
CA ILE A 639 4.95 -130.47 -0.86
C ILE A 639 3.77 -131.05 -1.63
N THR A 640 3.99 -132.16 -2.33
CA THR A 640 2.96 -132.77 -3.15
C THR A 640 2.75 -134.22 -2.74
N GLU A 641 1.48 -134.60 -2.58
CA GLU A 641 1.17 -135.98 -2.22
C GLU A 641 1.65 -136.95 -3.31
N ASN A 642 1.49 -136.56 -4.57
CA ASN A 642 2.05 -137.31 -5.69
C ASN A 642 3.35 -136.67 -6.15
N ALA A 643 4.20 -137.49 -6.74
CA ALA A 643 5.47 -137.01 -7.28
C ALA A 643 5.19 -135.97 -8.36
N LEU A 644 6.04 -134.93 -8.41
CA LEU A 644 5.81 -133.82 -9.33
C LEU A 644 7.14 -133.18 -9.67
N ALA A 645 7.23 -132.68 -10.91
CA ALA A 645 8.37 -131.90 -11.38
C ALA A 645 7.91 -130.47 -11.60
N PRO A 646 8.44 -129.50 -10.86
CA PRO A 646 7.91 -128.13 -10.96
C PRO A 646 8.48 -127.36 -12.14
N THR A 647 7.63 -126.51 -12.71
CA THR A 647 8.01 -125.57 -13.76
C THR A 647 7.91 -124.15 -13.21
N HIS A 648 9.02 -123.43 -13.23
CA HIS A 648 9.10 -122.10 -12.63
C HIS A 648 8.85 -122.15 -11.12
N ASP A 649 9.04 -123.30 -10.49
CA ASP A 649 8.67 -123.49 -9.10
C ASP A 649 9.60 -124.52 -8.48
N ARG A 650 9.44 -124.74 -7.18
CA ARG A 650 10.25 -125.70 -6.43
C ARG A 650 9.34 -126.71 -5.75
N VAL A 651 9.74 -127.98 -5.77
CA VAL A 651 8.98 -129.06 -5.16
C VAL A 651 9.91 -129.84 -4.23
N ILE A 652 9.42 -130.14 -3.04
CA ILE A 652 10.19 -130.90 -2.05
C ILE A 652 9.89 -132.37 -2.25
N ARG A 653 10.80 -133.22 -1.78
CA ARG A 653 10.60 -134.66 -1.81
C ARG A 653 11.09 -135.27 -0.51
N PRO A 654 10.42 -136.30 0.00
CA PRO A 654 10.76 -136.84 1.32
C PRO A 654 11.96 -137.79 1.23
N GLU A 655 13.02 -137.45 1.97
CA GLU A 655 14.18 -138.33 2.14
C GLU A 655 14.74 -138.08 3.53
N PRO A 656 14.16 -138.71 4.55
CA PRO A 656 14.50 -138.36 5.94
C PRO A 656 15.97 -138.59 6.25
N GLN A 657 16.50 -137.76 7.15
CA GLN A 657 17.89 -137.84 7.59
C GLN A 657 17.92 -137.93 9.11
N LEU A 658 19.01 -138.51 9.63
CA LEU A 658 19.10 -138.81 11.06
C LEU A 658 20.41 -138.32 11.69
N LEU A 659 21.14 -137.41 11.04
CA LEU A 659 22.38 -136.89 11.57
C LEU A 659 22.18 -135.44 11.99
N GLY A 660 22.35 -135.17 13.28
CA GLY A 660 22.23 -133.82 13.78
C GLY A 660 20.78 -133.36 13.85
N TYR A 661 20.61 -132.03 13.92
CA TYR A 661 19.31 -131.42 14.02
C TYR A 661 18.54 -131.54 12.71
N THR A 662 17.20 -131.45 12.82
CA THR A 662 16.32 -131.48 11.67
C THR A 662 15.19 -130.49 11.89
N LEU A 663 14.55 -130.07 10.80
CA LEU A 663 13.46 -129.11 10.92
C LEU A 663 12.29 -129.69 11.70
N ALA A 664 12.16 -131.01 11.73
CA ALA A 664 11.15 -131.63 12.57
C ALA A 664 11.33 -131.23 14.03
N ASP A 665 12.55 -130.89 14.41
CA ASP A 665 12.80 -130.43 15.78
C ASP A 665 12.07 -129.14 16.07
N TYR A 666 11.90 -128.27 15.06
CA TYR A 666 11.41 -126.92 15.27
C TYR A 666 9.99 -126.69 14.77
N LEU A 667 9.50 -127.51 13.84
CA LEU A 667 8.23 -127.26 13.18
C LEU A 667 7.32 -128.47 13.30
N ARG A 668 6.02 -128.20 13.27
CA ARG A 668 4.97 -129.21 13.28
C ARG A 668 3.99 -128.90 12.16
N PRO A 669 3.32 -129.92 11.62
CA PRO A 669 2.47 -129.68 10.44
C PRO A 669 1.26 -128.82 10.74
N ASP A 670 0.68 -128.22 9.70
CA ASP A 670 -0.48 -127.36 9.83
C ASP A 670 -1.53 -127.63 8.75
N LEU A 671 -1.79 -128.89 8.42
CA LEU A 671 -2.75 -129.22 7.37
C LEU A 671 -4.17 -129.16 7.90
N GLU A 672 -5.07 -128.63 7.07
CA GLU A 672 -6.46 -128.45 7.47
C GLU A 672 -7.26 -129.75 7.24
N ALA A 673 -8.57 -129.66 7.44
CA ALA A 673 -9.45 -130.80 7.25
C ALA A 673 -9.64 -131.15 5.78
N ASP A 674 -9.52 -130.19 4.87
CA ASP A 674 -9.65 -130.43 3.43
C ASP A 674 -8.30 -130.61 2.75
N SER A 675 -7.23 -130.72 3.52
CA SER A 675 -5.90 -130.82 2.93
C SER A 675 -5.82 -132.02 2.01
N LEU A 676 -5.28 -131.81 0.81
CA LEU A 676 -5.05 -132.89 -0.14
C LEU A 676 -3.77 -133.66 0.17
N ILE A 677 -3.09 -133.33 1.26
CA ILE A 677 -1.81 -133.93 1.60
C ILE A 677 -1.87 -134.43 3.04
N SER A 678 -1.16 -135.53 3.30
CA SER A 678 -1.13 -136.13 4.62
C SER A 678 0.00 -135.51 5.45
N ASN A 679 -0.18 -135.54 6.77
CA ASN A 679 0.85 -135.02 7.66
C ASN A 679 2.09 -135.89 7.65
N LYS A 680 1.96 -137.16 7.27
CA LYS A 680 3.10 -138.06 7.26
C LYS A 680 4.17 -137.59 6.27
N LEU A 681 3.74 -137.18 5.08
CA LEU A 681 4.70 -136.70 4.08
C LEU A 681 5.42 -135.45 4.57
N VAL A 682 4.68 -134.52 5.17
CA VAL A 682 5.30 -133.30 5.68
C VAL A 682 6.29 -133.64 6.79
N ASP A 683 5.91 -134.52 7.71
CA ASP A 683 6.80 -134.89 8.80
C ASP A 683 8.08 -135.52 8.26
N GLU A 684 7.94 -136.42 7.27
CA GLU A 684 9.12 -137.05 6.69
C GLU A 684 10.00 -136.02 6.01
N ILE A 685 9.40 -135.07 5.29
CA ILE A 685 10.17 -134.00 4.68
C ILE A 685 10.84 -133.15 5.76
N LEU A 686 10.09 -132.83 6.82
CA LEU A 686 10.67 -132.05 7.92
C LEU A 686 11.91 -132.73 8.50
N ARG A 687 11.88 -134.07 8.60
CA ARG A 687 13.06 -134.79 9.05
C ARG A 687 14.14 -134.81 7.98
N SER A 688 13.75 -134.73 6.70
CA SER A 688 14.74 -134.72 5.63
C SER A 688 15.63 -133.49 5.71
N ILE A 689 15.05 -132.33 6.06
CA ILE A 689 15.78 -131.08 6.08
C ILE A 689 16.60 -131.04 7.37
N SER A 690 17.92 -130.99 7.24
CA SER A 690 18.81 -130.94 8.38
C SER A 690 19.10 -129.50 8.78
N LEU A 691 19.47 -129.32 10.05
CA LEU A 691 19.89 -128.02 10.56
C LEU A 691 21.36 -128.00 10.95
N GLU A 692 22.14 -129.00 10.52
CA GLU A 692 23.57 -129.04 10.73
C GLU A 692 24.26 -129.48 9.45
N GLN A 693 25.50 -129.05 9.27
CA GLN A 693 26.21 -129.28 8.02
C GLN A 693 26.26 -130.76 7.68
N GLU A 694 25.78 -131.10 6.48
CA GLU A 694 25.94 -132.44 5.91
C GLU A 694 27.18 -132.51 5.03
N GLY A 695 28.33 -132.14 5.60
CA GLY A 695 29.52 -132.02 4.79
C GLY A 695 29.28 -131.00 3.68
N ALA A 696 29.64 -131.37 2.45
CA ALA A 696 29.33 -130.53 1.31
C ALA A 696 27.88 -130.75 0.88
N GLY A 697 26.95 -130.47 1.78
CA GLY A 697 25.55 -130.78 1.54
C GLY A 697 24.60 -129.65 1.88
N PHE A 698 23.46 -129.99 2.45
CA PHE A 698 22.36 -129.07 2.66
C PHE A 698 21.98 -129.03 4.13
N HIS A 699 21.90 -127.83 4.71
CA HIS A 699 21.45 -127.66 6.08
C HIS A 699 21.13 -126.19 6.33
N VAL A 700 20.29 -125.95 7.32
CA VAL A 700 19.88 -124.60 7.71
C VAL A 700 19.90 -124.53 9.23
N ASP A 701 20.85 -123.77 9.77
CA ASP A 701 21.06 -123.73 11.22
C ASP A 701 19.93 -122.98 11.90
N VAL A 702 19.89 -123.10 13.24
CA VAL A 702 18.86 -122.44 14.03
C VAL A 702 19.01 -120.92 14.01
N ASP A 703 20.23 -120.40 13.98
CA ASP A 703 20.46 -118.97 13.94
C ASP A 703 20.15 -118.36 12.57
N GLY A 704 19.68 -119.18 11.62
CA GLY A 704 19.38 -118.70 10.29
C GLY A 704 20.49 -118.89 9.28
N SER A 705 21.68 -119.27 9.71
CA SER A 705 22.77 -119.58 8.80
C SER A 705 22.50 -120.92 8.12
N TYR A 706 23.08 -121.08 6.94
CA TYR A 706 22.83 -122.28 6.13
C TYR A 706 24.04 -122.59 5.27
N SER A 707 24.26 -123.88 5.03
CA SER A 707 25.23 -124.36 4.07
C SER A 707 24.51 -125.19 3.01
N LEU A 708 24.74 -124.85 1.74
CA LEU A 708 23.99 -125.44 0.62
C LEU A 708 25.02 -125.93 -0.39
N GLY A 709 25.24 -127.24 -0.41
CA GLY A 709 26.26 -127.79 -1.30
C GLY A 709 27.61 -127.19 -0.94
N CYS A 710 28.22 -126.53 -1.91
CA CYS A 710 29.47 -125.81 -1.68
C CYS A 710 29.25 -124.42 -1.09
N LEU A 711 28.00 -124.04 -0.86
CA LEU A 711 27.65 -122.69 -0.45
C LEU A 711 27.41 -122.63 1.06
N VAL A 712 27.69 -121.46 1.63
CA VAL A 712 27.37 -121.14 3.02
C VAL A 712 26.79 -119.73 3.05
N GLY A 713 25.69 -119.56 3.77
CA GLY A 713 24.97 -118.30 3.75
C GLY A 713 24.44 -117.93 5.11
N HIS A 714 23.92 -116.71 5.21
CA HIS A 714 23.35 -116.16 6.44
C HIS A 714 22.22 -115.22 6.05
N ALA A 715 21.10 -115.31 6.75
CA ALA A 715 19.90 -114.60 6.32
C ALA A 715 19.85 -113.17 6.85
N PRO A 716 19.13 -112.28 6.15
CA PRO A 716 18.99 -110.89 6.62
C PRO A 716 17.81 -110.69 7.54
N ASN A 717 17.57 -109.45 7.95
CA ASN A 717 16.39 -109.13 8.72
C ASN A 717 15.14 -109.30 7.87
N GLU A 718 14.11 -109.93 8.43
CA GLU A 718 12.83 -110.08 7.76
C GLU A 718 11.65 -109.78 8.67
N GLY A 719 11.89 -109.41 9.93
CA GLY A 719 10.83 -109.12 10.86
C GLY A 719 10.22 -110.38 11.44
N PRO A 720 9.23 -110.21 12.32
CA PRO A 720 8.56 -111.38 12.90
C PRO A 720 7.93 -112.25 11.83
N SER A 721 7.79 -113.53 12.15
CA SER A 721 7.27 -114.48 11.18
C SER A 721 5.89 -114.05 10.68
N LYS A 722 5.71 -114.14 9.36
CA LYS A 722 4.47 -113.75 8.71
C LYS A 722 3.90 -114.83 7.81
N TYR A 723 4.75 -115.71 7.28
CA TYR A 723 4.32 -116.74 6.33
C TYR A 723 4.07 -118.08 7.00
N ILE A 724 4.87 -118.43 8.00
CA ILE A 724 4.83 -119.75 8.62
C ILE A 724 3.87 -119.71 9.79
N GLY A 725 2.81 -120.52 9.74
CA GLY A 725 1.89 -120.64 10.86
C GLY A 725 0.68 -119.75 10.71
N ARG A 726 -0.43 -120.20 11.30
CA ARG A 726 -1.66 -119.42 11.26
C ARG A 726 -1.50 -118.11 12.01
N SER A 727 -0.82 -118.13 13.16
CA SER A 727 -0.60 -116.90 13.91
C SER A 727 0.18 -115.89 13.09
N SER A 728 1.22 -116.35 12.39
CA SER A 728 2.01 -115.44 11.56
C SER A 728 1.18 -114.85 10.43
N ARG A 729 0.35 -115.67 9.78
CA ARG A 729 -0.49 -115.16 8.70
C ARG A 729 -1.50 -114.15 9.22
N LYS A 730 -2.10 -114.43 10.38
CA LYS A 730 -3.05 -113.50 10.96
C LYS A 730 -2.38 -112.18 11.33
N ARG A 731 -1.18 -112.24 11.91
CA ARG A 731 -0.44 -111.03 12.23
C ARG A 731 -0.14 -110.24 10.96
N TYR A 732 0.30 -110.93 9.91
CA TYR A 732 0.56 -110.27 8.64
C TYR A 732 -0.68 -109.54 8.14
N GLN A 733 -1.81 -110.24 8.07
CA GLN A 733 -3.03 -109.65 7.55
C GLN A 733 -3.45 -108.45 8.38
N GLN A 734 -3.49 -108.61 9.71
CA GLN A 734 -3.97 -107.53 10.57
C GLN A 734 -3.05 -106.33 10.53
N GLU A 735 -1.74 -106.55 10.51
CA GLU A 735 -0.80 -105.43 10.46
C GLU A 735 -0.90 -104.69 9.14
N LYS A 736 -1.07 -105.41 8.04
CA LYS A 736 -1.25 -104.73 6.76
C LYS A 736 -2.54 -103.92 6.75
N ILE A 737 -3.62 -104.49 7.28
CA ILE A 737 -4.88 -103.77 7.36
C ILE A 737 -4.71 -102.51 8.19
N LYS A 738 -4.01 -102.61 9.32
CA LYS A 738 -3.79 -101.45 10.18
C LYS A 738 -2.96 -100.38 9.48
N GLU A 739 -1.91 -100.80 8.77
CA GLU A 739 -1.10 -99.83 8.03
C GLU A 739 -1.97 -99.07 7.03
N CYS A 740 -2.73 -99.80 6.22
CA CYS A 740 -3.57 -99.13 5.22
C CYS A 740 -4.61 -98.25 5.89
N GLN A 741 -5.14 -98.66 7.04
CA GLN A 741 -6.15 -97.87 7.72
C GLN A 741 -5.56 -96.55 8.24
N GLU A 742 -4.37 -96.61 8.83
CA GLU A 742 -3.71 -95.39 9.29
C GLU A 742 -3.38 -94.48 8.11
N THR A 743 -2.92 -95.05 7.00
CA THR A 743 -2.64 -94.25 5.82
C THR A 743 -3.92 -93.59 5.30
N ILE A 744 -5.03 -94.33 5.33
CA ILE A 744 -6.31 -93.75 4.91
C ILE A 744 -6.72 -92.63 5.84
N GLU A 745 -6.45 -92.78 7.14
CA GLU A 745 -6.74 -91.70 8.08
C GLU A 745 -5.95 -90.44 7.73
N GLN A 746 -4.65 -90.60 7.49
CA GLN A 746 -3.82 -89.45 7.15
C GLN A 746 -4.28 -88.80 5.85
N LEU A 747 -4.60 -89.63 4.85
CA LEU A 747 -5.06 -89.08 3.57
C LEU A 747 -6.41 -88.40 3.71
N GLN A 748 -7.29 -88.92 4.55
CA GLN A 748 -8.56 -88.25 4.82
C GLN A 748 -8.34 -86.89 5.46
N LEU A 749 -7.41 -86.82 6.43
CA LEU A 749 -7.10 -85.54 7.05
C LEU A 749 -6.59 -84.55 6.01
N GLU A 750 -5.68 -84.99 5.15
CA GLU A 750 -5.14 -84.10 4.12
C GLU A 750 -6.21 -83.68 3.13
N LEU A 751 -7.09 -84.60 2.75
CA LEU A 751 -8.15 -84.27 1.80
C LEU A 751 -9.15 -83.28 2.41
N GLU A 752 -9.46 -83.44 3.69
CA GLU A 752 -10.33 -82.47 4.35
C GLU A 752 -9.64 -81.11 4.46
N GLU A 753 -8.33 -81.10 4.68
CA GLU A 753 -7.60 -79.84 4.65
C GLU A 753 -7.70 -79.19 3.27
N LEU A 754 -7.59 -79.99 2.21
CA LEU A 754 -7.76 -79.45 0.86
C LEU A 754 -9.15 -78.86 0.68
N LYS A 755 -10.17 -79.57 1.17
CA LYS A 755 -11.53 -79.04 1.10
C LYS A 755 -11.64 -77.72 1.83
N VAL A 756 -10.99 -77.61 2.99
CA VAL A 756 -11.02 -76.38 3.76
C VAL A 756 -10.37 -75.25 2.97
N GLN A 757 -9.23 -75.52 2.35
CA GLN A 757 -8.55 -74.49 1.57
C GLN A 757 -9.42 -74.04 0.40
N LEU A 758 -10.06 -74.99 -0.29
CA LEU A 758 -10.94 -74.63 -1.39
C LEU A 758 -12.12 -73.81 -0.90
N SER A 759 -12.67 -74.16 0.27
CA SER A 759 -13.77 -73.39 0.83
C SER A 759 -13.34 -71.96 1.12
N GLN A 760 -12.15 -71.80 1.71
CA GLN A 760 -11.66 -70.47 2.00
C GLN A 760 -11.45 -69.67 0.72
N TYR A 761 -10.97 -70.32 -0.34
CA TYR A 761 -10.81 -69.61 -1.60
C TYR A 761 -12.16 -69.20 -2.19
N GLU A 762 -13.17 -70.04 -2.06
CA GLU A 762 -14.50 -69.66 -2.53
C GLU A 762 -15.02 -68.46 -1.73
N GLU A 763 -14.77 -68.45 -0.42
CA GLU A 763 -15.13 -67.29 0.38
C GLU A 763 -14.37 -66.06 -0.08
N ASN A 764 -13.11 -66.23 -0.46
CA ASN A 764 -12.34 -65.10 -0.98
C ASN A 764 -12.95 -64.56 -2.26
N LEU A 765 -13.39 -65.44 -3.15
CA LEU A 765 -14.04 -64.96 -4.37
C LEU A 765 -15.32 -64.20 -4.05
N LEU A 766 -16.13 -64.74 -3.13
CA LEU A 766 -17.36 -64.04 -2.74
C LEU A 766 -17.03 -62.64 -2.23
N GLN A 767 -16.09 -62.55 -1.29
CA GLN A 767 -15.73 -61.25 -0.75
C GLN A 767 -15.14 -60.35 -1.82
N ALA A 768 -14.48 -60.93 -2.81
CA ALA A 768 -13.93 -60.11 -3.90
C ALA A 768 -15.05 -59.47 -4.69
N ALA A 769 -16.10 -60.24 -5.00
CA ALA A 769 -17.24 -59.65 -5.70
C ALA A 769 -17.87 -58.56 -4.86
N GLN A 770 -18.01 -58.79 -3.56
CA GLN A 770 -18.55 -57.74 -2.70
C GLN A 770 -17.65 -56.50 -2.69
N TRP A 771 -16.33 -56.69 -2.71
CA TRP A 771 -15.42 -55.56 -2.82
C TRP A 771 -15.70 -54.77 -4.09
N LYS A 772 -15.72 -55.46 -5.23
CA LYS A 772 -16.00 -54.78 -6.49
C LYS A 772 -17.27 -53.96 -6.39
N GLN A 773 -18.30 -54.51 -5.73
CA GLN A 773 -19.56 -53.77 -5.64
C GLN A 773 -19.44 -52.57 -4.70
N THR A 774 -18.62 -52.67 -3.66
CA THR A 774 -18.58 -51.61 -2.65
C THR A 774 -17.73 -50.42 -3.08
N MET A 775 -17.00 -50.55 -4.17
CA MET A 775 -16.04 -49.53 -4.60
C MET A 775 -16.73 -48.19 -4.77
N PRO A 776 -16.10 -47.07 -4.42
CA PRO A 776 -16.80 -45.78 -4.45
C PRO A 776 -17.21 -45.35 -5.84
N THR A 777 -18.28 -44.57 -5.91
CA THR A 777 -18.79 -44.01 -7.16
C THR A 777 -18.89 -42.50 -7.03
N ASP A 778 -18.75 -41.82 -8.17
CA ASP A 778 -18.64 -40.37 -8.22
C ASP A 778 -19.95 -39.68 -8.49
N GLN A 779 -21.08 -40.24 -8.03
CA GLN A 779 -22.38 -39.68 -8.41
C GLN A 779 -22.49 -38.21 -8.01
N GLU A 780 -22.21 -37.90 -6.74
CA GLU A 780 -22.35 -36.52 -6.29
C GLU A 780 -21.41 -35.59 -7.03
N LEU A 781 -20.16 -36.01 -7.23
CA LEU A 781 -19.21 -35.17 -7.95
C LEU A 781 -19.66 -34.94 -9.38
N ASN A 782 -20.16 -35.98 -10.03
CA ASN A 782 -20.64 -35.83 -11.40
C ASN A 782 -21.81 -34.86 -11.45
N ASP A 783 -22.72 -34.95 -10.49
CA ASP A 783 -23.83 -34.00 -10.47
C ASP A 783 -23.34 -32.57 -10.31
N LEU A 784 -22.39 -32.34 -9.40
CA LEU A 784 -21.89 -30.98 -9.25
C LEU A 784 -21.24 -30.50 -10.54
N ASN A 785 -20.47 -31.35 -11.21
CA ASN A 785 -19.82 -30.92 -12.44
C ASN A 785 -20.85 -30.61 -13.52
N VAL A 786 -21.91 -31.41 -13.62
CA VAL A 786 -22.94 -31.15 -14.60
C VAL A 786 -23.58 -29.79 -14.34
N GLN A 787 -23.94 -29.53 -13.08
CA GLN A 787 -24.50 -28.22 -12.77
C GLN A 787 -23.51 -27.11 -13.09
N ILE A 788 -22.22 -27.33 -12.86
CA ILE A 788 -21.25 -26.28 -13.13
C ILE A 788 -21.19 -25.97 -14.61
N GLU A 789 -21.16 -26.99 -15.46
CA GLU A 789 -21.13 -26.73 -16.90
C GLU A 789 -22.41 -26.05 -17.36
N LYS A 790 -23.56 -26.50 -16.86
CA LYS A 790 -24.82 -25.88 -17.26
C LYS A 790 -24.85 -24.40 -16.87
N THR A 791 -24.43 -24.09 -15.64
CA THR A 791 -24.41 -22.72 -15.20
C THR A 791 -23.40 -21.90 -15.98
N GLY A 792 -22.28 -22.50 -16.37
CA GLY A 792 -21.33 -21.77 -17.21
C GLY A 792 -21.93 -21.37 -18.55
N HIS A 793 -22.65 -22.30 -19.18
CA HIS A 793 -23.31 -21.95 -20.44
C HIS A 793 -24.34 -20.84 -20.22
N GLN A 794 -25.13 -20.95 -19.15
CA GLN A 794 -26.09 -19.89 -18.87
C GLN A 794 -25.38 -18.56 -18.66
N LEU A 795 -24.24 -18.58 -17.97
CA LEU A 795 -23.51 -17.35 -17.71
C LEU A 795 -23.04 -16.71 -19.00
N GLU A 796 -22.54 -17.52 -19.94
CA GLU A 796 -22.15 -16.95 -21.22
C GLU A 796 -23.34 -16.31 -21.93
N GLU A 797 -24.49 -16.99 -21.93
CA GLU A 797 -25.67 -16.41 -22.56
C GLU A 797 -26.02 -15.07 -21.94
N GLN A 798 -26.11 -15.03 -20.61
CA GLN A 798 -26.50 -13.79 -19.95
C GLN A 798 -25.45 -12.71 -20.16
N LYS A 799 -24.18 -13.08 -20.29
CA LYS A 799 -23.17 -12.07 -20.60
C LYS A 799 -23.43 -11.46 -21.96
N LYS A 800 -23.75 -12.28 -22.96
CA LYS A 800 -24.09 -11.74 -24.27
C LYS A 800 -25.26 -10.77 -24.17
N VAL A 801 -26.33 -11.19 -23.49
CA VAL A 801 -27.51 -10.35 -23.40
C VAL A 801 -27.18 -9.04 -22.69
N LEU A 802 -26.39 -9.11 -21.61
CA LEU A 802 -26.02 -7.92 -20.87
C LEU A 802 -25.22 -6.97 -21.74
N PHE A 803 -24.29 -7.50 -22.53
CA PHE A 803 -23.50 -6.63 -23.39
C PHE A 803 -24.37 -5.91 -24.41
N GLN A 804 -25.31 -6.62 -25.01
CA GLN A 804 -26.19 -5.94 -25.97
C GLN A 804 -27.07 -4.90 -25.29
N LEU A 805 -27.59 -5.22 -24.10
CA LEU A 805 -28.39 -4.22 -23.38
C LEU A 805 -27.56 -2.99 -23.06
N ASP A 806 -26.31 -3.17 -22.65
CA ASP A 806 -25.46 -2.01 -22.37
C ASP A 806 -25.15 -1.22 -23.63
N GLU A 807 -24.96 -1.90 -24.76
CA GLU A 807 -24.81 -1.17 -26.01
C GLU A 807 -25.99 -0.23 -26.24
N GLN A 808 -27.20 -0.78 -26.15
CA GLN A 808 -28.38 0.07 -26.37
C GLN A 808 -28.46 1.17 -25.33
N TRP A 809 -28.18 0.85 -24.08
CA TRP A 809 -28.27 1.83 -23.00
C TRP A 809 -27.31 2.98 -23.24
N LYS A 810 -26.11 2.69 -23.70
CA LYS A 810 -25.14 3.76 -23.93
C LYS A 810 -25.48 4.56 -25.17
N GLN A 811 -26.06 3.93 -26.20
CA GLN A 811 -26.57 4.72 -27.32
C GLN A 811 -27.58 5.76 -26.83
N VAL A 812 -28.59 5.29 -26.10
CA VAL A 812 -29.62 6.20 -25.61
C VAL A 812 -29.00 7.25 -24.70
N HIS A 813 -28.03 6.86 -23.88
CA HIS A 813 -27.40 7.80 -22.97
C HIS A 813 -26.65 8.88 -23.72
N GLY A 814 -25.95 8.51 -24.79
CA GLY A 814 -25.27 9.51 -25.59
C GLY A 814 -26.24 10.50 -26.22
N HIS A 815 -27.33 9.98 -26.79
CA HIS A 815 -28.34 10.88 -27.35
C HIS A 815 -28.87 11.83 -26.29
N LEU A 816 -29.22 11.30 -25.12
CA LEU A 816 -29.80 12.13 -24.08
C LEU A 816 -28.80 13.18 -23.61
N GLN A 817 -27.54 12.80 -23.48
CA GLN A 817 -26.53 13.76 -23.05
C GLN A 817 -26.39 14.89 -24.06
N VAL A 818 -26.37 14.55 -25.35
CA VAL A 818 -26.29 15.59 -26.37
C VAL A 818 -27.50 16.52 -26.28
N ILE A 819 -28.69 15.95 -26.09
CA ILE A 819 -29.89 16.77 -26.04
C ILE A 819 -29.85 17.70 -24.83
N LYS A 820 -29.43 17.20 -23.68
CA LYS A 820 -29.34 18.05 -22.51
C LYS A 820 -28.29 19.15 -22.71
N ILE A 821 -27.17 18.82 -23.35
CA ILE A 821 -26.19 19.85 -23.67
C ILE A 821 -26.82 20.96 -24.50
N GLN A 822 -27.51 20.58 -25.57
CA GLN A 822 -28.11 21.60 -26.43
C GLN A 822 -29.14 22.43 -25.68
N LEU A 823 -30.01 21.76 -24.91
CA LEU A 823 -31.03 22.48 -24.17
C LEU A 823 -30.41 23.49 -23.22
N HIS A 824 -29.37 23.08 -22.49
CA HIS A 824 -28.73 24.02 -21.58
C HIS A 824 -28.04 25.14 -22.33
N GLN A 825 -27.50 24.86 -23.52
CA GLN A 825 -26.89 25.92 -24.31
C GLN A 825 -27.92 26.97 -24.70
N GLU A 826 -29.06 26.54 -25.25
CA GLU A 826 -30.06 27.51 -25.69
C GLU A 826 -30.85 28.08 -24.52
N GLY A 827 -30.98 27.34 -23.44
CA GLY A 827 -31.66 27.81 -22.26
C GLY A 827 -30.76 28.44 -21.23
N ARG A 828 -29.52 28.78 -21.61
CA ARG A 828 -28.57 29.32 -20.65
C ARG A 828 -29.04 30.63 -20.05
N GLN A 829 -29.51 31.55 -20.89
CA GLN A 829 -29.76 32.92 -20.45
C GLN A 829 -30.87 33.00 -19.42
N LEU A 830 -31.86 32.13 -19.48
CA LEU A 830 -33.04 32.26 -18.64
C LEU A 830 -32.74 31.85 -17.21
N ASN A 831 -33.35 32.54 -16.26
CA ASN A 831 -33.34 32.14 -14.86
C ASN A 831 -34.39 31.08 -14.56
N LEU A 832 -34.37 29.97 -15.32
CA LEU A 832 -35.40 28.96 -15.24
C LEU A 832 -34.78 27.57 -15.31
N SER A 833 -35.28 26.68 -14.46
CA SER A 833 -34.97 25.27 -14.63
C SER A 833 -35.62 24.79 -15.93
N LEU A 834 -34.80 24.35 -16.87
CA LEU A 834 -35.28 24.01 -18.21
C LEU A 834 -36.07 22.70 -18.16
N THR A 835 -37.21 22.76 -17.46
CA THR A 835 -38.06 21.61 -17.24
C THR A 835 -39.43 21.85 -17.87
N LYS A 836 -40.16 20.75 -18.08
CA LYS A 836 -41.40 20.81 -18.84
C LYS A 836 -42.40 21.78 -18.22
N GLU A 837 -42.69 21.61 -16.93
CA GLU A 837 -43.72 22.43 -16.30
C GLU A 837 -43.30 23.90 -16.24
N VAL A 838 -42.05 24.15 -15.85
CA VAL A 838 -41.58 25.53 -15.73
C VAL A 838 -41.63 26.22 -17.09
N LEU A 839 -41.18 25.55 -18.14
CA LEU A 839 -41.17 26.18 -19.45
C LEU A 839 -42.58 26.38 -19.99
N GLY A 840 -43.49 25.43 -19.74
CA GLY A 840 -44.87 25.66 -20.13
C GLY A 840 -45.46 26.87 -19.43
N GLN A 841 -45.21 26.99 -18.13
CA GLN A 841 -45.72 28.14 -17.39
C GLN A 841 -45.09 29.43 -17.92
N ALA A 842 -43.80 29.39 -18.25
CA ALA A 842 -43.14 30.56 -18.80
C ALA A 842 -43.73 30.95 -20.14
N LEU A 843 -44.06 29.96 -20.97
CA LEU A 843 -44.69 30.27 -22.26
C LEU A 843 -46.03 30.95 -22.06
N ILE A 844 -46.84 30.44 -21.13
CA ILE A 844 -48.11 31.09 -20.85
C ILE A 844 -47.88 32.51 -20.34
N SER A 845 -46.87 32.68 -19.49
CA SER A 845 -46.56 34.01 -18.96
C SER A 845 -46.21 34.98 -20.08
N ALA A 846 -45.38 34.53 -21.03
CA ALA A 846 -45.00 35.41 -22.13
C ALA A 846 -46.21 35.77 -23.00
N LYS A 847 -47.09 34.80 -23.23
CA LYS A 847 -48.29 35.09 -24.01
C LYS A 847 -49.13 36.18 -23.32
N ASN A 848 -49.37 36.00 -22.03
CA ASN A 848 -50.13 37.01 -21.29
C ASN A 848 -49.40 38.34 -21.28
N TYR A 849 -48.06 38.30 -21.23
CA TYR A 849 -47.28 39.52 -21.31
C TYR A 849 -47.58 40.27 -22.59
N ARG A 850 -47.60 39.56 -23.71
CA ARG A 850 -47.82 40.23 -24.99
C ARG A 850 -49.22 40.84 -25.04
N ASP A 851 -50.22 40.11 -24.57
CA ASP A 851 -51.58 40.69 -24.58
C ASP A 851 -51.65 41.92 -23.68
N GLN A 852 -51.08 41.83 -22.47
CA GLN A 852 -51.09 42.97 -21.58
C GLN A 852 -50.34 44.13 -22.19
N LEU A 853 -49.28 43.86 -22.94
CA LEU A 853 -48.53 44.92 -23.58
C LEU A 853 -49.40 45.65 -24.59
N TYR A 854 -50.18 44.92 -25.37
CA TYR A 854 -51.07 45.60 -26.30
C TYR A 854 -52.10 46.47 -25.57
N SER A 855 -52.68 45.95 -24.49
CA SER A 855 -53.63 46.75 -23.72
C SER A 855 -52.97 48.01 -23.17
N PHE A 856 -51.74 47.87 -22.66
CA PHE A 856 -51.01 49.01 -22.15
C PHE A 856 -50.74 50.03 -23.24
N LYS A 857 -50.41 49.56 -24.44
CA LYS A 857 -50.23 50.47 -25.56
C LYS A 857 -51.49 51.29 -25.81
N ASP A 858 -52.65 50.62 -25.80
CA ASP A 858 -53.90 51.33 -26.01
C ASP A 858 -54.10 52.42 -24.95
N LEU A 859 -53.92 52.05 -23.69
CA LEU A 859 -54.07 53.04 -22.61
C LEU A 859 -53.09 54.19 -22.79
N PHE A 860 -51.86 53.89 -23.20
CA PHE A 860 -50.86 54.93 -23.39
C PHE A 860 -51.28 55.91 -24.47
N GLN A 861 -51.83 55.39 -25.57
CA GLN A 861 -52.27 56.29 -26.62
C GLN A 861 -53.44 57.16 -26.17
N LYS A 862 -54.38 56.59 -25.42
CA LYS A 862 -55.43 57.42 -24.85
C LYS A 862 -54.85 58.51 -23.96
N CYS A 863 -53.85 58.16 -23.15
CA CYS A 863 -53.21 59.15 -22.30
C CYS A 863 -52.55 60.24 -23.13
N LEU A 864 -51.91 59.85 -24.23
CA LEU A 864 -51.29 60.84 -25.11
C LEU A 864 -52.32 61.85 -25.60
N PHE A 865 -53.45 61.34 -26.11
CA PHE A 865 -54.47 62.24 -26.64
C PHE A 865 -54.99 63.17 -25.54
N ALA A 866 -55.25 62.62 -24.36
CA ALA A 866 -55.77 63.44 -23.27
C ALA A 866 -54.75 64.48 -22.83
N ARG A 867 -53.46 64.11 -22.80
CA ARG A 867 -52.42 65.07 -22.43
C ARG A 867 -52.40 66.23 -23.42
N LYS A 868 -52.51 65.93 -24.72
CA LYS A 868 -52.50 67.02 -25.69
C LYS A 868 -53.78 67.86 -25.59
N ARG A 869 -54.90 67.23 -25.24
CA ARG A 869 -56.11 68.00 -24.95
C ARG A 869 -55.86 69.00 -23.84
N ILE A 870 -55.25 68.55 -22.74
CA ILE A 870 -54.96 69.45 -21.63
C ILE A 870 -53.99 70.53 -22.05
N GLU A 871 -53.02 70.18 -22.89
CA GLU A 871 -52.07 71.18 -23.39
C GLU A 871 -52.81 72.30 -24.11
N ASP A 872 -53.68 71.95 -25.06
CA ASP A 872 -54.42 72.97 -25.80
C ASP A 872 -55.33 73.76 -24.86
N LEU A 873 -55.98 73.09 -23.92
CA LEU A 873 -56.87 73.81 -23.02
C LEU A 873 -56.11 74.81 -22.15
N THR A 874 -54.93 74.43 -21.66
CA THR A 874 -54.14 75.37 -20.86
C THR A 874 -53.63 76.52 -21.72
N HIS A 875 -53.27 76.24 -22.98
CA HIS A 875 -52.88 77.32 -23.87
C HIS A 875 -54.03 78.32 -24.03
N ARG A 876 -55.23 77.81 -24.28
CA ARG A 876 -56.39 78.68 -24.42
C ARG A 876 -56.66 79.46 -23.14
N LEU A 877 -56.52 78.80 -21.98
CA LEU A 877 -56.74 79.48 -20.72
C LEU A 877 -55.74 80.61 -20.53
N PHE A 878 -54.48 80.39 -20.92
CA PHE A 878 -53.49 81.46 -20.85
C PHE A 878 -53.89 82.63 -21.75
N GLU A 879 -54.32 82.32 -22.98
CA GLU A 879 -54.75 83.38 -23.88
C GLU A 879 -55.88 84.19 -23.26
N MET A 880 -56.84 83.49 -22.65
CA MET A 880 -58.01 84.17 -22.12
C MET A 880 -57.66 84.98 -20.88
N GLU A 881 -56.72 84.49 -20.07
CA GLU A 881 -56.22 85.29 -18.95
C GLU A 881 -55.55 86.56 -19.45
N THR A 882 -54.76 86.45 -20.52
CA THR A 882 -54.16 87.65 -21.11
C THR A 882 -55.24 88.64 -21.53
N GLU A 883 -56.27 88.14 -22.20
CA GLU A 883 -57.35 89.02 -22.63
C GLU A 883 -58.04 89.67 -21.44
N LEU A 884 -58.28 88.90 -20.37
CA LEU A 884 -58.92 89.46 -19.19
C LEU A 884 -58.07 90.56 -18.58
N ASP A 885 -56.76 90.34 -18.50
CA ASP A 885 -55.88 91.37 -17.94
C ASP A 885 -55.91 92.62 -18.79
N ASP A 886 -55.88 92.48 -20.11
CA ASP A 886 -55.93 93.65 -20.98
C ASP A 886 -57.24 94.41 -20.80
N LEU A 887 -58.36 93.68 -20.75
CA LEU A 887 -59.65 94.32 -20.58
C LEU A 887 -59.72 95.06 -19.25
N LYS A 888 -59.21 94.44 -18.18
CA LYS A 888 -59.25 95.09 -16.88
C LYS A 888 -58.38 96.34 -16.88
N GLY A 889 -57.22 96.28 -17.52
CA GLY A 889 -56.37 97.47 -17.62
C GLY A 889 -57.07 98.60 -18.33
N ASP A 890 -57.72 98.29 -19.46
CA ASP A 890 -58.44 99.33 -20.18
C ASP A 890 -59.58 99.91 -19.33
N GLN A 891 -60.31 99.05 -18.63
CA GLN A 891 -61.40 99.52 -17.80
C GLN A 891 -60.89 100.41 -16.68
N ASN A 892 -59.76 100.06 -16.08
CA ASN A 892 -59.20 100.90 -15.04
C ASN A 892 -58.70 102.23 -15.60
N VAL A 893 -58.17 102.23 -16.82
CA VAL A 893 -57.80 103.49 -17.46
C VAL A 893 -59.03 104.37 -17.63
N LYS A 894 -60.13 103.78 -18.10
CA LYS A 894 -61.37 104.54 -18.24
C LYS A 894 -61.83 105.07 -16.89
N GLU A 895 -61.70 104.26 -15.84
CA GLU A 895 -62.11 104.71 -14.51
C GLU A 895 -61.25 105.88 -14.04
N SER A 896 -59.95 105.82 -14.30
CA SER A 896 -59.07 106.92 -13.92
C SER A 896 -59.46 108.20 -14.66
N GLN A 897 -59.73 108.08 -15.97
CA GLN A 897 -60.16 109.27 -16.71
C GLN A 897 -61.49 109.79 -16.19
N LEU A 898 -62.39 108.88 -15.79
CA LEU A 898 -63.67 109.30 -15.23
C LEU A 898 -63.47 110.07 -13.94
N ARG A 899 -62.58 109.58 -13.07
CA ARG A 899 -62.28 110.30 -11.85
C ARG A 899 -61.70 111.68 -12.15
N LYS A 900 -60.82 111.74 -13.15
CA LYS A 900 -60.24 113.03 -13.54
C LYS A 900 -61.32 114.00 -14.01
N GLU A 901 -62.26 113.51 -14.83
CA GLU A 901 -63.32 114.38 -15.32
C GLU A 901 -64.24 114.83 -14.19
N LYS A 902 -64.53 113.93 -13.25
CA LYS A 902 -65.33 114.33 -12.08
C LYS A 902 -64.62 115.44 -11.31
N ALA A 903 -63.31 115.28 -11.10
CA ALA A 903 -62.55 116.29 -10.39
C ALA A 903 -62.55 117.61 -11.15
N GLU A 904 -62.47 117.56 -12.48
CA GLU A 904 -62.49 118.80 -13.26
C GLU A 904 -63.86 119.47 -13.21
N ILE A 905 -64.94 118.69 -13.18
CA ILE A 905 -66.26 119.28 -12.99
C ILE A 905 -66.33 119.97 -11.63
N GLU A 906 -65.81 119.31 -10.60
CA GLU A 906 -65.75 119.92 -9.28
C GLU A 906 -64.96 121.24 -9.33
N SER A 907 -63.84 121.24 -10.04
CA SER A 907 -63.03 122.45 -10.16
C SER A 907 -63.78 123.56 -10.89
N ILE A 908 -64.52 123.20 -11.94
CA ILE A 908 -65.31 124.21 -12.65
C ILE A 908 -66.34 124.81 -11.72
N GLU A 909 -67.04 123.98 -10.95
CA GLU A 909 -68.01 124.50 -10.00
C GLU A 909 -67.34 125.40 -8.98
N GLN A 910 -66.18 125.00 -8.47
CA GLN A 910 -65.48 125.80 -7.47
C GLN A 910 -65.07 127.16 -8.03
N GLN A 911 -64.54 127.17 -9.26
CA GLN A 911 -64.15 128.44 -9.87
C GLN A 911 -65.37 129.32 -10.14
N LEU A 912 -66.48 128.71 -10.58
CA LEU A 912 -67.70 129.47 -10.77
C LEU A 912 -68.12 130.13 -9.46
N LYS A 913 -68.07 129.38 -8.36
CA LYS A 913 -68.45 129.93 -7.06
C LYS A 913 -67.49 131.03 -6.63
N LEU A 914 -66.20 130.86 -6.92
CA LEU A 914 -65.17 131.68 -6.28
C LEU A 914 -64.86 132.94 -7.07
N LYS A 915 -65.13 132.94 -8.37
CA LYS A 915 -64.52 133.92 -9.27
C LYS A 915 -64.57 135.33 -8.70
N GLY A 916 -63.41 135.95 -8.61
CA GLY A 916 -63.27 137.28 -8.04
C GLY A 916 -61.80 137.55 -7.84
N ILE A 917 -61.44 138.81 -8.07
CA ILE A 917 -60.01 139.14 -8.18
C ILE A 917 -59.26 138.69 -6.94
N GLU A 918 -59.76 139.03 -5.75
CA GLU A 918 -59.14 138.53 -4.53
C GLU A 918 -59.28 137.02 -4.44
N GLU A 919 -60.47 136.50 -4.70
CA GLU A 919 -60.69 135.06 -4.63
C GLU A 919 -59.82 134.33 -5.65
N VAL A 920 -59.69 134.90 -6.85
CA VAL A 920 -58.84 134.28 -7.87
C VAL A 920 -57.39 134.28 -7.42
N ARG A 921 -56.92 135.38 -6.82
CA ARG A 921 -55.56 135.38 -6.30
C ARG A 921 -55.34 134.30 -5.26
N LEU A 922 -56.26 134.21 -4.29
CA LEU A 922 -56.11 133.21 -3.23
C LEU A 922 -56.15 131.80 -3.80
N ARG A 923 -57.07 131.54 -4.73
CA ARG A 923 -57.18 130.20 -5.29
C ARG A 923 -55.98 129.85 -6.14
N ILE A 924 -55.42 130.82 -6.86
CA ILE A 924 -54.19 130.57 -7.62
C ILE A 924 -53.07 130.20 -6.66
N GLN A 925 -52.97 130.92 -5.54
CA GLN A 925 -51.95 130.60 -4.55
C GLN A 925 -52.15 129.19 -4.00
N GLN A 926 -53.40 128.84 -3.69
CA GLN A 926 -53.69 127.50 -3.18
C GLN A 926 -53.32 126.43 -4.19
N VAL A 927 -53.65 126.66 -5.46
CA VAL A 927 -53.34 125.69 -6.51
C VAL A 927 -51.83 125.56 -6.67
N GLN A 928 -51.11 126.67 -6.59
CA GLN A 928 -49.65 126.61 -6.66
C GLN A 928 -49.08 125.79 -5.51
N GLN A 929 -49.60 126.01 -4.31
CA GLN A 929 -49.13 125.23 -3.16
C GLN A 929 -49.42 123.75 -3.35
N GLU A 930 -50.62 123.42 -3.84
CA GLU A 930 -50.96 122.03 -4.07
C GLU A 930 -50.06 121.40 -5.13
N LEU A 931 -49.76 122.14 -6.19
CA LEU A 931 -48.87 121.64 -7.23
C LEU A 931 -47.48 121.40 -6.67
N ARG A 932 -46.99 122.31 -5.83
CA ARG A 932 -45.69 122.09 -5.19
C ARG A 932 -45.71 120.82 -4.34
N GLU A 933 -46.78 120.63 -3.57
CA GLU A 933 -46.88 119.42 -2.75
C GLU A 933 -46.86 118.17 -3.61
N ALA A 934 -47.63 118.19 -4.71
CA ALA A 934 -47.69 117.03 -5.59
C ALA A 934 -46.33 116.75 -6.21
N THR A 935 -45.62 117.80 -6.62
CA THR A 935 -44.29 117.61 -7.19
C THR A 935 -43.34 117.02 -6.16
N GLU A 936 -43.39 117.53 -4.92
CA GLU A 936 -42.52 116.98 -3.88
C GLU A 936 -42.80 115.50 -3.66
N GLY A 937 -44.08 115.15 -3.53
CA GLY A 937 -44.44 113.75 -3.31
C GLY A 937 -44.01 112.87 -4.47
N ILE A 938 -44.24 113.33 -5.70
CA ILE A 938 -43.90 112.52 -6.85
C ILE A 938 -42.40 112.36 -6.97
N ASN A 939 -41.63 113.40 -6.63
CA ASN A 939 -40.18 113.28 -6.68
C ASN A 939 -39.68 112.26 -5.65
N HIS A 940 -40.19 112.36 -4.42
CA HIS A 940 -39.74 111.42 -3.40
C HIS A 940 -40.10 109.98 -3.79
N LEU A 941 -41.31 109.79 -4.29
CA LEU A 941 -41.69 108.45 -4.73
C LEU A 941 -40.85 107.99 -5.90
N LEU A 942 -40.53 108.89 -6.83
CA LEU A 942 -39.71 108.53 -7.97
C LEU A 942 -38.34 108.07 -7.52
N GLU A 943 -37.80 108.68 -6.46
CA GLU A 943 -36.52 108.23 -5.94
C GLU A 943 -36.65 106.90 -5.21
N THR A 944 -37.67 106.76 -4.37
CA THR A 944 -37.76 105.56 -3.54
C THR A 944 -38.08 104.32 -4.34
N ILE A 945 -39.02 104.40 -5.28
CA ILE A 945 -39.50 103.20 -5.96
C ILE A 945 -38.37 102.42 -6.60
N PRO A 946 -37.48 103.02 -7.39
CA PRO A 946 -36.38 102.23 -7.98
C PRO A 946 -35.52 101.56 -6.92
N GLN A 947 -35.27 102.24 -5.81
CA GLN A 947 -34.46 101.65 -4.76
C GLN A 947 -35.09 100.35 -4.26
N LYS A 948 -36.38 100.40 -3.94
CA LYS A 948 -37.05 99.20 -3.42
C LYS A 948 -37.17 98.15 -4.51
N LYS A 949 -37.30 98.55 -5.77
CA LYS A 949 -37.35 97.56 -6.84
C LYS A 949 -36.03 96.79 -6.93
N ALA A 950 -34.91 97.50 -6.87
CA ALA A 950 -33.62 96.82 -6.88
C ALA A 950 -33.45 95.97 -5.62
N LYS A 951 -33.92 96.47 -4.48
CA LYS A 951 -33.85 95.68 -3.26
C LYS A 951 -34.62 94.39 -3.41
N GLN A 952 -35.80 94.45 -4.01
CA GLN A 952 -36.57 93.23 -4.27
C GLN A 952 -35.83 92.32 -5.22
N GLU A 953 -35.13 92.89 -6.20
CA GLU A 953 -34.33 92.05 -7.09
C GLU A 953 -33.30 91.26 -6.30
N THR A 954 -32.56 91.93 -5.43
CA THR A 954 -31.57 91.24 -4.62
C THR A 954 -32.24 90.20 -3.73
N CYS A 955 -33.37 90.56 -3.14
CA CYS A 955 -34.07 89.62 -2.26
C CYS A 955 -34.49 88.38 -3.02
N GLN A 956 -34.98 88.54 -4.25
CA GLN A 956 -35.38 87.39 -5.05
C GLN A 956 -34.19 86.51 -5.40
N ASN A 957 -33.08 87.13 -5.80
CA ASN A 957 -31.88 86.34 -6.08
C ASN A 957 -31.50 85.51 -4.87
N GLU A 958 -31.39 86.15 -3.71
CA GLU A 958 -30.95 85.45 -2.52
C GLU A 958 -31.97 84.42 -2.06
N LEU A 959 -33.25 84.66 -2.30
CA LEU A 959 -34.26 83.67 -1.95
C LEU A 959 -34.13 82.43 -2.83
N ALA A 960 -33.88 82.62 -4.13
CA ALA A 960 -33.63 81.46 -4.98
C ALA A 960 -32.41 80.69 -4.51
N ALA A 961 -31.34 81.42 -4.16
CA ALA A 961 -30.15 80.76 -3.64
C ALA A 961 -30.48 79.99 -2.36
N ALA A 962 -31.29 80.57 -1.49
CA ALA A 962 -31.63 79.92 -0.23
C ALA A 962 -32.44 78.66 -0.48
N LYS A 963 -33.37 78.71 -1.43
CA LYS A 963 -34.12 77.50 -1.74
C LYS A 963 -33.21 76.41 -2.27
N THR A 964 -32.27 76.78 -3.15
CA THR A 964 -31.29 75.81 -3.63
C THR A 964 -30.53 75.19 -2.46
N SER A 965 -30.02 76.03 -1.57
CA SER A 965 -29.25 75.54 -0.44
C SER A 965 -30.09 74.63 0.45
N ALA A 966 -31.34 75.02 0.71
CA ALA A 966 -32.19 74.22 1.56
C ALA A 966 -32.41 72.84 0.97
N GLU A 967 -32.73 72.76 -0.34
CA GLU A 967 -32.93 71.45 -0.92
C GLU A 967 -31.65 70.63 -0.88
N PHE A 968 -30.52 71.24 -1.22
CA PHE A 968 -29.27 70.49 -1.25
C PHE A 968 -28.97 69.92 0.14
N TRP A 969 -29.06 70.76 1.17
CA TRP A 969 -28.68 70.29 2.48
C TRP A 969 -29.72 69.33 3.05
N SER A 970 -30.99 69.45 2.67
CA SER A 970 -31.95 68.43 3.06
C SER A 970 -31.54 67.09 2.48
N ASN A 971 -31.17 67.07 1.21
CA ASN A 971 -30.75 65.81 0.59
C ASN A 971 -29.50 65.26 1.27
N MET A 972 -28.54 66.13 1.57
CA MET A 972 -27.31 65.66 2.20
C MET A 972 -27.58 65.12 3.60
N ALA A 973 -28.45 65.78 4.36
CA ALA A 973 -28.80 65.28 5.67
C ALA A 973 -29.48 63.93 5.56
N ASP A 974 -30.37 63.75 4.59
CA ASP A 974 -30.98 62.43 4.41
C ASP A 974 -29.95 61.39 4.03
N GLU A 975 -28.97 61.74 3.19
CA GLU A 975 -27.95 60.78 2.80
C GLU A 975 -27.11 60.36 3.99
N TRP A 976 -26.64 61.31 4.79
CA TRP A 976 -25.87 60.93 5.96
C TRP A 976 -26.72 60.14 6.95
N GLU A 977 -28.00 60.47 7.08
CA GLU A 977 -28.88 59.67 7.92
C GLU A 977 -28.92 58.24 7.42
N GLN A 978 -29.07 58.07 6.11
CA GLN A 978 -29.11 56.72 5.55
C GLN A 978 -27.82 55.98 5.84
N MET A 979 -26.68 56.66 5.67
CA MET A 979 -25.41 56.03 5.98
C MET A 979 -25.37 55.56 7.43
N VAL A 980 -25.68 56.46 8.36
CA VAL A 980 -25.56 56.13 9.77
C VAL A 980 -26.52 55.00 10.12
N ARG A 981 -27.71 55.00 9.54
CA ARG A 981 -28.64 53.90 9.78
C ARG A 981 -28.09 52.60 9.21
N ALA A 982 -27.35 52.67 8.11
CA ALA A 982 -26.74 51.47 7.56
C ALA A 982 -25.70 50.91 8.52
N ASP A 983 -24.79 51.75 9.01
CA ASP A 983 -23.74 51.25 9.88
C ASP A 983 -24.30 50.69 11.19
N ILE A 984 -25.28 51.36 11.78
CA ILE A 984 -25.87 50.86 13.01
C ILE A 984 -26.45 49.47 12.80
N ALA A 985 -27.05 49.24 11.64
CA ALA A 985 -27.64 47.93 11.37
C ALA A 985 -26.63 46.81 11.56
N ARG A 986 -25.37 47.04 11.19
CA ARG A 986 -24.36 46.00 11.35
C ARG A 986 -24.25 45.57 12.80
N GLY A 987 -24.54 46.46 13.74
CA GLY A 987 -24.41 46.14 15.15
C GLY A 987 -23.01 46.21 15.68
N PHE A 988 -22.04 46.63 14.87
CA PHE A 988 -20.68 46.74 15.36
C PHE A 988 -20.59 47.70 16.54
N VAL A 989 -21.37 48.78 16.50
CA VAL A 989 -21.38 49.78 17.57
C VAL A 989 -22.82 50.00 17.99
N GLU A 990 -23.05 50.03 19.30
CA GLU A 990 -24.37 50.37 19.83
C GLU A 990 -24.41 51.84 20.21
N VAL A 991 -25.60 52.42 20.13
CA VAL A 991 -25.79 53.84 20.36
C VAL A 991 -27.01 54.07 21.24
N VAL A 992 -27.03 55.24 21.88
CA VAL A 992 -28.13 55.60 22.77
C VAL A 992 -29.42 55.75 21.97
N GLU A 993 -29.40 56.64 20.98
CA GLU A 993 -30.59 56.93 20.19
C GLU A 993 -30.17 57.40 18.81
N MET A 994 -31.14 57.45 17.91
CA MET A 994 -30.89 57.86 16.53
C MET A 994 -30.86 59.37 16.41
N ASP A 995 -30.01 60.03 17.21
CA ASP A 995 -29.81 61.47 17.13
C ASP A 995 -28.37 61.77 16.82
N PRO A 996 -28.07 62.47 15.72
CA PRO A 996 -26.66 62.70 15.37
C PRO A 996 -25.88 63.38 16.47
N VAL A 997 -26.47 64.36 17.16
CA VAL A 997 -25.73 65.03 18.23
C VAL A 997 -25.42 64.06 19.36
N LYS A 998 -26.40 63.24 19.75
CA LYS A 998 -26.17 62.28 20.81
C LYS A 998 -25.11 61.26 20.41
N ILE A 999 -25.17 60.78 19.17
CA ILE A 999 -24.19 59.80 18.72
C ILE A 999 -22.79 60.41 18.72
N VAL A 1000 -22.66 61.64 18.22
CA VAL A 1000 -21.35 62.28 18.23
C VAL A 1000 -20.85 62.45 19.65
N LYS A 1001 -21.75 62.83 20.57
CA LYS A 1001 -21.35 62.98 21.96
C LYS A 1001 -20.89 61.65 22.55
N GLN A 1002 -21.55 60.55 22.16
CA GLN A 1002 -21.20 59.25 22.71
C GLN A 1002 -19.78 58.86 22.37
N LEU A 1003 -19.33 59.19 21.16
CA LEU A 1003 -18.01 58.80 20.69
C LEU A 1003 -17.02 59.96 20.63
N GLU A 1004 -17.31 61.06 21.31
CA GLU A 1004 -16.45 62.24 21.20
C GLU A 1004 -15.00 61.90 21.47
N SER A 1005 -14.75 60.98 22.40
CA SER A 1005 -13.38 60.62 22.74
C SER A 1005 -12.59 60.22 21.51
N ILE A 1006 -13.12 59.29 20.71
CA ILE A 1006 -12.33 58.76 19.61
C ILE A 1006 -12.08 59.82 18.55
N LEU A 1007 -13.09 60.61 18.21
CA LEU A 1007 -12.84 61.72 17.29
C LEU A 1007 -11.74 62.62 17.81
N GLY A 1008 -11.69 62.85 19.12
CA GLY A 1008 -10.60 63.62 19.68
C GLY A 1008 -9.27 62.88 19.64
N LYS A 1009 -9.32 61.55 19.54
CA LYS A 1009 -8.12 60.75 19.71
C LYS A 1009 -7.42 60.50 18.38
N TYR A 1010 -8.14 60.04 17.37
CA TYR A 1010 -7.53 59.60 16.12
C TYR A 1010 -8.04 60.45 14.97
N ASP A 1011 -7.56 60.12 13.77
CA ASP A 1011 -8.04 60.69 12.52
C ASP A 1011 -8.09 59.58 11.49
N ARG A 1012 -8.94 59.77 10.48
CA ARG A 1012 -9.28 58.65 9.59
C ARG A 1012 -8.04 58.01 8.99
N SER A 1013 -7.12 58.83 8.47
CA SER A 1013 -5.94 58.27 7.83
C SER A 1013 -5.18 57.37 8.79
N LYS A 1014 -4.96 57.84 10.02
CA LYS A 1014 -4.20 57.08 10.99
C LYS A 1014 -4.84 55.72 11.24
N LEU A 1015 -6.14 55.70 11.52
CA LEU A 1015 -6.79 54.44 11.83
C LEU A 1015 -6.83 53.52 10.64
N ASN A 1016 -7.06 54.04 9.43
CA ASN A 1016 -7.05 53.17 8.26
C ASN A 1016 -5.68 52.54 8.07
N GLU A 1017 -4.63 53.34 8.15
CA GLU A 1017 -3.27 52.81 8.03
C GLU A 1017 -3.01 51.73 9.06
N GLN A 1018 -3.31 52.01 10.32
CA GLN A 1018 -2.99 51.05 11.37
C GLN A 1018 -3.90 49.83 11.31
N LEU A 1019 -5.12 49.97 10.79
CA LEU A 1019 -5.95 48.79 10.58
C LEU A 1019 -5.33 47.89 9.53
N THR A 1020 -4.83 48.47 8.44
CA THR A 1020 -4.15 47.64 7.44
C THR A 1020 -2.93 46.97 8.07
N LYS A 1021 -2.18 47.70 8.87
CA LYS A 1021 -1.00 47.13 9.50
C LYS A 1021 -1.38 45.96 10.40
N THR A 1022 -2.40 46.14 11.24
CA THR A 1022 -2.83 45.07 12.12
C THR A 1022 -3.32 43.88 11.31
N PHE A 1023 -4.06 44.13 10.24
CA PHE A 1023 -4.55 43.03 9.42
C PHE A 1023 -3.40 42.23 8.83
N ILE A 1024 -2.36 42.91 8.36
CA ILE A 1024 -1.20 42.20 7.82
C ILE A 1024 -0.52 41.40 8.90
N ASN A 1025 -0.21 42.04 10.03
CA ASN A 1025 0.51 41.34 11.09
C ASN A 1025 -0.26 40.12 11.58
N GLU A 1026 -1.53 40.31 11.92
CA GLU A 1026 -2.26 39.28 12.64
C GLU A 1026 -2.69 38.14 11.72
N GLN A 1027 -2.46 38.25 10.42
CA GLN A 1027 -2.70 37.09 9.56
C GLN A 1027 -1.60 36.06 9.71
N ILE A 1028 -0.52 36.40 10.40
CA ILE A 1028 0.50 35.41 10.72
C ILE A 1028 -0.08 34.33 11.62
N PHE A 1029 -0.88 34.74 12.60
CA PHE A 1029 -1.44 33.79 13.57
C PHE A 1029 -2.72 33.17 13.06
N LEU A 1030 -3.61 33.97 12.50
CA LEU A 1030 -4.99 33.57 12.26
C LEU A 1030 -5.21 32.95 10.89
N THR A 1031 -4.16 32.69 10.12
CA THR A 1031 -4.33 32.32 8.72
C THR A 1031 -5.30 31.16 8.55
N GLU A 1032 -5.39 30.28 9.55
CA GLU A 1032 -6.30 29.15 9.42
C GLU A 1032 -7.74 29.60 9.26
N TYR A 1033 -8.08 30.78 9.78
CA TYR A 1033 -9.44 31.28 9.61
C TYR A 1033 -9.65 31.90 8.24
N ARG A 1034 -8.60 32.09 7.47
CA ARG A 1034 -8.72 32.57 6.09
C ARG A 1034 -9.45 33.91 6.05
N MET A 1035 -8.91 34.90 6.76
CA MET A 1035 -9.50 36.23 6.73
C MET A 1035 -9.56 36.74 5.30
N PHE A 1036 -10.35 37.79 5.09
CA PHE A 1036 -10.34 38.54 3.84
C PHE A 1036 -11.24 39.75 4.04
N GLU A 1037 -10.80 40.87 3.48
CA GLU A 1037 -11.54 42.12 3.58
C GLU A 1037 -12.05 42.52 2.22
N TYR A 1038 -13.02 43.43 2.22
CA TYR A 1038 -13.64 43.89 0.99
C TYR A 1038 -14.37 45.18 1.31
N PRO A 1039 -14.10 46.26 0.59
CA PRO A 1039 -14.74 47.53 0.93
C PRO A 1039 -16.21 47.52 0.57
N GLU A 1040 -17.06 48.02 1.46
CA GLU A 1040 -18.48 48.18 1.19
C GLU A 1040 -18.74 49.62 0.81
N GLU A 1041 -19.51 49.82 -0.25
CA GLU A 1041 -19.68 51.14 -0.85
C GLU A 1041 -21.16 51.38 -1.09
N THR A 1042 -21.53 52.65 -1.17
CA THR A 1042 -22.89 53.07 -1.43
C THR A 1042 -22.96 53.76 -2.78
N GLU A 1043 -24.00 53.43 -3.56
CA GLU A 1043 -24.14 54.02 -4.88
C GLU A 1043 -24.29 55.53 -4.77
N ARG A 1044 -23.64 56.25 -5.68
CA ARG A 1044 -23.78 57.69 -5.71
C ARG A 1044 -25.25 58.04 -5.91
N PRO A 1045 -25.87 58.82 -5.03
CA PRO A 1045 -27.28 59.15 -5.23
C PRO A 1045 -27.48 59.83 -6.58
N GLU A 1046 -28.54 59.43 -7.28
CA GLU A 1046 -28.78 59.97 -8.60
C GLU A 1046 -28.92 61.48 -8.58
N TRP A 1047 -29.42 62.03 -7.47
CA TRP A 1047 -29.70 63.46 -7.43
C TRP A 1047 -28.41 64.27 -7.44
N PHE A 1048 -27.27 63.61 -7.29
CA PHE A 1048 -25.99 64.29 -7.46
C PHE A 1048 -25.88 64.91 -8.84
N SER A 1049 -26.64 64.39 -9.82
CA SER A 1049 -26.53 64.87 -11.19
C SER A 1049 -27.07 66.29 -11.34
N LYS A 1050 -28.05 66.68 -10.53
CA LYS A 1050 -28.72 67.97 -10.71
C LYS A 1050 -27.77 69.10 -10.30
N GLU A 1051 -26.80 69.37 -11.18
CA GLU A 1051 -25.69 70.25 -10.87
C GLU A 1051 -26.13 71.46 -10.04
N TRP A 1052 -25.34 71.78 -9.02
CA TRP A 1052 -25.64 72.86 -8.10
C TRP A 1052 -24.67 74.03 -8.20
N GLY A 1053 -23.46 73.81 -8.71
CA GLY A 1053 -22.50 74.89 -8.86
C GLY A 1053 -21.21 74.63 -8.09
N GLU A 1054 -20.39 75.67 -8.04
CA GLU A 1054 -19.10 75.56 -7.37
C GLU A 1054 -19.27 75.24 -5.90
N TYR A 1055 -20.07 76.04 -5.20
CA TYR A 1055 -20.04 76.02 -3.74
C TYR A 1055 -20.37 74.65 -3.19
N TYR A 1056 -21.08 73.83 -3.96
CA TYR A 1056 -21.50 72.53 -3.44
C TYR A 1056 -20.62 71.41 -3.95
N GLU A 1057 -19.87 71.64 -5.02
CA GLU A 1057 -19.03 70.57 -5.56
C GLU A 1057 -18.09 69.99 -4.52
N PRO A 1058 -17.41 70.78 -3.69
CA PRO A 1058 -16.51 70.18 -2.70
C PRO A 1058 -17.21 69.18 -1.80
N PHE A 1059 -18.45 69.45 -1.40
CA PHE A 1059 -19.15 68.54 -0.51
C PHE A 1059 -19.50 67.24 -1.22
N MET A 1060 -19.87 67.31 -2.49
CA MET A 1060 -20.15 66.10 -3.25
C MET A 1060 -18.88 65.27 -3.38
N ASN A 1061 -17.75 65.91 -3.66
CA ASN A 1061 -16.48 65.20 -3.72
C ASN A 1061 -16.15 64.56 -2.38
N GLU A 1062 -16.38 65.31 -1.29
CA GLU A 1062 -16.10 64.78 0.04
C GLU A 1062 -16.91 63.52 0.30
N TRP A 1063 -18.20 63.57 -0.01
CA TRP A 1063 -19.02 62.38 0.20
C TRP A 1063 -18.53 61.23 -0.66
N ASN A 1064 -18.15 61.50 -1.91
CA ASN A 1064 -17.61 60.44 -2.73
C ASN A 1064 -16.39 59.80 -2.08
N GLN A 1065 -15.57 60.61 -1.41
CA GLN A 1065 -14.37 60.09 -0.78
C GLN A 1065 -14.70 59.28 0.47
N LEU A 1066 -15.61 59.78 1.31
CA LEU A 1066 -15.82 59.17 2.61
C LEU A 1066 -16.79 58.00 2.55
N GLN A 1067 -17.57 57.87 1.48
CA GLN A 1067 -18.62 56.86 1.47
C GLN A 1067 -18.05 55.45 1.52
N SER A 1068 -16.78 55.27 1.15
CA SER A 1068 -16.19 53.95 1.12
C SER A 1068 -15.74 53.53 2.52
N ARG A 1069 -16.07 52.30 2.89
CA ARG A 1069 -15.72 51.79 4.22
C ARG A 1069 -15.30 50.34 4.10
N ARG A 1070 -14.52 49.88 5.06
CA ARG A 1070 -13.89 48.56 5.01
C ARG A 1070 -14.64 47.57 5.89
N LEU A 1071 -14.68 46.33 5.43
CA LEU A 1071 -15.23 45.22 6.20
C LEU A 1071 -14.21 44.09 6.26
N ILE A 1072 -14.34 43.25 7.27
CA ILE A 1072 -13.52 42.06 7.41
C ILE A 1072 -14.43 40.88 7.71
N LEU A 1073 -14.17 39.76 7.05
CA LEU A 1073 -14.96 38.56 7.25
C LEU A 1073 -14.04 37.38 7.46
N MET A 1074 -14.43 36.50 8.37
CA MET A 1074 -13.63 35.35 8.74
C MET A 1074 -14.48 34.10 8.76
N GLU A 1075 -13.98 33.07 8.10
CA GLU A 1075 -14.62 31.76 8.06
C GLU A 1075 -14.37 31.07 9.39
N TYR A 1076 -15.45 30.67 10.06
CA TYR A 1076 -15.33 30.08 11.38
C TYR A 1076 -16.36 28.96 11.51
N LYS A 1077 -15.89 27.72 11.48
CA LYS A 1077 -16.76 26.57 11.64
C LYS A 1077 -17.93 26.62 10.65
N GLY A 1078 -17.61 26.90 9.39
CA GLY A 1078 -18.58 26.89 8.33
C GLY A 1078 -19.30 28.20 8.09
N GLN A 1079 -19.42 29.05 9.09
CA GLN A 1079 -20.04 30.36 8.94
C GLN A 1079 -18.99 31.38 8.57
N ARG A 1080 -19.43 32.46 7.92
CA ARG A 1080 -18.57 33.60 7.65
C ARG A 1080 -18.99 34.76 8.55
N VAL A 1081 -18.15 35.08 9.52
CA VAL A 1081 -18.55 35.90 10.66
C VAL A 1081 -17.55 37.03 10.82
N SER A 1082 -18.00 38.09 11.49
CA SER A 1082 -17.15 39.24 11.73
C SER A 1082 -16.21 38.98 12.89
N PRO A 1083 -15.10 39.73 12.97
CA PRO A 1083 -14.12 39.47 14.02
C PRO A 1083 -14.70 39.52 15.43
N TYR A 1084 -15.76 40.29 15.66
CA TYR A 1084 -16.36 40.30 16.98
C TYR A 1084 -16.81 38.91 17.39
N PHE A 1085 -17.51 38.21 16.49
CA PHE A 1085 -18.03 36.89 16.80
C PHE A 1085 -16.90 35.91 17.08
N VAL A 1086 -15.84 35.95 16.26
CA VAL A 1086 -14.72 35.05 16.48
C VAL A 1086 -14.03 35.35 17.79
N PHE A 1087 -13.85 36.63 18.12
CA PHE A 1087 -13.23 36.97 19.40
C PHE A 1087 -14.06 36.43 20.55
N THR A 1088 -15.38 36.59 20.49
CA THR A 1088 -16.22 36.07 21.56
C THR A 1088 -16.09 34.55 21.65
N SER A 1089 -16.10 33.87 20.51
CA SER A 1089 -16.02 32.42 20.52
C SER A 1089 -14.70 31.95 21.13
N LEU A 1090 -13.59 32.58 20.73
CA LEU A 1090 -12.31 32.20 21.30
C LEU A 1090 -12.23 32.53 22.78
N GLU A 1091 -12.81 33.66 23.20
CA GLU A 1091 -12.87 33.96 24.62
C GLU A 1091 -13.55 32.83 25.37
N LYS A 1092 -14.72 32.42 24.89
CA LYS A 1092 -15.46 31.36 25.58
C LYS A 1092 -14.66 30.06 25.60
N GLU A 1093 -14.07 29.69 24.46
CA GLU A 1093 -13.32 28.45 24.39
C GLU A 1093 -12.11 28.47 25.32
N LEU A 1094 -11.28 29.50 25.21
CA LEU A 1094 -10.10 29.59 26.06
C LEU A 1094 -10.49 29.59 27.52
N GLU A 1095 -11.59 30.26 27.88
CA GLU A 1095 -12.04 30.20 29.27
C GLU A 1095 -12.41 28.78 29.66
N ASP A 1096 -13.11 28.05 28.79
CA ASP A 1096 -13.47 26.67 29.09
C ASP A 1096 -12.26 25.75 28.99
N GLN A 1097 -11.49 25.87 27.91
CA GLN A 1097 -10.41 24.93 27.67
C GLN A 1097 -9.33 25.02 28.74
N LYS A 1098 -9.01 26.22 29.19
CA LYS A 1098 -7.99 26.37 30.22
C LYS A 1098 -8.40 25.68 31.51
N GLY A 1099 -9.68 25.40 31.68
CA GLY A 1099 -10.13 24.76 32.91
C GLY A 1099 -10.02 23.25 32.86
N TRP A 1100 -9.80 22.67 31.68
CA TRP A 1100 -9.82 21.22 31.56
C TRP A 1100 -8.83 20.57 32.51
N LEU A 1101 -7.56 20.99 32.46
CA LEU A 1101 -6.46 20.23 33.04
C LEU A 1101 -5.62 21.16 33.92
N ASP A 1102 -6.01 21.27 35.19
CA ASP A 1102 -5.21 22.01 36.15
C ASP A 1102 -3.89 21.31 36.39
N GLU A 1103 -2.86 22.11 36.68
CA GLU A 1103 -1.52 21.57 36.80
C GLU A 1103 -1.41 20.52 37.91
N GLN A 1104 -2.12 20.72 39.02
CA GLN A 1104 -2.04 19.77 40.11
C GLN A 1104 -2.48 18.38 39.66
N ASP A 1105 -3.56 18.31 38.87
CA ASP A 1105 -4.02 17.02 38.37
C ASP A 1105 -3.03 16.43 37.39
N ARG A 1106 -2.39 17.26 36.57
CA ARG A 1106 -1.32 16.76 35.71
C ARG A 1106 -0.24 16.08 36.54
N GLN A 1107 0.23 16.77 37.58
CA GLN A 1107 1.26 16.17 38.43
C GLN A 1107 0.76 14.90 39.09
N LEU A 1108 -0.51 14.87 39.53
CA LEU A 1108 -1.02 13.68 40.19
C LEU A 1108 -1.05 12.49 39.24
N TYR A 1109 -1.54 12.69 38.01
CA TYR A 1109 -1.58 11.58 37.06
C TYR A 1109 -0.17 11.09 36.74
N GLU A 1110 0.75 12.02 36.51
CA GLU A 1110 2.12 11.62 36.23
C GLU A 1110 2.68 10.81 37.38
N ASP A 1111 2.42 11.25 38.62
CA ASP A 1111 2.92 10.53 39.78
C ASP A 1111 2.30 9.15 39.88
N ILE A 1112 1.00 9.02 39.62
CA ILE A 1112 0.35 7.74 39.83
C ILE A 1112 0.84 6.72 38.83
N ILE A 1113 1.12 7.14 37.59
CA ILE A 1113 1.71 6.20 36.63
C ILE A 1113 3.16 5.92 36.99
N VAL A 1114 3.89 6.96 37.35
CA VAL A 1114 5.30 6.81 37.67
C VAL A 1114 5.48 5.86 38.85
N ASN A 1115 4.49 5.79 39.74
CA ASN A 1115 4.62 4.92 40.89
C ASN A 1115 4.63 3.45 40.49
N THR A 1116 3.73 3.06 39.59
CA THR A 1116 3.76 1.68 39.13
C THR A 1116 5.04 1.40 38.36
N VAL A 1117 5.51 2.38 37.57
CA VAL A 1117 6.80 2.14 36.91
C VAL A 1117 7.90 1.98 37.95
N GLY A 1118 7.84 2.73 39.05
CA GLY A 1118 8.85 2.60 40.08
C GLY A 1118 8.80 1.24 40.75
N VAL A 1119 7.60 0.73 40.98
CA VAL A 1119 7.48 -0.61 41.57
C VAL A 1119 8.05 -1.66 40.62
N ILE A 1120 7.78 -1.53 39.32
CA ILE A 1120 8.36 -2.46 38.35
C ILE A 1120 9.87 -2.40 38.40
N LEU A 1121 10.43 -1.19 38.46
CA LEU A 1121 11.88 -1.09 38.53
C LEU A 1121 12.42 -1.69 39.81
N ARG A 1122 11.74 -1.47 40.94
CA ARG A 1122 12.19 -2.09 42.18
C ARG A 1122 12.22 -3.60 42.04
N ASN A 1123 11.16 -4.18 41.47
CA ASN A 1123 11.12 -5.63 41.36
C ASN A 1123 12.20 -6.14 40.43
N ARG A 1124 12.46 -5.45 39.32
CA ARG A 1124 13.50 -5.93 38.42
C ARG A 1124 14.87 -5.81 39.05
N ILE A 1125 15.15 -4.71 39.76
CA ILE A 1125 16.43 -4.59 40.44
C ILE A 1125 16.58 -5.69 41.47
N LYS A 1126 15.53 -5.96 42.23
CA LYS A 1126 15.58 -7.02 43.23
C LYS A 1126 15.86 -8.36 42.58
N ARG A 1127 15.18 -8.66 41.47
CA ARG A 1127 15.37 -9.94 40.82
C ARG A 1127 16.79 -10.08 40.28
N ALA A 1128 17.31 -9.04 39.64
CA ALA A 1128 18.67 -9.12 39.12
C ALA A 1128 19.66 -9.29 40.25
N GLU A 1129 19.47 -8.59 41.36
CA GLU A 1129 20.39 -8.76 42.48
C GLU A 1129 20.31 -10.17 43.05
N LYS A 1130 19.10 -10.73 43.13
CA LYS A 1130 18.99 -12.11 43.60
C LYS A 1130 19.71 -13.06 42.65
N TRP A 1131 19.57 -12.82 41.34
CA TRP A 1131 20.24 -13.67 40.36
C TRP A 1131 21.75 -13.61 40.55
N VAL A 1132 22.30 -12.40 40.69
CA VAL A 1132 23.74 -12.28 40.88
C VAL A 1132 24.17 -12.87 42.21
N SER A 1133 23.34 -12.73 43.25
CA SER A 1133 23.69 -13.31 44.53
C SER A 1133 23.76 -14.83 44.46
N GLU A 1134 22.79 -15.45 43.81
CA GLU A 1134 22.85 -16.89 43.63
C GLU A 1134 24.08 -17.28 42.81
N MET A 1135 24.38 -16.51 41.76
CA MET A 1135 25.52 -16.82 40.92
C MET A 1135 26.82 -16.76 41.71
N ASP A 1136 26.98 -15.72 42.53
CA ASP A 1136 28.17 -15.61 43.36
C ASP A 1136 28.24 -16.73 44.38
N LYS A 1137 27.10 -17.08 45.00
CA LYS A 1137 27.11 -18.18 45.95
C LYS A 1137 27.60 -19.46 45.30
N ILE A 1138 27.15 -19.73 44.08
CA ILE A 1138 27.58 -20.96 43.41
C ILE A 1138 29.04 -20.86 43.00
N MET A 1139 29.51 -19.69 42.58
CA MET A 1139 30.91 -19.57 42.19
C MET A 1139 31.84 -19.70 43.38
N GLU A 1140 31.39 -19.32 44.58
CA GLU A 1140 32.23 -19.49 45.77
C GLU A 1140 32.16 -20.91 46.31
N SER A 1141 31.08 -21.63 46.02
CA SER A 1141 30.80 -22.88 46.69
C SER A 1141 31.37 -24.07 45.92
N ARG A 1142 32.47 -23.85 45.21
CA ARG A 1142 33.13 -24.93 44.50
C ARG A 1142 34.63 -24.66 44.49
N ASP A 1143 35.39 -25.67 44.08
CA ASP A 1143 36.82 -25.54 43.88
C ASP A 1143 37.15 -25.93 42.46
N ASN A 1144 37.91 -25.08 41.77
CA ASN A 1144 38.16 -25.21 40.35
C ASN A 1144 39.54 -25.78 40.11
N SER A 1145 39.67 -26.58 39.06
CA SER A 1145 40.90 -27.33 38.82
C SER A 1145 42.11 -26.43 38.56
N SER A 1146 41.90 -25.16 38.24
CA SER A 1146 42.99 -24.25 37.94
C SER A 1146 43.57 -23.59 39.19
N GLY A 1147 43.12 -23.99 40.37
CA GLY A 1147 43.59 -23.37 41.59
C GLY A 1147 43.18 -21.91 41.72
N LEU A 1148 41.93 -21.60 41.42
CA LEU A 1148 41.46 -20.23 41.36
C LEU A 1148 39.99 -20.21 41.73
N THR A 1149 39.55 -19.10 42.32
CA THR A 1149 38.16 -18.93 42.72
C THR A 1149 37.68 -17.55 42.30
N PHE A 1150 36.46 -17.49 41.80
CA PHE A 1150 35.89 -16.27 41.24
C PHE A 1150 34.70 -15.80 42.08
N SER A 1151 34.41 -14.51 41.96
CA SER A 1151 33.27 -13.90 42.63
C SER A 1151 32.84 -12.69 41.83
N ILE A 1152 31.54 -12.48 41.75
CA ILE A 1152 30.97 -11.42 40.93
C ILE A 1152 30.06 -10.56 41.78
N ALA A 1153 29.93 -9.30 41.41
CA ALA A 1153 29.12 -8.35 42.16
C ALA A 1153 28.48 -7.36 41.19
N TRP A 1154 27.30 -6.89 41.58
CA TRP A 1154 26.50 -5.97 40.77
C TRP A 1154 26.31 -4.71 41.58
N LYS A 1155 27.05 -3.66 41.23
CA LYS A 1155 27.15 -2.46 42.05
C LYS A 1155 26.62 -1.26 41.30
N PRO A 1156 25.99 -0.30 42.00
CA PRO A 1156 25.50 0.90 41.33
C PRO A 1156 26.61 1.88 41.00
N LEU A 1157 26.51 2.53 39.85
CA LEU A 1157 27.52 3.48 39.42
C LEU A 1157 27.27 4.86 40.01
N THR A 1158 28.24 5.74 39.82
CA THR A 1158 28.07 7.15 40.18
C THR A 1158 27.68 7.97 38.96
N ALA A 1159 26.76 8.91 39.15
CA ALA A 1159 26.27 9.70 38.03
C ALA A 1159 27.38 10.56 37.43
N GLU A 1160 27.12 11.09 36.24
CA GLU A 1160 28.13 11.88 35.54
C GLU A 1160 28.52 13.12 36.32
N SER A 1161 27.55 13.80 36.92
CA SER A 1161 27.83 15.07 37.59
C SER A 1161 26.74 15.34 38.61
N GLU A 1162 26.98 16.33 39.46
CA GLU A 1162 26.03 16.75 40.47
C GLU A 1162 24.99 17.73 39.94
N GLN A 1163 24.88 17.87 38.62
CA GLN A 1163 23.91 18.78 38.02
C GLN A 1163 22.54 18.11 37.89
N GLU A 1164 22.35 17.03 38.64
CA GLU A 1164 21.10 16.28 38.62
C GLU A 1164 20.97 15.58 39.96
N LEU A 1165 19.76 15.09 40.25
CA LEU A 1165 19.57 14.21 41.39
C LEU A 1165 20.37 12.94 41.14
N ASP A 1166 21.49 12.81 41.86
CA ASP A 1166 22.45 11.76 41.54
C ASP A 1166 21.76 10.42 41.52
N THR A 1167 21.93 9.68 40.42
CA THR A 1167 21.26 8.40 40.27
C THR A 1167 21.63 7.44 41.40
N LYS A 1168 22.78 7.64 42.03
CA LYS A 1168 23.17 6.77 43.12
C LYS A 1168 22.21 6.88 44.30
N ASP A 1169 21.73 8.10 44.59
CA ASP A 1169 20.74 8.25 45.65
C ASP A 1169 19.48 7.48 45.32
N LEU A 1170 18.99 7.60 44.09
CA LEU A 1170 17.77 6.90 43.71
C LEU A 1170 17.97 5.39 43.79
N VAL A 1171 19.14 4.90 43.37
CA VAL A 1171 19.40 3.48 43.45
C VAL A 1171 19.43 3.01 44.89
N LYS A 1172 20.07 3.80 45.77
CA LYS A 1172 20.07 3.45 47.18
C LYS A 1172 18.65 3.34 47.71
N LEU A 1173 17.80 4.30 47.35
CA LEU A 1173 16.41 4.25 47.81
C LEU A 1173 15.71 3.02 47.27
N LEU A 1174 15.93 2.67 46.01
CA LEU A 1174 15.25 1.51 45.44
C LEU A 1174 15.69 0.22 46.11
N GLN A 1175 17.00 0.05 46.32
CA GLN A 1175 17.49 -1.16 46.97
C GLN A 1175 17.11 -1.18 48.44
N ARG A 1176 16.75 -0.04 49.01
CA ARG A 1176 16.43 0.03 50.43
C ARG A 1176 15.32 -0.95 50.76
N ASN A 1177 15.51 -1.71 51.84
CA ASN A 1177 14.58 -2.77 52.18
C ASN A 1177 13.19 -2.21 52.41
N SER A 1178 12.18 -2.96 51.99
CA SER A 1178 10.80 -2.50 52.12
C SER A 1178 10.45 -2.24 53.58
N LYS A 1179 10.86 -3.14 54.48
CA LYS A 1179 10.56 -2.96 55.89
C LYS A 1179 10.98 -1.57 56.37
N PHE A 1180 12.14 -1.10 55.90
CA PHE A 1180 12.64 0.19 56.37
C PHE A 1180 12.04 1.35 55.60
N LEU A 1181 11.30 1.08 54.54
CA LEU A 1181 10.72 2.17 53.76
C LEU A 1181 9.69 2.92 54.60
N ASN A 1182 9.50 4.18 54.25
CA ASN A 1182 8.57 5.05 54.97
C ASN A 1182 8.06 6.11 53.99
N GLU A 1183 7.00 6.79 54.41
CA GLU A 1183 6.38 7.78 53.54
C GLU A 1183 7.39 8.82 53.05
N ASP A 1184 8.38 9.17 53.88
CA ASP A 1184 9.38 10.13 53.44
C ASP A 1184 10.21 9.57 52.28
N ASP A 1185 10.63 8.31 52.39
CA ASP A 1185 11.39 7.70 51.30
C ASP A 1185 10.53 7.59 50.04
N LEU A 1186 9.25 7.28 50.20
CA LEU A 1186 8.37 7.23 49.04
C LEU A 1186 8.28 8.58 48.37
N ASN A 1187 8.16 9.64 49.16
CA ASN A 1187 8.14 10.99 48.58
C ASN A 1187 9.44 11.27 47.85
N ARG A 1188 10.57 10.89 48.45
CA ARG A 1188 11.86 11.14 47.81
C ARG A 1188 11.96 10.40 46.48
N ILE A 1189 11.51 9.15 46.45
CA ILE A 1189 11.56 8.37 45.21
C ILE A 1189 10.69 9.01 44.15
N THR A 1190 9.48 9.44 44.52
CA THR A 1190 8.61 10.10 43.56
C THR A 1190 9.26 11.36 43.02
N LYS A 1191 9.92 12.12 43.91
CA LYS A 1191 10.63 13.31 43.47
C LYS A 1191 11.71 12.96 42.46
N HIS A 1192 12.47 11.90 42.74
CA HIS A 1192 13.54 11.51 41.83
C HIS A 1192 12.98 11.15 40.46
N PHE A 1193 11.88 10.42 40.44
CA PHE A 1193 11.29 10.05 39.15
C PHE A 1193 10.76 11.27 38.42
N GLN A 1194 10.16 12.22 39.14
CA GLN A 1194 9.74 13.46 38.50
C GLN A 1194 10.92 14.15 37.85
N SER A 1195 12.04 14.21 38.56
CA SER A 1195 13.23 14.83 37.99
C SER A 1195 13.69 14.08 36.75
N ARG A 1196 13.64 12.75 36.78
CA ARG A 1196 14.10 11.99 35.62
C ARG A 1196 13.21 12.24 34.41
N ILE A 1197 11.90 12.32 34.62
CA ILE A 1197 11.01 12.59 33.48
C ILE A 1197 11.20 14.00 32.96
N GLY A 1198 11.40 14.97 33.85
CA GLY A 1198 11.74 16.31 33.39
C GLY A 1198 13.00 16.29 32.55
N LYS A 1199 14.00 15.52 32.97
CA LYS A 1199 15.20 15.36 32.17
C LYS A 1199 14.90 14.71 30.83
N ALA A 1200 13.94 13.80 30.79
CA ALA A 1200 13.58 13.17 29.52
C ALA A 1200 13.03 14.20 28.54
N LYS A 1201 12.12 15.05 29.01
CA LYS A 1201 11.60 16.09 28.14
C LYS A 1201 12.71 17.05 27.71
N GLU A 1202 13.58 17.42 28.65
CA GLU A 1202 14.67 18.32 28.32
C GLU A 1202 15.57 17.70 27.26
N LEU A 1203 15.85 16.40 27.37
CA LEU A 1203 16.66 15.72 26.38
C LEU A 1203 15.96 15.69 25.02
N ILE A 1204 14.66 15.46 25.00
CA ILE A 1204 13.94 15.52 23.73
C ILE A 1204 14.18 16.85 23.06
N GLN A 1205 14.01 17.94 23.81
CA GLN A 1205 14.19 19.27 23.21
C GLN A 1205 15.63 19.50 22.78
N LEU A 1206 16.60 19.08 23.60
CA LEU A 1206 17.99 19.39 23.31
C LEU A 1206 18.55 18.51 22.20
N ARG A 1207 18.11 17.26 22.10
CA ARG A 1207 18.60 16.35 21.08
C ARG A 1207 17.72 16.47 19.84
N ASN A 1208 18.33 16.93 18.74
CA ASN A 1208 17.59 17.18 17.51
C ASN A 1208 17.24 15.90 16.75
N GLU A 1209 17.54 14.73 17.31
CA GLU A 1209 17.27 13.49 16.61
C GLU A 1209 15.78 13.29 16.35
N GLY A 1210 14.91 14.03 17.03
CA GLY A 1210 13.49 13.88 16.82
C GLY A 1210 12.90 12.58 17.32
N SER A 1211 13.56 11.91 18.26
CA SER A 1211 13.05 10.64 18.76
C SER A 1211 11.84 10.86 19.66
N THR A 1212 10.87 9.96 19.55
CA THR A 1212 9.64 10.08 20.32
C THR A 1212 9.94 9.96 21.80
N LEU A 1213 9.05 10.54 22.62
CA LEU A 1213 9.24 10.53 24.05
C LEU A 1213 9.36 9.11 24.59
N HIS A 1214 8.77 8.14 23.90
CA HIS A 1214 8.84 6.77 24.39
C HIS A 1214 10.28 6.27 24.42
N GLN A 1215 11.04 6.54 23.36
CA GLN A 1215 12.44 6.11 23.33
C GLN A 1215 13.23 6.78 24.45
N VAL A 1216 13.02 8.07 24.64
CA VAL A 1216 13.78 8.79 25.66
C VAL A 1216 13.45 8.27 27.05
N LEU A 1217 12.18 7.96 27.31
CA LEU A 1217 11.85 7.34 28.59
C LEU A 1217 12.54 5.99 28.71
N LYS A 1218 12.41 5.15 27.69
CA LYS A 1218 13.02 3.83 27.77
C LYS A 1218 14.52 3.92 27.97
N GLU A 1219 15.12 5.05 27.61
CA GLU A 1219 16.55 5.22 27.85
C GLU A 1219 16.82 5.73 29.26
N VAL A 1220 16.05 6.72 29.72
CA VAL A 1220 16.32 7.32 31.02
C VAL A 1220 16.05 6.34 32.14
N LEU A 1221 15.01 5.52 32.03
CA LEU A 1221 14.60 4.62 33.09
C LEU A 1221 15.19 3.24 32.97
N ASP A 1222 16.08 3.01 32.01
CA ASP A 1222 16.65 1.67 31.83
C ASP A 1222 17.65 1.44 32.93
N TYR A 1223 17.30 0.54 33.86
CA TYR A 1223 18.10 0.39 35.08
C TYR A 1223 19.44 -0.30 34.83
N ARG A 1224 19.55 -1.10 33.76
CA ARG A 1224 20.82 -1.77 33.50
C ARG A 1224 21.94 -0.77 33.36
N LYS A 1225 21.64 0.47 32.99
CA LYS A 1225 22.69 1.47 32.87
C LYS A 1225 23.11 2.00 34.23
N TRP A 1226 22.26 1.84 35.25
CA TRP A 1226 22.59 2.36 36.57
C TRP A 1226 23.61 1.47 37.28
N PHE A 1227 23.60 0.18 37.00
CA PHE A 1227 24.47 -0.78 37.67
C PHE A 1227 25.59 -1.22 36.75
N THR A 1228 26.66 -1.74 37.34
CA THR A 1228 27.76 -2.31 36.59
C THR A 1228 28.21 -3.60 37.26
N PHE A 1229 28.74 -4.52 36.47
CA PHE A 1229 29.28 -5.77 36.98
C PHE A 1229 30.75 -5.62 37.31
N VAL A 1230 31.24 -6.43 38.24
CA VAL A 1230 32.65 -6.45 38.60
C VAL A 1230 33.04 -7.89 38.90
N LEU A 1231 33.82 -8.49 38.00
CA LEU A 1231 34.33 -9.84 38.20
C LEU A 1231 35.59 -9.80 39.05
N SER A 1232 35.77 -10.84 39.86
CA SER A 1232 36.90 -10.87 40.79
C SER A 1232 37.44 -12.28 40.88
N PHE A 1233 38.76 -12.38 41.01
CA PHE A 1233 39.44 -13.66 41.14
C PHE A 1233 40.39 -13.59 42.32
N LYS A 1234 40.61 -14.73 42.96
CA LYS A 1234 41.40 -14.81 44.19
C LYS A 1234 42.33 -16.02 44.10
N ARG A 1235 43.57 -15.78 43.66
CA ARG A 1235 44.53 -16.87 43.64
C ARG A 1235 44.74 -17.39 45.06
N VAL A 1236 45.37 -18.56 45.16
CA VAL A 1236 45.47 -19.25 46.43
C VAL A 1236 46.14 -18.35 47.46
N ASN A 1237 45.47 -18.13 48.59
CA ASN A 1237 46.04 -17.41 49.72
C ASN A 1237 46.59 -16.05 49.30
N GLU A 1238 45.82 -15.33 48.50
CA GLU A 1238 46.16 -13.99 48.06
C GLU A 1238 44.91 -13.14 48.01
N PRO A 1239 45.06 -11.81 48.06
CA PRO A 1239 43.87 -10.95 48.18
C PRO A 1239 43.01 -10.97 46.93
N LYS A 1240 41.73 -10.70 47.14
CA LYS A 1240 40.78 -10.60 46.03
C LYS A 1240 41.16 -9.43 45.13
N ARG A 1241 40.97 -9.59 43.82
CA ARG A 1241 41.30 -8.56 42.85
C ARG A 1241 40.20 -8.49 41.80
N GLU A 1242 40.07 -7.33 41.18
CA GLU A 1242 39.13 -7.18 40.07
C GLU A 1242 39.77 -7.64 38.77
N LEU A 1243 38.97 -8.29 37.92
CA LEU A 1243 39.48 -8.92 36.70
C LEU A 1243 39.35 -7.94 35.54
N THR A 1244 40.36 -7.09 35.38
CA THR A 1244 40.41 -6.24 34.21
C THR A 1244 41.04 -6.98 33.05
N ASN A 1245 40.87 -6.44 31.84
CA ASN A 1245 41.48 -7.07 30.68
C ASN A 1245 42.96 -7.31 30.90
N ASN A 1246 43.69 -6.28 31.33
CA ASN A 1246 45.13 -6.40 31.46
C ASN A 1246 45.50 -7.56 32.38
N ALA A 1247 44.89 -7.62 33.55
CA ALA A 1247 45.18 -8.73 34.46
C ALA A 1247 44.86 -10.07 33.82
N PHE A 1248 43.79 -10.11 33.02
CA PHE A 1248 43.38 -11.37 32.43
C PHE A 1248 44.46 -11.92 31.49
N PHE A 1249 45.09 -11.03 30.71
CA PHE A 1249 46.07 -11.50 29.73
C PHE A 1249 47.28 -12.14 30.41
N LYS A 1250 47.60 -11.73 31.64
CA LYS A 1250 48.72 -12.36 32.34
C LYS A 1250 48.41 -13.81 32.67
N PHE A 1251 47.15 -14.22 32.60
CA PHE A 1251 46.77 -15.56 33.00
C PHE A 1251 47.35 -16.59 32.04
N SER A 1252 47.47 -17.82 32.52
CA SER A 1252 47.79 -18.94 31.66
C SER A 1252 46.55 -19.37 30.88
N GLY A 1253 46.73 -20.32 29.96
CA GLY A 1253 45.63 -20.74 29.13
C GLY A 1253 44.47 -21.31 29.93
N GLY A 1254 44.77 -22.24 30.85
CA GLY A 1254 43.71 -22.80 31.67
C GLY A 1254 43.04 -21.76 32.54
N GLU A 1255 43.82 -20.84 33.09
CA GLU A 1255 43.25 -19.77 33.89
C GLU A 1255 42.33 -18.89 33.05
N LYS A 1256 42.75 -18.55 31.83
CA LYS A 1256 41.91 -17.75 30.94
C LYS A 1256 40.60 -18.46 30.67
N ALA A 1257 40.68 -19.76 30.33
CA ALA A 1257 39.47 -20.51 30.02
C ALA A 1257 38.54 -20.56 31.22
N MET A 1258 39.08 -20.84 32.41
CA MET A 1258 38.24 -20.86 33.59
C MET A 1258 37.58 -19.51 33.82
N ALA A 1259 38.36 -18.43 33.75
CA ALA A 1259 37.81 -17.12 34.04
C ALA A 1259 36.73 -16.74 33.05
N MET A 1260 36.89 -17.12 31.79
CA MET A 1260 35.89 -16.70 30.81
C MET A 1260 34.64 -17.58 30.88
N TYR A 1261 34.80 -18.87 31.14
CA TYR A 1261 33.67 -19.77 30.95
C TYR A 1261 33.04 -20.23 32.27
N ILE A 1262 33.55 -19.78 33.41
CA ILE A 1262 32.82 -20.01 34.66
C ILE A 1262 31.69 -19.00 34.84
N PRO A 1263 31.91 -17.70 34.65
CA PRO A 1263 30.79 -16.76 34.81
C PRO A 1263 29.60 -17.08 33.92
N LEU A 1264 29.83 -17.44 32.66
CA LEU A 1264 28.71 -17.75 31.78
C LEU A 1264 27.98 -19.00 32.23
N PHE A 1265 28.71 -20.09 32.44
CA PHE A 1265 28.06 -21.31 32.87
C PHE A 1265 27.38 -21.12 34.22
N THR A 1266 28.05 -20.44 35.14
CA THR A 1266 27.44 -20.26 36.44
C THR A 1266 26.21 -19.38 36.36
N ALA A 1267 26.18 -18.43 35.42
CA ALA A 1267 24.96 -17.64 35.23
C ALA A 1267 23.83 -18.51 34.71
N ALA A 1268 24.09 -19.29 33.66
CA ALA A 1268 23.05 -20.14 33.10
C ALA A 1268 22.60 -21.19 34.10
N TYR A 1269 23.46 -21.53 35.06
CA TYR A 1269 23.07 -22.45 36.11
C TYR A 1269 22.28 -21.75 37.20
N SER A 1270 22.64 -20.50 37.50
CA SER A 1270 21.92 -19.75 38.51
C SER A 1270 20.49 -19.48 38.07
N ARG A 1271 20.28 -19.17 36.80
CA ARG A 1271 18.92 -18.94 36.32
C ARG A 1271 18.05 -20.15 36.63
N TYR A 1272 18.56 -21.35 36.32
CA TYR A 1272 17.72 -22.54 36.49
C TYR A 1272 17.32 -22.75 37.94
N LYS A 1273 18.15 -22.34 38.88
CA LYS A 1273 17.79 -22.54 40.28
C LYS A 1273 16.46 -21.88 40.61
N GLU A 1274 16.07 -20.86 39.85
CA GLU A 1274 14.72 -20.34 39.97
C GLU A 1274 13.69 -21.37 39.54
N ALA A 1275 14.09 -22.32 38.70
CA ALA A 1275 13.16 -23.27 38.11
C ALA A 1275 12.84 -24.39 39.08
N GLY A 1276 11.96 -25.28 38.64
CA GLY A 1276 11.60 -26.43 39.45
C GLY A 1276 12.64 -27.53 39.38
N GLU A 1277 12.34 -28.64 40.05
CA GLU A 1277 13.27 -29.77 40.07
C GLU A 1277 13.12 -30.66 38.84
N MET A 1278 12.14 -30.39 37.99
CA MET A 1278 11.98 -31.19 36.78
C MET A 1278 12.83 -30.64 35.64
N ALA A 1279 13.38 -29.46 35.78
CA ALA A 1279 13.94 -28.75 34.64
C ALA A 1279 15.26 -29.37 34.21
N PRO A 1280 15.46 -29.60 32.90
CA PRO A 1280 16.77 -30.04 32.43
C PRO A 1280 17.63 -28.82 32.11
N TYR A 1281 18.80 -28.75 32.74
CA TYR A 1281 19.67 -27.58 32.60
C TYR A 1281 20.25 -27.58 31.19
N ILE A 1282 19.66 -26.78 30.31
CA ILE A 1282 20.03 -26.74 28.90
C ILE A 1282 20.94 -25.55 28.63
N ILE A 1283 21.92 -25.73 27.75
CA ILE A 1283 22.68 -24.63 27.19
C ILE A 1283 22.95 -24.95 25.72
N SER A 1284 23.33 -23.92 24.97
CA SER A 1284 23.71 -24.10 23.58
C SER A 1284 24.91 -23.23 23.29
N LEU A 1285 26.03 -23.87 22.94
CA LEU A 1285 27.27 -23.17 22.66
C LEU A 1285 27.56 -23.22 21.17
N ASP A 1286 27.81 -22.07 20.57
CA ASP A 1286 28.14 -21.96 19.16
C ASP A 1286 29.65 -21.80 19.02
N GLU A 1287 30.23 -22.49 18.04
CA GLU A 1287 31.67 -22.56 17.91
C GLU A 1287 32.30 -22.88 19.27
N ALA A 1288 31.93 -24.04 19.78
CA ALA A 1288 32.23 -24.41 21.15
C ALA A 1288 33.69 -24.15 21.49
N PHE A 1289 33.91 -23.31 22.48
CA PHE A 1289 35.21 -23.12 23.12
C PHE A 1289 36.29 -22.66 22.15
N ALA A 1290 35.92 -22.14 20.98
CA ALA A 1290 36.93 -21.59 20.09
C ALA A 1290 37.70 -20.51 20.82
N GLY A 1291 39.02 -20.64 20.82
CA GLY A 1291 39.91 -19.77 21.56
C GLY A 1291 40.64 -20.45 22.69
N VAL A 1292 39.98 -21.37 23.40
CA VAL A 1292 40.67 -22.14 24.42
C VAL A 1292 41.76 -22.98 23.78
N ASP A 1293 42.97 -22.91 24.34
CA ASP A 1293 44.07 -23.69 23.78
C ASP A 1293 43.72 -25.17 23.79
N GLU A 1294 44.00 -25.84 22.67
CA GLU A 1294 43.47 -27.16 22.42
C GLU A 1294 43.61 -28.09 23.63
N ASN A 1295 44.64 -27.89 24.44
CA ASN A 1295 44.87 -28.82 25.54
C ASN A 1295 43.83 -28.66 26.64
N ASN A 1296 43.37 -27.44 26.90
CA ASN A 1296 42.60 -27.19 28.10
C ASN A 1296 41.10 -27.38 27.95
N ILE A 1297 40.60 -27.55 26.71
CA ILE A 1297 39.17 -27.79 26.53
C ILE A 1297 38.70 -28.92 27.44
N ARG A 1298 39.61 -29.83 27.77
CA ARG A 1298 39.30 -30.90 28.71
C ARG A 1298 38.69 -30.34 29.99
N ASP A 1299 39.30 -29.28 30.54
CA ASP A 1299 38.78 -28.70 31.77
C ASP A 1299 37.41 -28.08 31.59
N MET A 1300 37.18 -27.38 30.48
CA MET A 1300 35.86 -26.82 30.23
C MET A 1300 34.80 -27.91 30.20
N PHE A 1301 35.07 -29.01 29.50
CA PHE A 1301 34.12 -30.11 29.50
C PHE A 1301 33.96 -30.70 30.90
N GLU A 1302 35.04 -30.74 31.68
CA GLU A 1302 34.94 -31.17 33.06
C GLU A 1302 33.95 -30.30 33.83
N VAL A 1303 34.04 -28.99 33.65
CA VAL A 1303 33.14 -28.07 34.36
C VAL A 1303 31.70 -28.32 33.93
N VAL A 1304 31.48 -28.39 32.62
CA VAL A 1304 30.13 -28.58 32.12
C VAL A 1304 29.56 -29.89 32.64
N GLU A 1305 30.40 -30.92 32.71
CA GLU A 1305 29.98 -32.19 33.30
C GLU A 1305 29.59 -32.03 34.75
N GLN A 1306 30.42 -31.33 35.52
CA GLN A 1306 30.16 -31.18 36.95
C GLN A 1306 28.84 -30.47 37.20
N LEU A 1307 28.60 -29.36 36.49
CA LEU A 1307 27.32 -28.66 36.69
C LEU A 1307 26.16 -29.54 36.27
N GLY A 1308 26.34 -30.38 35.26
CA GLY A 1308 25.28 -31.27 34.84
C GLY A 1308 24.40 -30.72 33.74
N PHE A 1309 24.99 -30.12 32.72
CA PHE A 1309 24.21 -29.53 31.65
C PHE A 1309 23.86 -30.55 30.58
N ASN A 1310 22.75 -30.30 29.90
CA ASN A 1310 22.44 -30.91 28.62
C ASN A 1310 22.59 -29.84 27.55
N TYR A 1311 23.28 -30.16 26.46
CA TYR A 1311 23.71 -29.11 25.57
C TYR A 1311 23.73 -29.58 24.13
N ILE A 1312 23.71 -28.61 23.22
CA ILE A 1312 23.94 -28.82 21.80
C ILE A 1312 25.07 -27.89 21.39
N MET A 1313 26.22 -28.47 21.08
CA MET A 1313 27.40 -27.70 20.74
C MET A 1313 27.85 -28.05 19.34
N ASN A 1314 28.34 -27.06 18.62
CA ASN A 1314 28.80 -27.28 17.26
C ASN A 1314 30.20 -26.73 17.11
N SER A 1315 30.98 -27.37 16.26
CA SER A 1315 32.38 -26.98 16.09
C SER A 1315 32.89 -27.50 14.77
N GLN A 1316 34.02 -26.94 14.32
CA GLN A 1316 34.61 -27.38 13.08
C GLN A 1316 35.64 -28.50 13.30
N ALA A 1317 36.26 -28.53 14.48
CA ALA A 1317 37.34 -29.47 14.74
C ALA A 1317 37.13 -30.23 16.04
N LEU A 1318 36.25 -29.74 16.89
CA LEU A 1318 35.99 -30.41 18.16
C LEU A 1318 35.45 -31.81 17.89
N TRP A 1319 36.06 -32.80 18.56
CA TRP A 1319 35.65 -34.19 18.40
C TRP A 1319 35.04 -34.79 19.66
N GLY A 1320 35.18 -34.13 20.80
CA GLY A 1320 34.59 -34.65 22.02
C GLY A 1320 35.13 -35.98 22.41
N ASP A 1321 36.44 -36.20 22.30
CA ASP A 1321 37.07 -37.41 22.77
C ASP A 1321 37.91 -37.18 24.03
N TYR A 1322 37.43 -36.32 24.92
CA TYR A 1322 38.16 -36.00 26.15
C TYR A 1322 37.69 -36.89 27.27
N ASP A 1323 38.62 -37.40 28.06
CA ASP A 1323 38.32 -38.43 29.05
C ASP A 1323 37.40 -37.95 30.17
N THR A 1324 37.18 -36.65 30.31
CA THR A 1324 36.27 -36.17 31.33
C THR A 1324 34.81 -36.26 30.89
N ILE A 1325 34.55 -36.48 29.61
CA ILE A 1325 33.19 -36.59 29.10
C ILE A 1325 32.71 -38.02 29.32
N SER A 1326 31.80 -38.22 30.28
CA SER A 1326 31.34 -39.56 30.57
C SER A 1326 30.73 -40.21 29.35
N SER A 1327 29.82 -39.52 28.66
CA SER A 1327 29.21 -40.03 27.45
C SER A 1327 28.78 -38.84 26.59
N LEU A 1328 28.79 -39.05 25.28
CA LEU A 1328 28.49 -37.95 24.37
C LEU A 1328 28.15 -38.53 23.00
N SER A 1329 27.33 -37.79 22.27
CA SER A 1329 26.93 -38.16 20.91
C SER A 1329 27.45 -37.12 19.93
N ILE A 1330 28.17 -37.58 18.91
CA ILE A 1330 28.74 -36.69 17.90
C ILE A 1330 28.09 -37.00 16.56
N CYS A 1331 27.57 -35.96 15.91
CA CYS A 1331 27.02 -36.06 14.57
C CYS A 1331 27.87 -35.23 13.63
N GLU A 1332 28.21 -35.79 12.48
CA GLU A 1332 29.03 -35.09 11.49
C GLU A 1332 28.17 -34.80 10.26
N LEU A 1333 28.07 -33.52 9.91
CA LEU A 1333 27.29 -33.09 8.77
C LEU A 1333 28.19 -32.96 7.55
N VAL A 1334 27.63 -33.24 6.37
CA VAL A 1334 28.38 -33.18 5.13
C VAL A 1334 27.45 -32.80 4.00
N ARG A 1335 27.72 -31.66 3.37
CA ARG A 1335 27.09 -31.30 2.10
C ARG A 1335 28.06 -30.36 1.40
N PRO A 1336 28.74 -30.80 0.34
CA PRO A 1336 30.02 -30.18 0.01
C PRO A 1336 29.97 -28.68 -0.24
N LYS A 1337 29.26 -28.24 -1.28
CA LYS A 1337 29.06 -26.82 -1.52
C LYS A 1337 27.58 -26.47 -1.70
N ASN A 1338 26.89 -27.21 -2.56
CA ASN A 1338 25.57 -26.83 -3.02
C ASN A 1338 24.55 -27.95 -2.93
N ALA A 1339 25.00 -29.17 -2.62
CA ALA A 1339 24.08 -30.28 -2.49
C ALA A 1339 22.90 -29.89 -1.61
N ASP A 1340 21.72 -30.36 -1.98
CA ASP A 1340 20.49 -29.95 -1.31
C ASP A 1340 20.10 -30.89 -0.17
N PHE A 1341 20.95 -31.84 0.18
CA PHE A 1341 20.64 -32.81 1.22
C PHE A 1341 21.79 -32.85 2.22
N VAL A 1342 21.47 -32.86 3.50
CA VAL A 1342 22.47 -32.95 4.55
C VAL A 1342 22.65 -34.42 4.93
N THR A 1343 23.90 -34.87 4.94
CA THR A 1343 24.23 -36.25 5.27
C THR A 1343 24.76 -36.31 6.69
N VAL A 1344 24.09 -37.08 7.54
CA VAL A 1344 24.39 -37.15 8.96
C VAL A 1344 25.08 -38.47 9.25
N ILE A 1345 26.29 -38.40 9.82
CA ILE A 1345 27.08 -39.57 10.17
C ILE A 1345 27.18 -39.63 11.68
N ARG A 1346 26.38 -40.48 12.31
CA ARG A 1346 26.18 -40.44 13.75
C ARG A 1346 27.19 -41.33 14.44
N TYR A 1347 27.97 -40.74 15.33
CA TYR A 1347 28.96 -41.44 16.13
C TYR A 1347 28.44 -41.66 17.54
N GLN A 1348 29.31 -42.15 18.40
CA GLN A 1348 29.01 -42.38 19.79
C GLN A 1348 30.31 -42.25 20.58
N TRP A 1349 30.19 -42.00 21.87
CA TRP A 1349 31.36 -41.89 22.72
C TRP A 1349 31.04 -42.49 24.07
N ASP A 1350 32.07 -43.02 24.73
CA ASP A 1350 31.91 -43.63 26.04
C ASP A 1350 33.04 -43.27 26.99
N GLY A 1351 33.87 -42.28 26.65
CA GLY A 1351 34.97 -41.88 27.48
C GLY A 1351 36.33 -42.39 27.04
N LYS A 1352 36.38 -43.44 26.23
CA LYS A 1352 37.64 -44.03 25.83
C LYS A 1352 37.74 -44.18 24.32
N GLN A 1353 36.64 -44.53 23.66
CA GLN A 1353 36.64 -44.86 22.25
C GLN A 1353 35.40 -44.29 21.59
N ARG A 1354 35.48 -44.07 20.28
CA ARG A 1354 34.43 -43.44 19.50
C ARG A 1354 33.99 -44.41 18.41
N THR A 1355 32.91 -45.13 18.67
CA THR A 1355 32.37 -46.08 17.71
C THR A 1355 31.42 -45.39 16.74
N PHE A 1356 30.96 -46.15 15.76
CA PHE A 1356 29.84 -45.69 14.94
C PHE A 1356 28.53 -46.10 15.60
N VAL A 1357 27.42 -45.67 14.98
CA VAL A 1357 26.09 -46.01 15.43
C VAL A 1357 25.34 -46.64 14.27
N VAL A 1358 24.73 -47.80 14.52
CA VAL A 1358 23.81 -48.43 13.58
C VAL A 1358 22.55 -48.80 14.36
N ASP A 1359 21.42 -48.25 13.93
CA ASP A 1359 20.21 -48.33 14.73
C ASP A 1359 19.59 -49.72 14.61
N ASP A 1360 19.07 -50.21 15.74
CA ASP A 1360 18.58 -51.59 15.81
C ASP A 1360 17.62 -51.88 14.66
N GLU A 1361 16.54 -51.11 14.54
CA GLU A 1361 15.65 -51.27 13.40
C GLU A 1361 16.41 -51.10 12.09
N HIS A 1362 17.35 -50.16 12.04
CA HIS A 1362 18.14 -49.99 10.83
C HIS A 1362 19.12 -51.14 10.63
N VAL A 1363 19.59 -51.76 11.72
CA VAL A 1363 20.40 -52.97 11.55
C VAL A 1363 19.58 -54.06 10.89
N GLU A 1364 18.34 -54.25 11.35
CA GLU A 1364 17.46 -55.23 10.74
C GLU A 1364 17.22 -54.92 9.27
N GLU A 1365 16.93 -53.65 8.97
CA GLU A 1365 16.65 -53.27 7.59
C GLU A 1365 17.88 -53.46 6.70
N LEU A 1366 19.06 -53.07 7.19
CA LEU A 1366 20.29 -53.23 6.43
C LEU A 1366 20.58 -54.71 6.16
N VAL A 1367 20.38 -55.56 7.17
CA VAL A 1367 20.54 -57.00 6.96
C VAL A 1367 19.58 -57.48 5.89
N THR A 1368 18.32 -57.04 5.95
CA THR A 1368 17.32 -57.52 5.02
C THR A 1368 17.45 -56.86 3.64
N HIS A 1369 17.82 -55.58 3.59
CA HIS A 1369 17.79 -54.83 2.34
C HIS A 1369 18.89 -55.23 1.36
N ASP A 1370 19.85 -56.04 1.76
CA ASP A 1370 20.90 -56.48 0.85
C ASP A 1370 20.32 -57.36 -0.26
N MET B 1 75.51 -6.56 -25.42
CA MET B 1 75.02 -5.57 -24.46
C MET B 1 75.42 -5.95 -23.05
N MET B 2 75.16 -5.04 -22.11
CA MET B 2 75.50 -5.26 -20.71
C MET B 2 74.80 -4.21 -19.88
N THR B 3 74.15 -4.66 -18.81
CA THR B 3 73.32 -3.81 -17.97
C THR B 3 73.74 -3.95 -16.51
N GLU B 4 73.40 -2.94 -15.72
CA GLU B 4 73.70 -2.97 -14.30
C GLU B 4 73.11 -4.23 -13.66
N ALA B 5 73.82 -4.78 -12.70
CA ALA B 5 73.33 -5.97 -12.01
C ALA B 5 72.02 -5.64 -11.32
N LYS B 6 70.97 -6.38 -11.66
CA LYS B 6 69.66 -6.15 -11.06
C LYS B 6 69.71 -6.41 -9.56
N TRP B 7 68.99 -5.57 -8.82
CA TRP B 7 68.87 -5.71 -7.39
C TRP B 7 67.89 -6.83 -7.06
N VAL B 8 68.14 -7.52 -5.95
CA VAL B 8 67.23 -8.52 -5.44
C VAL B 8 67.13 -8.35 -3.93
N MET B 9 66.00 -8.75 -3.37
CA MET B 9 65.74 -8.61 -1.95
C MET B 9 66.01 -9.94 -1.25
N ASN B 10 66.99 -9.97 -0.36
CA ASN B 10 66.99 -11.06 0.60
C ASN B 10 67.32 -10.62 2.01
N ARG B 11 66.36 -9.96 2.66
CA ARG B 11 66.10 -10.04 4.09
C ARG B 11 65.06 -8.98 4.42
N ALA B 12 64.38 -9.17 5.54
CA ALA B 12 63.39 -8.21 6.01
C ALA B 12 63.21 -8.45 7.50
N GLY B 13 63.65 -7.50 8.31
CA GLY B 13 63.73 -7.72 9.75
C GLY B 13 63.09 -6.61 10.54
N LEU B 14 62.51 -6.98 11.66
CA LEU B 14 61.93 -6.06 12.62
C LEU B 14 62.67 -6.22 13.94
N LEU B 15 62.78 -5.14 14.70
CA LEU B 15 63.45 -5.17 15.99
C LEU B 15 62.60 -4.42 17.01
N ASN B 16 62.22 -5.12 18.08
CA ASN B 16 61.42 -4.54 19.15
C ASN B 16 60.19 -3.84 18.57
N PHE B 17 59.57 -4.49 17.60
CA PHE B 17 58.48 -3.90 16.83
C PHE B 17 57.25 -4.77 16.97
N TRP B 18 56.10 -4.13 17.14
CA TRP B 18 54.81 -4.82 17.31
C TRP B 18 55.03 -5.92 18.33
N TYR B 19 54.76 -7.19 18.01
CA TYR B 19 54.97 -8.30 18.92
C TYR B 19 56.23 -9.09 18.61
N TYR B 20 57.11 -8.58 17.75
CA TYR B 20 58.40 -9.19 17.51
C TYR B 20 59.43 -8.52 18.40
N ASP B 21 60.17 -9.31 19.16
CA ASP B 21 61.29 -8.76 19.90
C ASP B 21 62.52 -8.66 19.00
N ASP B 22 62.73 -9.66 18.16
CA ASP B 22 63.76 -9.60 17.13
C ASP B 22 63.45 -10.68 16.11
N GLU B 23 63.18 -10.29 14.88
CA GLU B 23 62.79 -11.24 13.84
C GLU B 23 63.42 -10.81 12.53
N ILE B 24 63.69 -11.79 11.67
CA ILE B 24 64.28 -11.52 10.35
C ILE B 24 63.68 -12.52 9.37
N PHE B 25 63.18 -12.03 8.26
CA PHE B 25 62.57 -12.88 7.24
C PHE B 25 63.50 -12.98 6.04
N PRO B 26 63.89 -14.18 5.60
CA PRO B 26 64.77 -14.27 4.45
C PRO B 26 64.00 -14.47 3.16
N PHE B 27 64.61 -14.16 2.02
CA PHE B 27 63.99 -14.37 0.73
C PHE B 27 64.78 -15.40 -0.07
N SER B 28 64.06 -16.11 -0.94
CA SER B 28 64.65 -16.93 -1.98
C SER B 28 64.44 -16.25 -3.31
N ASP B 29 65.52 -15.73 -3.89
CA ASP B 29 65.43 -14.99 -5.14
C ASP B 29 64.37 -13.90 -5.02
N GLY B 30 64.43 -13.13 -3.95
CA GLY B 30 63.52 -12.02 -3.79
C GLY B 30 62.06 -12.40 -3.76
N LYS B 31 61.70 -13.49 -3.09
CA LYS B 31 60.31 -13.89 -2.97
C LYS B 31 60.04 -14.31 -1.54
N LEU B 32 58.76 -14.36 -1.18
CA LEU B 32 58.37 -14.60 0.20
C LEU B 32 56.87 -14.87 0.22
N LEU B 33 56.40 -15.42 1.33
CA LEU B 33 54.97 -15.73 1.46
C LEU B 33 54.64 -15.93 2.92
N LEU B 34 53.93 -14.99 3.52
CA LEU B 34 53.59 -15.04 4.94
C LEU B 34 52.20 -15.64 5.10
N ARG B 35 52.10 -16.74 5.84
CA ARG B 35 50.84 -17.41 6.05
C ARG B 35 50.59 -17.63 7.53
N GLY B 36 49.32 -17.60 7.90
CA GLY B 36 48.91 -17.82 9.27
C GLY B 36 47.44 -17.53 9.40
N THR B 37 46.87 -18.04 10.49
CA THR B 37 45.44 -17.86 10.72
C THR B 37 45.14 -16.41 11.06
N ASN B 38 43.86 -16.12 11.29
CA ASN B 38 43.45 -14.76 11.59
C ASN B 38 44.17 -14.24 12.82
N GLY B 39 44.61 -12.99 12.75
CA GLY B 39 45.35 -12.40 13.84
C GLY B 39 46.78 -12.88 13.96
N SER B 40 47.33 -13.48 12.91
CA SER B 40 48.70 -13.95 12.96
C SER B 40 49.72 -12.87 12.63
N GLY B 41 49.27 -11.66 12.29
CA GLY B 41 50.19 -10.58 11.99
C GLY B 41 50.71 -10.58 10.57
N LYS B 42 50.24 -11.49 9.72
CA LYS B 42 50.71 -11.50 8.33
C LYS B 42 50.47 -10.16 7.66
N SER B 43 49.22 -9.67 7.70
CA SER B 43 48.94 -8.40 7.05
C SER B 43 49.73 -7.26 7.70
N VAL B 44 49.83 -7.26 9.02
CA VAL B 44 50.58 -6.21 9.70
C VAL B 44 52.03 -6.21 9.25
N THR B 45 52.66 -7.38 9.24
CA THR B 45 54.06 -7.47 8.86
C THR B 45 54.27 -7.02 7.43
N MET B 46 53.42 -7.51 6.51
CA MET B 46 53.59 -7.15 5.11
C MET B 46 53.39 -5.65 4.90
N GLN B 47 52.36 -5.07 5.54
CA GLN B 47 52.13 -3.65 5.41
C GLN B 47 53.32 -2.85 5.93
N SER B 48 53.86 -3.25 7.08
CA SER B 48 55.03 -2.57 7.60
C SER B 48 56.21 -2.70 6.65
N PHE B 49 56.31 -3.81 5.92
CA PHE B 49 57.46 -4.01 5.04
C PHE B 49 57.27 -3.31 3.71
N LEU B 50 56.04 -3.22 3.22
CA LEU B 50 55.75 -2.55 1.98
C LEU B 50 54.39 -1.86 2.08
N PRO B 51 54.25 -0.63 1.56
CA PRO B 51 55.22 0.21 0.87
C PRO B 51 56.03 1.08 1.80
N VAL B 52 55.94 0.87 3.12
CA VAL B 52 56.52 1.81 4.07
C VAL B 52 58.01 2.03 3.78
N LEU B 53 58.76 0.95 3.59
CA LEU B 53 60.20 1.11 3.40
C LEU B 53 60.55 1.48 1.97
N LEU B 54 59.57 1.54 1.08
CA LEU B 54 59.84 2.01 -0.27
C LEU B 54 60.02 3.53 -0.30
N ASP B 55 59.19 4.25 0.45
CA ASP B 55 59.27 5.69 0.53
C ASP B 55 59.49 6.20 1.94
N GLY B 56 58.77 5.64 2.91
CA GLY B 56 58.86 6.10 4.27
C GLY B 56 57.62 6.81 4.78
N LYS B 57 56.56 6.91 3.97
CA LYS B 57 55.34 7.58 4.39
C LYS B 57 54.57 6.66 5.32
N LYS B 58 54.54 7.00 6.61
CA LYS B 58 53.95 6.17 7.64
C LYS B 58 52.54 6.58 8.01
N SER B 59 51.94 7.53 7.30
CA SER B 59 50.63 8.01 7.68
C SER B 59 49.60 6.90 7.57
N PRO B 60 48.50 6.98 8.32
CA PRO B 60 47.55 5.86 8.33
C PRO B 60 47.04 5.50 6.95
N ASP B 61 46.96 6.47 6.04
CA ASP B 61 46.45 6.18 4.70
C ASP B 61 47.28 5.10 4.01
N ARG B 62 48.58 5.03 4.31
CA ARG B 62 49.42 4.00 3.71
C ARG B 62 49.27 2.66 4.41
N LEU B 63 48.80 2.66 5.67
CA LEU B 63 48.68 1.40 6.39
C LEU B 63 47.33 0.74 6.15
N ASP B 64 46.25 1.48 6.31
CA ASP B 64 44.93 0.89 6.12
C ASP B 64 44.80 0.39 4.68
N PRO B 65 44.21 -0.79 4.46
CA PRO B 65 44.11 -1.32 3.08
C PRO B 65 43.40 -0.38 2.13
N PHE B 66 42.73 0.65 2.63
CA PHE B 66 42.09 1.64 1.78
C PHE B 66 42.63 3.02 2.08
N GLY B 67 42.83 3.31 3.37
CA GLY B 67 43.26 4.63 3.78
C GLY B 67 42.62 5.12 5.06
N SER B 68 41.74 4.30 5.64
CA SER B 68 41.02 4.68 6.85
C SER B 68 42.00 4.99 8.00
N LYS B 69 41.45 5.55 9.06
CA LYS B 69 42.21 5.85 10.27
C LYS B 69 41.99 4.80 11.36
N ALA B 70 41.54 3.60 11.00
CA ALA B 70 41.28 2.59 12.00
C ALA B 70 42.53 2.24 12.78
N ARG B 71 43.68 2.11 12.11
CA ARG B 71 44.91 1.68 12.73
C ARG B 71 46.05 2.62 12.31
N ARG B 72 46.94 2.89 13.25
CA ARG B 72 47.98 3.89 13.06
C ARG B 72 49.33 3.29 13.41
N MET B 73 50.38 3.88 12.85
CA MET B 73 51.72 3.33 13.00
C MET B 73 52.15 3.26 14.47
N GLU B 74 51.70 4.22 15.30
CA GLU B 74 52.12 4.23 16.69
C GLU B 74 51.73 2.95 17.41
N ASP B 75 50.49 2.51 17.23
CA ASP B 75 50.05 1.27 17.85
C ASP B 75 50.78 0.07 17.25
N TYR B 76 51.06 0.10 15.95
CA TYR B 76 51.82 -0.99 15.36
C TYR B 76 53.17 -1.14 16.04
N LEU B 77 53.83 -0.01 16.32
CA LEU B 77 55.08 -0.10 17.07
C LEU B 77 54.84 -0.62 18.48
N LEU B 78 53.91 0.00 19.20
CA LEU B 78 53.75 -0.34 20.62
C LEU B 78 53.09 -1.69 20.80
N GLY B 79 52.11 -2.01 19.97
CA GLY B 79 51.20 -3.10 20.30
C GLY B 79 50.02 -2.60 21.10
N GLU B 80 48.88 -3.26 20.92
CA GLU B 80 47.63 -2.72 21.44
C GLU B 80 47.74 -2.44 22.92
N LYS B 81 46.91 -1.51 23.40
CA LYS B 81 47.02 -1.03 24.78
C LYS B 81 46.81 -2.16 25.78
N GLU B 82 45.72 -2.90 25.65
CA GLU B 82 45.38 -3.89 26.67
C GLU B 82 46.29 -5.11 26.63
N VAL B 83 46.71 -5.53 25.43
CA VAL B 83 47.47 -6.77 25.31
C VAL B 83 48.82 -6.68 25.99
N VAL B 84 49.41 -5.48 26.07
CA VAL B 84 50.73 -5.31 26.66
C VAL B 84 50.73 -4.10 27.56
N ASP B 85 51.68 -4.09 28.50
CA ASP B 85 51.80 -3.00 29.47
C ASP B 85 52.64 -1.85 28.96
N ARG B 86 53.21 -1.95 27.76
CA ARG B 86 54.10 -0.91 27.27
C ARG B 86 53.35 0.40 27.08
N ASP B 87 54.08 1.51 27.23
CA ASP B 87 53.60 2.81 26.80
C ASP B 87 54.66 3.58 26.03
N GLU B 88 55.88 3.06 25.96
CA GLU B 88 56.96 3.67 25.18
C GLU B 88 57.80 2.57 24.58
N ARG B 89 58.41 2.84 23.43
CA ARG B 89 59.22 1.84 22.78
C ARG B 89 60.04 2.49 21.67
N THR B 90 61.08 1.78 21.25
CA THR B 90 61.89 2.16 20.11
C THR B 90 62.10 0.93 19.25
N GLY B 91 61.86 1.07 17.94
CA GLY B 91 61.89 -0.07 17.05
C GLY B 91 62.53 0.29 15.74
N TYR B 92 62.77 -0.74 14.92
CA TYR B 92 63.37 -0.58 13.61
C TYR B 92 62.69 -1.48 12.60
N LEU B 93 62.68 -1.04 11.35
CA LEU B 93 62.27 -1.85 10.22
C LEU B 93 63.30 -1.65 9.12
N PHE B 94 63.73 -2.73 8.49
CA PHE B 94 64.79 -2.64 7.51
C PHE B 94 64.66 -3.77 6.52
N ILE B 95 64.90 -3.44 5.25
CA ILE B 95 64.97 -4.43 4.18
C ILE B 95 66.40 -4.43 3.66
N GLU B 96 66.85 -5.57 3.16
CA GLU B 96 68.20 -5.74 2.67
C GLU B 96 68.15 -6.16 1.21
N TYR B 97 68.98 -5.54 0.39
CA TYR B 97 69.05 -5.86 -1.03
C TYR B 97 70.42 -6.42 -1.38
N LYS B 98 70.42 -7.45 -2.22
CA LYS B 98 71.66 -8.04 -2.73
C LYS B 98 71.65 -7.98 -4.24
N LYS B 99 72.69 -7.37 -4.82
CA LYS B 99 72.80 -7.27 -6.26
C LYS B 99 73.10 -8.65 -6.82
N ALA B 100 72.35 -9.05 -7.85
CA ALA B 100 72.39 -10.42 -8.33
C ALA B 100 73.79 -10.82 -8.73
N GLY B 101 74.18 -12.04 -8.36
CA GLY B 101 75.44 -12.60 -8.77
C GLY B 101 76.66 -11.92 -8.21
N VAL B 102 76.50 -11.09 -7.19
CA VAL B 102 77.61 -10.38 -6.58
C VAL B 102 77.39 -10.34 -5.07
N GLU B 103 78.46 -9.99 -4.34
CA GLU B 103 78.40 -9.86 -2.89
C GLU B 103 78.17 -8.42 -2.46
N ARG B 104 77.46 -7.62 -3.26
CA ARG B 104 77.20 -6.22 -2.94
C ARG B 104 75.81 -6.11 -2.35
N TYR B 105 75.72 -5.65 -1.11
CA TYR B 105 74.46 -5.49 -0.41
C TYR B 105 74.22 -4.01 -0.10
N ILE B 106 72.95 -3.63 -0.06
CA ILE B 106 72.54 -2.31 0.41
C ILE B 106 71.31 -2.49 1.26
N THR B 107 71.31 -1.86 2.44
CA THR B 107 70.22 -1.98 3.38
C THR B 107 69.57 -0.63 3.61
N THR B 108 68.25 -0.63 3.63
CA THR B 108 67.45 0.56 3.90
C THR B 108 66.48 0.22 5.02
N GLY B 109 66.21 1.18 5.88
CA GLY B 109 65.36 0.91 7.02
C GLY B 109 64.94 2.17 7.73
N ILE B 110 63.88 2.05 8.53
CA ILE B 110 63.31 3.15 9.29
C ILE B 110 63.73 3.01 10.74
N GLY B 111 63.85 4.15 11.42
CA GLY B 111 63.96 4.17 12.86
C GLY B 111 62.71 4.81 13.43
N MET B 112 62.41 4.48 14.68
CA MET B 112 61.14 4.89 15.27
C MET B 112 61.29 5.04 16.77
N GLN B 113 60.48 5.93 17.34
CA GLN B 113 60.26 5.98 18.77
C GLN B 113 58.94 6.69 19.01
N ALA B 114 58.14 6.16 19.92
CA ALA B 114 56.80 6.68 20.13
C ALA B 114 56.38 6.47 21.57
N LYS B 115 55.40 7.25 22.00
CA LYS B 115 54.78 7.12 23.31
C LYS B 115 53.28 7.11 23.12
N ARG B 116 52.60 6.17 23.76
CA ARG B 116 51.17 6.02 23.54
C ARG B 116 50.44 7.32 23.86
N HIS B 117 49.53 7.69 22.97
CA HIS B 117 48.75 8.93 23.06
C HIS B 117 49.63 10.17 22.97
N LYS B 118 50.88 10.03 22.55
CA LYS B 118 51.82 11.16 22.60
C LYS B 118 52.70 11.26 21.35
N GLY B 119 52.20 10.91 20.17
CA GLY B 119 52.93 11.13 18.95
C GLY B 119 54.02 10.12 18.71
N ILE B 120 54.87 10.44 17.74
CA ILE B 120 55.91 9.54 17.27
C ILE B 120 57.06 10.36 16.68
N LYS B 121 58.27 9.82 16.77
CA LYS B 121 59.46 10.37 16.13
C LYS B 121 60.05 9.30 15.23
N SER B 122 60.79 9.72 14.21
CA SER B 122 61.29 8.76 13.23
C SER B 122 62.58 9.27 12.59
N TRP B 123 63.44 8.32 12.21
CA TRP B 123 64.61 8.63 11.41
C TRP B 123 64.81 7.52 10.38
N TYR B 124 65.33 7.90 9.22
CA TYR B 124 65.54 6.98 8.11
C TYR B 124 67.02 6.89 7.81
N PHE B 125 67.46 5.71 7.35
CA PHE B 125 68.87 5.45 7.17
C PHE B 125 69.10 4.52 6.00
N VAL B 126 70.30 4.60 5.43
CA VAL B 126 70.73 3.72 4.35
C VAL B 126 72.18 3.34 4.60
N ILE B 127 72.50 2.08 4.35
CA ILE B 127 73.87 1.57 4.43
C ILE B 127 74.31 1.22 3.02
N THR B 128 75.53 1.64 2.66
CA THR B 128 76.04 1.38 1.33
C THR B 128 77.47 0.84 1.33
N ASP B 129 78.15 0.79 2.47
CA ASP B 129 79.53 0.33 2.53
C ASP B 129 79.63 -1.20 2.52
N ASN B 130 78.55 -1.89 2.17
CA ASN B 130 78.48 -3.34 2.08
C ASN B 130 78.33 -4.01 3.44
N ARG B 131 78.23 -3.24 4.51
CA ARG B 131 77.91 -3.83 5.80
C ARG B 131 76.49 -4.40 5.79
N ARG B 132 76.27 -5.38 6.64
CA ARG B 132 74.98 -6.05 6.71
C ARG B 132 74.55 -6.20 8.15
N ILE B 133 73.26 -6.00 8.40
CA ILE B 133 72.74 -6.14 9.76
C ILE B 133 72.76 -7.61 10.15
N GLY B 134 73.33 -7.89 11.32
CA GLY B 134 73.45 -9.24 11.81
C GLY B 134 74.73 -9.95 11.44
N TYR B 135 75.56 -9.37 10.58
CA TYR B 135 76.82 -9.98 10.20
C TYR B 135 77.95 -9.10 10.73
N ASP B 136 78.01 -7.83 10.34
CA ASP B 136 79.05 -6.93 10.79
C ASP B 136 78.52 -5.57 11.19
N PHE B 137 77.21 -5.44 11.32
CA PHE B 137 76.59 -4.24 11.85
C PHE B 137 75.38 -4.65 12.66
N GLU B 138 75.03 -3.83 13.65
CA GLU B 138 73.91 -4.13 14.52
C GLU B 138 73.17 -2.84 14.83
N LEU B 139 71.90 -2.99 15.20
CA LEU B 139 71.05 -1.85 15.55
C LEU B 139 70.84 -1.70 17.05
N ALA B 140 71.32 -2.65 17.85
CA ALA B 140 70.97 -2.68 19.26
C ALA B 140 72.18 -3.02 20.10
N HIS B 141 72.08 -2.75 21.39
CA HIS B 141 73.06 -3.19 22.38
C HIS B 141 72.63 -4.54 22.94
N SER B 142 73.53 -5.18 23.67
CA SER B 142 73.24 -6.44 24.34
C SER B 142 73.47 -6.23 25.84
N GLN B 143 72.37 -6.04 26.57
CA GLN B 143 72.44 -5.78 28.00
C GLN B 143 71.27 -6.45 28.69
N LEU B 144 71.51 -6.89 29.93
CA LEU B 144 70.49 -7.44 30.81
C LEU B 144 69.61 -8.47 30.13
N GLY B 145 70.14 -9.24 29.18
CA GLY B 145 69.34 -10.21 28.47
C GLY B 145 68.21 -9.61 27.66
N ASP B 146 68.24 -8.30 27.41
CA ASP B 146 67.19 -7.60 26.70
C ASP B 146 67.74 -7.01 25.41
N ARG B 147 66.85 -6.52 24.57
CA ARG B 147 67.22 -5.81 23.35
C ARG B 147 67.00 -4.33 23.56
N VAL B 148 68.00 -3.52 23.17
CA VAL B 148 67.93 -2.08 23.31
C VAL B 148 68.37 -1.46 21.98
N PRO B 149 67.43 -1.09 21.09
CA PRO B 149 67.84 -0.47 19.83
C PRO B 149 68.42 0.91 20.02
N PHE B 150 69.27 1.34 19.10
CA PHE B 150 69.94 2.61 19.22
C PHE B 150 68.94 3.76 19.14
N SER B 151 69.42 4.96 19.45
CA SER B 151 68.70 6.17 19.11
C SER B 151 69.32 6.81 17.87
N ALA B 152 68.73 7.92 17.43
CA ALA B 152 69.13 8.52 16.17
C ALA B 152 70.61 8.87 16.15
N LYS B 153 71.12 9.45 17.23
CA LYS B 153 72.49 9.94 17.22
C LYS B 153 73.49 8.80 17.11
N GLU B 154 73.30 7.73 17.88
CA GLU B 154 74.23 6.61 17.83
C GLU B 154 74.21 5.94 16.47
N LEU B 155 73.01 5.76 15.90
CA LEU B 155 72.91 5.16 14.58
C LEU B 155 73.59 6.03 13.55
N GLU B 156 73.40 7.35 13.64
CA GLU B 156 74.08 8.23 12.70
C GLU B 156 75.58 8.12 12.84
N ASN B 157 76.09 8.08 14.07
CA ASN B 157 77.53 8.00 14.27
C ASN B 157 78.10 6.72 13.68
N ARG B 158 77.48 5.58 13.98
CA ARG B 158 78.02 4.31 13.50
C ARG B 158 77.87 4.18 12.00
N ILE B 159 76.67 4.46 11.47
CA ILE B 159 76.46 4.38 10.03
C ILE B 159 77.12 5.54 9.32
N GLY B 160 77.08 6.73 9.91
CA GLY B 160 77.55 7.92 9.22
C GLY B 160 78.88 7.74 8.52
N GLU B 161 79.71 6.83 9.02
CA GLU B 161 80.98 6.55 8.35
C GLU B 161 80.73 5.99 6.95
N GLY B 162 79.76 5.08 6.83
CA GLY B 162 79.58 4.38 5.57
C GLY B 162 78.35 4.79 4.79
N GLY B 163 77.25 5.09 5.48
CA GLY B 163 75.99 5.36 4.81
C GLY B 163 75.43 6.71 5.21
N TYR B 164 74.19 6.94 4.80
CA TYR B 164 73.49 8.18 5.06
C TYR B 164 72.34 7.95 6.03
N VAL B 165 72.05 8.97 6.85
CA VAL B 165 70.90 8.99 7.73
C VAL B 165 70.24 10.34 7.62
N VAL B 166 68.90 10.36 7.62
CA VAL B 166 68.14 11.59 7.45
C VAL B 166 66.95 11.54 8.40
N HIS B 167 66.22 12.64 8.47
CA HIS B 167 65.17 12.81 9.45
C HIS B 167 63.83 13.20 8.86
N THR B 168 63.70 13.26 7.53
CA THR B 168 62.45 13.59 6.89
C THR B 168 62.15 12.58 5.80
N GLN B 169 60.85 12.35 5.58
CA GLN B 169 60.42 11.30 4.66
C GLN B 169 60.91 11.56 3.24
N ARG B 170 60.84 12.82 2.79
CA ARG B 170 61.20 13.11 1.41
C ARG B 170 62.66 12.75 1.11
N GLU B 171 63.57 13.05 2.03
CA GLU B 171 64.96 12.74 1.79
C GLU B 171 65.18 11.24 1.73
N TYR B 172 64.51 10.49 2.60
CA TYR B 172 64.61 9.03 2.55
C TYR B 172 64.11 8.51 1.20
N MET B 173 62.98 9.05 0.73
CA MET B 173 62.47 8.63 -0.56
C MET B 173 63.49 8.89 -1.66
N GLU B 174 64.10 10.07 -1.65
CA GLU B 174 65.10 10.38 -2.66
C GLU B 174 66.27 9.41 -2.58
N LEU B 175 66.75 9.11 -1.37
CA LEU B 175 67.88 8.21 -1.22
C LEU B 175 67.54 6.83 -1.76
N VAL B 176 66.37 6.30 -1.41
CA VAL B 176 65.99 4.98 -1.89
C VAL B 176 65.92 5.00 -3.41
N ASN B 177 65.25 5.99 -3.99
CA ASN B 177 65.20 6.07 -5.44
C ASN B 177 66.61 6.00 -6.00
N LYS B 178 67.50 6.85 -5.49
CA LYS B 178 68.83 6.98 -6.06
C LYS B 178 69.59 5.66 -6.03
N TYR B 179 69.59 4.98 -4.88
CA TYR B 179 70.44 3.80 -4.73
C TYR B 179 69.79 2.53 -5.28
N ILE B 180 68.47 2.38 -5.12
CA ILE B 180 67.82 1.15 -5.55
C ILE B 180 67.23 1.30 -6.94
N PHE B 181 66.30 2.24 -7.11
CA PHE B 181 65.45 2.23 -8.31
C PHE B 181 66.03 3.13 -9.39
N GLY B 182 66.45 4.33 -9.03
CA GLY B 182 66.98 5.26 -10.01
C GLY B 182 65.93 5.83 -10.94
N PHE B 183 64.73 6.10 -10.43
CA PHE B 183 63.71 6.71 -11.27
C PHE B 183 64.14 8.09 -11.73
N GLN B 184 63.72 8.44 -12.94
CA GLN B 184 64.08 9.74 -13.50
C GLN B 184 63.53 10.90 -12.69
N SER B 185 62.43 10.71 -11.97
CA SER B 185 61.83 11.80 -11.21
C SER B 185 60.96 11.21 -10.10
N ASN B 186 60.93 11.93 -8.98
CA ASN B 186 60.16 11.46 -7.84
C ASN B 186 58.69 11.29 -8.17
N GLU B 187 58.21 11.96 -9.22
CA GLU B 187 56.82 11.80 -9.63
C GLU B 187 56.56 10.35 -10.06
N ALA B 188 57.45 9.80 -10.90
CA ALA B 188 57.27 8.43 -11.34
C ALA B 188 57.34 7.46 -10.18
N TYR B 189 58.28 7.69 -9.25
CA TYR B 189 58.40 6.82 -8.09
C TYR B 189 57.15 6.86 -7.23
N GLU B 190 56.59 8.05 -7.02
CA GLU B 190 55.35 8.15 -6.28
C GLU B 190 54.22 7.43 -6.99
N ASP B 191 54.16 7.55 -8.32
CA ASP B 191 53.13 6.82 -9.06
C ASP B 191 53.29 5.32 -8.87
N LEU B 192 54.53 4.83 -8.93
CA LEU B 192 54.77 3.40 -8.73
C LEU B 192 54.25 2.97 -7.37
N ILE B 193 54.60 3.71 -6.31
CA ILE B 193 54.19 3.28 -4.98
C ILE B 193 52.68 3.34 -4.84
N LYS B 194 52.05 4.38 -5.39
CA LYS B 194 50.60 4.45 -5.35
C LYS B 194 49.98 3.24 -6.04
N LEU B 195 50.61 2.77 -7.12
CA LEU B 195 50.10 1.59 -7.78
C LEU B 195 50.27 0.36 -6.90
N LEU B 196 51.44 0.19 -6.30
CA LEU B 196 51.69 -0.99 -5.47
C LEU B 196 50.68 -1.06 -4.34
N ILE B 197 50.34 0.08 -3.74
CA ILE B 197 49.35 0.07 -2.67
C ILE B 197 48.04 -0.50 -3.18
N GLN B 198 47.64 -0.13 -4.40
CA GLN B 198 46.31 -0.49 -4.88
C GLN B 198 46.17 -2.00 -5.06
N LEU B 199 47.21 -2.67 -5.56
CA LEU B 199 47.13 -4.11 -5.71
C LEU B 199 46.70 -4.76 -4.41
N ARG B 200 47.16 -4.22 -3.30
CA ARG B 200 46.88 -4.80 -1.99
C ARG B 200 45.41 -4.65 -1.62
N SER B 201 44.70 -3.73 -2.25
CA SER B 201 43.37 -3.35 -1.77
C SER B 201 42.42 -4.54 -1.88
N PRO B 202 41.66 -4.85 -0.82
CA PRO B 202 40.85 -6.08 -0.82
C PRO B 202 39.52 -5.91 -1.53
N LYS B 203 39.59 -5.80 -2.85
CA LYS B 203 38.45 -6.04 -3.71
C LYS B 203 38.65 -7.26 -4.59
N LEU B 204 39.90 -7.59 -4.90
CA LEU B 204 40.19 -8.75 -5.74
C LEU B 204 39.87 -10.06 -5.06
N SER B 205 39.82 -10.09 -3.73
CA SER B 205 39.36 -11.27 -3.02
C SER B 205 37.84 -11.41 -3.05
N LYS B 206 37.12 -10.30 -3.09
CA LYS B 206 35.67 -10.28 -3.16
C LYS B 206 35.26 -10.48 -4.62
N ASP B 207 34.03 -10.16 -5.02
CA ASP B 207 33.55 -10.38 -6.39
C ASP B 207 34.66 -10.12 -7.41
N PHE B 208 34.92 -11.13 -8.24
CA PHE B 208 36.12 -11.19 -9.05
C PHE B 208 35.89 -10.71 -10.48
N LYS B 209 35.30 -9.53 -10.65
CA LYS B 209 34.87 -9.13 -11.99
C LYS B 209 35.69 -7.94 -12.51
N PRO B 210 35.80 -7.78 -13.83
CA PRO B 210 36.74 -6.78 -14.38
C PRO B 210 36.49 -5.35 -13.93
N THR B 211 35.23 -4.94 -13.77
CA THR B 211 34.99 -3.54 -13.43
C THR B 211 35.75 -3.13 -12.18
N VAL B 212 36.13 -4.09 -11.35
CA VAL B 212 37.05 -3.80 -10.26
C VAL B 212 38.40 -3.35 -10.81
N ILE B 213 38.89 -4.05 -11.84
CA ILE B 213 40.20 -3.68 -12.38
C ILE B 213 40.18 -2.26 -12.92
N TYR B 214 39.07 -1.83 -13.51
CA TYR B 214 38.98 -0.45 -13.93
C TYR B 214 39.13 0.48 -12.73
N GLU B 215 38.48 0.16 -11.62
CA GLU B 215 38.61 0.99 -10.43
C GLU B 215 40.05 1.01 -9.92
N ILE B 216 40.69 -0.15 -9.83
CA ILE B 216 42.06 -0.17 -9.31
C ILE B 216 42.97 0.63 -10.23
N LEU B 217 42.93 0.38 -11.52
CA LEU B 217 43.80 1.09 -12.44
C LEU B 217 43.54 2.58 -12.40
N GLU B 218 42.29 2.99 -12.18
CA GLU B 218 42.00 4.41 -12.07
C GLU B 218 42.62 4.99 -10.81
N SER B 219 42.44 4.31 -9.67
CA SER B 219 43.00 4.84 -8.43
C SER B 219 44.52 4.89 -8.49
N ALA B 220 45.14 4.16 -9.40
CA ALA B 220 46.58 4.23 -9.54
C ALA B 220 47.03 5.62 -9.95
N LEU B 221 46.29 6.25 -10.84
CA LEU B 221 46.69 7.55 -11.36
C LEU B 221 46.75 8.57 -10.23
N PRO B 222 47.79 9.38 -10.17
CA PRO B 222 47.88 10.37 -9.09
C PRO B 222 46.91 11.52 -9.35
N PRO B 223 46.06 11.86 -8.38
CA PRO B 223 45.13 12.97 -8.57
C PRO B 223 45.79 14.30 -8.26
N LEU B 224 45.03 15.37 -8.49
CA LEU B 224 45.47 16.70 -8.12
C LEU B 224 45.25 16.92 -6.62
N THR B 225 46.33 17.18 -5.89
CA THR B 225 46.24 17.35 -4.46
C THR B 225 45.96 18.80 -4.10
N ASP B 226 45.40 19.00 -2.91
CA ASP B 226 44.98 20.33 -2.48
C ASP B 226 46.11 21.34 -2.60
N ASP B 227 47.34 20.94 -2.25
CA ASP B 227 48.47 21.85 -2.36
C ASP B 227 48.66 22.33 -3.79
N GLU B 228 48.24 21.53 -4.77
CA GLU B 228 48.36 21.94 -6.16
C GLU B 228 47.22 22.88 -6.56
N LEU B 229 46.16 22.93 -5.77
CA LEU B 229 44.98 23.74 -6.08
C LEU B 229 44.76 24.88 -5.10
N ARG B 230 45.73 25.20 -4.23
CA ARG B 230 45.46 26.12 -3.14
C ARG B 230 45.11 27.51 -3.67
N HIS B 231 45.83 27.98 -4.68
CA HIS B 231 45.55 29.32 -5.22
C HIS B 231 44.14 29.36 -5.81
N LEU B 232 43.81 28.33 -6.57
CA LEU B 232 42.46 28.21 -7.11
C LEU B 232 41.44 28.18 -5.98
N SER B 233 41.77 27.53 -4.87
CA SER B 233 40.85 27.48 -3.74
C SER B 233 40.61 28.88 -3.18
N ASP B 234 41.67 29.68 -3.04
CA ASP B 234 41.48 31.03 -2.54
C ASP B 234 40.61 31.85 -3.47
N THR B 235 40.91 31.81 -4.77
CA THR B 235 40.11 32.59 -5.72
C THR B 235 38.67 32.12 -5.73
N ILE B 236 38.44 30.81 -5.59
CA ILE B 236 37.09 30.29 -5.66
C ILE B 236 36.32 30.65 -4.40
N GLU B 237 37.00 30.71 -3.25
CA GLU B 237 36.34 31.19 -2.04
C GLU B 237 35.89 32.63 -2.22
N SER B 238 36.76 33.48 -2.78
CA SER B 238 36.36 34.86 -3.05
C SER B 238 35.17 34.88 -4.00
N MET B 239 35.19 34.05 -5.03
CA MET B 239 34.09 33.98 -5.97
C MET B 239 32.79 33.60 -5.27
N ASP B 240 32.84 32.63 -4.37
CA ASP B 240 31.63 32.22 -3.67
C ASP B 240 31.08 33.34 -2.80
N GLN B 241 31.96 34.07 -2.11
CA GLN B 241 31.48 35.20 -1.33
C GLN B 241 30.81 36.23 -2.23
N THR B 242 31.42 36.52 -3.38
CA THR B 242 30.80 37.44 -4.33
C THR B 242 29.44 36.93 -4.77
N GLN B 243 29.32 35.62 -5.01
CA GLN B 243 28.06 35.05 -5.43
C GLN B 243 26.98 35.22 -4.36
N GLN B 244 27.36 35.01 -3.10
CA GLN B 244 26.40 35.20 -2.02
C GLN B 244 25.92 36.64 -1.97
N GLN B 245 26.85 37.59 -2.05
CA GLN B 245 26.46 39.00 -2.04
C GLN B 245 25.56 39.31 -3.23
N LEU B 246 25.86 38.75 -4.40
CA LEU B 246 25.04 39.00 -5.58
C LEU B 246 23.62 38.49 -5.38
N GLU B 247 23.47 37.31 -4.81
CA GLU B 247 22.12 36.78 -4.57
C GLU B 247 21.36 37.66 -3.58
N GLN B 248 22.01 38.06 -2.50
CA GLN B 248 21.34 38.92 -1.52
C GLN B 248 20.90 40.22 -2.16
N LEU B 249 21.80 40.85 -2.93
CA LEU B 249 21.46 42.10 -3.59
C LEU B 249 20.38 41.89 -4.63
N GLU B 250 20.33 40.72 -5.26
CA GLU B 250 19.26 40.45 -6.20
C GLU B 250 17.91 40.50 -5.51
N ARG B 251 17.78 39.78 -4.39
CA ARG B 251 16.52 39.81 -3.67
C ARG B 251 16.17 41.22 -3.21
N GLU B 252 17.15 41.94 -2.63
CA GLU B 252 16.85 43.27 -2.12
C GLU B 252 16.51 44.23 -3.24
N PHE B 253 17.17 44.10 -4.39
CA PHE B 253 16.86 44.96 -5.52
C PHE B 253 15.47 44.70 -6.06
N ALA B 254 15.05 43.43 -6.10
CA ALA B 254 13.68 43.14 -6.51
C ALA B 254 12.69 43.78 -5.54
N SER B 255 12.94 43.66 -4.24
CA SER B 255 12.06 44.28 -3.26
C SER B 255 12.01 45.79 -3.44
N SER B 256 13.18 46.41 -3.63
CA SER B 256 13.21 47.85 -3.83
C SER B 256 12.52 48.25 -5.11
N SER B 257 12.57 47.42 -6.15
CA SER B 257 11.85 47.72 -7.38
C SER B 257 10.35 47.74 -7.12
N ARG B 258 9.84 46.73 -6.40
CA ARG B 258 8.43 46.75 -6.05
C ARG B 258 8.08 48.03 -5.28
N LEU B 259 8.89 48.34 -4.27
CA LEU B 259 8.59 49.50 -3.44
C LEU B 259 8.60 50.79 -4.27
N VAL B 260 9.60 50.95 -5.12
CA VAL B 260 9.72 52.19 -5.87
C VAL B 260 8.61 52.31 -6.88
N ASN B 261 8.18 51.20 -7.48
CA ASN B 261 7.04 51.28 -8.40
C ASN B 261 5.79 51.74 -7.66
N GLN B 262 5.51 51.16 -6.50
CA GLN B 262 4.34 51.59 -5.75
C GLN B 262 4.45 53.06 -5.36
N TYR B 263 5.62 53.47 -4.86
CA TYR B 263 5.81 54.85 -4.44
C TYR B 263 5.70 55.81 -5.61
N HIS B 264 6.12 55.38 -6.81
CA HIS B 264 5.99 56.22 -7.98
C HIS B 264 4.54 56.36 -8.38
N SER B 265 3.76 55.29 -8.27
CA SER B 265 2.33 55.43 -8.49
C SER B 265 1.75 56.47 -7.55
N TYR B 266 2.12 56.39 -6.27
CA TYR B 266 1.62 57.35 -5.29
C TYR B 266 2.02 58.77 -5.66
N ASN B 267 3.29 58.97 -6.03
CA ASN B 267 3.76 60.33 -6.32
C ASN B 267 3.12 60.87 -7.58
N GLN B 268 2.97 60.03 -8.60
CA GLN B 268 2.26 60.47 -9.80
C GLN B 268 0.86 60.91 -9.45
N TYR B 269 0.16 60.13 -8.62
CA TYR B 269 -1.21 60.49 -8.26
C TYR B 269 -1.24 61.82 -7.52
N ILE B 270 -0.32 62.02 -6.57
CA ILE B 270 -0.32 63.26 -5.81
C ILE B 270 -0.06 64.45 -6.73
N LEU B 271 0.96 64.33 -7.60
CA LEU B 271 1.29 65.45 -8.47
C LEU B 271 0.13 65.75 -9.41
N ALA B 272 -0.50 64.72 -9.96
CA ALA B 272 -1.63 64.95 -10.86
C ALA B 272 -2.78 65.62 -10.15
N GLU B 273 -3.09 65.18 -8.93
CA GLU B 273 -4.18 65.78 -8.18
C GLU B 273 -3.91 67.24 -7.88
N ARG B 274 -2.70 67.56 -7.42
CA ARG B 274 -2.38 68.94 -7.12
C ARG B 274 -2.36 69.81 -8.37
N ALA B 275 -1.89 69.25 -9.48
CA ALA B 275 -1.93 69.98 -10.74
C ALA B 275 -3.37 70.27 -11.16
N GLY B 276 -4.26 69.30 -10.98
CA GLY B 276 -5.65 69.53 -11.32
C GLY B 276 -6.27 70.63 -10.47
N LYS B 277 -5.98 70.61 -9.17
CA LYS B 277 -6.50 71.66 -8.31
C LYS B 277 -5.95 73.03 -8.70
N TRP B 278 -4.66 73.09 -9.02
CA TRP B 278 -4.08 74.33 -9.51
C TRP B 278 -4.78 74.81 -10.78
N GLN B 279 -5.04 73.89 -11.71
CA GLN B 279 -5.74 74.23 -12.93
C GLN B 279 -7.10 74.84 -12.62
N ASP B 280 -7.86 74.20 -11.74
CA ASP B 280 -9.18 74.72 -11.40
C ASP B 280 -9.08 76.10 -10.76
N ALA B 281 -8.09 76.28 -9.88
CA ALA B 281 -7.93 77.59 -9.25
C ALA B 281 -7.67 78.66 -10.29
N LEU B 282 -6.78 78.38 -11.25
CA LEU B 282 -6.52 79.37 -12.30
C LEU B 282 -7.76 79.64 -13.13
N LYS B 283 -8.51 78.59 -13.45
CA LYS B 283 -9.74 78.76 -14.23
C LYS B 283 -10.69 79.72 -13.52
N ARG B 284 -10.93 79.46 -12.24
CA ARG B 284 -11.85 80.32 -11.49
C ARG B 284 -11.30 81.73 -11.37
N TYR B 285 -9.99 81.88 -11.17
CA TYR B 285 -9.41 83.22 -11.11
C TYR B 285 -9.65 83.98 -12.40
N THR B 286 -9.41 83.34 -13.55
CA THR B 286 -9.59 84.05 -14.80
C THR B 286 -11.06 84.42 -14.99
N VAL B 287 -11.98 83.53 -14.63
CA VAL B 287 -13.39 83.85 -14.74
C VAL B 287 -13.73 85.05 -13.87
N ALA B 288 -13.23 85.06 -12.64
CA ALA B 288 -13.52 86.15 -11.73
C ALA B 288 -12.94 87.47 -12.24
N GLU B 289 -11.72 87.43 -12.78
CA GLU B 289 -11.11 88.65 -13.30
C GLU B 289 -11.90 89.18 -14.48
N GLU B 290 -12.37 88.29 -15.35
CA GLU B 290 -13.25 88.72 -16.44
C GLU B 290 -14.51 89.37 -15.89
N HIS B 291 -15.10 88.77 -14.85
CA HIS B 291 -16.30 89.34 -14.26
C HIS B 291 -16.02 90.74 -13.73
N VAL B 292 -14.88 90.92 -13.07
CA VAL B 292 -14.52 92.23 -12.51
C VAL B 292 -14.35 93.25 -13.63
N LYS B 293 -13.66 92.87 -14.70
CA LYS B 293 -13.47 93.81 -15.80
C LYS B 293 -14.80 94.22 -16.39
N GLY B 294 -15.70 93.25 -16.60
CA GLY B 294 -17.00 93.58 -17.16
C GLY B 294 -17.79 94.52 -16.27
N LEU B 295 -17.80 94.25 -14.96
CA LEU B 295 -18.56 95.09 -14.05
C LEU B 295 -17.95 96.48 -13.93
N THR B 296 -16.62 96.59 -13.98
CA THR B 296 -16.01 97.91 -13.98
C THR B 296 -16.41 98.68 -15.24
N ALA B 297 -16.44 98.00 -16.39
CA ALA B 297 -16.89 98.65 -17.61
C ALA B 297 -18.32 99.16 -17.46
N GLN B 298 -19.20 98.32 -16.91
CA GLN B 298 -20.58 98.75 -16.71
C GLN B 298 -20.66 99.94 -15.77
N ASP B 299 -19.86 99.93 -14.70
CA ASP B 299 -19.87 101.05 -13.77
C ASP B 299 -19.45 102.35 -14.46
N GLU B 300 -18.41 102.28 -15.27
CA GLU B 300 -17.99 103.48 -16.01
C GLU B 300 -19.12 103.96 -16.91
N GLU B 301 -19.76 103.03 -17.61
CA GLU B 301 -20.85 103.40 -18.51
C GLU B 301 -21.97 104.09 -17.76
N LEU B 302 -22.36 103.53 -16.61
CA LEU B 302 -23.44 104.13 -15.83
C LEU B 302 -23.05 105.50 -15.31
N THR B 303 -21.79 105.67 -14.90
CA THR B 303 -21.35 107.00 -14.46
C THR B 303 -21.52 108.02 -15.56
N GLN B 304 -21.02 107.69 -16.76
CA GLN B 304 -21.15 108.62 -17.89
C GLN B 304 -22.62 108.89 -18.18
N GLU B 305 -23.45 107.85 -18.16
CA GLU B 305 -24.85 108.01 -18.49
C GLU B 305 -25.55 108.92 -17.49
N ILE B 306 -25.25 108.74 -16.20
CA ILE B 306 -25.94 109.54 -15.19
C ILE B 306 -25.52 110.99 -15.30
N LYS B 307 -24.24 111.26 -15.52
CA LYS B 307 -23.83 112.64 -15.70
C LYS B 307 -24.51 113.27 -16.91
N GLN B 308 -24.54 112.53 -18.03
CA GLN B 308 -25.17 113.07 -19.23
C GLN B 308 -26.65 113.32 -19.02
N GLU B 309 -27.34 112.41 -18.32
CA GLU B 309 -28.76 112.60 -18.08
C GLU B 309 -29.03 113.82 -17.21
N GLU B 310 -28.22 114.02 -16.17
CA GLU B 310 -28.43 115.23 -15.36
C GLU B 310 -28.11 116.50 -16.15
N GLU B 311 -27.07 116.47 -16.98
CA GLU B 311 -26.78 117.63 -17.81
C GLU B 311 -27.95 117.94 -18.73
N GLN B 312 -28.53 116.90 -19.34
CA GLN B 312 -29.69 117.10 -20.19
C GLN B 312 -30.88 117.59 -19.40
N LYS B 313 -31.02 117.15 -18.15
CA LYS B 313 -32.09 117.68 -17.30
C LYS B 313 -31.93 119.19 -17.11
N GLN B 314 -30.72 119.63 -16.83
CA GLN B 314 -30.50 121.07 -16.67
C GLN B 314 -30.77 121.81 -17.98
N GLN B 315 -30.34 121.23 -19.10
CA GLN B 315 -30.63 121.82 -20.39
C GLN B 315 -32.13 121.98 -20.61
N PHE B 316 -32.89 120.92 -20.29
CA PHE B 316 -34.33 120.97 -20.42
C PHE B 316 -34.92 122.04 -19.50
N ALA B 317 -34.39 122.17 -18.29
CA ALA B 317 -34.90 123.20 -17.38
C ALA B 317 -34.72 124.58 -17.99
N GLN B 318 -33.52 124.87 -18.51
CA GLN B 318 -33.28 126.18 -19.11
C GLN B 318 -34.19 126.42 -20.31
N GLN B 319 -34.28 125.41 -21.20
CA GLN B 319 -35.09 125.56 -22.40
C GLN B 319 -36.56 125.74 -22.05
N GLN B 320 -37.04 125.01 -21.04
CA GLN B 320 -38.42 125.16 -20.61
C GLN B 320 -38.67 126.54 -20.03
N GLU B 321 -37.72 127.07 -19.26
CA GLU B 321 -37.91 128.41 -18.69
C GLU B 321 -37.99 129.46 -19.80
N ILE B 322 -37.11 129.35 -20.79
CA ILE B 322 -37.15 130.27 -21.93
C ILE B 322 -38.48 130.13 -22.66
N ALA B 323 -38.92 128.90 -22.89
CA ALA B 323 -40.17 128.66 -23.60
C ALA B 323 -41.35 129.25 -22.85
N LEU B 324 -41.37 129.11 -21.52
CA LEU B 324 -42.44 129.70 -20.73
C LEU B 324 -42.42 131.22 -20.83
N GLU B 325 -41.22 131.82 -20.76
CA GLU B 325 -41.11 133.26 -20.90
C GLU B 325 -41.72 133.72 -22.20
N GLU B 326 -41.38 133.05 -23.30
CA GLU B 326 -41.91 133.45 -24.60
C GLU B 326 -43.39 133.13 -24.71
N LYS B 327 -43.85 132.07 -24.05
CA LYS B 327 -45.25 131.66 -24.13
C LYS B 327 -46.16 132.67 -23.47
N LYS B 328 -45.74 133.23 -22.34
CA LYS B 328 -46.58 134.22 -21.68
C LYS B 328 -47.00 135.32 -22.65
N ARG B 329 -46.05 135.83 -23.44
CA ARG B 329 -46.36 136.88 -24.39
C ARG B 329 -47.31 136.38 -25.48
N LEU B 330 -47.05 135.18 -26.01
CA LEU B 330 -47.88 134.64 -27.07
C LEU B 330 -49.25 134.19 -26.55
N GLU B 331 -49.36 133.91 -25.25
CA GLU B 331 -50.63 133.44 -24.71
C GLU B 331 -51.73 134.47 -24.91
N ARG B 332 -51.38 135.74 -25.10
CA ARG B 332 -52.39 136.78 -25.21
C ARG B 332 -53.30 136.56 -26.41
N HIS B 333 -52.77 136.03 -27.50
CA HIS B 333 -53.60 135.71 -28.66
C HIS B 333 -54.50 134.52 -28.34
N GLU B 334 -55.76 134.59 -28.77
CA GLU B 334 -56.64 133.44 -28.65
C GLU B 334 -56.17 132.28 -29.51
N VAL B 335 -55.30 132.53 -30.48
CA VAL B 335 -54.80 131.47 -31.35
C VAL B 335 -54.15 130.37 -30.53
N TRP B 336 -53.53 130.73 -29.40
CA TRP B 336 -52.87 129.73 -28.57
C TRP B 336 -53.87 128.74 -28.00
N ASN B 337 -55.02 129.23 -27.52
CA ASN B 337 -56.05 128.33 -27.00
C ASN B 337 -56.56 127.41 -28.10
N LEU B 338 -56.76 127.94 -29.30
CA LEU B 338 -57.23 127.12 -30.42
C LEU B 338 -56.20 126.05 -30.75
N GLU B 339 -54.92 126.41 -30.74
CA GLU B 339 -53.88 125.41 -30.97
C GLU B 339 -53.87 124.35 -29.87
N GLU B 340 -54.12 124.76 -28.63
CA GLU B 340 -54.23 123.79 -27.54
C GLU B 340 -55.36 122.80 -27.80
N ASP B 341 -56.52 123.30 -28.19
CA ASP B 341 -57.64 122.41 -28.47
C ASP B 341 -57.32 121.49 -29.65
N LYS B 342 -56.68 122.02 -30.68
CA LYS B 342 -56.30 121.20 -31.83
C LYS B 342 -55.34 120.10 -31.39
N ARG B 343 -54.39 120.43 -30.52
CA ARG B 343 -53.48 119.41 -30.03
C ARG B 343 -54.20 118.37 -29.19
N LYS B 344 -55.22 118.78 -28.45
CA LYS B 344 -56.04 117.81 -27.72
C LYS B 344 -56.68 116.82 -28.69
N LYS B 345 -57.27 117.34 -29.77
CA LYS B 345 -57.87 116.45 -30.77
C LYS B 345 -56.81 115.55 -31.40
N ILE B 346 -55.61 116.10 -31.65
CA ILE B 346 -54.53 115.31 -32.23
C ILE B 346 -54.13 114.20 -31.28
N GLU B 347 -54.11 114.48 -29.98
CA GLU B 347 -53.81 113.44 -28.99
C GLU B 347 -54.85 112.34 -29.05
N ASN B 348 -56.12 112.72 -29.12
CA ASN B 348 -57.18 111.72 -29.25
C ASN B 348 -56.95 110.85 -30.48
N THR B 349 -56.61 111.48 -31.61
CA THR B 349 -56.37 110.73 -32.83
C THR B 349 -55.18 109.79 -32.68
N LYS B 350 -54.12 110.26 -32.00
CA LYS B 350 -52.95 109.42 -31.80
C LYS B 350 -53.31 108.18 -31.00
N SER B 351 -54.06 108.36 -29.92
CA SER B 351 -54.50 107.22 -29.12
C SER B 351 -55.34 106.26 -29.95
N LEU B 352 -56.27 106.80 -30.74
CA LEU B 352 -57.10 105.95 -31.57
C LEU B 352 -56.26 105.19 -32.59
N SER B 353 -55.26 105.85 -33.16
CA SER B 353 -54.40 105.18 -34.14
C SER B 353 -53.64 104.02 -33.50
N SER B 354 -53.10 104.25 -32.30
CA SER B 354 -52.41 103.16 -31.61
C SER B 354 -53.36 102.00 -31.34
N GLU B 355 -54.57 102.31 -30.87
CA GLU B 355 -55.54 101.26 -30.58
C GLU B 355 -55.88 100.49 -31.85
N ILE B 356 -56.03 101.20 -32.97
CA ILE B 356 -56.36 100.55 -34.23
C ILE B 356 -55.23 99.64 -34.68
N ASN B 357 -53.99 100.10 -34.51
CA ASN B 357 -52.85 99.26 -34.88
C ASN B 357 -52.85 97.98 -34.07
N SER B 358 -53.06 98.09 -32.75
CA SER B 358 -53.08 96.90 -31.91
C SER B 358 -54.20 95.96 -32.32
N LEU B 359 -55.39 96.51 -32.59
CA LEU B 359 -56.52 95.68 -32.98
C LEU B 359 -56.26 94.99 -34.31
N GLN B 360 -55.66 95.69 -35.27
CA GLN B 360 -55.32 95.09 -36.54
C GLN B 360 -54.35 93.94 -36.35
N LYS B 361 -53.32 94.14 -35.52
CA LYS B 361 -52.37 93.07 -35.24
C LYS B 361 -53.08 91.86 -34.65
N LYS B 362 -53.95 92.10 -33.66
CA LYS B 362 -54.66 90.99 -33.03
C LYS B 362 -55.52 90.24 -34.03
N TRP B 363 -56.26 90.96 -34.87
CA TRP B 363 -57.15 90.31 -35.82
C TRP B 363 -56.37 89.51 -36.84
N ASP B 364 -55.24 90.05 -37.32
CA ASP B 364 -54.42 89.31 -38.27
C ASP B 364 -53.88 88.04 -37.65
N HIS B 365 -53.40 88.12 -36.40
CA HIS B 365 -52.90 86.93 -35.72
C HIS B 365 -54.00 85.89 -35.57
N LYS B 366 -55.19 86.33 -35.16
CA LYS B 366 -56.30 85.39 -34.99
C LYS B 366 -56.68 84.74 -36.31
N ASN B 367 -56.70 85.52 -37.40
CA ASN B 367 -57.02 84.95 -38.70
C ASN B 367 -55.99 83.91 -39.13
N SER B 368 -54.71 84.20 -38.89
CA SER B 368 -53.68 83.22 -39.20
C SER B 368 -53.88 81.93 -38.42
N GLN B 369 -54.15 82.04 -37.12
CA GLN B 369 -54.39 80.85 -36.32
C GLN B 369 -55.62 80.10 -36.81
N TYR B 370 -56.67 80.82 -37.20
CA TYR B 370 -57.88 80.19 -37.74
C TYR B 370 -57.57 79.40 -39.00
N ASN B 371 -56.78 80.00 -39.90
CA ASN B 371 -56.40 79.31 -41.13
C ASN B 371 -55.63 78.04 -40.81
N ARG B 372 -54.67 78.14 -39.89
CA ARG B 372 -53.90 76.96 -39.51
C ARG B 372 -54.79 75.87 -38.95
N LEU B 373 -55.76 76.25 -38.11
CA LEU B 373 -56.65 75.27 -37.51
C LEU B 373 -57.51 74.58 -38.57
N TRP B 374 -58.03 75.35 -39.52
CA TRP B 374 -58.83 74.75 -40.58
C TRP B 374 -58.00 73.78 -41.41
N GLN B 375 -56.75 74.15 -41.71
CA GLN B 375 -55.87 73.23 -42.42
C GLN B 375 -55.66 71.95 -41.62
N GLU B 376 -55.47 72.08 -40.30
CA GLU B 376 -55.32 70.91 -39.45
C GLU B 376 -56.55 70.02 -39.53
N ARG B 377 -57.74 70.62 -39.50
CA ARG B 377 -58.96 69.83 -39.56
C ARG B 377 -59.05 69.07 -40.89
N GLU B 378 -58.70 69.73 -41.98
CA GLU B 378 -58.71 69.05 -43.28
C GLU B 378 -57.71 67.90 -43.30
N GLN B 379 -56.53 68.11 -42.73
CA GLN B 379 -55.56 67.03 -42.63
C GLN B 379 -56.13 65.87 -41.83
N SER B 380 -56.87 66.16 -40.75
CA SER B 380 -57.47 65.10 -39.95
C SER B 380 -58.50 64.32 -40.76
N GLN B 381 -59.32 65.02 -41.54
CA GLN B 381 -60.29 64.32 -42.39
C GLN B 381 -59.60 63.40 -43.39
N ASN B 382 -58.54 63.91 -44.03
CA ASN B 382 -57.77 63.07 -44.94
C ASN B 382 -57.18 61.87 -44.22
N GLN B 383 -56.75 62.07 -42.97
CA GLN B 383 -56.25 60.96 -42.18
C GLN B 383 -57.34 59.91 -42.00
N ILE B 384 -58.56 60.34 -41.70
CA ILE B 384 -59.66 59.40 -41.53
C ILE B 384 -59.85 58.58 -42.80
N ARG B 385 -59.84 59.24 -43.96
CA ARG B 385 -60.03 58.52 -45.22
C ARG B 385 -58.91 57.51 -45.45
N GLN B 386 -57.66 57.93 -45.23
CA GLN B 386 -56.53 57.02 -45.41
C GLN B 386 -56.67 55.81 -44.49
N HIS B 387 -57.02 56.05 -43.23
CA HIS B 387 -57.16 54.96 -42.28
C HIS B 387 -58.27 54.02 -42.69
N GLU B 388 -59.38 54.56 -43.20
CA GLU B 388 -60.47 53.69 -43.63
C GLU B 388 -60.05 52.82 -44.81
N SER B 389 -59.29 53.36 -45.75
CA SER B 389 -58.77 52.52 -46.83
C SER B 389 -57.87 51.42 -46.27
N GLY B 390 -57.00 51.78 -45.33
CA GLY B 390 -56.13 50.78 -44.72
C GLY B 390 -56.92 49.68 -44.04
N MET B 391 -57.97 50.04 -43.30
CA MET B 391 -58.78 49.03 -42.64
C MET B 391 -59.54 48.17 -43.65
N GLU B 392 -59.93 48.74 -44.79
CA GLU B 392 -60.53 47.91 -45.83
C GLU B 392 -59.55 46.84 -46.30
N ASP B 393 -58.30 47.24 -46.59
CA ASP B 393 -57.29 46.26 -46.98
C ASP B 393 -57.08 45.23 -45.88
N LEU B 394 -57.07 45.69 -44.62
CA LEU B 394 -56.87 44.77 -43.51
C LEU B 394 -58.04 43.80 -43.38
N LEU B 395 -59.26 44.24 -43.67
CA LEU B 395 -60.41 43.34 -43.67
C LEU B 395 -60.23 42.26 -44.73
N GLY B 396 -59.76 42.64 -45.92
CA GLY B 396 -59.49 41.64 -46.94
C GLY B 396 -58.48 40.61 -46.47
N GLU B 397 -57.36 41.08 -45.90
CA GLU B 397 -56.35 40.14 -45.42
C GLU B 397 -56.86 39.30 -44.26
N LEU B 398 -57.72 39.88 -43.41
CA LEU B 398 -58.30 39.13 -42.32
C LEU B 398 -59.18 38.00 -42.84
N GLN B 399 -59.98 38.27 -43.86
CA GLN B 399 -60.76 37.21 -44.48
C GLN B 399 -59.83 36.13 -45.03
N PHE B 400 -58.75 36.54 -45.70
CA PHE B 400 -57.79 35.58 -46.22
C PHE B 400 -57.28 34.65 -45.11
N ASP B 401 -56.66 35.24 -44.09
CA ASP B 401 -56.05 34.43 -43.04
C ASP B 401 -57.08 33.60 -42.29
N ALA B 402 -58.29 34.14 -42.06
CA ALA B 402 -59.32 33.39 -41.36
C ALA B 402 -59.81 32.20 -42.18
N GLU B 403 -60.10 32.42 -43.47
CA GLU B 403 -60.49 31.29 -44.31
C GLU B 403 -59.41 30.22 -44.32
N GLU B 404 -58.14 30.62 -44.27
CA GLU B 404 -57.09 29.61 -44.11
C GLU B 404 -57.19 28.92 -42.75
N ALA B 405 -57.50 29.67 -41.71
CA ALA B 405 -57.56 29.09 -40.37
C ALA B 405 -58.95 28.56 -40.03
N ALA B 406 -59.89 28.68 -40.97
CA ALA B 406 -61.27 28.26 -40.72
C ALA B 406 -61.84 28.95 -39.49
N PHE B 407 -61.54 30.24 -39.34
CA PHE B 407 -62.03 31.04 -38.21
C PHE B 407 -63.30 31.75 -38.68
N SER B 408 -64.40 30.99 -38.66
CA SER B 408 -65.67 31.52 -39.15
C SER B 408 -66.13 32.72 -38.34
N GLU B 409 -65.70 32.82 -37.09
CA GLU B 409 -66.23 33.86 -36.21
C GLU B 409 -65.87 35.26 -36.70
N HIS B 410 -64.89 35.37 -37.60
CA HIS B 410 -64.48 36.69 -38.06
C HIS B 410 -65.63 37.40 -38.78
N GLU B 411 -66.39 36.67 -39.59
CA GLU B 411 -67.55 37.28 -40.24
C GLU B 411 -68.55 37.80 -39.22
N VAL B 412 -68.87 36.99 -38.22
CA VAL B 412 -69.81 37.42 -37.18
C VAL B 412 -69.28 38.67 -36.49
N ASN B 413 -68.03 38.63 -36.04
CA ASN B 413 -67.44 39.79 -35.40
C ASN B 413 -67.27 40.94 -36.37
N VAL B 414 -67.01 40.65 -37.64
CA VAL B 414 -66.87 41.72 -38.62
C VAL B 414 -68.17 42.52 -38.73
N HIS B 415 -69.29 41.81 -38.85
CA HIS B 415 -70.58 42.50 -38.95
C HIS B 415 -70.97 43.15 -37.63
N ASP B 416 -70.62 42.53 -36.50
CA ASP B 416 -70.89 43.16 -35.22
C ASP B 416 -70.15 44.48 -35.09
N PHE B 417 -68.88 44.49 -35.51
CA PHE B 417 -68.10 45.73 -35.54
C PHE B 417 -68.72 46.75 -36.49
N GLU B 418 -69.13 46.30 -37.68
CA GLU B 418 -69.76 47.20 -38.63
C GLU B 418 -70.98 47.88 -38.03
N ARG B 419 -71.80 47.12 -37.30
CA ARG B 419 -72.94 47.71 -36.60
C ARG B 419 -72.47 48.67 -35.50
N HIS B 420 -71.46 48.26 -34.73
CA HIS B 420 -71.13 48.96 -33.50
C HIS B 420 -70.24 50.19 -33.73
N GLN B 421 -69.43 50.18 -34.78
CA GLN B 421 -68.27 51.07 -34.83
C GLN B 421 -68.63 52.56 -34.76
N GLU B 422 -69.90 52.97 -34.73
CA GLU B 422 -70.21 54.36 -34.46
C GLU B 422 -69.89 54.75 -33.02
N GLU B 423 -69.61 53.79 -32.15
CA GLU B 423 -69.21 54.02 -30.78
C GLU B 423 -67.82 53.42 -30.54
N GLU B 424 -67.38 53.45 -29.28
CA GLU B 424 -66.10 52.87 -28.90
C GLU B 424 -66.26 51.36 -28.78
N PHE B 425 -66.22 50.69 -29.92
CA PHE B 425 -66.36 49.24 -29.95
C PHE B 425 -65.25 48.59 -29.13
N ASP B 426 -65.62 47.65 -28.28
CA ASP B 426 -64.68 46.91 -27.45
C ASP B 426 -64.22 45.69 -28.24
N PHE B 427 -62.93 45.61 -28.54
CA PHE B 427 -62.38 44.50 -29.29
C PHE B 427 -62.08 43.28 -28.42
N SER B 428 -62.27 43.39 -27.10
CA SER B 428 -61.82 42.32 -26.20
C SER B 428 -62.45 40.99 -26.57
N ILE B 429 -63.74 40.96 -26.90
CA ILE B 429 -64.40 39.70 -27.25
C ILE B 429 -63.76 39.11 -28.50
N TRP B 430 -63.49 39.96 -29.49
CA TRP B 430 -62.86 39.47 -30.72
C TRP B 430 -61.49 38.86 -30.42
N ILE B 431 -60.70 39.55 -29.60
CA ILE B 431 -59.37 39.06 -29.27
C ILE B 431 -59.46 37.74 -28.52
N GLY B 432 -60.41 37.64 -27.58
CA GLY B 432 -60.58 36.39 -26.85
C GLY B 432 -60.97 35.24 -27.76
N GLU B 433 -61.87 35.50 -28.70
CA GLU B 433 -62.28 34.46 -29.64
C GLU B 433 -61.11 33.98 -30.48
N ILE B 434 -60.36 34.92 -31.07
CA ILE B 434 -59.23 34.52 -31.90
C ILE B 434 -58.19 33.80 -31.06
N GLY B 435 -58.01 34.22 -29.81
CA GLY B 435 -57.07 33.55 -28.93
C GLY B 435 -57.48 32.13 -28.59
N SER B 436 -58.78 31.93 -28.39
CA SER B 436 -59.28 30.57 -28.17
C SER B 436 -59.02 29.70 -29.39
N HIS B 437 -59.28 30.24 -30.58
CA HIS B 437 -59.00 29.48 -31.79
C HIS B 437 -57.51 29.16 -31.89
N GLU B 438 -56.65 30.12 -31.56
CA GLU B 438 -55.21 29.89 -31.61
C GLU B 438 -54.78 28.83 -30.61
N GLN B 439 -55.36 28.85 -29.41
CA GLN B 439 -55.04 27.83 -28.42
C GLN B 439 -55.46 26.45 -28.93
N LEU B 440 -56.65 26.36 -29.53
CA LEU B 440 -57.09 25.08 -30.09
C LEU B 440 -56.15 24.63 -31.20
N LEU B 441 -55.68 25.55 -32.04
CA LEU B 441 -54.73 25.20 -33.07
C LEU B 441 -53.43 24.67 -32.48
N ALA B 442 -52.95 25.30 -31.41
CA ALA B 442 -51.73 24.82 -30.76
C ALA B 442 -51.93 23.41 -30.22
N ASN B 443 -53.07 23.16 -29.57
CA ASN B 443 -53.36 21.83 -29.07
C ASN B 443 -53.42 20.82 -30.23
N LEU B 444 -54.03 21.23 -31.34
CA LEU B 444 -54.11 20.36 -32.50
C LEU B 444 -52.72 20.01 -33.03
N ASN B 445 -51.83 20.98 -33.09
CA ASN B 445 -50.47 20.70 -33.55
C ASN B 445 -49.76 19.75 -32.59
N GLN B 446 -49.94 19.97 -31.28
CA GLN B 446 -49.37 19.05 -30.30
C GLN B 446 -49.82 17.63 -30.58
N LEU B 447 -51.13 17.42 -30.70
CA LEU B 447 -51.65 16.08 -30.93
C LEU B 447 -51.19 15.53 -32.26
N ALA B 448 -51.09 16.38 -33.29
CA ALA B 448 -50.66 15.90 -34.60
C ALA B 448 -49.23 15.37 -34.53
N ASP B 449 -48.33 16.11 -33.89
CA ASP B 449 -46.95 15.62 -33.79
C ASP B 449 -46.88 14.37 -32.91
N GLU B 450 -47.66 14.34 -31.83
CA GLU B 450 -47.69 13.14 -31.00
C GLU B 450 -48.13 11.93 -31.79
N GLU B 451 -49.19 12.09 -32.60
CA GLU B 451 -49.68 11.00 -33.42
C GLU B 451 -48.64 10.58 -34.44
N ASN B 452 -47.96 11.54 -35.07
CA ASN B 452 -46.93 11.20 -36.04
C ASN B 452 -45.82 10.37 -35.40
N ARG B 453 -45.30 10.84 -34.26
CA ARG B 453 -44.22 10.11 -33.61
C ARG B 453 -44.67 8.73 -33.17
N LEU B 454 -45.87 8.63 -32.60
CA LEU B 454 -46.35 7.33 -32.15
C LEU B 454 -46.54 6.38 -33.33
N SER B 455 -47.06 6.88 -34.45
CA SER B 455 -47.27 6.02 -35.61
C SER B 455 -45.94 5.52 -36.16
N GLU B 456 -44.94 6.41 -36.23
CA GLU B 456 -43.63 5.96 -36.69
C GLU B 456 -43.04 4.94 -35.73
N GLU B 457 -43.19 5.18 -34.43
CA GLU B 457 -42.72 4.22 -33.43
C GLU B 457 -43.40 2.88 -33.62
N HIS B 458 -44.71 2.90 -33.88
CA HIS B 458 -45.46 1.66 -34.04
C HIS B 458 -44.98 0.90 -35.27
N ASN B 459 -44.71 1.62 -36.37
CA ASN B 459 -44.16 0.95 -37.55
C ASN B 459 -42.81 0.33 -37.22
N ARG B 460 -41.94 1.04 -36.51
CA ARG B 460 -40.64 0.50 -36.17
C ARG B 460 -40.77 -0.74 -35.30
N LEU B 461 -41.67 -0.70 -34.31
CA LEU B 461 -41.87 -1.86 -33.46
C LEU B 461 -42.46 -3.03 -34.22
N GLN B 462 -43.36 -2.77 -35.15
CA GLN B 462 -43.86 -3.85 -36.00
C GLN B 462 -42.72 -4.50 -36.77
N ARG B 463 -41.86 -3.68 -37.36
CA ARG B 463 -40.73 -4.23 -38.12
C ARG B 463 -39.84 -5.09 -37.22
N GLN B 464 -39.49 -4.57 -36.05
CA GLN B 464 -38.59 -5.31 -35.17
C GLN B 464 -39.24 -6.58 -34.64
N SER B 465 -40.53 -6.54 -34.33
CA SER B 465 -41.21 -7.74 -33.87
C SER B 465 -41.23 -8.81 -34.96
N SER B 466 -41.50 -8.39 -36.20
CA SER B 466 -41.43 -9.35 -37.30
C SER B 466 -40.04 -9.94 -37.43
N GLU B 467 -39.01 -9.09 -37.32
CA GLU B 467 -37.64 -9.57 -37.43
C GLU B 467 -37.33 -10.61 -36.36
N LYS B 468 -37.69 -10.31 -35.11
CA LYS B 468 -37.42 -11.25 -34.03
C LYS B 468 -38.20 -12.54 -34.19
N LYS B 469 -39.45 -12.47 -34.64
CA LYS B 469 -40.21 -13.69 -34.85
C LYS B 469 -39.59 -14.55 -35.95
N LYS B 470 -39.12 -13.91 -37.02
CA LYS B 470 -38.42 -14.66 -38.06
C LYS B 470 -37.19 -15.35 -37.50
N GLU B 471 -36.40 -14.63 -36.69
CA GLU B 471 -35.21 -15.23 -36.10
C GLU B 471 -35.59 -16.40 -35.20
N VAL B 472 -36.65 -16.24 -34.40
CA VAL B 472 -37.07 -17.32 -33.50
C VAL B 472 -37.45 -18.55 -34.30
N ASP B 473 -38.22 -18.36 -35.37
CA ASP B 473 -38.63 -19.52 -36.17
C ASP B 473 -37.42 -20.19 -36.82
N ALA B 474 -36.47 -19.39 -37.32
CA ALA B 474 -35.26 -19.99 -37.90
C ALA B 474 -34.50 -20.80 -36.86
N ILE B 475 -34.37 -20.27 -35.65
CA ILE B 475 -33.65 -20.99 -34.61
C ILE B 475 -34.39 -22.26 -34.21
N ARG B 476 -35.73 -22.22 -34.19
CA ARG B 476 -36.47 -23.43 -33.87
C ARG B 476 -36.29 -24.49 -34.95
N LYS B 477 -36.28 -24.08 -36.21
CA LYS B 477 -36.00 -25.02 -37.29
C LYS B 477 -34.62 -25.63 -37.12
N ASN B 478 -33.63 -24.80 -36.81
CA ASN B 478 -32.29 -25.32 -36.60
C ASN B 478 -32.26 -26.31 -35.44
N LEU B 479 -33.00 -26.01 -34.37
CA LEU B 479 -33.02 -26.89 -33.21
C LEU B 479 -33.61 -28.25 -33.57
N ASP B 480 -34.73 -28.24 -34.30
CA ASP B 480 -35.32 -29.51 -34.71
C ASP B 480 -34.41 -30.28 -35.64
N HIS B 481 -33.71 -29.57 -36.53
CA HIS B 481 -32.72 -30.23 -37.39
C HIS B 481 -31.60 -30.87 -36.57
N LEU B 482 -31.13 -30.17 -35.54
CA LEU B 482 -30.11 -30.73 -34.67
C LEU B 482 -30.63 -31.97 -33.96
N ALA B 483 -31.89 -31.94 -33.51
CA ALA B 483 -32.47 -33.12 -32.87
C ALA B 483 -32.50 -34.30 -33.84
N ASP B 484 -32.87 -34.03 -35.10
CA ASP B 484 -32.83 -35.08 -36.12
C ASP B 484 -31.43 -35.65 -36.26
N TRP B 485 -30.43 -34.78 -36.41
CA TRP B 485 -29.06 -35.25 -36.54
C TRP B 485 -28.63 -36.03 -35.31
N PHE B 486 -29.14 -35.65 -34.14
CA PHE B 486 -28.78 -36.34 -32.91
C PHE B 486 -29.34 -37.75 -32.89
N THR B 487 -30.59 -37.91 -33.30
CA THR B 487 -31.13 -39.27 -33.39
C THR B 487 -30.33 -40.09 -34.40
N GLU B 488 -29.96 -39.48 -35.52
CA GLU B 488 -29.13 -40.19 -36.49
C GLU B 488 -27.80 -40.62 -35.87
N GLU B 489 -27.16 -39.72 -35.12
CA GLU B 489 -25.89 -40.04 -34.51
C GLU B 489 -26.03 -41.14 -33.47
N LYS B 490 -27.12 -41.12 -32.71
CA LYS B 490 -27.33 -42.19 -31.73
C LYS B 490 -27.49 -43.53 -32.42
N GLN B 491 -28.27 -43.58 -33.50
CA GLN B 491 -28.39 -44.83 -34.25
C GLN B 491 -27.02 -45.29 -34.73
N ARG B 492 -26.24 -44.37 -35.31
CA ARG B 492 -24.93 -44.73 -35.83
C ARG B 492 -24.02 -45.23 -34.72
N LEU B 493 -24.08 -44.60 -33.54
CA LEU B 493 -23.19 -44.99 -32.44
C LEU B 493 -23.56 -46.36 -31.92
N GLU B 494 -24.85 -46.65 -31.78
CA GLU B 494 -25.25 -47.98 -31.35
C GLU B 494 -24.82 -49.02 -32.37
N HIS B 495 -24.95 -48.69 -33.66
CA HIS B 495 -24.48 -49.58 -34.70
C HIS B 495 -22.98 -49.85 -34.56
N GLN B 496 -22.19 -48.79 -34.34
CA GLN B 496 -20.77 -48.95 -34.12
C GLN B 496 -20.47 -49.80 -32.89
N VAL B 497 -21.22 -49.58 -31.81
CA VAL B 497 -20.98 -50.31 -30.58
C VAL B 497 -21.18 -51.80 -30.80
N PHE B 498 -22.30 -52.18 -31.40
CA PHE B 498 -22.53 -53.60 -31.61
C PHE B 498 -21.57 -54.18 -32.65
N THR B 499 -21.19 -53.40 -33.66
CA THR B 499 -20.18 -53.87 -34.59
C THR B 499 -18.88 -54.17 -33.87
N TRP B 500 -18.44 -53.26 -33.00
CA TRP B 500 -17.21 -53.48 -32.24
C TRP B 500 -17.35 -54.69 -31.34
N ILE B 501 -18.53 -54.88 -30.74
CA ILE B 501 -18.76 -56.07 -29.93
C ILE B 501 -18.51 -57.33 -30.76
N GLU B 502 -19.10 -57.38 -31.96
CA GLU B 502 -19.01 -58.61 -32.74
C GLU B 502 -17.69 -58.72 -33.48
N GLN B 503 -16.92 -57.64 -33.56
CA GLN B 503 -15.59 -57.74 -34.18
C GLN B 503 -14.62 -58.49 -33.30
N HIS B 504 -14.97 -58.75 -32.04
CA HIS B 504 -14.13 -59.48 -31.10
C HIS B 504 -14.96 -60.62 -30.50
N PRO B 505 -15.17 -61.70 -31.25
CA PRO B 505 -16.01 -62.79 -30.75
C PRO B 505 -15.49 -63.44 -29.49
N LYS B 506 -14.17 -63.41 -29.25
CA LYS B 506 -13.63 -63.99 -28.02
C LYS B 506 -14.35 -63.43 -26.80
N LEU B 507 -14.57 -62.12 -26.76
CA LEU B 507 -15.35 -61.52 -25.69
C LEU B 507 -16.79 -62.04 -25.77
N ILE B 508 -17.38 -62.30 -24.61
CA ILE B 508 -18.68 -62.94 -24.53
C ILE B 508 -19.67 -61.94 -23.94
N PHE B 509 -20.71 -61.62 -24.69
CA PHE B 509 -21.80 -60.77 -24.23
C PHE B 509 -23.07 -61.59 -24.21
N SER B 510 -23.68 -61.71 -23.04
CA SER B 510 -24.96 -62.40 -22.94
C SER B 510 -26.07 -61.55 -23.55
N ASN B 511 -27.14 -62.22 -23.95
CA ASN B 511 -28.31 -61.49 -24.43
C ASN B 511 -28.81 -60.52 -23.37
N GLU B 512 -28.72 -60.92 -22.10
CA GLU B 512 -29.05 -59.99 -21.02
C GLU B 512 -28.09 -58.81 -21.01
N ARG B 513 -26.79 -59.07 -21.15
CA ARG B 513 -25.82 -57.98 -21.19
C ARG B 513 -26.03 -57.12 -22.42
N ARG B 514 -26.33 -57.72 -23.56
CA ARG B 514 -26.57 -56.96 -24.77
C ARG B 514 -27.79 -56.06 -24.61
N GLN B 515 -28.84 -56.59 -23.99
CA GLN B 515 -30.03 -55.77 -23.73
C GLN B 515 -29.71 -54.64 -22.76
N GLU B 516 -28.85 -54.90 -21.77
CA GLU B 516 -28.45 -53.85 -20.85
C GLU B 516 -27.72 -52.72 -21.58
N ILE B 517 -26.79 -53.09 -22.47
CA ILE B 517 -26.09 -52.08 -23.25
C ILE B 517 -27.07 -51.32 -24.14
N ALA B 518 -28.05 -52.02 -24.70
CA ALA B 518 -29.06 -51.36 -25.50
C ALA B 518 -29.83 -50.34 -24.68
N ARG B 519 -30.23 -50.73 -23.46
CA ARG B 519 -30.95 -49.81 -22.58
C ARG B 519 -30.10 -48.58 -22.30
N SER B 520 -28.83 -48.77 -21.98
CA SER B 520 -27.97 -47.63 -21.68
C SER B 520 -27.82 -46.72 -22.88
N ILE B 521 -27.56 -47.29 -24.06
CA ILE B 521 -27.30 -46.48 -25.24
C ILE B 521 -28.55 -45.72 -25.65
N GLU B 522 -29.72 -46.32 -25.51
CA GLU B 522 -30.93 -45.69 -26.04
C GLU B 522 -31.24 -44.39 -25.32
N GLY B 523 -31.12 -44.37 -24.00
CA GLY B 523 -31.45 -43.20 -23.21
C GLY B 523 -30.29 -42.32 -22.79
N LEU B 524 -29.34 -42.07 -23.68
CA LEU B 524 -28.16 -41.30 -23.29
C LEU B 524 -28.49 -39.83 -23.09
N TYR B 525 -27.95 -39.26 -22.02
CA TYR B 525 -28.12 -37.85 -21.69
C TYR B 525 -29.53 -37.55 -21.24
N GLU B 526 -30.41 -38.55 -21.28
CA GLU B 526 -31.73 -38.40 -20.69
C GLU B 526 -31.84 -39.21 -19.41
N GLU B 527 -31.08 -40.29 -19.31
CA GLU B 527 -31.08 -41.13 -18.12
C GLU B 527 -29.69 -41.38 -17.56
N ASN B 528 -28.67 -41.51 -18.40
CA ASN B 528 -27.33 -41.78 -17.91
C ASN B 528 -26.28 -41.30 -18.90
N ARG B 529 -25.12 -40.93 -18.36
CA ARG B 529 -24.00 -40.52 -19.18
C ARG B 529 -23.51 -41.69 -20.01
N TYR B 530 -22.65 -41.39 -21.00
CA TYR B 530 -22.17 -42.44 -21.90
C TYR B 530 -21.20 -43.39 -21.21
N GLU B 531 -20.57 -42.98 -20.11
CA GLU B 531 -19.59 -43.85 -19.47
C GLU B 531 -20.18 -45.21 -19.15
N GLN B 532 -21.44 -45.27 -18.74
CA GLN B 532 -22.04 -46.54 -18.36
C GLN B 532 -21.97 -47.55 -19.49
N VAL B 533 -21.89 -47.09 -20.74
CA VAL B 533 -21.66 -48.02 -21.85
C VAL B 533 -20.24 -48.57 -21.77
N ARG B 534 -19.25 -47.67 -21.61
CA ARG B 534 -17.88 -48.13 -21.48
C ARG B 534 -17.71 -48.98 -20.24
N GLU B 535 -18.47 -48.70 -19.19
CA GLU B 535 -18.42 -49.56 -18.02
C GLU B 535 -18.78 -50.99 -18.38
N LYS B 536 -19.86 -51.16 -19.15
CA LYS B 536 -20.31 -52.50 -19.46
C LYS B 536 -19.36 -53.20 -20.43
N LEU B 537 -18.78 -52.47 -21.37
CA LEU B 537 -17.78 -53.10 -22.24
C LEU B 537 -16.55 -53.52 -21.45
N LEU B 538 -16.01 -52.61 -20.65
CA LEU B 538 -14.80 -52.92 -19.89
C LEU B 538 -15.06 -54.02 -18.87
N ALA B 539 -16.29 -54.18 -18.41
CA ALA B 539 -16.57 -55.32 -17.54
C ALA B 539 -16.24 -56.63 -18.26
N VAL B 540 -16.73 -56.79 -19.48
CA VAL B 540 -16.48 -58.02 -20.22
C VAL B 540 -15.00 -58.16 -20.53
N VAL B 541 -14.37 -57.06 -20.98
CA VAL B 541 -12.95 -57.15 -21.31
C VAL B 541 -12.13 -57.53 -20.08
N ASN B 542 -12.47 -56.97 -18.93
CA ASN B 542 -11.75 -57.30 -17.70
C ASN B 542 -11.96 -58.75 -17.31
N ASP B 543 -13.19 -59.26 -17.41
CA ASP B 543 -13.40 -60.67 -17.09
C ASP B 543 -12.57 -61.55 -18.01
N TYR B 544 -12.55 -61.23 -19.30
CA TYR B 544 -11.76 -62.02 -20.24
C TYR B 544 -10.28 -61.99 -19.87
N ILE B 545 -9.75 -60.81 -19.58
CA ILE B 545 -8.33 -60.73 -19.26
C ILE B 545 -8.05 -61.42 -17.94
N THR B 546 -8.99 -61.39 -17.00
CA THR B 546 -8.83 -62.11 -15.75
C THR B 546 -8.67 -63.60 -16.01
N ASP B 547 -9.56 -64.17 -16.81
CA ASP B 547 -9.47 -65.59 -17.11
C ASP B 547 -8.17 -65.91 -17.83
N ILE B 548 -7.78 -65.06 -18.78
CA ILE B 548 -6.55 -65.30 -19.51
C ILE B 548 -5.35 -65.29 -18.56
N SER B 549 -5.31 -64.33 -17.64
CA SER B 549 -4.20 -64.26 -16.70
C SER B 549 -4.18 -65.48 -15.79
N THR B 550 -5.36 -65.93 -15.35
CA THR B 550 -5.41 -67.13 -14.53
C THR B 550 -4.80 -68.31 -15.27
N LYS B 551 -5.18 -68.48 -16.54
CA LYS B 551 -4.61 -69.57 -17.32
C LYS B 551 -3.11 -69.38 -17.53
N LYS B 552 -2.66 -68.14 -17.64
CA LYS B 552 -1.23 -67.90 -17.77
C LYS B 552 -0.48 -68.38 -16.53
N LYS B 553 -0.99 -68.04 -15.35
CA LYS B 553 -0.34 -68.48 -14.12
C LYS B 553 -0.37 -70.01 -14.03
N LEU B 554 -1.48 -70.62 -14.43
CA LEU B 554 -1.56 -72.08 -14.41
C LEU B 554 -0.51 -72.69 -15.32
N MET B 555 -0.33 -72.12 -16.52
CA MET B 555 0.68 -72.63 -17.44
C MET B 555 2.08 -72.43 -16.87
N GLU B 556 2.31 -71.32 -16.15
CA GLU B 556 3.61 -71.14 -15.50
C GLU B 556 3.86 -72.22 -14.47
N THR B 557 2.85 -72.57 -13.67
CA THR B 557 3.00 -73.67 -12.74
C THR B 557 3.35 -74.96 -13.48
N LYS B 558 2.65 -75.23 -14.58
CA LYS B 558 2.91 -76.45 -15.33
C LYS B 558 4.33 -76.48 -15.87
N ILE B 559 4.81 -75.34 -16.40
CA ILE B 559 6.14 -75.32 -16.99
C ILE B 559 7.20 -75.49 -15.91
N GLU B 560 6.98 -74.90 -14.72
CA GLU B 560 7.91 -75.14 -13.62
C GLU B 560 7.97 -76.61 -13.25
N ASP B 561 6.81 -77.26 -13.16
CA ASP B 561 6.80 -78.68 -12.82
C ASP B 561 7.53 -79.50 -13.87
N LYS B 562 7.32 -79.19 -15.15
CA LYS B 562 8.00 -79.94 -16.20
C LYS B 562 9.50 -79.70 -16.20
N LYS B 563 9.93 -78.48 -15.86
CA LYS B 563 11.35 -78.25 -15.65
C LYS B 563 11.89 -79.13 -14.53
N HIS B 564 11.13 -79.26 -13.45
CA HIS B 564 11.56 -80.14 -12.37
C HIS B 564 11.69 -81.57 -12.84
N GLU B 565 10.74 -82.04 -13.64
CA GLU B 565 10.81 -83.41 -14.15
C GLU B 565 11.99 -83.60 -15.08
N LEU B 566 12.28 -82.60 -15.91
CA LEU B 566 13.46 -82.67 -16.78
C LEU B 566 14.73 -82.77 -15.94
N GLU B 567 14.80 -81.99 -14.86
CA GLU B 567 15.96 -82.07 -13.97
C GLU B 567 16.07 -83.44 -13.33
N ALA B 568 14.94 -84.04 -12.95
CA ALA B 568 14.99 -85.40 -12.39
C ALA B 568 15.52 -86.40 -13.42
N ALA B 569 15.06 -86.28 -14.66
CA ALA B 569 15.54 -87.17 -15.70
C ALA B 569 17.04 -87.00 -15.90
N ARG B 570 17.51 -85.74 -15.89
CA ARG B 570 18.95 -85.49 -16.02
C ARG B 570 19.72 -86.08 -14.84
N ALA B 571 19.16 -85.99 -13.64
CA ALA B 571 19.81 -86.59 -12.48
C ALA B 571 19.93 -88.11 -12.65
N GLU B 572 18.88 -88.75 -13.16
CA GLU B 572 18.96 -90.18 -13.42
C GLU B 572 20.02 -90.49 -14.46
N LEU B 573 20.11 -89.67 -15.51
CA LEU B 573 21.14 -89.88 -16.53
C LEU B 573 22.53 -89.78 -15.92
N HIS B 574 22.74 -88.78 -15.05
CA HIS B 574 24.02 -88.64 -14.36
C HIS B 574 24.30 -89.87 -13.50
N HIS B 575 23.29 -90.34 -12.77
CA HIS B 575 23.48 -91.49 -11.89
C HIS B 575 23.90 -92.72 -12.69
N TRP B 576 23.25 -92.95 -13.84
CA TRP B 576 23.61 -94.11 -14.65
C TRP B 576 24.98 -93.93 -15.29
N LYS B 577 25.33 -92.72 -15.72
CA LYS B 577 26.65 -92.50 -16.29
C LYS B 577 27.75 -92.78 -15.26
N THR B 578 27.57 -92.31 -14.03
CA THR B 578 28.63 -92.42 -13.04
C THR B 578 28.73 -93.84 -12.47
N LEU B 579 27.64 -94.61 -12.53
CA LEU B 579 27.64 -95.93 -11.91
C LEU B 579 28.73 -96.82 -12.50
N LYS B 580 29.46 -97.50 -11.62
CA LYS B 580 30.53 -98.38 -12.07
C LYS B 580 29.99 -99.58 -12.83
N MET B 581 29.02 -100.28 -12.25
CA MET B 581 28.53 -101.53 -12.81
C MET B 581 27.18 -101.89 -12.22
N PRO B 582 26.21 -102.30 -13.03
CA PRO B 582 24.90 -102.67 -12.49
C PRO B 582 24.98 -103.94 -11.65
N ASN B 583 24.01 -104.08 -10.76
CA ASN B 583 23.97 -105.18 -9.81
C ASN B 583 22.64 -105.91 -9.89
N PRO B 584 22.61 -107.20 -9.56
CA PRO B 584 21.32 -107.89 -9.45
C PRO B 584 20.54 -107.39 -8.25
N ASP B 585 19.35 -107.97 -8.06
CA ASP B 585 18.51 -107.59 -6.94
C ASP B 585 19.19 -107.93 -5.63
N ARG B 586 19.03 -107.05 -4.64
CA ARG B 586 19.69 -107.18 -3.35
C ARG B 586 18.81 -106.65 -2.25
N ALA B 587 19.12 -107.05 -1.02
CA ALA B 587 18.51 -106.48 0.17
C ALA B 587 19.48 -105.49 0.80
N LYS B 588 18.91 -104.48 1.49
CA LYS B 588 19.75 -103.47 2.13
C LYS B 588 20.72 -104.10 3.11
N ASP B 589 20.32 -105.20 3.76
CA ASP B 589 21.22 -105.89 4.67
C ASP B 589 22.46 -106.40 3.94
N THR B 590 22.29 -106.84 2.69
CA THR B 590 23.45 -107.27 1.91
C THR B 590 24.41 -106.12 1.65
N GLU B 591 23.88 -104.95 1.29
CA GLU B 591 24.74 -103.79 1.08
C GLU B 591 25.44 -103.39 2.37
N ALA B 592 24.73 -103.44 3.50
CA ALA B 592 25.35 -103.13 4.78
C ALA B 592 26.46 -104.12 5.09
N PHE B 593 26.23 -105.41 4.85
CA PHE B 593 27.25 -106.41 5.12
C PHE B 593 28.47 -106.20 4.23
N ARG B 594 28.26 -105.83 2.97
CA ARG B 594 29.40 -105.67 2.07
C ARG B 594 30.16 -104.37 2.36
N LEU B 595 29.46 -103.34 2.82
CA LEU B 595 30.17 -102.16 3.33
C LEU B 595 30.98 -102.53 4.57
N GLN B 596 30.42 -103.38 5.43
CA GLN B 596 31.17 -103.88 6.58
C GLN B 596 32.39 -104.66 6.14
N LEU B 597 32.26 -105.46 5.07
CA LEU B 597 33.41 -106.19 4.53
C LEU B 597 34.47 -105.23 4.02
N LEU B 598 34.07 -104.17 3.31
CA LEU B 598 35.04 -103.18 2.86
C LEU B 598 35.74 -102.54 4.04
N GLU B 599 34.98 -102.21 5.09
CA GLU B 599 35.60 -101.63 6.29
C GLU B 599 36.59 -102.60 6.92
N ASP B 600 36.22 -103.87 7.03
CA ASP B 600 37.05 -104.85 7.72
C ASP B 600 38.19 -105.35 6.83
N GLY B 601 37.95 -105.46 5.53
CA GLY B 601 39.00 -105.84 4.61
C GLY B 601 38.98 -107.29 4.20
N GLN B 602 37.80 -107.82 3.91
CA GLN B 602 37.70 -109.17 3.39
C GLN B 602 37.91 -109.18 1.87
N ALA B 603 38.64 -110.20 1.41
CA ALA B 603 38.88 -110.40 -0.02
C ALA B 603 37.64 -111.06 -0.61
N PHE B 604 36.74 -110.25 -1.17
CA PHE B 604 35.45 -110.72 -1.64
C PHE B 604 35.13 -110.12 -3.00
N ILE B 605 34.39 -110.89 -3.79
CA ILE B 605 33.91 -110.44 -5.10
C ILE B 605 32.59 -111.16 -5.38
N PRO B 606 31.58 -110.49 -5.94
CA PRO B 606 30.34 -111.21 -6.28
C PRO B 606 30.55 -112.19 -7.44
N PHE B 607 29.72 -113.23 -7.49
CA PHE B 607 29.88 -114.26 -8.51
C PHE B 607 29.84 -113.66 -9.92
N TYR B 608 28.83 -112.84 -10.20
CA TYR B 608 28.65 -112.36 -11.56
C TYR B 608 29.84 -111.53 -12.03
N ALA B 609 30.56 -110.89 -11.11
CA ALA B 609 31.73 -110.10 -11.49
C ALA B 609 32.95 -110.98 -11.73
N ALA B 610 32.92 -112.23 -11.24
CA ALA B 610 34.09 -113.10 -11.33
C ALA B 610 33.92 -114.22 -12.33
N VAL B 611 32.86 -114.20 -13.15
CA VAL B 611 32.58 -115.30 -14.08
C VAL B 611 32.16 -114.74 -15.43
N GLU B 612 32.25 -115.60 -16.45
CA GLU B 612 31.84 -115.29 -17.80
C GLU B 612 31.57 -116.59 -18.54
N PHE B 613 30.63 -116.55 -19.49
CA PHE B 613 30.32 -117.71 -20.31
C PHE B 613 31.36 -117.89 -21.40
N GLN B 614 31.65 -119.14 -21.74
CA GLN B 614 32.45 -119.42 -22.92
C GLN B 614 31.68 -118.98 -24.17
N ASP B 615 32.44 -118.61 -25.20
CA ASP B 615 31.84 -117.96 -26.37
C ASP B 615 30.73 -118.80 -27.01
N ASP B 616 30.89 -120.13 -27.05
CA ASP B 616 29.94 -120.98 -27.75
C ASP B 616 28.62 -121.15 -26.99
N VAL B 617 28.57 -120.77 -25.72
CA VAL B 617 27.32 -120.84 -24.97
C VAL B 617 26.42 -119.70 -25.42
N THR B 618 25.41 -120.02 -26.23
CA THR B 618 24.60 -119.00 -26.86
C THR B 618 23.87 -118.17 -25.82
N GLU B 619 23.35 -117.01 -26.26
CA GLU B 619 22.73 -116.07 -25.36
C GLU B 619 21.56 -116.68 -24.61
N GLU B 620 20.81 -117.59 -25.23
CA GLU B 620 19.67 -118.21 -24.58
C GLU B 620 20.13 -119.04 -23.38
N GLN B 621 21.19 -119.82 -23.55
CA GLN B 621 21.73 -120.58 -22.42
C GLN B 621 22.31 -119.65 -21.36
N LYS B 622 22.91 -118.53 -21.80
CA LYS B 622 23.34 -117.53 -20.83
C LYS B 622 22.18 -117.07 -19.97
N GLU B 623 21.05 -116.74 -20.60
CA GLU B 623 19.87 -116.30 -19.88
C GLU B 623 19.40 -117.37 -18.90
N ARG B 624 19.31 -118.62 -19.37
CA ARG B 624 18.81 -119.69 -18.51
C ARG B 624 19.74 -119.89 -17.30
N ILE B 625 21.04 -119.94 -17.55
CA ILE B 625 22.00 -120.18 -16.47
C ILE B 625 21.95 -119.03 -15.48
N GLU B 626 21.92 -117.79 -15.97
CA GLU B 626 21.89 -116.64 -15.08
C GLU B 626 20.61 -116.61 -14.26
N SER B 627 19.48 -116.96 -14.89
CA SER B 627 18.21 -116.99 -14.15
C SER B 627 18.25 -118.06 -13.05
N ALA B 628 18.76 -119.24 -13.38
CA ALA B 628 18.84 -120.29 -12.37
C ALA B 628 19.75 -119.88 -11.23
N LEU B 629 20.91 -119.28 -11.55
CA LEU B 629 21.82 -118.82 -10.52
C LEU B 629 21.19 -117.74 -9.66
N LYS B 630 20.44 -116.82 -10.28
CA LYS B 630 19.76 -115.78 -9.52
C LYS B 630 18.73 -116.38 -8.57
N GLN B 631 17.97 -117.37 -9.04
CA GLN B 631 17.00 -118.01 -8.14
C GLN B 631 17.71 -118.70 -6.99
N THR B 632 18.82 -119.40 -7.28
CA THR B 632 19.57 -120.06 -6.23
C THR B 632 20.29 -119.05 -5.35
N GLY B 633 20.45 -117.82 -5.82
CA GLY B 633 21.16 -116.79 -5.08
C GLY B 633 22.66 -116.80 -5.27
N ILE B 634 23.19 -117.70 -6.09
CA ILE B 634 24.63 -117.77 -6.27
C ILE B 634 25.12 -116.71 -7.25
N LEU B 635 24.21 -116.16 -8.06
CA LEU B 635 24.61 -115.17 -9.05
C LEU B 635 25.26 -113.96 -8.38
N ASP B 636 24.80 -113.58 -7.20
CA ASP B 636 25.34 -112.45 -6.46
C ASP B 636 26.14 -112.86 -5.23
N SER B 637 26.35 -114.16 -5.02
CA SER B 637 27.09 -114.62 -3.86
C SER B 637 28.57 -114.22 -3.97
N LEU B 638 29.23 -114.21 -2.82
CA LEU B 638 30.60 -113.72 -2.71
C LEU B 638 31.59 -114.88 -2.77
N ILE B 639 32.57 -114.77 -3.67
CA ILE B 639 33.71 -115.67 -3.70
C ILE B 639 34.85 -115.00 -2.94
N THR B 640 35.34 -115.67 -1.90
CA THR B 640 36.37 -115.10 -1.04
C THR B 640 37.53 -116.07 -0.95
N GLU B 641 38.75 -115.53 -0.99
CA GLU B 641 39.92 -116.37 -0.81
C GLU B 641 39.94 -117.01 0.57
N ASN B 642 39.45 -116.31 1.60
CA ASN B 642 39.25 -116.92 2.90
C ASN B 642 37.92 -117.67 2.94
N ALA B 643 37.86 -118.67 3.81
CA ALA B 643 36.61 -119.42 3.99
C ALA B 643 35.62 -118.58 4.77
N LEU B 644 35.12 -117.52 4.14
CA LEU B 644 34.31 -116.54 4.86
C LEU B 644 32.95 -117.10 5.22
N ALA B 645 32.46 -116.73 6.40
CA ALA B 645 31.10 -117.02 6.81
C ALA B 645 30.28 -115.74 6.69
N PRO B 646 29.32 -115.66 5.75
CA PRO B 646 28.64 -114.39 5.50
C PRO B 646 27.67 -114.03 6.61
N THR B 647 27.31 -112.76 6.64
CA THR B 647 26.25 -112.25 7.50
C THR B 647 25.24 -111.54 6.61
N HIS B 648 24.04 -112.12 6.50
CA HIS B 648 23.01 -111.59 5.61
C HIS B 648 23.46 -111.65 4.15
N ASP B 649 24.27 -112.66 3.81
CA ASP B 649 24.82 -112.79 2.48
C ASP B 649 25.16 -114.25 2.21
N ARG B 650 25.47 -114.53 0.94
CA ARG B 650 25.82 -115.87 0.49
C ARG B 650 27.27 -115.91 0.06
N VAL B 651 27.97 -116.96 0.47
CA VAL B 651 29.38 -117.15 0.14
C VAL B 651 29.56 -118.55 -0.43
N ILE B 652 30.30 -118.65 -1.53
CA ILE B 652 30.66 -119.94 -2.12
C ILE B 652 32.02 -120.35 -1.58
N ARG B 653 32.25 -121.66 -1.56
CA ARG B 653 33.53 -122.21 -1.14
C ARG B 653 33.94 -123.35 -2.08
N PRO B 654 35.23 -123.64 -2.19
CA PRO B 654 35.65 -124.66 -3.15
C PRO B 654 35.31 -126.08 -2.69
N GLU B 655 34.27 -126.65 -3.29
CA GLU B 655 33.89 -128.05 -3.07
C GLU B 655 33.55 -128.67 -4.42
N PRO B 656 34.56 -128.95 -5.23
CA PRO B 656 34.29 -129.41 -6.60
C PRO B 656 33.47 -130.70 -6.62
N GLN B 657 32.31 -130.63 -7.27
CA GLN B 657 31.44 -131.80 -7.43
C GLN B 657 31.79 -132.48 -8.75
N LEU B 658 32.87 -133.27 -8.69
CA LEU B 658 33.46 -133.87 -9.87
C LEU B 658 32.60 -134.95 -10.49
N LEU B 659 31.54 -135.39 -9.83
CA LEU B 659 30.62 -136.39 -10.37
C LEU B 659 29.57 -135.68 -11.21
N GLY B 660 29.44 -136.10 -12.46
CA GLY B 660 28.57 -135.43 -13.40
C GLY B 660 29.21 -134.14 -13.92
N TYR B 661 28.47 -133.47 -14.78
CA TYR B 661 28.95 -132.22 -15.34
C TYR B 661 28.95 -131.12 -14.26
N THR B 662 29.73 -130.07 -14.53
CA THR B 662 29.80 -128.92 -13.64
C THR B 662 29.86 -127.65 -14.48
N LEU B 663 29.54 -126.53 -13.84
CA LEU B 663 29.49 -125.26 -14.57
C LEU B 663 30.85 -124.88 -15.13
N ALA B 664 31.93 -125.48 -14.61
CA ALA B 664 33.24 -125.25 -15.20
C ALA B 664 33.25 -125.60 -16.68
N ASP B 665 32.41 -126.56 -17.09
CA ASP B 665 32.31 -126.90 -18.51
C ASP B 665 31.81 -125.73 -19.33
N TYR B 666 30.94 -124.89 -18.75
CA TYR B 666 30.27 -123.84 -19.51
C TYR B 666 30.77 -122.43 -19.18
N LEU B 667 31.52 -122.25 -18.10
CA LEU B 667 31.87 -120.93 -17.61
C LEU B 667 33.38 -120.82 -17.43
N ARG B 668 33.88 -119.59 -17.55
CA ARG B 668 35.29 -119.28 -17.34
C ARG B 668 35.41 -118.06 -16.44
N PRO B 669 36.52 -117.94 -15.69
CA PRO B 669 36.66 -116.80 -14.78
C PRO B 669 36.86 -115.47 -15.50
N ASP B 670 36.47 -114.38 -14.85
CA ASP B 670 36.65 -113.03 -15.37
C ASP B 670 37.12 -112.08 -14.27
N LEU B 671 38.10 -112.50 -13.47
CA LEU B 671 38.55 -111.68 -12.35
C LEU B 671 39.15 -110.37 -12.85
N GLU B 672 38.97 -109.31 -12.07
CA GLU B 672 39.43 -107.99 -12.45
C GLU B 672 40.88 -107.78 -12.02
N ALA B 673 41.41 -106.60 -12.36
CA ALA B 673 42.84 -106.35 -12.17
C ALA B 673 43.26 -106.44 -10.71
N ASP B 674 42.49 -105.83 -9.81
CA ASP B 674 42.83 -105.82 -8.39
C ASP B 674 42.04 -106.85 -7.59
N SER B 675 41.70 -107.99 -8.22
CA SER B 675 40.96 -109.02 -7.53
C SER B 675 41.89 -109.84 -6.64
N LEU B 676 41.58 -109.89 -5.34
CA LEU B 676 42.34 -110.72 -4.41
C LEU B 676 41.96 -112.19 -4.52
N ILE B 677 40.87 -112.52 -5.20
CA ILE B 677 40.46 -113.90 -5.37
C ILE B 677 41.36 -114.56 -6.41
N SER B 678 41.63 -115.85 -6.22
CA SER B 678 42.47 -116.60 -7.15
C SER B 678 41.62 -117.22 -8.25
N ASN B 679 42.19 -117.28 -9.45
CA ASN B 679 41.49 -117.88 -10.58
C ASN B 679 41.17 -119.34 -10.31
N LYS B 680 42.12 -120.06 -9.69
CA LYS B 680 41.88 -121.46 -9.38
C LYS B 680 40.70 -121.64 -8.43
N LEU B 681 40.53 -120.71 -7.48
CA LEU B 681 39.38 -120.78 -6.59
C LEU B 681 38.08 -120.67 -7.37
N VAL B 682 38.02 -119.74 -8.33
CA VAL B 682 36.82 -119.58 -9.14
C VAL B 682 36.58 -120.82 -9.98
N ASP B 683 37.64 -121.39 -10.55
CA ASP B 683 37.48 -122.60 -11.36
C ASP B 683 36.95 -123.76 -10.52
N GLU B 684 37.51 -123.96 -9.32
CA GLU B 684 37.04 -125.02 -8.44
C GLU B 684 35.59 -124.79 -8.04
N ILE B 685 35.21 -123.54 -7.74
CA ILE B 685 33.83 -123.25 -7.39
C ILE B 685 32.92 -123.54 -8.57
N LEU B 686 33.38 -123.24 -9.79
CA LEU B 686 32.62 -123.65 -10.98
C LEU B 686 32.45 -125.15 -11.02
N ARG B 687 33.52 -125.90 -10.75
CA ARG B 687 33.39 -127.35 -10.59
C ARG B 687 32.50 -127.70 -9.42
N SER B 688 32.42 -126.82 -8.42
CA SER B 688 31.59 -127.08 -7.24
C SER B 688 30.11 -126.93 -7.52
N ILE B 689 29.73 -126.31 -8.64
CA ILE B 689 28.34 -126.15 -9.02
C ILE B 689 28.00 -127.29 -9.98
N SER B 690 27.40 -128.35 -9.45
CA SER B 690 27.05 -129.51 -10.27
C SER B 690 25.91 -129.16 -11.22
N LEU B 691 25.89 -129.84 -12.37
CA LEU B 691 24.77 -129.80 -13.29
C LEU B 691 23.84 -130.99 -13.10
N GLU B 692 24.11 -131.86 -12.14
CA GLU B 692 23.27 -133.01 -11.84
C GLU B 692 23.13 -133.13 -10.34
N GLN B 693 22.03 -133.76 -9.90
CA GLN B 693 21.64 -133.82 -8.50
C GLN B 693 21.75 -135.24 -7.99
N GLU B 694 22.16 -135.39 -6.73
CA GLU B 694 22.22 -136.67 -6.05
C GLU B 694 21.55 -136.53 -4.69
N GLY B 695 20.39 -137.17 -4.53
CA GLY B 695 19.67 -137.05 -3.27
C GLY B 695 19.34 -135.61 -2.97
N ALA B 696 19.69 -135.17 -1.76
CA ALA B 696 19.55 -133.76 -1.40
C ALA B 696 20.76 -132.98 -1.90
N GLY B 697 21.05 -133.09 -3.19
CA GLY B 697 22.24 -132.52 -3.77
C GLY B 697 22.00 -131.14 -4.36
N PHE B 698 23.09 -130.39 -4.51
CA PHE B 698 23.06 -129.05 -5.05
C PHE B 698 23.50 -129.09 -6.51
N HIS B 699 22.67 -128.57 -7.41
CA HIS B 699 23.00 -128.55 -8.83
C HIS B 699 22.26 -127.40 -9.49
N VAL B 700 22.84 -126.89 -10.57
CA VAL B 700 22.21 -125.85 -11.37
C VAL B 700 22.46 -126.16 -12.85
N ASP B 701 21.44 -126.71 -13.52
CA ASP B 701 21.62 -127.11 -14.90
C ASP B 701 21.44 -125.94 -15.85
N VAL B 702 21.92 -126.12 -17.08
CA VAL B 702 21.85 -125.07 -18.10
C VAL B 702 20.47 -124.94 -18.73
N ASP B 703 19.57 -125.88 -18.46
CA ASP B 703 18.24 -125.86 -19.06
C ASP B 703 17.23 -125.08 -18.24
N GLY B 704 17.64 -124.43 -17.16
CA GLY B 704 16.74 -123.73 -16.28
C GLY B 704 16.32 -124.49 -15.06
N SER B 705 16.84 -125.70 -14.85
CA SER B 705 16.53 -126.51 -13.68
C SER B 705 17.66 -126.44 -12.68
N TYR B 706 17.31 -126.36 -11.40
CA TYR B 706 18.28 -126.26 -10.33
C TYR B 706 17.72 -126.91 -9.08
N SER B 707 18.58 -127.14 -8.10
CA SER B 707 18.16 -127.74 -6.84
C SER B 707 19.26 -127.59 -5.81
N LEU B 708 18.84 -127.43 -4.56
CA LEU B 708 19.76 -127.47 -3.42
C LEU B 708 19.02 -127.97 -2.19
N GLY B 709 19.16 -129.26 -1.91
CA GLY B 709 18.38 -129.91 -0.88
C GLY B 709 17.56 -131.03 -1.48
N CYS B 710 16.75 -131.66 -0.63
CA CYS B 710 15.87 -132.72 -1.08
C CYS B 710 14.72 -132.11 -1.88
N LEU B 711 15.04 -131.54 -3.04
CA LEU B 711 14.10 -130.68 -3.75
C LEU B 711 14.50 -130.61 -5.22
N VAL B 712 13.57 -130.13 -6.04
CA VAL B 712 13.81 -129.87 -7.46
C VAL B 712 13.26 -128.50 -7.79
N GLY B 713 13.97 -127.75 -8.62
CA GLY B 713 13.59 -126.39 -8.94
C GLY B 713 13.80 -126.06 -10.40
N HIS B 714 13.00 -125.11 -10.88
CA HIS B 714 13.08 -124.63 -12.26
C HIS B 714 12.93 -123.11 -12.24
N ALA B 715 13.66 -122.44 -13.14
CA ALA B 715 13.71 -120.99 -13.14
C ALA B 715 12.69 -120.39 -14.10
N PRO B 716 12.08 -119.26 -13.76
CA PRO B 716 11.20 -118.55 -14.69
C PRO B 716 12.01 -117.58 -15.55
N ASN B 717 11.29 -116.82 -16.38
CA ASN B 717 11.91 -115.78 -17.17
C ASN B 717 12.00 -114.50 -16.35
N GLU B 718 13.19 -113.90 -16.32
CA GLU B 718 13.42 -112.65 -15.60
C GLU B 718 14.33 -111.73 -16.40
N GLY B 719 14.24 -111.78 -17.73
CA GLY B 719 15.05 -110.97 -18.60
C GLY B 719 16.27 -111.71 -19.09
N PRO B 720 16.92 -111.19 -20.13
CA PRO B 720 18.12 -111.83 -20.67
C PRO B 720 19.30 -111.65 -19.74
N SER B 721 20.34 -112.44 -19.99
CA SER B 721 21.55 -112.35 -19.19
C SER B 721 22.08 -110.92 -19.22
N LYS B 722 22.28 -110.35 -18.02
CA LYS B 722 22.66 -108.95 -17.91
C LYS B 722 23.79 -108.70 -16.93
N TYR B 723 24.31 -109.73 -16.25
CA TYR B 723 25.35 -109.52 -15.25
C TYR B 723 26.54 -110.43 -15.46
N ILE B 724 26.31 -111.67 -15.89
CA ILE B 724 27.42 -112.57 -16.21
C ILE B 724 27.94 -112.22 -17.59
N GLY B 725 29.25 -112.04 -17.69
CA GLY B 725 29.87 -111.67 -18.95
C GLY B 725 30.02 -110.18 -19.11
N ARG B 726 31.02 -109.75 -19.87
CA ARG B 726 31.31 -108.33 -19.99
C ARG B 726 30.24 -107.61 -20.81
N SER B 727 29.82 -108.21 -21.93
CA SER B 727 28.81 -107.57 -22.76
C SER B 727 27.47 -107.47 -22.04
N SER B 728 27.07 -108.51 -21.31
CA SER B 728 25.76 -108.51 -20.66
C SER B 728 25.65 -107.39 -19.64
N ARG B 729 26.71 -107.17 -18.85
CA ARG B 729 26.69 -106.06 -17.89
C ARG B 729 26.55 -104.73 -18.61
N LYS B 730 27.23 -104.58 -19.75
CA LYS B 730 27.13 -103.34 -20.52
C LYS B 730 25.72 -103.16 -21.07
N ARG B 731 25.01 -104.26 -21.32
CA ARG B 731 23.68 -104.17 -21.91
C ARG B 731 22.72 -103.40 -21.02
N TYR B 732 22.72 -103.70 -19.71
CA TYR B 732 21.76 -103.07 -18.81
C TYR B 732 21.99 -101.56 -18.74
N GLN B 733 23.24 -101.14 -18.64
CA GLN B 733 23.53 -99.71 -18.55
C GLN B 733 23.19 -99.00 -19.86
N GLN B 734 23.41 -99.66 -21.00
CA GLN B 734 22.99 -99.09 -22.27
C GLN B 734 21.48 -98.90 -22.32
N GLU B 735 20.73 -99.91 -21.84
CA GLU B 735 19.28 -99.76 -21.79
C GLU B 735 18.88 -98.60 -20.88
N LYS B 736 19.53 -98.47 -19.73
CA LYS B 736 19.18 -97.40 -18.81
C LYS B 736 19.46 -96.03 -19.41
N ILE B 737 20.62 -95.87 -20.08
CA ILE B 737 20.95 -94.59 -20.67
C ILE B 737 19.97 -94.26 -21.79
N LYS B 738 19.60 -95.26 -22.61
CA LYS B 738 18.62 -95.01 -23.66
C LYS B 738 17.26 -94.66 -23.09
N GLU B 739 16.88 -95.28 -21.97
CA GLU B 739 15.64 -94.91 -21.27
C GLU B 739 15.69 -93.46 -20.83
N CYS B 740 16.82 -93.04 -20.26
CA CYS B 740 16.96 -91.64 -19.85
C CYS B 740 16.82 -90.71 -21.06
N GLN B 741 17.43 -91.08 -22.17
CA GLN B 741 17.35 -90.25 -23.37
C GLN B 741 15.91 -90.14 -23.86
N GLU B 742 15.18 -91.26 -23.86
CA GLU B 742 13.77 -91.23 -24.28
C GLU B 742 12.93 -90.35 -23.36
N THR B 743 13.15 -90.48 -22.05
CA THR B 743 12.42 -89.65 -21.09
C THR B 743 12.70 -88.19 -21.33
N ILE B 744 13.97 -87.84 -21.58
CA ILE B 744 14.33 -86.46 -21.84
C ILE B 744 13.67 -85.97 -23.12
N GLU B 745 13.62 -86.81 -24.15
CA GLU B 745 12.93 -86.43 -25.38
C GLU B 745 11.47 -86.08 -25.11
N GLN B 746 10.75 -86.98 -24.42
CA GLN B 746 9.33 -86.74 -24.16
C GLN B 746 9.14 -85.48 -23.33
N LEU B 747 9.97 -85.30 -22.30
CA LEU B 747 9.83 -84.12 -21.45
C LEU B 747 10.15 -82.85 -22.21
N GLN B 748 11.14 -82.88 -23.11
CA GLN B 748 11.41 -81.72 -23.96
C GLN B 748 10.19 -81.38 -24.80
N LEU B 749 9.57 -82.39 -25.41
CA LEU B 749 8.39 -82.16 -26.22
C LEU B 749 7.30 -81.47 -25.40
N GLU B 750 6.99 -82.02 -24.23
CA GLU B 750 5.93 -81.46 -23.40
C GLU B 750 6.28 -80.04 -22.94
N LEU B 751 7.54 -79.82 -22.56
CA LEU B 751 7.96 -78.50 -22.11
C LEU B 751 7.79 -77.47 -23.22
N GLU B 752 8.18 -77.82 -24.44
CA GLU B 752 8.03 -76.87 -25.54
C GLU B 752 6.56 -76.63 -25.87
N GLU B 753 5.73 -77.66 -25.76
CA GLU B 753 4.29 -77.45 -25.96
C GLU B 753 3.76 -76.45 -24.94
N LEU B 754 4.13 -76.61 -23.67
CA LEU B 754 3.68 -75.69 -22.65
C LEU B 754 4.19 -74.28 -22.90
N LYS B 755 5.44 -74.16 -23.35
CA LYS B 755 5.97 -72.84 -23.68
C LYS B 755 5.16 -72.19 -24.81
N VAL B 756 4.79 -72.98 -25.82
CA VAL B 756 3.98 -72.45 -26.91
C VAL B 756 2.64 -71.94 -26.39
N GLN B 757 2.01 -72.73 -25.50
CA GLN B 757 0.71 -72.31 -24.97
C GLN B 757 0.86 -71.05 -24.12
N LEU B 758 1.93 -70.95 -23.35
CA LEU B 758 2.15 -69.75 -22.56
C LEU B 758 2.33 -68.54 -23.46
N SER B 759 3.06 -68.71 -24.57
CA SER B 759 3.18 -67.62 -25.53
C SER B 759 1.82 -67.25 -26.11
N GLN B 760 0.98 -68.24 -26.39
CA GLN B 760 -0.38 -67.97 -26.84
C GLN B 760 -1.11 -67.09 -25.85
N TYR B 761 -1.03 -67.43 -24.57
CA TYR B 761 -1.73 -66.67 -23.54
C TYR B 761 -1.19 -65.24 -23.45
N GLU B 762 0.13 -65.08 -23.54
CA GLU B 762 0.69 -63.73 -23.51
C GLU B 762 0.22 -62.93 -24.73
N GLU B 763 0.16 -63.56 -25.90
CA GLU B 763 -0.34 -62.88 -27.08
C GLU B 763 -1.80 -62.47 -26.86
N ASN B 764 -2.60 -63.33 -26.25
CA ASN B 764 -3.99 -62.99 -26.00
C ASN B 764 -4.12 -61.82 -25.02
N LEU B 765 -3.25 -61.78 -24.01
CA LEU B 765 -3.26 -60.63 -23.11
C LEU B 765 -2.94 -59.36 -23.88
N LEU B 766 -1.95 -59.41 -24.77
CA LEU B 766 -1.65 -58.23 -25.58
C LEU B 766 -2.82 -57.86 -26.48
N GLN B 767 -3.52 -58.85 -27.02
CA GLN B 767 -4.70 -58.58 -27.82
C GLN B 767 -5.75 -57.84 -27.01
N ALA B 768 -6.05 -58.34 -25.80
CA ALA B 768 -7.03 -57.67 -24.95
C ALA B 768 -6.60 -56.24 -24.67
N ALA B 769 -5.33 -56.05 -24.26
CA ALA B 769 -4.84 -54.70 -24.01
C ALA B 769 -5.05 -53.82 -25.23
N GLN B 770 -4.82 -54.36 -26.42
CA GLN B 770 -5.06 -53.59 -27.64
C GLN B 770 -6.53 -53.27 -27.81
N TRP B 771 -7.40 -54.24 -27.50
CA TRP B 771 -8.83 -54.03 -27.69
C TRP B 771 -9.32 -52.86 -26.87
N LYS B 772 -8.83 -52.73 -25.63
CA LYS B 772 -9.32 -51.68 -24.75
C LYS B 772 -9.21 -50.30 -25.40
N GLN B 773 -8.18 -50.10 -26.22
CA GLN B 773 -7.98 -48.80 -26.82
C GLN B 773 -8.93 -48.55 -28.00
N THR B 774 -9.38 -49.61 -28.67
CA THR B 774 -10.15 -49.47 -29.89
C THR B 774 -11.66 -49.37 -29.66
N MET B 775 -12.09 -48.93 -28.48
CA MET B 775 -13.51 -48.88 -28.22
C MET B 775 -14.15 -47.67 -28.93
N PRO B 776 -15.42 -47.75 -29.30
CA PRO B 776 -16.10 -46.60 -29.88
C PRO B 776 -16.26 -45.49 -28.85
N THR B 777 -16.41 -44.27 -29.35
CA THR B 777 -16.52 -43.10 -28.50
C THR B 777 -17.75 -42.30 -28.91
N ASP B 778 -18.26 -41.51 -27.96
CA ASP B 778 -19.45 -40.71 -28.17
C ASP B 778 -19.13 -39.25 -28.45
N GLN B 779 -18.03 -38.97 -29.13
CA GLN B 779 -17.62 -37.59 -29.36
C GLN B 779 -18.70 -36.84 -30.14
N GLU B 780 -19.18 -37.42 -31.23
CA GLU B 780 -20.12 -36.73 -32.09
C GLU B 780 -21.47 -36.56 -31.41
N LEU B 781 -21.97 -37.60 -30.76
CA LEU B 781 -23.24 -37.49 -30.04
C LEU B 781 -23.12 -36.44 -28.94
N ASN B 782 -22.00 -36.44 -28.23
CA ASN B 782 -21.78 -35.42 -27.20
C ASN B 782 -21.82 -34.02 -27.78
N ASP B 783 -21.16 -33.82 -28.93
CA ASP B 783 -21.18 -32.50 -29.55
C ASP B 783 -22.58 -32.10 -29.96
N LEU B 784 -23.35 -33.03 -30.52
CA LEU B 784 -24.71 -32.69 -30.93
C LEU B 784 -25.55 -32.33 -29.72
N ASN B 785 -25.41 -33.05 -28.61
CA ASN B 785 -26.17 -32.67 -27.42
C ASN B 785 -25.74 -31.31 -26.91
N VAL B 786 -24.44 -31.01 -26.95
CA VAL B 786 -23.97 -29.71 -26.50
C VAL B 786 -24.59 -28.60 -27.34
N GLN B 787 -24.57 -28.78 -28.66
CA GLN B 787 -25.15 -27.76 -29.54
C GLN B 787 -26.65 -27.65 -29.33
N ILE B 788 -27.33 -28.77 -29.06
CA ILE B 788 -28.76 -28.71 -28.79
C ILE B 788 -29.03 -27.87 -27.56
N GLU B 789 -28.26 -28.09 -26.49
CA GLU B 789 -28.45 -27.30 -25.28
C GLU B 789 -28.21 -25.81 -25.56
N LYS B 790 -27.13 -25.51 -26.27
CA LYS B 790 -26.78 -24.12 -26.56
C LYS B 790 -27.90 -23.45 -27.35
N THR B 791 -28.38 -24.11 -28.40
CA THR B 791 -29.40 -23.52 -29.25
C THR B 791 -30.75 -23.46 -28.53
N GLY B 792 -31.02 -24.37 -27.61
CA GLY B 792 -32.22 -24.23 -26.80
C GLY B 792 -32.17 -22.98 -25.95
N HIS B 793 -31.02 -22.73 -25.32
CA HIS B 793 -30.88 -21.48 -24.57
C HIS B 793 -31.07 -20.27 -25.48
N GLN B 794 -30.46 -20.30 -26.67
CA GLN B 794 -30.60 -19.18 -27.59
C GLN B 794 -32.05 -18.97 -27.98
N LEU B 795 -32.77 -20.06 -28.27
CA LEU B 795 -34.18 -19.94 -28.62
C LEU B 795 -34.97 -19.31 -27.49
N GLU B 796 -34.70 -19.73 -26.26
CA GLU B 796 -35.43 -19.13 -25.15
C GLU B 796 -35.13 -17.64 -25.01
N GLU B 797 -33.87 -17.25 -25.21
CA GLU B 797 -33.53 -15.84 -25.14
C GLU B 797 -34.27 -15.04 -26.21
N GLN B 798 -34.23 -15.52 -27.45
CA GLN B 798 -34.93 -14.83 -28.52
C GLN B 798 -36.43 -14.80 -28.26
N LYS B 799 -36.99 -15.85 -27.66
CA LYS B 799 -38.40 -15.85 -27.35
C LYS B 799 -38.72 -14.77 -26.32
N LYS B 800 -37.88 -14.63 -25.30
CA LYS B 800 -38.07 -13.55 -24.34
C LYS B 800 -38.04 -12.20 -25.04
N VAL B 801 -37.08 -12.00 -25.93
CA VAL B 801 -36.95 -10.73 -26.63
C VAL B 801 -38.19 -10.45 -27.46
N LEU B 802 -38.68 -11.47 -28.18
CA LEU B 802 -39.85 -11.30 -29.02
C LEU B 802 -41.07 -10.95 -28.18
N PHE B 803 -41.25 -11.63 -27.05
CA PHE B 803 -42.39 -11.33 -26.20
C PHE B 803 -42.31 -9.89 -25.68
N GLN B 804 -41.12 -9.46 -25.26
CA GLN B 804 -40.97 -8.09 -24.79
C GLN B 804 -41.29 -7.09 -25.89
N LEU B 805 -40.79 -7.34 -27.10
CA LEU B 805 -41.04 -6.42 -28.20
C LEU B 805 -42.53 -6.35 -28.50
N ASP B 806 -43.22 -7.49 -28.51
CA ASP B 806 -44.65 -7.46 -28.76
C ASP B 806 -45.40 -6.74 -27.65
N GLU B 807 -44.92 -6.85 -26.40
CA GLU B 807 -45.55 -6.09 -25.32
C GLU B 807 -45.42 -4.59 -25.56
N GLN B 808 -44.21 -4.12 -25.88
CA GLN B 808 -44.03 -2.70 -26.14
C GLN B 808 -44.83 -2.28 -27.36
N TRP B 809 -44.93 -3.16 -28.36
CA TRP B 809 -45.73 -2.87 -29.54
C TRP B 809 -47.19 -2.66 -29.18
N LYS B 810 -47.73 -3.53 -28.32
CA LYS B 810 -49.11 -3.36 -27.87
C LYS B 810 -49.29 -2.04 -27.14
N GLN B 811 -48.37 -1.73 -26.23
CA GLN B 811 -48.49 -0.48 -25.48
C GLN B 811 -48.46 0.73 -26.40
N VAL B 812 -47.52 0.75 -27.34
CA VAL B 812 -47.40 1.86 -28.27
C VAL B 812 -48.65 1.98 -29.11
N HIS B 813 -49.18 0.86 -29.58
CA HIS B 813 -50.38 0.91 -30.41
C HIS B 813 -51.56 1.45 -29.61
N GLY B 814 -51.69 1.03 -28.36
CA GLY B 814 -52.77 1.56 -27.54
C GLY B 814 -52.67 3.06 -27.38
N HIS B 815 -51.47 3.56 -27.04
CA HIS B 815 -51.30 5.00 -26.89
C HIS B 815 -51.52 5.73 -28.20
N LEU B 816 -51.07 5.15 -29.31
CA LEU B 816 -51.26 5.76 -30.61
C LEU B 816 -52.75 5.90 -30.92
N GLN B 817 -53.53 4.85 -30.64
CA GLN B 817 -54.95 4.93 -30.92
C GLN B 817 -55.64 5.95 -30.01
N VAL B 818 -55.24 6.01 -28.74
CA VAL B 818 -55.81 7.00 -27.85
C VAL B 818 -55.55 8.41 -28.38
N ILE B 819 -54.29 8.67 -28.77
CA ILE B 819 -53.96 9.98 -29.30
C ILE B 819 -54.74 10.25 -30.57
N LYS B 820 -54.91 9.24 -31.42
CA LYS B 820 -55.64 9.43 -32.67
C LYS B 820 -57.08 9.80 -32.41
N ILE B 821 -57.75 9.11 -31.49
CA ILE B 821 -59.15 9.42 -31.22
C ILE B 821 -59.28 10.81 -30.63
N GLN B 822 -58.38 11.17 -29.70
CA GLN B 822 -58.45 12.51 -29.13
C GLN B 822 -58.21 13.58 -30.20
N LEU B 823 -57.24 13.34 -31.09
CA LEU B 823 -56.97 14.29 -32.16
C LEU B 823 -58.20 14.46 -33.05
N HIS B 824 -58.80 13.36 -33.47
CA HIS B 824 -59.98 13.47 -34.33
C HIS B 824 -61.10 14.20 -33.62
N GLN B 825 -61.35 13.88 -32.35
CA GLN B 825 -62.42 14.52 -31.62
C GLN B 825 -62.21 16.02 -31.53
N GLU B 826 -60.97 16.43 -31.22
CA GLU B 826 -60.71 17.86 -31.00
C GLU B 826 -60.49 18.60 -32.31
N GLY B 827 -60.36 17.88 -33.42
CA GLY B 827 -60.14 18.54 -34.70
C GLY B 827 -61.39 18.59 -35.57
N ARG B 828 -62.31 17.64 -35.37
CA ARG B 828 -63.52 17.58 -36.19
C ARG B 828 -64.34 18.86 -36.09
N GLN B 829 -64.30 19.52 -34.93
CA GLN B 829 -65.07 20.75 -34.75
C GLN B 829 -64.65 21.83 -35.74
N LEU B 830 -63.45 21.73 -36.30
CA LEU B 830 -62.96 22.67 -37.30
C LEU B 830 -62.76 21.95 -38.63
N ASN B 831 -63.14 22.63 -39.71
CA ASN B 831 -63.11 22.05 -41.05
C ASN B 831 -61.68 22.01 -41.59
N LEU B 832 -60.86 21.18 -40.97
CA LEU B 832 -59.48 21.00 -41.39
C LEU B 832 -59.11 19.52 -41.43
N SER B 833 -58.15 19.20 -42.31
CA SER B 833 -57.49 17.91 -42.26
C SER B 833 -56.37 17.98 -41.23
N LEU B 834 -56.14 16.87 -40.54
CA LEU B 834 -55.30 16.86 -39.34
C LEU B 834 -53.88 16.43 -39.63
N THR B 835 -53.35 16.78 -40.80
CA THR B 835 -51.95 16.50 -41.09
C THR B 835 -51.06 17.53 -40.43
N LYS B 836 -49.77 17.19 -40.33
CA LYS B 836 -48.81 18.13 -39.76
C LYS B 836 -48.74 19.40 -40.60
N GLU B 837 -48.64 19.26 -41.92
CA GLU B 837 -48.53 20.44 -42.78
C GLU B 837 -49.79 21.28 -42.72
N VAL B 838 -50.95 20.64 -42.81
CA VAL B 838 -52.21 21.38 -42.85
C VAL B 838 -52.40 22.15 -41.55
N LEU B 839 -52.24 21.47 -40.41
CA LEU B 839 -52.45 22.13 -39.13
C LEU B 839 -51.39 23.19 -38.85
N GLY B 840 -50.15 22.94 -39.27
CA GLY B 840 -49.12 23.97 -39.12
C GLY B 840 -49.44 25.21 -39.92
N GLN B 841 -49.87 25.03 -41.17
CA GLN B 841 -50.27 26.17 -41.98
C GLN B 841 -51.43 26.91 -41.35
N ALA B 842 -52.41 26.16 -40.82
CA ALA B 842 -53.57 26.79 -40.18
C ALA B 842 -53.14 27.59 -38.96
N LEU B 843 -52.24 27.04 -38.13
CA LEU B 843 -51.79 27.74 -36.94
C LEU B 843 -51.03 29.01 -37.31
N ILE B 844 -50.16 28.94 -38.32
CA ILE B 844 -49.42 30.12 -38.75
C ILE B 844 -50.39 31.17 -39.29
N SER B 845 -51.39 30.74 -40.05
CA SER B 845 -52.41 31.65 -40.54
C SER B 845 -53.16 32.29 -39.39
N ALA B 846 -53.47 31.52 -38.35
CA ALA B 846 -54.15 32.10 -37.18
C ALA B 846 -53.29 33.18 -36.53
N LYS B 847 -51.98 32.91 -36.39
CA LYS B 847 -51.10 33.92 -35.79
C LYS B 847 -51.06 35.18 -36.64
N ASN B 848 -50.94 35.03 -37.95
CA ASN B 848 -50.91 36.20 -38.82
C ASN B 848 -52.24 36.94 -38.78
N TYR B 849 -53.35 36.20 -38.67
CA TYR B 849 -54.65 36.84 -38.50
C TYR B 849 -54.70 37.65 -37.21
N ARG B 850 -54.10 37.11 -36.14
CA ARG B 850 -54.02 37.87 -34.89
C ARG B 850 -53.27 39.18 -35.10
N ASP B 851 -52.13 39.11 -35.78
CA ASP B 851 -51.37 40.33 -36.05
C ASP B 851 -52.20 41.33 -36.84
N GLN B 852 -52.85 40.88 -37.91
CA GLN B 852 -53.62 41.79 -38.74
C GLN B 852 -54.78 42.38 -37.96
N LEU B 853 -55.41 41.58 -37.09
CA LEU B 853 -56.50 42.10 -36.27
C LEU B 853 -56.01 43.17 -35.32
N TYR B 854 -54.83 42.98 -34.72
CA TYR B 854 -54.28 44.02 -33.86
C TYR B 854 -54.05 45.31 -34.64
N SER B 855 -53.48 45.20 -35.85
CA SER B 855 -53.26 46.39 -36.66
C SER B 855 -54.58 47.05 -37.01
N PHE B 856 -55.60 46.25 -37.32
CA PHE B 856 -56.92 46.78 -37.65
C PHE B 856 -57.49 47.56 -36.48
N LYS B 857 -57.39 47.01 -35.26
CA LYS B 857 -57.90 47.72 -34.10
C LYS B 857 -57.12 49.00 -33.87
N ASP B 858 -55.81 48.98 -34.13
CA ASP B 858 -55.02 50.19 -34.02
C ASP B 858 -55.55 51.27 -34.96
N LEU B 859 -55.82 50.90 -36.22
CA LEU B 859 -56.36 51.87 -37.17
C LEU B 859 -57.73 52.35 -36.72
N PHE B 860 -58.54 51.47 -36.14
CA PHE B 860 -59.84 51.91 -35.63
C PHE B 860 -59.68 52.96 -34.54
N GLN B 861 -58.71 52.76 -33.64
CA GLN B 861 -58.43 53.76 -32.62
C GLN B 861 -57.99 55.08 -33.25
N LYS B 862 -57.13 54.99 -34.26
CA LYS B 862 -56.71 56.20 -34.99
C LYS B 862 -57.92 56.94 -35.53
N CYS B 863 -58.84 56.21 -36.15
CA CYS B 863 -60.04 56.84 -36.71
C CYS B 863 -60.88 57.49 -35.62
N LEU B 864 -61.05 56.81 -34.49
CA LEU B 864 -61.80 57.37 -33.39
C LEU B 864 -61.25 58.72 -32.99
N PHE B 865 -59.94 58.77 -32.73
CA PHE B 865 -59.37 60.03 -32.25
C PHE B 865 -59.35 61.08 -33.34
N ALA B 866 -59.21 60.68 -34.60
CA ALA B 866 -59.29 61.66 -35.69
C ALA B 866 -60.67 62.30 -35.74
N ARG B 867 -61.73 61.49 -35.59
CA ARG B 867 -63.08 62.03 -35.58
C ARG B 867 -63.26 63.02 -34.44
N LYS B 868 -62.80 62.62 -33.24
CA LYS B 868 -62.96 63.50 -32.08
C LYS B 868 -62.21 64.81 -32.28
N ARG B 869 -60.99 64.75 -32.81
CA ARG B 869 -60.23 65.97 -33.02
C ARG B 869 -60.86 66.84 -34.12
N ILE B 870 -61.46 66.22 -35.14
CA ILE B 870 -62.14 67.01 -36.15
C ILE B 870 -63.31 67.77 -35.54
N GLU B 871 -64.09 67.11 -34.68
CA GLU B 871 -65.16 67.80 -33.97
C GLU B 871 -64.60 68.98 -33.16
N ASP B 872 -63.52 68.73 -32.42
CA ASP B 872 -62.90 69.76 -31.61
C ASP B 872 -62.52 70.96 -32.48
N LEU B 873 -61.85 70.69 -33.59
CA LEU B 873 -61.38 71.77 -34.45
C LEU B 873 -62.56 72.53 -35.06
N THR B 874 -63.63 71.82 -35.40
CA THR B 874 -64.79 72.50 -35.98
C THR B 874 -65.36 73.52 -34.99
N HIS B 875 -65.61 73.09 -33.74
CA HIS B 875 -66.21 74.03 -32.81
C HIS B 875 -65.23 75.14 -32.45
N ARG B 876 -63.94 74.82 -32.36
CA ARG B 876 -62.93 75.85 -32.09
C ARG B 876 -62.92 76.90 -33.20
N LEU B 877 -63.01 76.45 -34.47
CA LEU B 877 -63.02 77.38 -35.58
C LEU B 877 -64.26 78.26 -35.57
N PHE B 878 -65.41 77.68 -35.24
CA PHE B 878 -66.62 78.49 -35.10
C PHE B 878 -66.42 79.59 -34.07
N GLU B 879 -65.89 79.24 -32.89
CA GLU B 879 -65.64 80.22 -31.86
C GLU B 879 -64.67 81.29 -32.35
N MET B 880 -63.63 80.86 -33.08
CA MET B 880 -62.65 81.81 -33.60
C MET B 880 -63.29 82.79 -34.56
N GLU B 881 -64.20 82.31 -35.41
CA GLU B 881 -64.92 83.20 -36.30
C GLU B 881 -65.71 84.24 -35.52
N THR B 882 -66.38 83.80 -34.45
CA THR B 882 -67.09 84.75 -33.60
C THR B 882 -66.14 85.83 -33.07
N GLU B 883 -64.97 85.40 -32.57
CA GLU B 883 -64.02 86.36 -32.01
C GLU B 883 -63.55 87.35 -33.07
N LEU B 884 -63.24 86.85 -34.26
CA LEU B 884 -62.79 87.73 -35.33
C LEU B 884 -63.86 88.77 -35.66
N ASP B 885 -65.12 88.31 -35.74
CA ASP B 885 -66.22 89.22 -36.05
C ASP B 885 -66.31 90.34 -35.01
N ASP B 886 -66.29 89.98 -33.73
CA ASP B 886 -66.43 90.98 -32.69
C ASP B 886 -65.26 91.96 -32.70
N LEU B 887 -64.04 91.45 -32.84
CA LEU B 887 -62.88 92.33 -32.83
C LEU B 887 -62.92 93.28 -34.02
N LYS B 888 -63.33 92.79 -35.20
CA LYS B 888 -63.42 93.67 -36.36
C LYS B 888 -64.50 94.73 -36.17
N GLY B 889 -65.61 94.38 -35.51
CA GLY B 889 -66.61 95.39 -35.20
C GLY B 889 -66.04 96.49 -34.32
N ASP B 890 -65.29 96.11 -33.29
CA ASP B 890 -64.66 97.11 -32.44
C ASP B 890 -63.69 97.98 -33.24
N GLN B 891 -62.93 97.36 -34.14
CA GLN B 891 -62.01 98.12 -34.99
C GLN B 891 -62.78 99.13 -35.84
N ASN B 892 -63.93 98.73 -36.37
CA ASN B 892 -64.75 99.65 -37.15
C ASN B 892 -65.20 100.83 -36.31
N VAL B 893 -65.63 100.56 -35.07
CA VAL B 893 -66.03 101.64 -34.18
C VAL B 893 -64.88 102.61 -33.98
N LYS B 894 -63.68 102.07 -33.72
CA LYS B 894 -62.52 102.93 -33.51
C LYS B 894 -62.21 103.76 -34.76
N GLU B 895 -62.34 103.15 -35.93
CA GLU B 895 -62.06 103.88 -37.17
C GLU B 895 -63.04 105.03 -37.35
N SER B 896 -64.32 104.79 -37.08
CA SER B 896 -65.30 105.86 -37.20
C SER B 896 -64.99 107.00 -36.24
N GLN B 897 -64.63 106.65 -35.00
CA GLN B 897 -64.29 107.68 -34.03
C GLN B 897 -63.08 108.49 -34.49
N LEU B 898 -62.07 107.80 -35.04
CA LEU B 898 -60.89 108.52 -35.52
C LEU B 898 -61.25 109.48 -36.64
N ARG B 899 -62.11 109.04 -37.57
CA ARG B 899 -62.51 109.93 -38.66
C ARG B 899 -63.25 111.15 -38.13
N LYS B 900 -64.13 110.95 -37.14
CA LYS B 900 -64.82 112.08 -36.54
C LYS B 900 -63.83 113.05 -35.90
N GLU B 901 -62.83 112.52 -35.21
CA GLU B 901 -61.83 113.38 -34.59
C GLU B 901 -61.06 114.16 -35.65
N LYS B 902 -60.73 113.51 -36.77
CA LYS B 902 -60.07 114.23 -37.86
C LYS B 902 -60.95 115.36 -38.39
N ALA B 903 -62.26 115.09 -38.49
CA ALA B 903 -63.18 116.13 -38.94
C ALA B 903 -63.17 117.32 -37.99
N GLU B 904 -63.18 117.05 -36.69
CA GLU B 904 -63.10 118.13 -35.71
C GLU B 904 -61.80 118.90 -35.83
N ILE B 905 -60.69 118.18 -36.07
CA ILE B 905 -59.40 118.82 -36.26
C ILE B 905 -59.46 119.78 -37.45
N GLU B 906 -60.07 119.32 -38.54
CA GLU B 906 -60.17 120.18 -39.72
C GLU B 906 -61.08 121.37 -39.47
N SER B 907 -62.13 121.20 -38.66
CA SER B 907 -62.95 122.35 -38.29
C SER B 907 -62.13 123.39 -37.53
N ILE B 908 -61.33 122.93 -36.57
CA ILE B 908 -60.47 123.86 -35.83
C ILE B 908 -59.47 124.51 -36.78
N GLU B 909 -58.99 123.75 -37.78
CA GLU B 909 -58.09 124.33 -38.77
C GLU B 909 -58.77 125.43 -39.56
N GLN B 910 -60.04 125.23 -39.93
CA GLN B 910 -60.79 126.28 -40.61
C GLN B 910 -60.89 127.51 -39.72
N GLN B 911 -61.22 127.31 -38.45
CA GLN B 911 -61.34 128.45 -37.53
C GLN B 911 -60.02 129.21 -37.44
N LEU B 912 -58.91 128.49 -37.38
CA LEU B 912 -57.60 129.15 -37.34
C LEU B 912 -57.29 129.83 -38.67
N LYS B 913 -57.77 129.27 -39.78
CA LYS B 913 -57.57 129.92 -41.08
C LYS B 913 -58.28 131.25 -41.13
N LEU B 914 -59.50 131.32 -40.60
CA LEU B 914 -60.20 132.61 -40.53
C LEU B 914 -59.38 133.62 -39.73
N LYS B 915 -58.84 133.20 -38.59
CA LYS B 915 -57.82 133.98 -37.88
C LYS B 915 -56.43 133.76 -38.45
N GLY B 916 -56.29 133.93 -39.77
CA GLY B 916 -55.09 133.51 -40.46
C GLY B 916 -53.89 134.41 -40.28
N ILE B 917 -53.46 134.60 -39.03
CA ILE B 917 -52.20 135.27 -38.77
C ILE B 917 -51.10 134.23 -38.82
N GLU B 918 -50.53 134.04 -40.01
CA GLU B 918 -49.64 132.90 -40.24
C GLU B 918 -48.40 132.96 -39.36
N GLU B 919 -47.80 134.14 -39.21
CA GLU B 919 -46.60 134.24 -38.39
C GLU B 919 -46.88 133.91 -36.94
N VAL B 920 -47.98 134.47 -36.40
CA VAL B 920 -48.38 134.13 -35.04
C VAL B 920 -48.59 132.63 -34.92
N ARG B 921 -49.28 132.03 -35.90
CA ARG B 921 -49.53 130.60 -35.85
C ARG B 921 -48.25 129.81 -35.79
N LEU B 922 -47.31 130.09 -36.70
CA LEU B 922 -46.08 129.29 -36.75
C LEU B 922 -45.26 129.46 -35.48
N ARG B 923 -45.11 130.69 -35.00
CA ARG B 923 -44.30 130.89 -33.81
C ARG B 923 -44.97 130.29 -32.58
N ILE B 924 -46.29 130.40 -32.49
CA ILE B 924 -47.02 129.80 -31.38
C ILE B 924 -46.84 128.29 -31.40
N GLN B 925 -46.93 127.69 -32.59
CA GLN B 925 -46.75 126.25 -32.70
C GLN B 925 -45.35 125.84 -32.29
N GLN B 926 -44.34 126.60 -32.72
CA GLN B 926 -42.97 126.27 -32.32
C GLN B 926 -42.81 126.36 -30.81
N VAL B 927 -43.33 127.43 -30.20
CA VAL B 927 -43.20 127.59 -28.75
C VAL B 927 -43.93 126.48 -28.02
N GLN B 928 -45.15 126.16 -28.43
CA GLN B 928 -45.91 125.11 -27.78
C GLN B 928 -45.22 123.76 -27.91
N GLN B 929 -44.73 123.45 -29.11
CA GLN B 929 -44.01 122.20 -29.32
C GLN B 929 -42.78 122.12 -28.44
N GLU B 930 -42.00 123.21 -28.39
CA GLU B 930 -40.78 123.18 -27.59
C GLU B 930 -41.09 123.05 -26.11
N LEU B 931 -42.11 123.77 -25.63
CA LEU B 931 -42.46 123.67 -24.21
C LEU B 931 -42.91 122.26 -23.87
N ARG B 932 -43.77 121.68 -24.70
CA ARG B 932 -44.25 120.33 -24.42
C ARG B 932 -43.08 119.34 -24.46
N GLU B 933 -42.21 119.45 -25.47
CA GLU B 933 -41.08 118.53 -25.55
C GLU B 933 -40.17 118.67 -24.36
N ALA B 934 -39.91 119.89 -23.91
CA ALA B 934 -39.03 120.10 -22.77
C ALA B 934 -39.63 119.52 -21.49
N THR B 935 -40.93 119.75 -21.26
CA THR B 935 -41.54 119.18 -20.06
C THR B 935 -41.57 117.66 -20.11
N GLU B 936 -41.85 117.10 -21.28
CA GLU B 936 -41.81 115.65 -21.44
C GLU B 936 -40.41 115.13 -21.15
N GLY B 937 -39.39 115.80 -21.67
CA GLY B 937 -38.03 115.35 -21.43
C GLY B 937 -37.66 115.40 -19.96
N ILE B 938 -38.03 116.49 -19.28
CA ILE B 938 -37.66 116.59 -17.87
C ILE B 938 -38.39 115.54 -17.06
N ASN B 939 -39.66 115.26 -17.38
CA ASN B 939 -40.36 114.20 -16.66
C ASN B 939 -39.70 112.84 -16.89
N HIS B 940 -39.36 112.56 -18.15
CA HIS B 940 -38.73 111.29 -18.48
C HIS B 940 -37.39 111.14 -17.75
N LEU B 941 -36.60 112.21 -17.73
CA LEU B 941 -35.32 112.15 -17.03
C LEU B 941 -35.52 112.01 -15.53
N LEU B 942 -36.52 112.69 -14.96
CA LEU B 942 -36.81 112.49 -13.55
C LEU B 942 -37.12 111.04 -13.26
N GLU B 943 -37.81 110.36 -14.17
CA GLU B 943 -38.07 108.94 -13.98
C GLU B 943 -36.79 108.11 -14.10
N THR B 944 -35.98 108.37 -15.14
CA THR B 944 -34.88 107.47 -15.45
C THR B 944 -33.69 107.65 -14.51
N ILE B 945 -33.37 108.87 -14.11
CA ILE B 945 -32.14 109.10 -13.36
C ILE B 945 -32.08 108.27 -12.09
N PRO B 946 -33.10 108.26 -11.23
CA PRO B 946 -33.04 107.38 -10.05
C PRO B 946 -32.89 105.93 -10.41
N GLN B 947 -33.52 105.49 -11.50
CA GLN B 947 -33.41 104.10 -11.91
C GLN B 947 -31.96 103.73 -12.18
N LYS B 948 -31.25 104.58 -12.92
CA LYS B 948 -29.86 104.28 -13.22
C LYS B 948 -28.97 104.46 -12.00
N LYS B 949 -29.33 105.35 -11.08
CA LYS B 949 -28.57 105.39 -9.82
C LYS B 949 -28.71 104.09 -9.05
N ALA B 950 -29.91 103.53 -8.99
CA ALA B 950 -30.09 102.25 -8.33
C ALA B 950 -29.32 101.14 -9.06
N LYS B 951 -29.37 101.17 -10.39
CA LYS B 951 -28.60 100.19 -11.16
C LYS B 951 -27.12 100.30 -10.84
N GLN B 952 -26.61 101.52 -10.72
CA GLN B 952 -25.20 101.72 -10.38
C GLN B 952 -24.90 101.19 -8.98
N GLU B 953 -25.82 101.40 -8.03
CA GLU B 953 -25.63 100.87 -6.68
C GLU B 953 -25.47 99.35 -6.72
N THR B 954 -26.41 98.67 -7.38
CA THR B 954 -26.33 97.22 -7.47
C THR B 954 -25.08 96.78 -8.22
N CYS B 955 -24.73 97.49 -9.29
CA CYS B 955 -23.56 97.13 -10.07
C CYS B 955 -22.29 97.25 -9.25
N GLN B 956 -22.17 98.30 -8.45
CA GLN B 956 -20.98 98.46 -7.62
C GLN B 956 -20.92 97.41 -6.51
N ASN B 957 -22.07 97.07 -5.92
CA ASN B 957 -22.06 95.97 -4.96
C ASN B 957 -21.54 94.69 -5.60
N GLU B 958 -22.09 94.34 -6.76
CA GLU B 958 -21.65 93.13 -7.44
C GLU B 958 -20.18 93.22 -7.82
N LEU B 959 -19.72 94.42 -8.20
CA LEU B 959 -18.32 94.59 -8.55
C LEU B 959 -17.42 94.33 -7.35
N ALA B 960 -17.80 94.84 -6.18
CA ALA B 960 -17.00 94.57 -4.99
C ALA B 960 -16.97 93.08 -4.68
N ALA B 961 -18.12 92.41 -4.80
CA ALA B 961 -18.14 90.97 -4.57
C ALA B 961 -17.21 90.25 -5.53
N ALA B 962 -17.27 90.62 -6.82
CA ALA B 962 -16.43 89.97 -7.81
C ALA B 962 -14.96 90.24 -7.56
N LYS B 963 -14.63 91.45 -7.12
CA LYS B 963 -13.23 91.76 -6.80
C LYS B 963 -12.73 90.90 -5.66
N THR B 964 -13.55 90.71 -4.63
CA THR B 964 -13.15 89.81 -3.55
C THR B 964 -12.97 88.39 -4.08
N SER B 965 -13.87 87.94 -4.94
CA SER B 965 -13.73 86.60 -5.52
C SER B 965 -12.42 86.47 -6.28
N ALA B 966 -12.10 87.46 -7.11
CA ALA B 966 -10.88 87.40 -7.91
C ALA B 966 -9.65 87.39 -7.02
N GLU B 967 -9.63 88.22 -5.98
CA GLU B 967 -8.48 88.23 -5.07
C GLU B 967 -8.32 86.87 -4.40
N PHE B 968 -9.43 86.31 -3.91
CA PHE B 968 -9.35 85.02 -3.25
C PHE B 968 -8.79 83.97 -4.19
N TRP B 969 -9.29 83.92 -5.43
CA TRP B 969 -8.83 82.89 -6.33
C TRP B 969 -7.41 83.13 -6.78
N SER B 970 -6.98 84.38 -6.86
CA SER B 970 -5.56 84.66 -7.07
C SER B 970 -4.72 84.00 -6.00
N ASN B 971 -5.07 84.24 -4.74
CA ASN B 971 -4.27 83.69 -3.66
C ASN B 971 -4.30 82.17 -3.67
N MET B 972 -5.48 81.57 -3.93
CA MET B 972 -5.57 80.12 -3.94
C MET B 972 -4.78 79.52 -5.09
N ALA B 973 -4.87 80.11 -6.28
CA ALA B 973 -4.12 79.59 -7.42
C ALA B 973 -2.63 79.68 -7.16
N ASP B 974 -2.17 80.79 -6.59
CA ASP B 974 -0.75 80.89 -6.26
C ASP B 974 -0.34 79.87 -5.21
N GLU B 975 -1.19 79.63 -4.21
CA GLU B 975 -0.88 78.60 -3.22
C GLU B 975 -0.73 77.24 -3.88
N TRP B 976 -1.65 76.89 -4.78
CA TRP B 976 -1.53 75.60 -5.45
C TRP B 976 -0.31 75.53 -6.36
N GLU B 977 0.04 76.65 -7.00
CA GLU B 977 1.26 76.66 -7.80
C GLU B 977 2.47 76.41 -6.93
N GLN B 978 2.51 77.03 -5.75
CA GLN B 978 3.61 76.77 -4.82
C GLN B 978 3.62 75.31 -4.41
N MET B 979 2.45 74.74 -4.15
CA MET B 979 2.38 73.31 -3.84
C MET B 979 3.03 72.49 -4.94
N VAL B 980 2.62 72.73 -6.18
CA VAL B 980 3.14 71.92 -7.28
C VAL B 980 4.64 72.11 -7.43
N ARG B 981 5.11 73.36 -7.34
CA ARG B 981 6.55 73.60 -7.46
C ARG B 981 7.32 72.87 -6.35
N ALA B 982 6.80 72.91 -5.13
CA ALA B 982 7.47 72.20 -4.05
C ALA B 982 7.53 70.70 -4.33
N ASP B 983 6.42 70.13 -4.80
CA ASP B 983 6.41 68.69 -5.06
C ASP B 983 7.34 68.32 -6.21
N ILE B 984 7.34 69.12 -7.28
CA ILE B 984 8.26 68.85 -8.38
C ILE B 984 9.70 68.96 -7.91
N ALA B 985 9.98 69.92 -7.02
CA ALA B 985 11.34 70.09 -6.54
C ALA B 985 11.88 68.82 -5.90
N ARG B 986 11.00 67.97 -5.39
CA ARG B 986 11.46 66.69 -4.86
C ARG B 986 12.02 65.80 -5.97
N GLY B 987 11.54 65.97 -7.20
CA GLY B 987 12.09 65.27 -8.33
C GLY B 987 11.60 63.86 -8.51
N PHE B 988 10.69 63.38 -7.67
CA PHE B 988 10.20 62.02 -7.81
C PHE B 988 9.57 61.77 -9.17
N VAL B 989 9.09 62.82 -9.84
CA VAL B 989 8.47 62.69 -11.15
C VAL B 989 9.02 63.80 -12.04
N GLU B 990 9.26 63.47 -13.31
CA GLU B 990 9.74 64.45 -14.27
C GLU B 990 8.57 65.17 -14.92
N VAL B 991 8.70 66.49 -15.08
CA VAL B 991 7.64 67.34 -15.59
C VAL B 991 8.06 67.85 -16.96
N VAL B 992 7.20 67.63 -17.95
CA VAL B 992 7.53 68.01 -19.32
C VAL B 992 7.41 69.52 -19.51
N GLU B 993 6.26 70.09 -19.15
CA GLU B 993 5.99 71.50 -19.35
C GLU B 993 5.31 72.05 -18.10
N MET B 994 5.91 73.07 -17.49
CA MET B 994 5.38 73.61 -16.24
C MET B 994 4.12 74.43 -16.54
N ASP B 995 3.02 73.71 -16.75
CA ASP B 995 1.74 74.30 -17.05
C ASP B 995 0.71 73.35 -16.46
N PRO B 996 -0.19 73.82 -15.58
CA PRO B 996 -1.12 72.89 -14.94
C PRO B 996 -1.94 72.09 -15.92
N VAL B 997 -2.42 72.71 -17.01
CA VAL B 997 -3.17 71.92 -17.98
C VAL B 997 -2.27 70.87 -18.62
N LYS B 998 -1.05 71.24 -18.98
CA LYS B 998 -0.13 70.26 -19.55
C LYS B 998 0.25 69.20 -18.51
N ILE B 999 0.53 69.63 -17.28
CA ILE B 999 0.92 68.67 -16.25
C ILE B 999 -0.18 67.63 -16.05
N VAL B 1000 -1.43 68.07 -15.98
CA VAL B 1000 -2.53 67.12 -15.92
C VAL B 1000 -2.53 66.24 -17.16
N LYS B 1001 -2.35 66.86 -18.33
CA LYS B 1001 -2.29 66.10 -19.56
C LYS B 1001 -1.14 65.10 -19.54
N GLN B 1002 -0.10 65.39 -18.76
CA GLN B 1002 1.03 64.47 -18.66
C GLN B 1002 0.70 63.24 -17.83
N LEU B 1003 -0.33 63.33 -16.98
CA LEU B 1003 -0.60 62.28 -16.00
C LEU B 1003 -2.08 61.93 -15.85
N GLU B 1004 -2.98 62.58 -16.58
CA GLU B 1004 -4.41 62.43 -16.29
C GLU B 1004 -4.85 60.99 -16.29
N SER B 1005 -4.21 60.14 -17.10
CA SER B 1005 -4.60 58.74 -17.13
C SER B 1005 -4.55 58.10 -15.75
N ILE B 1006 -3.57 58.49 -14.93
CA ILE B 1006 -3.46 57.91 -13.60
C ILE B 1006 -4.65 58.32 -12.74
N LEU B 1007 -5.15 59.54 -12.89
CA LEU B 1007 -6.20 60.04 -12.02
C LEU B 1007 -7.44 59.16 -12.09
N GLY B 1008 -7.79 58.67 -13.29
CA GLY B 1008 -8.86 57.69 -13.38
C GLY B 1008 -8.41 56.31 -13.01
N LYS B 1009 -7.09 56.08 -12.94
CA LYS B 1009 -6.57 54.75 -12.61
C LYS B 1009 -6.71 54.45 -11.13
N TYR B 1010 -6.48 55.43 -10.27
CA TYR B 1010 -6.44 55.22 -8.83
C TYR B 1010 -7.36 56.19 -8.12
N ASP B 1011 -7.51 55.98 -6.81
CA ASP B 1011 -8.21 56.89 -5.93
C ASP B 1011 -7.36 57.09 -4.68
N ARG B 1012 -7.41 58.30 -4.11
CA ARG B 1012 -6.44 58.68 -3.09
C ARG B 1012 -6.41 57.67 -1.95
N SER B 1013 -7.57 57.37 -1.36
CA SER B 1013 -7.58 56.48 -0.21
C SER B 1013 -7.15 55.06 -0.59
N LYS B 1014 -7.64 54.56 -1.72
CA LYS B 1014 -7.25 53.24 -2.17
C LYS B 1014 -5.75 53.17 -2.43
N LEU B 1015 -5.20 54.20 -3.07
CA LEU B 1015 -3.77 54.23 -3.31
C LEU B 1015 -3.00 54.25 -2.00
N ASN B 1016 -3.45 55.04 -1.03
CA ASN B 1016 -2.77 55.07 0.26
C ASN B 1016 -2.77 53.69 0.90
N GLU B 1017 -3.92 53.01 0.88
CA GLU B 1017 -3.99 51.69 1.49
C GLU B 1017 -3.04 50.72 0.81
N GLN B 1018 -3.03 50.71 -0.52
CA GLN B 1018 -2.16 49.76 -1.22
C GLN B 1018 -0.69 50.13 -1.06
N LEU B 1019 -0.37 51.42 -0.99
CA LEU B 1019 1.00 51.82 -0.71
C LEU B 1019 1.45 51.30 0.64
N THR B 1020 0.60 51.44 1.66
CA THR B 1020 0.95 50.90 2.96
C THR B 1020 1.10 49.39 2.91
N LYS B 1021 0.22 48.71 2.18
CA LYS B 1021 0.30 47.26 2.08
C LYS B 1021 1.63 46.83 1.47
N THR B 1022 2.05 47.50 0.40
CA THR B 1022 3.35 47.19 -0.18
C THR B 1022 4.47 47.54 0.79
N PHE B 1023 4.35 48.67 1.48
CA PHE B 1023 5.42 49.14 2.35
C PHE B 1023 5.67 48.16 3.48
N ILE B 1024 4.62 47.61 4.08
CA ILE B 1024 4.80 46.69 5.19
C ILE B 1024 5.47 45.40 4.71
N ASN B 1025 4.99 44.83 3.61
CA ASN B 1025 5.56 43.58 3.13
C ASN B 1025 7.04 43.72 2.82
N GLU B 1026 7.41 44.81 2.15
CA GLU B 1026 8.81 44.97 1.77
C GLU B 1026 9.68 45.34 2.96
N GLN B 1027 9.09 45.71 4.08
CA GLN B 1027 9.87 45.94 5.29
C GLN B 1027 10.55 44.66 5.75
N ILE B 1028 10.04 43.51 5.32
CA ILE B 1028 10.68 42.24 5.66
C ILE B 1028 12.06 42.16 5.05
N PHE B 1029 12.21 42.63 3.81
CA PHE B 1029 13.43 42.40 3.05
C PHE B 1029 14.51 43.43 3.38
N LEU B 1030 14.11 44.70 3.51
CA LEU B 1030 15.07 45.80 3.56
C LEU B 1030 15.40 46.24 4.98
N THR B 1031 15.42 45.30 5.93
CA THR B 1031 15.71 45.65 7.32
C THR B 1031 17.01 46.43 7.44
N GLU B 1032 18.04 46.05 6.69
CA GLU B 1032 19.32 46.75 6.76
C GLU B 1032 19.14 48.25 6.54
N TYR B 1033 18.23 48.61 5.63
CA TYR B 1033 18.04 50.02 5.30
C TYR B 1033 17.17 50.72 6.34
N ARG B 1034 16.36 49.97 7.07
CA ARG B 1034 15.58 50.52 8.18
C ARG B 1034 14.60 51.58 7.69
N MET B 1035 13.67 51.15 6.84
CA MET B 1035 12.67 52.07 6.29
C MET B 1035 11.91 52.76 7.40
N PHE B 1036 11.58 54.04 7.16
CA PHE B 1036 10.69 54.78 8.02
C PHE B 1036 9.92 55.77 7.17
N GLU B 1037 8.65 55.97 7.51
CA GLU B 1037 7.76 56.86 6.78
C GLU B 1037 7.23 57.92 7.73
N TYR B 1038 7.33 59.17 7.33
CA TYR B 1038 6.86 60.30 8.12
C TYR B 1038 6.07 61.24 7.25
N PRO B 1039 5.07 61.93 7.80
CA PRO B 1039 4.24 62.82 6.99
C PRO B 1039 4.81 64.23 6.90
N GLU B 1040 4.34 65.01 5.93
CA GLU B 1040 4.75 66.39 5.77
C GLU B 1040 3.52 67.26 5.59
N GLU B 1041 3.62 68.51 6.04
CA GLU B 1041 2.50 69.44 6.00
C GLU B 1041 2.98 70.82 5.59
N THR B 1042 2.20 71.50 4.76
CA THR B 1042 2.49 72.87 4.38
C THR B 1042 1.90 73.83 5.41
N GLU B 1043 2.51 75.01 5.51
CA GLU B 1043 2.03 76.04 6.43
C GLU B 1043 0.68 76.54 5.95
N ARG B 1044 -0.36 76.23 6.72
CA ARG B 1044 -1.69 76.73 6.45
C ARG B 1044 -1.63 78.24 6.19
N PRO B 1045 -1.94 78.70 4.98
CA PRO B 1045 -1.71 80.12 4.67
C PRO B 1045 -2.43 81.02 5.65
N GLU B 1046 -1.73 82.07 6.08
CA GLU B 1046 -2.32 83.00 7.05
C GLU B 1046 -3.49 83.76 6.47
N TRP B 1047 -3.52 83.94 5.14
CA TRP B 1047 -4.54 84.78 4.54
C TRP B 1047 -5.91 84.11 4.58
N PHE B 1048 -5.98 82.83 4.98
CA PHE B 1048 -7.26 82.24 5.31
C PHE B 1048 -7.91 82.95 6.49
N SER B 1049 -7.11 83.69 7.27
CA SER B 1049 -7.67 84.43 8.39
C SER B 1049 -8.58 85.56 7.93
N LYS B 1050 -8.24 86.20 6.81
CA LYS B 1050 -9.07 87.29 6.31
C LYS B 1050 -10.52 86.82 6.14
N GLU B 1051 -11.45 87.76 6.33
CA GLU B 1051 -12.87 87.42 6.34
C GLU B 1051 -13.36 87.27 4.90
N TRP B 1052 -13.11 86.08 4.35
CA TRP B 1052 -13.55 85.78 2.99
C TRP B 1052 -15.05 85.47 2.96
N GLY B 1053 -15.61 85.03 4.07
CA GLY B 1053 -17.02 84.67 4.11
C GLY B 1053 -17.25 83.19 3.94
N GLU B 1054 -18.46 82.76 4.28
CA GLU B 1054 -18.77 81.33 4.29
C GLU B 1054 -18.60 80.72 2.91
N TYR B 1055 -18.88 81.48 1.85
CA TYR B 1055 -18.85 80.91 0.51
C TYR B 1055 -17.54 80.21 0.22
N TYR B 1056 -16.43 80.76 0.72
CA TYR B 1056 -15.12 80.25 0.33
C TYR B 1056 -14.65 79.13 1.23
N GLU B 1057 -15.22 79.00 2.43
CA GLU B 1057 -14.69 78.07 3.41
C GLU B 1057 -14.51 76.66 2.88
N PRO B 1058 -15.43 76.09 2.11
CA PRO B 1058 -15.23 74.73 1.64
C PRO B 1058 -13.93 74.52 0.89
N PHE B 1059 -13.49 75.50 0.11
CA PHE B 1059 -12.24 75.34 -0.64
C PHE B 1059 -11.04 75.27 0.28
N MET B 1060 -11.01 76.08 1.33
CA MET B 1060 -9.94 75.94 2.32
C MET B 1060 -10.00 74.58 3.00
N ASN B 1061 -11.20 74.02 3.18
CA ASN B 1061 -11.27 72.66 3.72
C ASN B 1061 -10.68 71.65 2.75
N GLU B 1062 -10.97 71.82 1.46
CA GLU B 1062 -10.36 70.95 0.45
C GLU B 1062 -8.84 71.02 0.54
N TRP B 1063 -8.31 72.24 0.65
CA TRP B 1063 -6.86 72.40 0.78
C TRP B 1063 -6.35 71.71 2.05
N ASN B 1064 -7.05 71.90 3.16
CA ASN B 1064 -6.62 71.30 4.41
C ASN B 1064 -6.55 69.79 4.28
N GLN B 1065 -7.53 69.19 3.63
CA GLN B 1065 -7.51 67.73 3.47
C GLN B 1065 -6.40 67.30 2.53
N LEU B 1066 -6.21 68.02 1.43
CA LEU B 1066 -5.32 67.53 0.38
C LEU B 1066 -3.86 67.92 0.62
N GLN B 1067 -3.61 68.85 1.54
CA GLN B 1067 -2.26 69.38 1.68
C GLN B 1067 -1.28 68.33 2.20
N SER B 1068 -1.70 67.52 3.16
CA SER B 1068 -0.78 66.55 3.76
C SER B 1068 -0.35 65.52 2.74
N ARG B 1069 0.88 65.03 2.90
CA ARG B 1069 1.42 64.02 2.00
C ARG B 1069 2.36 63.13 2.79
N ARG B 1070 2.61 61.94 2.24
CA ARG B 1070 3.47 60.95 2.88
C ARG B 1070 4.81 60.85 2.13
N LEU B 1071 5.88 60.68 2.91
CA LEU B 1071 7.21 60.52 2.37
C LEU B 1071 7.86 59.29 2.98
N ILE B 1072 8.56 58.51 2.15
CA ILE B 1072 9.26 57.32 2.58
C ILE B 1072 10.76 57.60 2.45
N LEU B 1073 11.51 57.26 3.49
CA LEU B 1073 12.94 57.50 3.53
C LEU B 1073 13.67 56.27 4.06
N MET B 1074 14.88 56.05 3.56
CA MET B 1074 15.67 54.91 3.95
C MET B 1074 17.09 55.34 4.25
N GLU B 1075 17.68 54.70 5.25
CA GLU B 1075 19.03 55.03 5.71
C GLU B 1075 20.00 54.12 4.97
N TYR B 1076 20.98 54.73 4.30
CA TYR B 1076 21.79 54.01 3.31
C TYR B 1076 23.14 54.70 3.20
N LYS B 1077 24.20 53.97 3.53
CA LYS B 1077 25.57 54.49 3.42
C LYS B 1077 25.72 55.82 4.14
N GLY B 1078 25.16 55.90 5.34
CA GLY B 1078 25.28 57.08 6.16
C GLY B 1078 24.36 58.23 5.79
N GLN B 1079 23.50 58.04 4.79
CA GLN B 1079 22.57 59.08 4.35
C GLN B 1079 21.18 58.50 4.25
N ARG B 1080 20.18 59.35 4.47
CA ARG B 1080 18.79 58.98 4.39
C ARG B 1080 18.23 59.44 3.05
N VAL B 1081 17.71 58.50 2.27
CA VAL B 1081 17.37 58.76 0.87
C VAL B 1081 16.01 58.15 0.57
N SER B 1082 15.46 58.53 -0.58
CA SER B 1082 14.14 58.05 -1.01
C SER B 1082 14.28 56.78 -1.84
N PRO B 1083 13.18 56.05 -2.02
CA PRO B 1083 13.27 54.77 -2.73
C PRO B 1083 13.86 54.85 -4.13
N TYR B 1084 13.66 55.95 -4.86
CA TYR B 1084 14.27 56.05 -6.18
C TYR B 1084 15.79 55.96 -6.09
N PHE B 1085 16.38 56.72 -5.15
CA PHE B 1085 17.82 56.73 -4.99
C PHE B 1085 18.33 55.34 -4.63
N VAL B 1086 17.66 54.69 -3.67
CA VAL B 1086 18.09 53.36 -3.24
C VAL B 1086 17.97 52.37 -4.39
N PHE B 1087 16.88 52.44 -5.14
CA PHE B 1087 16.68 51.51 -6.23
C PHE B 1087 17.75 51.67 -7.30
N THR B 1088 18.06 52.91 -7.67
CA THR B 1088 19.12 53.12 -8.65
C THR B 1088 20.47 52.67 -8.13
N SER B 1089 20.76 52.94 -6.86
CA SER B 1089 22.02 52.49 -6.27
C SER B 1089 22.11 50.97 -6.32
N LEU B 1090 21.03 50.29 -5.98
CA LEU B 1090 21.03 48.83 -6.01
C LEU B 1090 21.21 48.32 -7.42
N GLU B 1091 20.56 48.95 -8.40
CA GLU B 1091 20.74 48.52 -9.78
C GLU B 1091 22.21 48.61 -10.19
N LYS B 1092 22.83 49.75 -9.95
CA LYS B 1092 24.22 49.92 -10.34
C LYS B 1092 25.12 48.94 -9.59
N GLU B 1093 24.89 48.77 -8.29
CA GLU B 1093 25.74 47.90 -7.50
C GLU B 1093 25.58 46.44 -7.92
N LEU B 1094 24.35 46.03 -8.24
CA LEU B 1094 24.12 44.68 -8.71
C LEU B 1094 24.85 44.43 -10.02
N GLU B 1095 24.79 45.39 -10.94
CA GLU B 1095 25.53 45.21 -12.18
C GLU B 1095 27.05 45.21 -11.94
N ASP B 1096 27.52 46.03 -11.01
CA ASP B 1096 28.94 46.02 -10.69
C ASP B 1096 29.37 44.67 -10.15
N GLN B 1097 28.57 44.09 -9.25
CA GLN B 1097 28.90 42.78 -8.71
C GLN B 1097 28.86 41.72 -9.80
N LYS B 1098 27.88 41.80 -10.71
CA LYS B 1098 27.89 40.90 -11.86
C LYS B 1098 29.19 41.00 -12.63
N GLY B 1099 29.63 42.23 -12.91
CA GLY B 1099 30.86 42.40 -13.64
C GLY B 1099 32.06 41.83 -12.90
N TRP B 1100 32.12 42.07 -11.59
CA TRP B 1100 33.23 41.55 -10.80
C TRP B 1100 33.24 40.03 -10.77
N LEU B 1101 32.06 39.42 -10.63
CA LEU B 1101 31.97 37.96 -10.67
C LEU B 1101 32.44 37.42 -12.00
N ASP B 1102 32.02 38.04 -13.10
CA ASP B 1102 32.49 37.61 -14.41
C ASP B 1102 33.99 37.78 -14.53
N GLU B 1103 34.53 38.87 -13.98
CA GLU B 1103 35.96 39.10 -14.05
C GLU B 1103 36.72 37.99 -13.33
N GLN B 1104 36.28 37.62 -12.13
CA GLN B 1104 36.92 36.53 -11.42
C GLN B 1104 36.76 35.21 -12.18
N ASP B 1105 35.59 34.99 -12.77
CA ASP B 1105 35.37 33.78 -13.54
C ASP B 1105 36.40 33.67 -14.65
N ARG B 1106 36.60 34.75 -15.40
CA ARG B 1106 37.57 34.73 -16.48
C ARG B 1106 38.99 34.62 -15.94
N GLN B 1107 39.26 35.22 -14.77
CA GLN B 1107 40.59 35.14 -14.18
C GLN B 1107 40.96 33.70 -13.87
N LEU B 1108 40.05 32.96 -13.23
CA LEU B 1108 40.35 31.56 -12.94
C LEU B 1108 40.96 30.90 -14.17
N TYR B 1109 40.17 30.82 -15.24
CA TYR B 1109 40.65 30.11 -16.42
C TYR B 1109 41.95 30.69 -16.90
N GLU B 1110 41.94 31.96 -17.36
CA GLU B 1110 43.15 32.53 -17.96
C GLU B 1110 44.37 32.25 -17.09
N ASP B 1111 44.39 32.80 -15.88
CA ASP B 1111 45.61 32.82 -15.09
C ASP B 1111 46.01 31.43 -14.65
N ILE B 1112 45.06 30.65 -14.10
CA ILE B 1112 45.44 29.41 -13.46
C ILE B 1112 45.20 28.23 -14.37
N ILE B 1113 43.95 28.03 -14.80
CA ILE B 1113 43.57 26.71 -15.29
C ILE B 1113 44.32 26.36 -16.56
N VAL B 1114 44.46 27.31 -17.47
CA VAL B 1114 45.05 27.04 -18.77
C VAL B 1114 46.51 27.51 -18.79
N ASN B 1115 47.00 28.03 -17.67
CA ASN B 1115 48.39 28.48 -17.61
C ASN B 1115 49.22 27.77 -16.54
N THR B 1116 48.79 27.80 -15.28
CA THR B 1116 49.61 27.24 -14.21
C THR B 1116 49.26 25.80 -13.92
N VAL B 1117 48.02 25.54 -13.49
CA VAL B 1117 47.57 24.16 -13.31
C VAL B 1117 47.57 23.43 -14.64
N GLY B 1118 47.51 24.18 -15.74
CA GLY B 1118 47.63 23.56 -17.04
C GLY B 1118 48.87 22.72 -17.16
N VAL B 1119 49.98 23.16 -16.56
CA VAL B 1119 51.21 22.37 -16.64
C VAL B 1119 51.00 21.02 -15.98
N ILE B 1120 50.40 21.00 -14.79
CA ILE B 1120 50.24 19.74 -14.08
C ILE B 1120 49.30 18.82 -14.84
N LEU B 1121 48.15 19.35 -15.28
CA LEU B 1121 47.19 18.48 -15.95
C LEU B 1121 47.77 17.95 -17.26
N ARG B 1122 48.45 18.79 -18.02
CA ARG B 1122 49.05 18.35 -19.28
C ARG B 1122 50.10 17.28 -19.03
N ASN B 1123 50.99 17.51 -18.06
CA ASN B 1123 52.02 16.51 -17.77
C ASN B 1123 51.40 15.20 -17.34
N ARG B 1124 50.39 15.26 -16.46
CA ARG B 1124 49.82 14.03 -15.93
C ARG B 1124 49.03 13.28 -16.99
N ILE B 1125 48.32 13.98 -17.85
CA ILE B 1125 47.62 13.31 -18.93
C ILE B 1125 48.61 12.63 -19.87
N LYS B 1126 49.68 13.34 -20.24
CA LYS B 1126 50.68 12.74 -21.11
C LYS B 1126 51.31 11.52 -20.45
N ARG B 1127 51.63 11.62 -19.17
CA ARG B 1127 52.26 10.52 -18.46
C ARG B 1127 51.34 9.31 -18.39
N ALA B 1128 50.08 9.51 -18.03
CA ALA B 1128 49.15 8.39 -17.94
C ALA B 1128 48.95 7.74 -19.30
N GLU B 1129 48.82 8.54 -20.36
CA GLU B 1129 48.68 7.97 -21.68
C GLU B 1129 49.89 7.13 -22.05
N LYS B 1130 51.09 7.65 -21.76
CA LYS B 1130 52.30 6.87 -22.04
C LYS B 1130 52.28 5.56 -21.26
N TRP B 1131 51.87 5.62 -20.00
CA TRP B 1131 51.86 4.42 -19.16
C TRP B 1131 50.91 3.38 -19.72
N VAL B 1132 49.70 3.79 -20.11
CA VAL B 1132 48.76 2.82 -20.64
C VAL B 1132 49.22 2.32 -22.01
N SER B 1133 49.92 3.14 -22.78
CA SER B 1133 50.45 2.66 -24.06
C SER B 1133 51.48 1.56 -23.84
N GLU B 1134 52.42 1.78 -22.92
CA GLU B 1134 53.40 0.74 -22.62
C GLU B 1134 52.71 -0.50 -22.05
N MET B 1135 51.73 -0.28 -21.19
CA MET B 1135 50.87 -1.37 -20.72
C MET B 1135 50.36 -2.20 -21.88
N ASP B 1136 49.76 -1.55 -22.87
CA ASP B 1136 49.16 -2.28 -23.97
C ASP B 1136 50.22 -3.05 -24.76
N LYS B 1137 51.36 -2.40 -25.01
CA LYS B 1137 52.40 -3.08 -25.75
C LYS B 1137 52.81 -4.37 -25.05
N ILE B 1138 53.10 -4.28 -23.75
CA ILE B 1138 53.50 -5.47 -23.01
C ILE B 1138 52.40 -6.52 -23.06
N MET B 1139 51.15 -6.08 -22.83
CA MET B 1139 50.05 -7.02 -22.71
C MET B 1139 49.82 -7.78 -24.01
N GLU B 1140 49.96 -7.10 -25.15
CA GLU B 1140 49.73 -7.78 -26.42
C GLU B 1140 50.94 -8.62 -26.82
N SER B 1141 52.15 -8.18 -26.50
CA SER B 1141 53.34 -8.86 -27.00
C SER B 1141 53.48 -10.25 -26.39
N ARG B 1142 53.28 -10.38 -25.08
CA ARG B 1142 53.56 -11.63 -24.39
C ARG B 1142 52.38 -12.57 -24.53
N ASP B 1143 52.65 -13.79 -24.99
CA ASP B 1143 51.63 -14.81 -25.03
C ASP B 1143 51.46 -15.44 -23.66
N ASN B 1144 50.38 -16.20 -23.49
CA ASN B 1144 50.00 -16.72 -22.18
C ASN B 1144 49.72 -18.20 -22.27
N SER B 1145 49.80 -18.86 -21.12
CA SER B 1145 49.50 -20.29 -21.05
C SER B 1145 48.05 -20.57 -21.43
N SER B 1146 47.15 -19.60 -21.23
CA SER B 1146 45.75 -19.79 -21.53
C SER B 1146 45.45 -19.72 -23.02
N GLY B 1147 46.36 -19.19 -23.84
CA GLY B 1147 46.07 -18.99 -25.24
C GLY B 1147 45.13 -17.83 -25.51
N LEU B 1148 44.85 -17.01 -24.51
CA LEU B 1148 43.94 -15.88 -24.63
C LEU B 1148 44.73 -14.60 -24.42
N THR B 1149 44.62 -13.68 -25.37
CA THR B 1149 45.39 -12.44 -25.35
C THR B 1149 44.53 -11.27 -24.94
N PHE B 1150 45.13 -10.35 -24.17
CA PHE B 1150 44.45 -9.16 -23.67
C PHE B 1150 45.14 -7.90 -24.15
N SER B 1151 44.35 -6.92 -24.56
CA SER B 1151 44.85 -5.61 -24.91
C SER B 1151 43.97 -4.56 -24.26
N ILE B 1152 44.59 -3.43 -23.90
CA ILE B 1152 43.94 -2.38 -23.12
C ILE B 1152 44.29 -1.03 -23.70
N ALA B 1153 43.35 -0.09 -23.60
CA ALA B 1153 43.55 1.25 -24.13
C ALA B 1153 42.77 2.23 -23.27
N TRP B 1154 43.22 3.49 -23.29
CA TRP B 1154 42.62 4.55 -22.49
C TRP B 1154 41.76 5.41 -23.41
N LYS B 1155 40.44 5.34 -23.23
CA LYS B 1155 39.54 5.99 -24.15
C LYS B 1155 39.20 7.40 -23.68
N PRO B 1156 39.48 8.43 -24.47
CA PRO B 1156 38.98 9.76 -24.13
C PRO B 1156 37.48 9.85 -24.38
N LEU B 1157 36.74 10.32 -23.37
CA LEU B 1157 35.28 10.35 -23.48
C LEU B 1157 34.84 11.30 -24.58
N THR B 1158 33.62 11.08 -25.06
CA THR B 1158 33.01 12.01 -25.99
C THR B 1158 32.01 12.91 -25.26
N ALA B 1159 31.96 14.17 -25.67
CA ALA B 1159 31.05 15.11 -25.05
C ALA B 1159 29.61 14.62 -25.16
N GLU B 1160 28.86 14.76 -24.07
CA GLU B 1160 27.46 14.33 -24.07
C GLU B 1160 26.56 15.36 -24.74
N SER B 1161 26.66 16.62 -24.34
CA SER B 1161 25.86 17.68 -24.94
C SER B 1161 26.80 18.72 -25.53
N GLU B 1162 26.34 19.39 -26.58
CA GLU B 1162 27.22 20.21 -27.39
C GLU B 1162 27.77 21.42 -26.66
N GLN B 1163 27.41 21.65 -25.40
CA GLN B 1163 28.06 22.71 -24.64
C GLN B 1163 29.42 22.28 -24.10
N GLU B 1164 29.70 20.99 -24.10
CA GLU B 1164 30.99 20.49 -23.64
C GLU B 1164 31.93 20.28 -24.83
N LEU B 1165 33.21 20.13 -24.53
CA LEU B 1165 34.20 19.79 -25.52
C LEU B 1165 34.47 18.29 -25.50
N ASP B 1166 34.84 17.75 -26.65
CA ASP B 1166 35.32 16.38 -26.69
C ASP B 1166 36.66 16.32 -25.97
N THR B 1167 36.85 15.27 -25.17
CA THR B 1167 38.05 15.20 -24.34
C THR B 1167 39.32 15.29 -25.18
N LYS B 1168 39.30 14.73 -26.38
CA LYS B 1168 40.45 14.85 -27.27
C LYS B 1168 40.73 16.32 -27.59
N ASP B 1169 39.70 17.04 -28.06
CA ASP B 1169 39.86 18.46 -28.34
C ASP B 1169 40.23 19.22 -27.08
N LEU B 1170 39.57 18.90 -25.96
CA LEU B 1170 39.89 19.58 -24.71
C LEU B 1170 41.37 19.47 -24.39
N VAL B 1171 41.94 18.28 -24.55
CA VAL B 1171 43.37 18.13 -24.33
C VAL B 1171 44.15 18.93 -25.35
N LYS B 1172 43.66 19.02 -26.59
CA LYS B 1172 44.34 19.84 -27.58
C LYS B 1172 44.48 21.28 -27.10
N LEU B 1173 43.38 21.88 -26.67
CA LEU B 1173 43.43 23.29 -26.29
C LEU B 1173 44.38 23.50 -25.13
N LEU B 1174 44.29 22.67 -24.09
CA LEU B 1174 45.14 22.85 -22.93
C LEU B 1174 46.61 22.73 -23.28
N GLN B 1175 46.91 22.14 -24.43
CA GLN B 1175 48.31 22.04 -24.86
C GLN B 1175 48.80 23.34 -25.48
N ARG B 1176 47.90 24.30 -25.68
CA ARG B 1176 48.29 25.62 -26.14
C ARG B 1176 48.34 26.60 -24.97
N ASN B 1177 49.30 27.51 -25.02
CA ASN B 1177 49.46 28.50 -23.97
C ASN B 1177 48.19 29.33 -23.83
N SER B 1178 47.83 29.64 -22.58
CA SER B 1178 46.57 30.34 -22.31
C SER B 1178 46.56 31.74 -22.92
N LYS B 1179 47.58 32.55 -22.65
CA LYS B 1179 47.63 33.89 -23.22
C LYS B 1179 47.69 33.83 -24.74
N PHE B 1180 48.50 32.92 -25.29
CA PHE B 1180 48.52 32.72 -26.73
C PHE B 1180 47.24 32.10 -27.25
N LEU B 1181 46.38 31.60 -26.37
CA LEU B 1181 45.11 31.03 -26.80
C LEU B 1181 44.08 32.14 -27.02
N ASN B 1182 43.43 32.11 -28.17
CA ASN B 1182 42.52 33.17 -28.56
C ASN B 1182 41.27 33.16 -27.69
N GLU B 1183 40.38 34.12 -27.96
CA GLU B 1183 39.16 34.24 -27.17
C GLU B 1183 38.17 33.13 -27.48
N ASP B 1184 38.18 32.60 -28.71
CA ASP B 1184 37.25 31.53 -29.04
C ASP B 1184 37.50 30.31 -28.18
N ASP B 1185 38.77 29.94 -28.01
CA ASP B 1185 39.09 28.80 -27.16
C ASP B 1185 38.69 29.07 -25.72
N LEU B 1186 38.93 30.28 -25.23
CA LEU B 1186 38.53 30.60 -23.87
C LEU B 1186 37.02 30.47 -23.70
N ASN B 1187 36.25 30.94 -24.67
CA ASN B 1187 34.81 30.81 -24.58
C ASN B 1187 34.38 29.34 -24.60
N ARG B 1188 34.98 28.54 -25.48
CA ARG B 1188 34.62 27.14 -25.55
C ARG B 1188 34.93 26.43 -24.24
N ILE B 1189 36.12 26.68 -23.68
CA ILE B 1189 36.51 26.03 -22.45
C ILE B 1189 35.67 26.52 -21.29
N THR B 1190 35.28 27.81 -21.30
CA THR B 1190 34.41 28.31 -20.26
C THR B 1190 33.06 27.61 -20.29
N LYS B 1191 32.50 27.45 -21.48
CA LYS B 1191 31.26 26.68 -21.60
C LYS B 1191 31.45 25.26 -21.08
N HIS B 1192 32.55 24.62 -21.49
CA HIS B 1192 32.78 23.24 -21.10
C HIS B 1192 32.84 23.12 -19.58
N PHE B 1193 33.59 24.00 -18.93
CA PHE B 1193 33.75 23.88 -17.49
C PHE B 1193 32.52 24.34 -16.75
N GLN B 1194 31.71 25.22 -17.34
CA GLN B 1194 30.43 25.55 -16.71
C GLN B 1194 29.53 24.33 -16.69
N SER B 1195 29.41 23.65 -17.83
CA SER B 1195 28.60 22.43 -17.86
C SER B 1195 29.16 21.38 -16.90
N ARG B 1196 30.47 21.22 -16.90
CA ARG B 1196 31.08 20.23 -16.01
C ARG B 1196 30.84 20.60 -14.55
N ILE B 1197 30.90 21.88 -14.22
CA ILE B 1197 30.65 22.29 -12.84
C ILE B 1197 29.22 21.96 -12.45
N GLY B 1198 28.26 22.23 -13.35
CA GLY B 1198 26.90 21.85 -13.06
C GLY B 1198 26.75 20.37 -12.78
N LYS B 1199 27.34 19.55 -13.64
CA LYS B 1199 27.18 18.10 -13.48
C LYS B 1199 27.93 17.59 -12.26
N ALA B 1200 29.05 18.21 -11.92
CA ALA B 1200 29.77 17.82 -10.70
C ALA B 1200 28.98 18.22 -9.47
N LYS B 1201 28.39 19.41 -9.45
CA LYS B 1201 27.52 19.80 -8.35
C LYS B 1201 26.42 18.78 -8.19
N GLU B 1202 25.85 18.30 -9.30
CA GLU B 1202 24.83 17.27 -9.20
C GLU B 1202 25.38 15.97 -8.65
N LEU B 1203 26.58 15.57 -9.10
CA LEU B 1203 27.14 14.30 -8.67
C LEU B 1203 27.42 14.30 -7.17
N ILE B 1204 28.01 15.37 -6.66
CA ILE B 1204 28.38 15.39 -5.24
C ILE B 1204 27.12 15.43 -4.38
N GLN B 1205 26.17 16.30 -4.72
CA GLN B 1205 24.98 16.43 -3.87
C GLN B 1205 24.20 15.12 -3.80
N LEU B 1206 24.42 14.22 -4.75
CA LEU B 1206 23.79 12.91 -4.65
C LEU B 1206 24.38 12.11 -3.50
N ARG B 1207 25.60 12.43 -3.08
CA ARG B 1207 26.19 11.76 -1.92
C ARG B 1207 25.42 12.09 -0.64
N ASN B 1208 24.56 13.11 -0.69
CA ASN B 1208 23.80 13.64 0.43
C ASN B 1208 24.65 14.57 1.28
N GLU B 1209 25.87 14.89 0.85
CA GLU B 1209 26.69 15.87 1.53
C GLU B 1209 26.30 17.28 1.10
N GLY B 1210 26.97 18.26 1.69
CA GLY B 1210 26.87 19.63 1.23
C GLY B 1210 28.03 19.97 0.31
N SER B 1211 27.74 20.21 -0.96
CA SER B 1211 28.79 20.36 -1.96
C SER B 1211 29.43 21.73 -1.80
N THR B 1212 30.42 21.83 -0.93
CA THR B 1212 31.24 23.03 -0.88
C THR B 1212 31.92 23.23 -2.23
N LEU B 1213 31.95 24.47 -2.69
CA LEU B 1213 32.44 24.73 -4.04
C LEU B 1213 33.84 24.17 -4.24
N HIS B 1214 34.64 24.09 -3.17
CA HIS B 1214 35.95 23.48 -3.29
C HIS B 1214 35.87 22.01 -3.70
N GLN B 1215 34.91 21.27 -3.12
CA GLN B 1215 34.72 19.89 -3.54
C GLN B 1215 34.38 19.82 -5.02
N VAL B 1216 33.56 20.75 -5.50
CA VAL B 1216 33.19 20.76 -6.91
C VAL B 1216 34.41 21.00 -7.78
N LEU B 1217 35.27 21.93 -7.39
CA LEU B 1217 36.52 22.11 -8.14
C LEU B 1217 37.33 20.82 -8.14
N LYS B 1218 37.46 20.19 -6.98
CA LYS B 1218 38.22 18.96 -6.89
C LYS B 1218 37.68 17.91 -7.84
N GLU B 1219 36.36 17.85 -7.99
CA GLU B 1219 35.77 16.89 -8.93
C GLU B 1219 36.02 17.27 -10.37
N VAL B 1220 35.79 18.54 -10.74
CA VAL B 1220 35.81 18.92 -12.14
C VAL B 1220 37.19 18.73 -12.74
N LEU B 1221 38.23 19.17 -12.03
CA LEU B 1221 39.59 19.01 -12.51
C LEU B 1221 40.18 17.65 -12.19
N ASP B 1222 39.36 16.66 -11.87
CA ASP B 1222 39.84 15.31 -11.61
C ASP B 1222 40.02 14.61 -12.96
N TYR B 1223 41.17 14.86 -13.57
CA TYR B 1223 41.38 14.45 -14.95
C TYR B 1223 41.18 12.96 -15.14
N ARG B 1224 41.38 12.17 -14.09
CA ARG B 1224 41.17 10.73 -14.21
C ARG B 1224 39.78 10.44 -14.77
N LYS B 1225 38.79 11.25 -14.40
CA LYS B 1225 37.41 10.94 -14.80
C LYS B 1225 37.10 11.41 -16.21
N TRP B 1226 37.93 12.27 -16.79
CA TRP B 1226 37.72 12.63 -18.18
C TRP B 1226 37.79 11.43 -19.10
N PHE B 1227 38.63 10.45 -18.76
CA PHE B 1227 38.89 9.31 -19.62
C PHE B 1227 38.27 8.07 -19.01
N THR B 1228 38.35 6.95 -19.73
CA THR B 1228 37.89 5.67 -19.24
C THR B 1228 38.78 4.57 -19.80
N PHE B 1229 38.83 3.46 -19.08
CA PHE B 1229 39.63 2.31 -19.47
C PHE B 1229 38.74 1.31 -20.19
N VAL B 1230 39.29 0.67 -21.22
CA VAL B 1230 38.61 -0.41 -21.92
C VAL B 1230 39.57 -1.57 -22.08
N LEU B 1231 39.16 -2.74 -21.62
CA LEU B 1231 39.93 -3.97 -21.78
C LEU B 1231 39.38 -4.78 -22.95
N SER B 1232 40.28 -5.46 -23.64
CA SER B 1232 39.90 -6.25 -24.80
C SER B 1232 40.60 -7.60 -24.74
N PHE B 1233 39.88 -8.65 -25.14
CA PHE B 1233 40.45 -9.98 -25.23
C PHE B 1233 40.18 -10.54 -26.62
N LYS B 1234 41.16 -11.28 -27.12
CA LYS B 1234 41.09 -11.82 -28.48
C LYS B 1234 41.59 -13.26 -28.45
N ARG B 1235 40.67 -14.21 -28.60
CA ARG B 1235 41.08 -15.60 -28.76
C ARG B 1235 41.76 -15.78 -30.11
N VAL B 1236 42.63 -16.79 -30.19
CA VAL B 1236 43.49 -16.93 -31.36
C VAL B 1236 42.64 -16.99 -32.62
N ASN B 1237 43.03 -16.20 -33.63
CA ASN B 1237 42.40 -16.15 -34.94
C ASN B 1237 40.91 -15.85 -34.87
N GLU B 1238 40.43 -15.29 -33.77
CA GLU B 1238 39.05 -14.88 -33.63
C GLU B 1238 38.94 -13.37 -33.56
N PRO B 1239 37.78 -12.80 -33.89
CA PRO B 1239 37.66 -11.34 -33.89
C PRO B 1239 37.84 -10.75 -32.50
N LYS B 1240 38.44 -9.57 -32.46
CA LYS B 1240 38.64 -8.86 -31.20
C LYS B 1240 37.29 -8.48 -30.60
N ARG B 1241 37.27 -8.30 -29.28
CA ARG B 1241 36.04 -7.99 -28.57
C ARG B 1241 36.36 -7.02 -27.44
N GLU B 1242 35.39 -6.85 -26.55
CA GLU B 1242 35.56 -6.02 -25.36
C GLU B 1242 35.15 -6.80 -24.12
N LEU B 1243 35.96 -6.67 -23.07
CA LEU B 1243 35.82 -7.52 -21.88
C LEU B 1243 34.77 -6.96 -20.92
N THR B 1244 33.50 -7.14 -21.28
CA THR B 1244 32.41 -6.75 -20.40
C THR B 1244 32.22 -7.79 -19.31
N ASN B 1245 31.41 -7.44 -18.30
CA ASN B 1245 31.09 -8.39 -17.25
C ASN B 1245 30.36 -9.61 -17.82
N ASN B 1246 29.38 -9.39 -18.68
CA ASN B 1246 28.63 -10.51 -19.23
C ASN B 1246 29.55 -11.42 -20.03
N ALA B 1247 30.37 -10.85 -20.90
CA ALA B 1247 31.34 -11.64 -21.64
C ALA B 1247 32.35 -12.28 -20.69
N PHE B 1248 32.60 -11.65 -19.55
CA PHE B 1248 33.54 -12.22 -18.60
C PHE B 1248 32.99 -13.50 -17.98
N PHE B 1249 31.71 -13.49 -17.58
CA PHE B 1249 31.14 -14.67 -16.92
C PHE B 1249 31.26 -15.91 -17.79
N LYS B 1250 31.29 -15.73 -19.11
CA LYS B 1250 31.41 -16.87 -20.01
C LYS B 1250 32.78 -17.52 -19.90
N PHE B 1251 33.74 -16.84 -19.28
CA PHE B 1251 35.09 -17.37 -19.19
C PHE B 1251 35.14 -18.58 -18.28
N SER B 1252 36.16 -19.41 -18.47
CA SER B 1252 36.44 -20.50 -17.54
C SER B 1252 37.34 -20.00 -16.43
N GLY B 1253 37.53 -20.85 -15.42
CA GLY B 1253 38.29 -20.43 -14.25
C GLY B 1253 39.68 -19.94 -14.59
N GLY B 1254 40.40 -20.70 -15.43
CA GLY B 1254 41.72 -20.25 -15.85
C GLY B 1254 41.67 -18.97 -16.64
N GLU B 1255 40.70 -18.86 -17.55
CA GLU B 1255 40.54 -17.62 -18.30
C GLU B 1255 40.17 -16.48 -17.36
N LYS B 1256 39.30 -16.74 -16.39
CA LYS B 1256 38.94 -15.70 -15.44
C LYS B 1256 40.18 -15.18 -14.71
N ALA B 1257 40.99 -16.09 -14.16
CA ALA B 1257 42.17 -15.65 -13.44
C ALA B 1257 43.13 -14.90 -14.35
N MET B 1258 43.34 -15.41 -15.56
CA MET B 1258 44.25 -14.75 -16.48
C MET B 1258 43.79 -13.33 -16.77
N ALA B 1259 42.49 -13.17 -17.04
CA ALA B 1259 41.96 -11.84 -17.33
C ALA B 1259 42.09 -10.93 -16.12
N MET B 1260 41.80 -11.43 -14.93
CA MET B 1260 41.84 -10.57 -13.76
C MET B 1260 43.26 -10.10 -13.47
N TYR B 1261 44.25 -10.97 -13.64
CA TYR B 1261 45.57 -10.64 -13.09
C TYR B 1261 46.58 -10.21 -14.13
N ILE B 1262 46.49 -10.67 -15.39
CA ILE B 1262 47.43 -10.21 -16.40
C ILE B 1262 47.44 -8.69 -16.47
N PRO B 1263 46.31 -8.00 -16.48
CA PRO B 1263 46.37 -6.53 -16.53
C PRO B 1263 47.09 -5.91 -15.34
N LEU B 1264 46.83 -6.42 -14.13
CA LEU B 1264 47.42 -5.81 -12.94
C LEU B 1264 48.93 -5.98 -12.91
N PHE B 1265 49.40 -7.20 -13.16
CA PHE B 1265 50.84 -7.42 -13.14
C PHE B 1265 51.52 -6.72 -14.29
N THR B 1266 50.84 -6.56 -15.42
CA THR B 1266 51.43 -5.74 -16.48
C THR B 1266 51.50 -4.27 -16.05
N ALA B 1267 50.51 -3.80 -15.31
CA ALA B 1267 50.56 -2.45 -14.78
C ALA B 1267 51.77 -2.27 -13.87
N ALA B 1268 51.96 -3.20 -12.94
CA ALA B 1268 53.15 -3.16 -12.11
C ALA B 1268 54.40 -3.16 -12.98
N TYR B 1269 54.41 -4.02 -14.01
CA TYR B 1269 55.56 -4.08 -14.91
C TYR B 1269 55.74 -2.75 -15.64
N SER B 1270 54.68 -2.26 -16.29
CA SER B 1270 54.83 -1.04 -17.08
C SER B 1270 55.34 0.11 -16.25
N ARG B 1271 54.84 0.26 -15.02
CA ARG B 1271 55.33 1.33 -14.17
C ARG B 1271 56.84 1.26 -14.00
N TYR B 1272 57.40 0.05 -13.95
CA TYR B 1272 58.83 -0.06 -13.72
C TYR B 1272 59.63 0.26 -14.97
N LYS B 1273 59.02 0.16 -16.15
CA LYS B 1273 59.75 0.50 -17.36
C LYS B 1273 60.31 1.92 -17.29
N GLU B 1274 59.60 2.82 -16.60
CA GLU B 1274 60.15 4.15 -16.37
C GLU B 1274 61.41 4.09 -15.53
N ALA B 1275 61.59 3.03 -14.74
CA ALA B 1275 62.69 2.93 -13.81
C ALA B 1275 64.00 2.67 -14.56
N GLY B 1276 65.06 2.46 -13.79
CA GLY B 1276 66.34 2.15 -14.37
C GLY B 1276 66.48 0.68 -14.70
N GLU B 1277 67.66 0.34 -15.21
CA GLU B 1277 67.97 -1.06 -15.53
C GLU B 1277 67.94 -1.90 -14.25
N MET B 1278 68.46 -1.35 -13.16
CA MET B 1278 68.72 -2.04 -11.92
C MET B 1278 67.53 -2.05 -10.96
N ALA B 1279 66.38 -1.55 -11.35
CA ALA B 1279 65.26 -1.48 -10.43
C ALA B 1279 64.77 -2.88 -10.09
N PRO B 1280 64.58 -3.22 -8.82
CA PRO B 1280 63.95 -4.51 -8.49
C PRO B 1280 62.45 -4.44 -8.57
N TYR B 1281 61.84 -5.14 -9.52
CA TYR B 1281 60.39 -5.08 -9.69
C TYR B 1281 59.76 -5.66 -8.44
N ILE B 1282 59.20 -4.81 -7.59
CA ILE B 1282 58.58 -5.25 -6.35
C ILE B 1282 57.08 -5.13 -6.47
N ILE B 1283 56.37 -6.14 -5.99
CA ILE B 1283 54.92 -6.12 -5.90
C ILE B 1283 54.54 -6.73 -4.56
N SER B 1284 53.27 -6.64 -4.23
CA SER B 1284 52.75 -7.25 -3.01
C SER B 1284 51.32 -7.69 -3.27
N LEU B 1285 50.85 -8.62 -2.45
CA LEU B 1285 49.49 -9.12 -2.57
C LEU B 1285 49.03 -9.52 -1.18
N ASP B 1286 47.78 -9.18 -0.86
CA ASP B 1286 47.20 -9.53 0.43
C ASP B 1286 46.06 -10.52 0.22
N GLU B 1287 46.05 -11.57 1.03
CA GLU B 1287 45.16 -12.70 0.79
C GLU B 1287 45.32 -13.17 -0.66
N ALA B 1288 46.57 -13.34 -1.06
CA ALA B 1288 46.92 -13.43 -2.46
C ALA B 1288 46.09 -14.48 -3.18
N PHE B 1289 45.52 -14.09 -4.30
CA PHE B 1289 44.86 -14.99 -5.24
C PHE B 1289 43.63 -15.67 -4.64
N ALA B 1290 43.22 -15.29 -3.45
CA ALA B 1290 41.99 -15.81 -2.89
C ALA B 1290 40.84 -15.51 -3.85
N GLY B 1291 39.95 -16.48 -4.02
CA GLY B 1291 38.92 -16.41 -5.01
C GLY B 1291 39.24 -17.11 -6.31
N VAL B 1292 40.52 -17.33 -6.60
CA VAL B 1292 40.90 -18.19 -7.72
C VAL B 1292 40.68 -19.64 -7.30
N ASP B 1293 40.30 -20.47 -8.26
CA ASP B 1293 40.08 -21.88 -7.95
C ASP B 1293 41.40 -22.55 -7.57
N GLU B 1294 41.29 -23.58 -6.75
CA GLU B 1294 42.48 -24.21 -6.18
C GLU B 1294 43.45 -24.70 -7.26
N ASN B 1295 42.96 -24.99 -8.47
CA ASN B 1295 43.83 -25.51 -9.51
C ASN B 1295 44.58 -24.40 -10.24
N ASN B 1296 43.87 -23.35 -10.65
CA ASN B 1296 44.47 -22.37 -11.55
C ASN B 1296 45.52 -21.52 -10.88
N ILE B 1297 45.58 -21.53 -9.54
CA ILE B 1297 46.60 -20.75 -8.86
C ILE B 1297 47.98 -21.12 -9.37
N ARG B 1298 48.12 -22.31 -9.94
CA ARG B 1298 49.38 -22.72 -10.55
C ARG B 1298 49.78 -21.77 -11.66
N ASP B 1299 48.81 -21.35 -12.49
CA ASP B 1299 49.14 -20.47 -13.61
C ASP B 1299 49.62 -19.12 -13.12
N MET B 1300 48.99 -18.58 -12.08
CA MET B 1300 49.35 -17.23 -11.63
C MET B 1300 50.83 -17.12 -11.32
N PHE B 1301 51.36 -18.07 -10.55
CA PHE B 1301 52.77 -18.01 -10.21
C PHE B 1301 53.65 -18.21 -11.43
N GLU B 1302 53.13 -18.86 -12.47
CA GLU B 1302 53.86 -18.88 -13.74
C GLU B 1302 53.90 -17.49 -14.36
N VAL B 1303 52.77 -16.80 -14.37
CA VAL B 1303 52.73 -15.45 -14.93
C VAL B 1303 53.70 -14.54 -14.18
N VAL B 1304 53.68 -14.62 -12.84
CA VAL B 1304 54.54 -13.77 -12.04
C VAL B 1304 56.00 -14.05 -12.36
N GLU B 1305 56.36 -15.34 -12.44
CA GLU B 1305 57.76 -15.68 -12.69
C GLU B 1305 58.23 -15.18 -14.04
N GLN B 1306 57.39 -15.33 -15.07
CA GLN B 1306 57.79 -14.88 -16.40
C GLN B 1306 58.19 -13.40 -16.38
N LEU B 1307 57.48 -12.60 -15.60
CA LEU B 1307 57.79 -11.17 -15.52
C LEU B 1307 59.01 -10.91 -14.65
N GLY B 1308 59.28 -11.81 -13.70
CA GLY B 1308 60.46 -11.67 -12.87
C GLY B 1308 60.28 -10.86 -11.61
N PHE B 1309 59.05 -10.72 -11.12
CA PHE B 1309 58.80 -9.89 -9.96
C PHE B 1309 59.45 -10.47 -8.71
N ASN B 1310 59.85 -9.56 -7.82
CA ASN B 1310 60.17 -9.90 -6.44
C ASN B 1310 58.98 -9.49 -5.59
N TYR B 1311 58.43 -10.43 -4.82
CA TYR B 1311 57.15 -10.13 -4.21
C TYR B 1311 57.10 -10.61 -2.77
N ILE B 1312 56.28 -9.93 -1.99
CA ILE B 1312 55.95 -10.31 -0.62
C ILE B 1312 54.44 -10.51 -0.56
N MET B 1313 54.02 -11.75 -0.45
CA MET B 1313 52.60 -12.08 -0.45
C MET B 1313 52.22 -12.66 0.91
N ASN B 1314 50.92 -12.62 1.21
CA ASN B 1314 50.42 -13.31 2.38
C ASN B 1314 49.11 -14.00 2.02
N SER B 1315 48.77 -15.04 2.76
CA SER B 1315 47.59 -15.82 2.45
C SER B 1315 47.23 -16.69 3.64
N GLN B 1316 45.93 -16.77 3.92
CA GLN B 1316 45.48 -17.55 5.08
C GLN B 1316 45.52 -19.04 4.80
N ALA B 1317 45.22 -19.45 3.58
CA ALA B 1317 45.10 -20.85 3.24
C ALA B 1317 46.16 -21.31 2.24
N LEU B 1318 46.63 -20.42 1.39
CA LEU B 1318 47.59 -20.81 0.37
C LEU B 1318 48.88 -21.29 1.02
N TRP B 1319 49.62 -22.14 0.29
CA TRP B 1319 50.82 -22.76 0.83
C TRP B 1319 52.05 -22.56 -0.02
N GLY B 1320 51.91 -22.09 -1.26
CA GLY B 1320 53.06 -21.85 -2.09
C GLY B 1320 53.76 -23.09 -2.61
N ASP B 1321 53.20 -24.27 -2.38
CA ASP B 1321 53.80 -25.51 -2.87
C ASP B 1321 53.24 -25.83 -4.26
N TYR B 1322 53.69 -25.06 -5.24
CA TYR B 1322 53.22 -25.18 -6.61
C TYR B 1322 54.40 -25.37 -7.55
N ASP B 1323 54.29 -26.37 -8.41
CA ASP B 1323 55.43 -26.78 -9.23
C ASP B 1323 55.94 -25.65 -10.10
N THR B 1324 55.08 -24.70 -10.47
CA THR B 1324 55.50 -23.64 -11.38
C THR B 1324 56.42 -22.62 -10.70
N ILE B 1325 56.59 -22.69 -9.38
CA ILE B 1325 57.43 -21.73 -8.67
C ILE B 1325 58.89 -22.12 -8.85
N SER B 1326 59.66 -21.22 -9.47
CA SER B 1326 61.09 -21.49 -9.64
C SER B 1326 61.80 -21.62 -8.30
N SER B 1327 61.46 -20.77 -7.34
CA SER B 1327 61.96 -20.88 -5.98
C SER B 1327 61.16 -19.92 -5.13
N LEU B 1328 61.06 -20.23 -3.84
CA LEU B 1328 60.20 -19.44 -2.97
C LEU B 1328 60.51 -19.75 -1.53
N SER B 1329 60.84 -18.71 -0.77
CA SER B 1329 60.94 -18.80 0.67
C SER B 1329 59.55 -18.66 1.26
N ILE B 1330 59.34 -19.24 2.43
CA ILE B 1330 58.05 -19.19 3.11
C ILE B 1330 58.30 -18.87 4.58
N CYS B 1331 57.30 -18.35 5.24
CA CYS B 1331 57.31 -18.20 6.68
C CYS B 1331 55.89 -18.38 7.20
N GLU B 1332 55.77 -19.01 8.36
CA GLU B 1332 54.50 -19.22 9.01
C GLU B 1332 54.50 -18.48 10.33
N LEU B 1333 53.47 -17.69 10.58
CA LEU B 1333 53.38 -16.88 11.78
C LEU B 1333 52.36 -17.51 12.72
N VAL B 1334 52.77 -17.73 13.97
CA VAL B 1334 51.93 -18.36 14.98
C VAL B 1334 51.87 -17.43 16.18
N ARG B 1335 50.65 -17.15 16.64
CA ARG B 1335 50.39 -16.29 17.78
C ARG B 1335 49.08 -16.76 18.40
N PRO B 1336 49.11 -17.44 19.54
CA PRO B 1336 48.01 -18.39 19.84
C PRO B 1336 46.61 -17.79 19.84
N LYS B 1337 46.29 -16.89 20.76
CA LYS B 1337 45.07 -16.10 20.67
C LYS B 1337 45.35 -14.61 20.80
N ASN B 1338 45.96 -14.19 21.91
CA ASN B 1338 46.19 -12.78 22.17
C ASN B 1338 47.54 -12.51 22.80
N ALA B 1339 48.34 -13.55 23.04
CA ALA B 1339 49.62 -13.38 23.68
C ALA B 1339 50.46 -12.34 22.94
N ASP B 1340 51.51 -11.85 23.59
CA ASP B 1340 52.29 -10.74 23.07
C ASP B 1340 53.57 -11.22 22.41
N PHE B 1341 53.52 -12.38 21.76
CA PHE B 1341 54.66 -12.91 21.04
C PHE B 1341 54.18 -13.57 19.76
N VAL B 1342 55.07 -13.62 18.77
CA VAL B 1342 54.79 -14.26 17.49
C VAL B 1342 55.91 -15.26 17.21
N THR B 1343 55.52 -16.48 16.86
CA THR B 1343 56.45 -17.56 16.60
C THR B 1343 56.53 -17.78 15.09
N VAL B 1344 57.75 -17.86 14.58
CA VAL B 1344 58.00 -17.89 13.13
C VAL B 1344 58.68 -19.20 12.78
N ILE B 1345 58.05 -19.99 11.92
CA ILE B 1345 58.66 -21.16 11.32
C ILE B 1345 59.01 -20.83 9.89
N ARG B 1346 60.18 -21.27 9.45
CA ARG B 1346 60.68 -20.97 8.12
C ARG B 1346 60.78 -22.23 7.28
N TYR B 1347 60.55 -22.07 5.99
CA TYR B 1347 60.76 -23.16 5.04
C TYR B 1347 61.46 -22.61 3.81
N GLN B 1348 61.46 -23.40 2.76
CA GLN B 1348 61.82 -22.97 1.42
C GLN B 1348 61.25 -23.99 0.43
N TRP B 1349 60.97 -23.53 -0.78
CA TRP B 1349 60.39 -24.38 -1.80
C TRP B 1349 61.11 -24.09 -3.11
N ASP B 1350 61.22 -25.10 -3.97
CA ASP B 1350 61.95 -24.95 -5.22
C ASP B 1350 61.16 -25.40 -6.44
N GLY B 1351 60.12 -26.21 -6.27
CA GLY B 1351 59.25 -26.53 -7.38
C GLY B 1351 59.91 -27.33 -8.49
N LYS B 1352 59.09 -28.00 -9.30
CA LYS B 1352 59.56 -28.85 -10.37
C LYS B 1352 58.75 -28.61 -11.64
N GLN B 1353 58.61 -27.35 -12.06
CA GLN B 1353 57.66 -26.97 -13.09
C GLN B 1353 57.51 -28.06 -14.14
N ARG B 1354 56.28 -28.46 -14.39
CA ARG B 1354 55.99 -29.69 -15.12
C ARG B 1354 56.13 -29.45 -16.61
N THR B 1355 57.28 -29.85 -17.17
CA THR B 1355 57.43 -29.92 -18.62
C THR B 1355 56.64 -31.09 -19.20
N PHE B 1356 56.09 -31.96 -18.36
CA PHE B 1356 55.36 -33.14 -18.82
C PHE B 1356 53.99 -32.72 -19.36
N GLN C 5 26.23 12.69 18.94
CA GLN C 5 25.27 11.63 18.65
C GLN C 5 24.33 12.09 17.53
N THR C 6 24.42 11.42 16.38
CA THR C 6 23.65 11.81 15.20
C THR C 6 23.06 10.56 14.55
N GLN C 7 21.95 10.75 13.84
CA GLN C 7 21.25 9.66 13.21
C GLN C 7 21.85 9.31 11.86
N LEU C 8 21.64 8.07 11.43
CA LEU C 8 22.15 7.58 10.16
C LEU C 8 21.09 6.72 9.50
N PHE C 9 21.07 6.73 8.17
CA PHE C 9 20.14 5.90 7.42
C PHE C 9 20.57 4.45 7.54
N ASP C 10 19.76 3.64 8.20
CA ASP C 10 20.13 2.26 8.50
C ASP C 10 18.99 1.31 8.18
N GLU C 11 19.10 0.06 8.64
CA GLU C 11 18.05 -0.91 8.38
C GLU C 11 16.69 -0.37 8.77
N LYS C 12 16.59 0.26 9.95
CA LYS C 12 15.30 0.79 10.39
C LYS C 12 14.78 1.85 9.44
N ALA C 13 15.66 2.75 8.98
CA ALA C 13 15.22 3.79 8.07
C ALA C 13 14.78 3.23 6.74
N ILE C 14 15.51 2.23 6.22
CA ILE C 14 15.11 1.61 4.96
C ILE C 14 13.73 0.96 5.11
N GLN C 15 13.54 0.22 6.19
CA GLN C 15 12.26 -0.42 6.42
C GLN C 15 11.15 0.60 6.52
N GLY C 16 11.41 1.72 7.22
CA GLY C 16 10.41 2.76 7.32
C GLY C 16 10.08 3.36 5.97
N MET C 17 11.08 3.58 5.13
CA MET C 17 10.82 4.14 3.81
C MET C 17 9.94 3.20 2.99
N ASP C 18 10.25 1.91 3.01
CA ASP C 18 9.41 0.97 2.27
C ASP C 18 7.99 0.96 2.79
N ILE C 19 7.83 0.96 4.12
CA ILE C 19 6.48 0.97 4.69
C ILE C 19 5.73 2.22 4.27
N LEU C 20 6.41 3.37 4.28
CA LEU C 20 5.76 4.60 3.85
C LEU C 20 5.30 4.51 2.41
N PHE C 21 6.16 4.03 1.52
CA PHE C 21 5.79 3.97 0.11
C PHE C 21 4.61 3.04 -0.11
N HIS C 22 4.69 1.80 0.39
CA HIS C 22 3.76 0.78 -0.07
C HIS C 22 2.41 0.87 0.61
N HIS C 23 2.22 1.84 1.51
CA HIS C 23 0.89 2.11 2.04
C HIS C 23 0.53 3.57 1.83
N TYR C 24 -0.77 3.85 1.80
CA TYR C 24 -1.20 5.23 1.71
C TYR C 24 -0.79 6.02 2.94
N TRP C 25 -1.04 5.46 4.12
CA TRP C 25 -0.64 6.09 5.36
C TRP C 25 -0.61 5.02 6.45
N ILE C 26 0.04 5.34 7.56
CA ILE C 26 0.17 4.42 8.68
C ILE C 26 -0.56 5.01 9.87
N LEU C 27 -1.43 4.21 10.48
CA LEU C 27 -2.27 4.66 11.58
C LEU C 27 -1.68 4.16 12.90
N ARG C 28 -1.60 5.05 13.89
CA ARG C 28 -1.11 4.64 15.19
C ARG C 28 -2.00 3.57 15.80
N ALA C 29 -3.31 3.76 15.73
CA ALA C 29 -4.22 2.86 16.42
C ALA C 29 -4.18 1.44 15.88
N GLU C 30 -3.74 1.25 14.64
CA GLU C 30 -3.74 -0.07 14.02
C GLU C 30 -2.36 -0.60 13.67
N GLN C 31 -1.38 0.29 13.50
CA GLN C 31 -0.05 -0.12 13.04
C GLN C 31 1.02 0.36 14.02
N PRO C 32 0.82 0.15 15.32
CA PRO C 32 1.72 0.77 16.30
C PRO C 32 3.17 0.45 16.07
N GLU C 33 3.49 -0.77 15.64
CA GLU C 33 4.89 -1.11 15.37
C GLU C 33 5.44 -0.27 14.24
N TRP C 34 4.72 -0.22 13.11
CA TRP C 34 5.18 0.57 11.98
C TRP C 34 5.21 2.04 12.32
N TYR C 35 4.20 2.54 13.03
CA TYR C 35 4.20 3.95 13.40
C TYR C 35 5.42 4.28 14.26
N GLN C 36 5.71 3.44 15.24
CA GLN C 36 6.87 3.68 16.09
C GLN C 36 8.15 3.62 15.29
N LEU C 37 8.29 2.63 14.41
CA LEU C 37 9.50 2.50 13.61
C LEU C 37 9.71 3.73 12.75
N ILE C 38 8.66 4.17 12.06
CA ILE C 38 8.79 5.31 11.16
C ILE C 38 9.16 6.56 11.94
N ARG C 39 8.53 6.76 13.11
CA ARG C 39 8.74 8.01 13.82
C ARG C 39 10.18 8.15 14.29
N GLU C 40 10.79 7.06 14.73
CA GLU C 40 12.13 7.15 15.31
C GLU C 40 13.12 7.72 14.30
N ARG C 41 13.05 7.26 13.05
CA ARG C 41 13.94 7.78 12.02
C ARG C 41 13.34 8.98 11.31
N GLU C 42 12.21 9.49 11.79
CA GLU C 42 11.44 10.47 11.02
C GLU C 42 12.31 11.66 10.61
N LYS C 43 13.30 12.01 11.42
CA LYS C 43 14.19 13.10 11.05
C LYS C 43 14.95 12.76 9.77
N VAL C 44 15.58 11.60 9.74
CA VAL C 44 16.37 11.22 8.57
C VAL C 44 15.46 11.04 7.36
N LEU C 45 14.31 10.42 7.55
CA LEU C 45 13.38 10.23 6.44
C LEU C 45 12.96 11.58 5.86
N ARG C 46 12.61 12.52 6.72
CA ARG C 46 12.22 13.83 6.23
C ARG C 46 13.35 14.46 5.43
N ARG C 47 14.57 14.43 5.98
CA ARG C 47 15.70 15.01 5.26
C ARG C 47 15.86 14.39 3.89
N TYR C 48 15.90 13.06 3.83
CA TYR C 48 16.16 12.39 2.56
C TYR C 48 15.05 12.63 1.56
N LEU C 49 13.79 12.48 1.99
CA LEU C 49 12.68 12.69 1.08
C LEU C 49 12.67 14.12 0.55
N ASP C 50 12.91 15.09 1.41
CA ASP C 50 12.93 16.48 0.95
C ASP C 50 14.05 16.70 -0.06
N GLU C 51 15.26 16.23 0.25
CA GLU C 51 16.39 16.53 -0.63
C GLU C 51 16.22 15.86 -1.99
N LYS C 52 15.84 14.57 -1.99
CA LYS C 52 15.89 13.83 -3.25
C LYS C 52 14.54 13.82 -3.96
N PHE C 53 13.47 13.46 -3.27
CA PHE C 53 12.15 13.41 -3.87
C PHE C 53 11.41 14.73 -3.85
N GLY C 54 11.40 15.43 -2.73
CA GLY C 54 10.57 16.60 -2.60
C GLY C 54 9.18 16.31 -2.08
N LEU C 55 8.87 15.06 -1.79
CA LEU C 55 7.59 14.72 -1.20
C LEU C 55 7.49 15.30 0.20
N ARG C 56 6.31 15.75 0.58
CA ARG C 56 6.09 16.20 1.94
C ARG C 56 5.66 15.03 2.81
N LEU C 57 6.48 14.69 3.79
CA LEU C 57 6.14 13.67 4.78
C LEU C 57 5.38 14.34 5.90
N ILE C 58 4.15 13.91 6.13
CA ILE C 58 3.31 14.46 7.18
C ILE C 58 3.34 13.49 8.35
N VAL C 59 3.88 13.94 9.48
CA VAL C 59 3.92 13.16 10.71
C VAL C 59 2.98 13.83 11.70
N HIS C 60 2.03 13.05 12.22
CA HIS C 60 0.98 13.60 13.05
C HIS C 60 0.82 12.71 14.27
N GLN C 61 -0.05 13.14 15.19
CA GLN C 61 -0.27 12.36 16.39
C GLN C 61 -0.91 11.02 16.09
N HIS C 62 -1.87 10.98 15.16
CA HIS C 62 -2.63 9.76 14.89
C HIS C 62 -2.15 8.98 13.68
N PHE C 63 -1.33 9.57 12.81
CA PHE C 63 -0.97 8.89 11.57
C PHE C 63 0.31 9.48 11.00
N ILE C 64 0.91 8.75 10.08
CA ILE C 64 2.02 9.23 9.28
C ILE C 64 1.68 8.97 7.82
N LYS C 65 1.94 9.95 6.97
CA LYS C 65 1.49 9.90 5.60
C LYS C 65 2.52 10.53 4.69
N LEU C 66 2.76 9.91 3.54
CA LEU C 66 3.64 10.43 2.52
C LEU C 66 2.80 10.81 1.30
N GLU C 67 2.71 12.11 1.01
CA GLU C 67 1.84 12.61 -0.05
C GLU C 67 2.48 12.27 -1.40
N LYS C 68 2.24 11.04 -1.83
CA LYS C 68 2.84 10.56 -3.07
C LYS C 68 2.16 11.20 -4.27
N ILE C 69 2.63 12.37 -4.68
CA ILE C 69 2.10 13.05 -5.86
C ILE C 69 2.91 12.60 -7.07
N PRO C 70 2.30 12.00 -8.08
CA PRO C 70 3.08 11.44 -9.18
C PRO C 70 3.51 12.50 -10.18
N VAL C 71 4.55 12.16 -10.94
CA VAL C 71 5.03 13.06 -11.98
C VAL C 71 4.02 13.14 -13.12
N GLU C 72 3.56 11.97 -13.59
CA GLU C 72 2.54 11.90 -14.61
C GLU C 72 1.60 10.77 -14.17
N PRO C 73 0.35 11.07 -13.86
CA PRO C 73 -0.52 10.03 -13.30
C PRO C 73 -0.67 8.86 -14.27
N GLU C 74 -0.80 7.66 -13.69
CA GLU C 74 -0.91 6.44 -14.47
C GLU C 74 -2.06 5.61 -13.92
N GLY C 75 -2.62 4.76 -14.79
CA GLY C 75 -3.88 4.11 -14.45
C GLY C 75 -3.82 3.30 -13.18
N TRP C 76 -2.72 2.58 -12.95
CA TRP C 76 -2.66 1.69 -11.80
C TRP C 76 -2.64 2.44 -10.48
N MET C 77 -2.27 3.72 -10.50
CA MET C 77 -2.10 4.45 -9.25
C MET C 77 -3.40 4.58 -8.47
N GLY C 78 -4.51 4.81 -9.16
CA GLY C 78 -5.75 5.13 -8.49
C GLY C 78 -6.22 4.02 -7.58
N ILE C 79 -7.21 4.36 -6.77
CA ILE C 79 -7.83 3.39 -5.87
C ILE C 79 -8.37 2.25 -6.71
N GLN C 80 -7.85 1.05 -6.49
CA GLN C 80 -8.15 -0.05 -7.40
C GLN C 80 -9.51 -0.69 -7.16
N ASP C 81 -10.00 -0.70 -5.92
CA ASP C 81 -11.29 -1.34 -5.68
C ASP C 81 -12.40 -0.70 -6.49
N PHE C 82 -12.23 0.53 -6.94
CA PHE C 82 -13.23 1.22 -7.74
C PHE C 82 -13.08 0.86 -9.20
N GLN C 83 -14.21 0.77 -9.90
CA GLN C 83 -14.22 0.31 -11.28
C GLN C 83 -14.89 1.28 -12.25
N GLU C 84 -15.62 2.27 -11.77
CA GLU C 84 -16.28 3.24 -12.62
C GLU C 84 -16.04 4.63 -12.05
N PRO C 85 -16.17 5.67 -12.86
CA PRO C 85 -16.11 7.03 -12.30
C PRO C 85 -17.16 7.27 -11.25
N MET C 86 -18.36 6.72 -11.42
CA MET C 86 -19.41 6.94 -10.45
C MET C 86 -18.96 6.54 -9.05
N ASP C 87 -18.14 5.48 -8.95
CA ASP C 87 -17.64 5.09 -7.64
C ASP C 87 -16.80 6.20 -7.04
N TYR C 88 -15.93 6.82 -7.84
CA TYR C 88 -15.15 7.94 -7.32
C TYR C 88 -16.05 9.09 -6.92
N ALA C 89 -17.06 9.39 -7.72
CA ALA C 89 -17.96 10.48 -7.39
C ALA C 89 -18.66 10.23 -6.06
N ILE C 90 -19.14 9.00 -5.86
CA ILE C 90 -19.82 8.67 -4.61
C ILE C 90 -18.83 8.71 -3.45
N PHE C 91 -17.59 8.29 -3.69
CA PHE C 91 -16.58 8.36 -2.64
C PHE C 91 -16.34 9.80 -2.20
N CYS C 92 -16.13 10.70 -3.17
CA CYS C 92 -15.90 12.09 -2.83
C CYS C 92 -17.12 12.69 -2.15
N CYS C 93 -18.32 12.38 -2.63
CA CYS C 93 -19.51 12.90 -1.99
C CYS C 93 -19.64 12.40 -0.56
N ALA C 94 -19.31 11.12 -0.34
CA ALA C 94 -19.35 10.59 1.02
C ALA C 94 -18.37 11.33 1.91
N LEU C 95 -17.16 11.60 1.42
CA LEU C 95 -16.24 12.42 2.21
C LEU C 95 -16.86 13.76 2.53
N ALA C 96 -17.39 14.45 1.52
CA ALA C 96 -18.03 15.73 1.77
C ALA C 96 -19.08 15.61 2.87
N PHE C 97 -19.82 14.51 2.87
CA PHE C 97 -20.80 14.30 3.93
C PHE C 97 -20.12 14.18 5.29
N LEU C 98 -19.01 13.44 5.35
CA LEU C 98 -18.37 13.21 6.63
C LEU C 98 -17.81 14.50 7.22
N GLU C 99 -17.49 15.48 6.38
CA GLU C 99 -17.10 16.77 6.90
C GLU C 99 -18.19 17.39 7.76
N GLY C 100 -19.44 16.98 7.55
CA GLY C 100 -20.53 17.54 8.32
C GLY C 100 -20.77 16.84 9.64
N LYS C 101 -20.08 15.73 9.89
CA LYS C 101 -20.27 14.94 11.09
C LYS C 101 -19.10 15.14 12.04
N ALA C 102 -19.41 15.36 13.32
CA ALA C 102 -18.39 15.49 14.34
C ALA C 102 -17.75 14.14 14.62
N VAL C 103 -16.53 14.18 15.18
CA VAL C 103 -15.79 12.96 15.45
C VAL C 103 -16.62 12.05 16.33
N ASP C 104 -16.60 10.75 16.01
CA ASP C 104 -17.36 9.72 16.71
C ASP C 104 -18.86 9.94 16.65
N GLU C 105 -19.35 10.87 15.83
CA GLU C 105 -20.78 10.97 15.61
C GLU C 105 -21.26 9.74 14.84
N GLN C 106 -22.49 9.33 15.11
CA GLN C 106 -23.06 8.13 14.52
C GLN C 106 -24.21 8.50 13.59
N PHE C 107 -24.19 7.97 12.38
CA PHE C 107 -25.23 8.22 11.40
C PHE C 107 -25.61 6.91 10.73
N LEU C 108 -26.85 6.85 10.26
CA LEU C 108 -27.38 5.65 9.63
C LEU C 108 -27.06 5.65 8.15
N LEU C 109 -26.98 4.44 7.58
CA LEU C 109 -26.65 4.32 6.17
C LEU C 109 -27.65 5.06 5.31
N SER C 110 -28.92 5.11 5.74
CA SER C 110 -29.92 5.81 4.95
C SER C 110 -29.59 7.30 4.84
N GLU C 111 -29.13 7.92 5.92
CA GLU C 111 -28.75 9.33 5.85
C GLU C 111 -27.61 9.54 4.86
N LEU C 112 -26.61 8.68 4.91
CA LEU C 112 -25.49 8.80 3.97
C LEU C 112 -25.95 8.65 2.54
N CYS C 113 -26.83 7.67 2.29
CA CYS C 113 -27.36 7.50 0.95
C CYS C 113 -28.13 8.73 0.49
N GLN C 114 -28.96 9.28 1.37
CA GLN C 114 -29.74 10.46 1.02
C GLN C 114 -28.85 11.65 0.70
N GLU C 115 -27.85 11.90 1.54
CA GLU C 115 -26.97 13.03 1.30
C GLU C 115 -26.19 12.85 0.02
N ILE C 116 -25.70 11.63 -0.24
CA ILE C 116 -24.96 11.39 -1.47
C ILE C 116 -25.87 11.62 -2.67
N GLN C 117 -27.11 11.14 -2.59
CA GLN C 117 -28.05 11.36 -3.68
C GLN C 117 -28.28 12.84 -3.93
N ALA C 118 -28.44 13.62 -2.85
CA ALA C 118 -28.69 15.04 -3.01
C ALA C 118 -27.51 15.76 -3.64
N ASP C 119 -26.31 15.49 -3.14
CA ASP C 119 -25.14 16.24 -3.59
C ASP C 119 -24.65 15.80 -4.96
N TYR C 120 -24.84 14.53 -5.31
CA TYR C 120 -24.22 13.93 -6.48
C TYR C 120 -24.29 14.89 -7.66
N PRO C 121 -23.16 15.36 -8.18
CA PRO C 121 -23.17 16.53 -9.07
C PRO C 121 -23.49 16.27 -10.53
N GLY C 122 -23.71 15.03 -10.93
CA GLY C 122 -23.95 14.75 -12.33
C GLY C 122 -25.28 15.30 -12.80
N ASP C 123 -25.38 15.44 -14.12
CA ASP C 123 -26.67 15.77 -14.73
C ASP C 123 -27.70 14.69 -14.48
N PHE C 124 -27.27 13.44 -14.38
CA PHE C 124 -28.15 12.30 -14.25
C PHE C 124 -28.29 11.91 -12.80
N PRO C 125 -29.49 11.94 -12.22
CA PRO C 125 -29.61 11.77 -10.78
C PRO C 125 -29.14 10.40 -10.34
N LEU C 126 -28.64 10.35 -9.11
CA LEU C 126 -28.31 9.09 -8.49
C LEU C 126 -29.56 8.46 -7.88
N ASP C 127 -29.81 7.20 -8.23
CA ASP C 127 -31.05 6.55 -7.86
C ASP C 127 -30.71 5.22 -7.20
N TRP C 128 -31.37 4.93 -6.07
CA TRP C 128 -31.06 3.71 -5.33
C TRP C 128 -31.92 2.52 -5.74
N THR C 129 -32.95 2.70 -6.56
CA THR C 129 -33.74 1.54 -6.96
C THR C 129 -32.94 0.61 -7.86
N LEU C 130 -31.89 1.13 -8.50
CA LEU C 130 -31.10 0.31 -9.39
C LEU C 130 -30.19 -0.64 -8.62
N TYR C 131 -29.74 -1.68 -9.31
CA TYR C 131 -28.73 -2.56 -8.77
C TYR C 131 -27.34 -1.94 -8.85
N THR C 132 -27.01 -1.38 -10.02
CA THR C 132 -25.66 -0.89 -10.24
C THR C 132 -25.33 0.25 -9.28
N HIS C 133 -26.27 1.15 -9.03
CA HIS C 133 -25.99 2.25 -8.12
C HIS C 133 -25.72 1.74 -6.72
N ARG C 134 -26.53 0.78 -6.25
CA ARG C 134 -26.31 0.24 -4.92
C ARG C 134 -24.96 -0.45 -4.84
N LYS C 135 -24.58 -1.18 -5.89
CA LYS C 135 -23.27 -1.83 -5.88
C LYS C 135 -22.16 -0.79 -5.82
N SER C 136 -22.32 0.30 -6.56
CA SER C 136 -21.32 1.36 -6.52
C SER C 136 -21.19 1.92 -5.11
N LEU C 137 -22.33 2.15 -4.45
CA LEU C 137 -22.28 2.67 -3.09
C LEU C 137 -21.58 1.69 -2.16
N ILE C 138 -21.85 0.39 -2.32
CA ILE C 138 -21.21 -0.58 -1.45
C ILE C 138 -19.70 -0.59 -1.67
N ARG C 139 -19.25 -0.49 -2.92
CA ARG C 139 -17.81 -0.44 -3.15
C ARG C 139 -17.20 0.81 -2.52
N ALA C 140 -17.89 1.95 -2.65
CA ALA C 140 -17.37 3.18 -2.06
C ALA C 140 -17.26 3.04 -0.55
N VAL C 141 -18.30 2.49 0.09
CA VAL C 141 -18.27 2.35 1.53
C VAL C 141 -17.19 1.37 1.95
N LYS C 142 -16.97 0.31 1.16
CA LYS C 142 -15.91 -0.62 1.50
C LYS C 142 -14.55 0.04 1.45
N VAL C 143 -14.29 0.86 0.42
CA VAL C 143 -13.00 1.54 0.40
C VAL C 143 -12.89 2.52 1.56
N LEU C 144 -13.98 3.24 1.88
CA LEU C 144 -13.94 4.13 3.04
C LEU C 144 -13.57 3.36 4.29
N MET C 145 -14.26 2.25 4.54
CA MET C 145 -13.98 1.44 5.72
C MET C 145 -12.55 0.91 5.69
N GLU C 146 -11.99 0.71 4.51
CA GLU C 146 -10.63 0.22 4.42
C GLU C 146 -9.64 1.19 5.04
N PHE C 147 -9.85 2.48 4.84
CA PHE C 147 -8.99 3.51 5.41
C PHE C 147 -9.40 3.91 6.82
N GLN C 148 -10.31 3.15 7.43
CA GLN C 148 -10.79 3.45 8.78
C GLN C 148 -11.37 4.85 8.89
N LEU C 149 -11.81 5.45 7.78
CA LEU C 149 -12.48 6.73 7.87
C LEU C 149 -13.79 6.60 8.63
N ILE C 150 -14.47 5.46 8.50
CA ILE C 150 -15.72 5.23 9.20
C ILE C 150 -15.69 3.83 9.79
N ARG C 151 -16.14 3.73 11.04
CA ARG C 151 -16.23 2.46 11.74
C ARG C 151 -17.66 1.95 11.64
N THR C 152 -17.82 0.65 11.84
CA THR C 152 -19.12 0.00 11.68
C THR C 152 -19.65 -0.44 13.04
N ILE C 153 -20.75 0.17 13.45
CA ILE C 153 -21.59 -0.38 14.52
C ILE C 153 -22.44 -1.47 13.90
N ASP C 154 -22.55 -2.59 14.60
CA ASP C 154 -22.84 -3.86 13.95
C ASP C 154 -24.03 -3.74 12.99
N GLY C 155 -24.01 -4.60 11.99
CA GLY C 155 -24.89 -4.50 10.85
C GLY C 155 -24.29 -5.30 9.72
N ASP C 156 -24.74 -5.01 8.50
CA ASP C 156 -24.21 -5.69 7.33
C ASP C 156 -24.50 -4.88 6.09
N ILE C 157 -23.46 -4.35 5.45
CA ILE C 157 -23.65 -3.56 4.24
C ILE C 157 -23.74 -4.44 3.00
N GLY C 158 -23.09 -5.59 3.00
CA GLY C 158 -23.13 -6.44 1.82
C GLY C 158 -24.54 -6.77 1.39
N ARG C 159 -25.47 -6.88 2.34
CA ARG C 159 -26.85 -7.15 2.00
C ARG C 159 -27.46 -6.02 1.19
N PHE C 160 -26.88 -4.82 1.26
CA PHE C 160 -27.43 -3.70 0.52
C PHE C 160 -27.49 -4.01 -0.97
N ASP C 161 -26.65 -4.92 -1.44
CA ASP C 161 -26.67 -5.30 -2.85
C ASP C 161 -28.05 -5.77 -3.26
N GLN C 162 -28.64 -6.68 -2.49
CA GLN C 162 -29.90 -7.31 -2.86
C GLN C 162 -31.07 -6.88 -1.99
N ASN C 163 -30.91 -5.90 -1.12
CA ASN C 163 -32.00 -5.44 -0.26
C ASN C 163 -31.82 -3.96 0.00
N GLU C 164 -32.46 -3.13 -0.82
CA GLU C 164 -32.34 -1.69 -0.68
C GLU C 164 -32.84 -1.21 0.68
N GLU C 165 -33.74 -1.99 1.31
CA GLU C 165 -34.25 -1.63 2.62
C GLU C 165 -33.23 -1.85 3.73
N GLN C 166 -32.10 -2.51 3.44
CA GLN C 166 -31.08 -2.73 4.45
C GLN C 166 -30.77 -1.42 5.17
N GLU C 167 -30.34 -1.54 6.42
CA GLU C 167 -29.98 -0.41 7.24
C GLU C 167 -28.70 -0.72 7.99
N VAL C 168 -27.91 0.31 8.28
CA VAL C 168 -26.68 0.16 9.02
C VAL C 168 -26.43 1.42 9.83
N LEU C 169 -25.71 1.27 10.93
CA LEU C 169 -25.34 2.37 11.81
C LEU C 169 -23.84 2.55 11.75
N TYR C 170 -23.40 3.69 11.23
CA TYR C 170 -21.99 3.96 11.00
C TYR C 170 -21.51 5.06 11.94
N GLU C 171 -20.19 5.12 12.12
CA GLU C 171 -19.55 6.06 13.00
C GLU C 171 -18.43 6.76 12.27
N ALA C 172 -18.43 8.08 12.28
CA ALA C 172 -17.41 8.87 11.64
C ALA C 172 -16.17 8.89 12.52
N SER C 173 -15.06 8.36 12.00
CA SER C 173 -13.83 8.32 12.77
C SER C 173 -12.98 9.55 12.50
N THR C 174 -12.05 9.82 13.42
CA THR C 174 -11.32 11.07 13.37
C THR C 174 -10.53 11.23 12.08
N TYR C 175 -10.07 10.13 11.51
CA TYR C 175 -9.17 10.23 10.37
C TYR C 175 -9.83 10.92 9.17
N SER C 176 -11.16 10.98 9.15
CA SER C 176 -11.83 11.61 8.02
C SER C 176 -11.32 13.02 7.80
N ARG C 177 -10.97 13.73 8.87
CA ARG C 177 -10.52 15.11 8.73
C ARG C 177 -9.27 15.17 7.85
N TYR C 178 -8.32 14.27 8.09
CA TYR C 178 -6.98 14.46 7.53
C TYR C 178 -6.79 13.73 6.21
N PHE C 179 -7.82 13.04 5.71
CA PHE C 179 -7.61 12.13 4.60
C PHE C 179 -6.99 12.83 3.39
N MET C 180 -7.57 13.95 2.98
CA MET C 180 -7.18 14.60 1.75
C MET C 180 -6.23 15.74 2.04
N ARG C 181 -5.15 15.82 1.27
CA ARG C 181 -4.14 16.83 1.49
C ARG C 181 -4.71 18.23 1.28
N THR C 182 -3.86 19.23 1.48
CA THR C 182 -4.25 20.61 1.27
C THR C 182 -3.85 21.08 -0.12
N TYR C 183 -4.55 22.09 -0.61
CA TYR C 183 -4.43 22.55 -1.98
C TYR C 183 -4.01 24.02 -2.00
N PRO C 184 -3.28 24.44 -3.04
CA PRO C 184 -2.57 25.72 -2.95
C PRO C 184 -3.46 26.95 -2.74
N ASP C 185 -4.33 27.23 -3.69
CA ASP C 185 -5.18 28.41 -3.64
C ASP C 185 -6.50 28.03 -2.99
N ASP C 186 -7.48 28.92 -3.10
CA ASP C 186 -8.86 28.46 -3.00
C ASP C 186 -9.04 27.44 -4.12
N PHE C 187 -9.13 26.17 -3.76
CA PHE C 187 -9.03 25.11 -4.77
C PHE C 187 -10.12 25.25 -5.83
N SER C 188 -11.22 25.91 -5.50
CA SER C 188 -12.33 25.99 -6.44
C SER C 188 -11.95 26.81 -7.68
N SER C 189 -10.91 27.63 -7.58
CA SER C 189 -10.54 28.47 -8.72
C SER C 189 -9.96 27.64 -9.86
N TYR C 190 -9.63 26.38 -9.61
CA TYR C 190 -9.03 25.55 -10.64
C TYR C 190 -10.12 24.86 -11.46
N GLN C 191 -9.79 24.57 -12.72
CA GLN C 191 -10.79 24.07 -13.66
C GLN C 191 -10.52 22.66 -14.16
N HIS C 192 -9.31 22.14 -14.00
CA HIS C 192 -9.02 20.79 -14.46
C HIS C 192 -7.85 20.24 -13.65
N TRP C 193 -7.86 18.93 -13.43
CA TRP C 193 -6.87 18.34 -12.53
C TRP C 193 -5.45 18.65 -12.98
N SER C 194 -5.23 18.76 -14.29
CA SER C 194 -3.88 19.04 -14.76
C SER C 194 -3.33 20.31 -14.13
N GLU C 195 -4.20 21.24 -13.76
CA GLU C 195 -3.73 22.48 -13.13
C GLU C 195 -3.15 22.21 -11.76
N LEU C 196 -3.58 21.14 -11.08
CA LEU C 196 -3.00 20.82 -9.78
C LEU C 196 -1.51 20.51 -9.89
N LEU C 197 -1.14 19.69 -10.88
CA LEU C 197 0.27 19.33 -11.02
C LEU C 197 1.12 20.56 -11.25
N LYS C 198 0.67 21.47 -12.12
CA LYS C 198 1.46 22.67 -12.38
C LYS C 198 1.70 23.44 -11.10
N GLU C 199 0.84 23.27 -10.09
CA GLU C 199 1.07 23.89 -8.80
C GLU C 199 2.05 23.08 -7.97
N ASP C 200 1.78 21.78 -7.80
CA ASP C 200 2.59 20.97 -6.91
C ASP C 200 4.06 21.00 -7.32
N TRP C 201 4.35 21.24 -8.59
CA TRP C 201 5.73 21.37 -9.03
C TRP C 201 6.20 22.82 -9.06
N LYS C 202 5.31 23.78 -8.80
CA LYS C 202 5.74 25.16 -8.66
C LYS C 202 6.50 25.35 -7.35
N LEU C 203 6.35 24.42 -6.41
CA LEU C 203 7.07 24.46 -5.15
C LEU C 203 8.42 23.77 -5.22
N ASN C 204 8.72 23.07 -6.31
CA ASN C 204 9.93 22.27 -6.44
C ASN C 204 10.75 22.73 -7.63
N GLN C 205 10.87 24.04 -7.83
CA GLN C 205 11.70 24.53 -8.93
C GLN C 205 13.15 24.17 -8.71
N GLU C 206 13.58 24.01 -7.46
CA GLU C 206 14.97 23.72 -7.16
C GLU C 206 15.26 22.25 -7.47
N ASP C 207 16.14 22.03 -8.46
CA ASP C 207 16.49 20.68 -8.87
C ASP C 207 15.25 19.86 -9.21
N GLU C 208 14.35 20.47 -9.98
CA GLU C 208 13.15 19.77 -10.40
C GLU C 208 13.50 18.46 -11.11
N ARG C 209 14.62 18.44 -11.82
CA ARG C 209 14.93 17.27 -12.64
C ARG C 209 15.25 16.06 -11.77
N ARG C 210 16.05 16.24 -10.72
CA ARG C 210 16.41 15.10 -9.88
C ARG C 210 15.18 14.53 -9.18
N LYS C 211 14.34 15.40 -8.62
CA LYS C 211 13.12 14.93 -8.00
C LYS C 211 12.23 14.24 -9.01
N ARG C 212 12.16 14.78 -10.23
CA ARG C 212 11.37 14.16 -11.28
C ARG C 212 11.84 12.74 -11.54
N VAL C 213 13.15 12.56 -11.73
CA VAL C 213 13.68 11.24 -12.05
C VAL C 213 13.46 10.28 -10.89
N TYR C 214 13.73 10.73 -9.67
CA TYR C 214 13.54 9.84 -8.53
C TYR C 214 12.09 9.43 -8.37
N ARG C 215 11.16 10.37 -8.52
CA ARG C 215 9.76 10.02 -8.39
C ARG C 215 9.36 9.03 -9.47
N LYS C 216 9.77 9.26 -10.71
CA LYS C 216 9.42 8.32 -11.77
C LYS C 216 9.98 6.94 -11.47
N LEU C 217 11.23 6.87 -11.02
CA LEU C 217 11.84 5.57 -10.75
C LEU C 217 11.11 4.84 -9.63
N PHE C 218 10.94 5.49 -8.49
CA PHE C 218 10.40 4.80 -7.33
C PHE C 218 8.92 4.47 -7.51
N PHE C 219 8.17 5.36 -8.17
CA PHE C 219 6.73 5.14 -8.27
C PHE C 219 6.39 4.20 -9.41
N SER C 220 6.75 4.55 -10.55
CA SER C 220 6.27 3.77 -11.69
C SER C 220 7.04 2.47 -11.82
N PRO C 221 6.42 1.42 -12.36
CA PRO C 221 7.18 0.21 -12.63
C PRO C 221 8.38 0.47 -13.51
N GLY C 222 8.25 1.41 -14.44
CA GLY C 222 9.34 1.72 -15.34
C GLY C 222 9.26 3.16 -15.79
N LEU C 223 10.33 3.58 -16.46
CA LEU C 223 10.46 4.93 -16.98
C LEU C 223 10.85 4.82 -18.44
N HIS C 224 9.94 5.21 -19.32
CA HIS C 224 10.12 5.03 -20.75
C HIS C 224 10.71 6.28 -21.38
N ARG C 225 11.62 6.07 -22.32
CA ARG C 225 12.24 7.17 -23.03
C ARG C 225 11.22 7.83 -23.95
N LEU C 226 10.93 9.11 -23.70
CA LEU C 226 9.94 9.82 -24.50
C LEU C 226 10.37 9.90 -25.96
N ASP C 227 11.58 10.36 -26.19
CA ASP C 227 12.14 10.45 -27.53
C ASP C 227 13.65 10.38 -27.42
N GLN C 228 14.35 10.71 -28.51
CA GLN C 228 15.80 10.63 -28.49
C GLN C 228 16.41 11.62 -27.51
N GLN C 229 15.71 12.69 -27.15
CA GLN C 229 16.24 13.76 -26.32
C GLN C 229 15.44 13.96 -25.04
N ASP C 230 14.87 12.90 -24.49
CA ASP C 230 14.09 13.01 -23.27
C ASP C 230 15.00 13.45 -22.12
N PRO C 231 14.71 14.58 -21.46
CA PRO C 231 15.64 15.07 -20.43
C PRO C 231 15.77 14.16 -19.23
N ASP C 232 14.70 13.53 -18.77
CA ASP C 232 14.81 12.62 -17.63
C ASP C 232 15.78 11.49 -17.94
N PHE C 233 15.64 10.88 -19.11
CA PHE C 233 16.49 9.76 -19.45
C PHE C 233 17.93 10.22 -19.67
N LEU C 234 18.11 11.41 -20.22
CA LEU C 234 19.46 11.95 -20.33
C LEU C 234 20.09 12.12 -18.96
N TYR C 235 19.31 12.63 -18.00
CA TYR C 235 19.81 12.75 -16.64
C TYR C 235 20.24 11.40 -16.10
N ILE C 236 19.38 10.39 -16.25
CA ILE C 236 19.73 9.07 -15.72
C ILE C 236 21.00 8.56 -16.38
N ARG C 237 21.14 8.74 -17.69
CA ARG C 237 22.34 8.30 -18.38
C ARG C 237 23.58 8.99 -17.83
N ASN C 238 23.48 10.30 -17.55
CA ASN C 238 24.65 11.03 -17.09
C ASN C 238 25.10 10.58 -15.70
N TYR C 239 24.16 10.20 -14.83
CA TYR C 239 24.47 9.82 -13.46
C TYR C 239 24.06 8.41 -13.12
N ARG C 240 24.27 7.46 -14.04
CA ARG C 240 23.85 6.09 -13.77
C ARG C 240 24.53 5.56 -12.52
N ASN C 241 25.85 5.73 -12.41
CA ASN C 241 26.59 5.05 -11.35
C ASN C 241 26.22 5.58 -9.98
N ARG C 242 26.24 6.90 -9.79
CA ARG C 242 25.92 7.43 -8.49
C ARG C 242 24.45 7.24 -8.13
N LEU C 243 23.56 7.29 -9.13
CA LEU C 243 22.17 6.96 -8.86
C LEU C 243 22.05 5.54 -8.32
N ALA C 244 22.70 4.59 -8.99
CA ALA C 244 22.63 3.21 -8.55
C ALA C 244 23.20 3.06 -7.15
N GLU C 245 24.33 3.71 -6.89
CA GLU C 245 24.95 3.59 -5.57
C GLU C 245 24.05 4.16 -4.49
N ASP C 246 23.49 5.34 -4.72
CA ASP C 246 22.60 5.95 -3.74
C ASP C 246 21.36 5.11 -3.49
N ILE C 247 20.75 4.60 -4.56
CA ILE C 247 19.52 3.83 -4.39
C ILE C 247 19.82 2.52 -3.67
N GLU C 248 20.92 1.86 -4.00
CA GLU C 248 21.30 0.67 -3.24
C GLU C 248 21.55 0.99 -1.78
N LYS C 249 22.17 2.14 -1.51
CA LYS C 249 22.46 2.53 -0.13
C LYS C 249 21.19 2.76 0.65
N HIS C 250 20.18 3.37 0.02
CA HIS C 250 19.03 3.86 0.78
C HIS C 250 17.82 2.93 0.72
N SER C 251 17.85 1.90 -0.12
CA SER C 251 16.68 1.03 -0.23
C SER C 251 17.08 -0.32 -0.81
N GLU C 252 16.10 -1.21 -0.87
CA GLU C 252 16.35 -2.56 -1.37
C GLU C 252 16.58 -2.61 -2.86
N TYR C 253 16.17 -1.58 -3.59
CA TYR C 253 16.11 -1.67 -5.04
C TYR C 253 17.49 -1.60 -5.67
N LYS C 254 17.56 -2.02 -6.93
CA LYS C 254 18.75 -1.90 -7.74
C LYS C 254 18.35 -1.42 -9.12
N LEU C 255 19.05 -0.40 -9.61
CA LEU C 255 18.67 0.29 -10.83
C LEU C 255 19.07 -0.53 -12.04
N HIS C 256 18.27 -0.43 -13.11
CA HIS C 256 18.63 -0.94 -14.43
C HIS C 256 18.44 0.17 -15.44
N VAL C 257 19.24 0.15 -16.50
CA VAL C 257 19.16 1.14 -17.55
C VAL C 257 19.31 0.45 -18.89
N TYR C 258 18.47 0.83 -19.85
CA TYR C 258 18.55 0.33 -21.21
C TYR C 258 18.43 1.51 -22.16
N LYS C 259 18.56 1.21 -23.45
CA LYS C 259 18.50 2.27 -24.45
C LYS C 259 17.16 2.98 -24.44
N ASN C 260 16.09 2.28 -24.06
CA ASN C 260 14.75 2.84 -24.16
C ASN C 260 13.93 2.70 -22.90
N THR C 261 14.51 2.27 -21.78
CA THR C 261 13.76 2.17 -20.55
C THR C 261 14.72 2.13 -19.37
N ALA C 262 14.20 2.46 -18.20
CA ALA C 262 14.93 2.38 -16.95
C ALA C 262 13.94 2.06 -15.85
N PHE C 263 14.36 1.24 -14.89
CA PHE C 263 13.45 0.82 -13.85
C PHE C 263 14.23 0.31 -12.66
N LEU C 264 13.53 0.15 -11.54
CA LEU C 264 14.11 -0.41 -10.35
C LEU C 264 13.58 -1.82 -10.18
N SER C 265 14.48 -2.77 -9.94
CA SER C 265 14.10 -4.13 -9.63
C SER C 265 14.21 -4.35 -8.14
N ILE C 266 13.51 -5.37 -7.65
CA ILE C 266 13.57 -5.73 -6.24
C ILE C 266 13.83 -7.22 -6.15
N ALA C 267 14.78 -7.61 -5.30
CA ALA C 267 15.23 -8.99 -5.25
C ALA C 267 14.39 -9.86 -4.32
N GLU C 268 14.08 -9.35 -3.13
CA GLU C 268 13.30 -10.10 -2.13
C GLU C 268 12.10 -9.26 -1.72
N PRO C 269 10.99 -9.37 -2.44
CA PRO C 269 9.82 -8.55 -2.11
C PRO C 269 9.13 -9.08 -0.85
N ARG C 270 8.87 -8.17 0.08
CA ARG C 270 8.17 -8.57 1.30
C ARG C 270 6.69 -8.79 1.01
N GLN C 271 5.94 -9.12 2.06
CA GLN C 271 4.56 -9.53 1.89
C GLN C 271 3.71 -8.43 1.26
N TYR C 272 3.79 -7.22 1.80
CA TYR C 272 2.83 -6.17 1.45
C TYR C 272 3.08 -5.57 0.07
N GLN C 273 4.16 -5.94 -0.61
CA GLN C 273 4.51 -5.27 -1.85
C GLN C 273 3.78 -5.90 -3.03
N GLN C 274 3.63 -5.12 -4.09
CA GLN C 274 3.12 -5.59 -5.37
C GLN C 274 4.28 -5.66 -6.35
N VAL C 275 4.35 -6.73 -7.12
CA VAL C 275 5.47 -6.95 -8.03
C VAL C 275 5.00 -7.75 -9.23
N PHE C 276 5.79 -7.68 -10.30
CA PHE C 276 5.64 -8.46 -11.51
C PHE C 276 6.86 -9.34 -11.70
N PRO C 277 6.71 -10.64 -11.93
CA PRO C 277 5.48 -11.42 -12.12
C PRO C 277 4.70 -11.63 -10.84
N ASN C 278 3.47 -12.13 -10.93
CA ASN C 278 2.68 -12.45 -9.76
C ASN C 278 1.72 -13.58 -10.12
N SER C 279 0.78 -13.85 -9.24
CA SER C 279 -0.07 -15.02 -9.40
C SER C 279 -1.06 -14.89 -10.55
N LYS C 280 -1.53 -13.68 -10.85
CA LYS C 280 -2.62 -13.51 -11.81
C LYS C 280 -2.24 -14.13 -13.15
N ALA C 281 -3.20 -14.83 -13.75
CA ALA C 281 -2.90 -15.60 -14.97
C ALA C 281 -2.45 -14.69 -16.10
N SER C 282 -2.99 -13.47 -16.18
CA SER C 282 -2.66 -12.61 -17.31
C SER C 282 -1.16 -12.38 -17.42
N THR C 283 -0.43 -12.43 -16.31
CA THR C 283 1.02 -12.28 -16.40
C THR C 283 1.63 -13.41 -17.19
N ASP C 284 1.17 -14.65 -16.99
CA ASP C 284 1.71 -15.78 -17.74
C ASP C 284 1.67 -15.49 -19.24
N ILE C 285 0.53 -15.02 -19.73
CA ILE C 285 0.44 -14.74 -21.16
C ILE C 285 1.34 -13.57 -21.52
N ILE C 286 1.54 -12.63 -20.59
CA ILE C 286 2.47 -11.54 -20.87
C ILE C 286 3.87 -12.07 -21.06
N LEU C 287 4.30 -12.97 -20.18
CA LEU C 287 5.64 -13.55 -20.32
C LEU C 287 5.74 -14.34 -21.62
N GLN C 288 4.70 -15.11 -21.94
CA GLN C 288 4.75 -15.88 -23.18
C GLN C 288 4.81 -14.96 -24.39
N LEU C 289 4.06 -13.87 -24.39
CA LEU C 289 4.13 -12.91 -25.48
C LEU C 289 5.51 -12.29 -25.57
N SER C 290 6.12 -11.99 -24.44
CA SER C 290 7.48 -11.47 -24.46
C SER C 290 8.42 -12.45 -25.13
N LYS C 291 8.32 -13.73 -24.77
CA LYS C 291 9.19 -14.71 -25.40
C LYS C 291 8.91 -14.81 -26.89
N TYR C 292 7.63 -14.80 -27.28
CA TYR C 292 7.29 -14.90 -28.69
C TYR C 292 7.85 -13.71 -29.47
N ILE C 293 7.85 -12.52 -28.87
CA ILE C 293 8.43 -11.37 -29.55
C ILE C 293 9.94 -11.52 -29.66
N HIS C 294 10.58 -12.05 -28.62
CA HIS C 294 12.01 -12.30 -28.71
C HIS C 294 12.35 -13.24 -29.85
N GLY C 295 11.44 -14.16 -30.18
CA GLY C 295 11.75 -15.22 -31.12
C GLY C 295 11.68 -14.85 -32.58
N GLU C 296 11.13 -13.68 -32.92
CA GLU C 296 11.05 -13.22 -34.30
C GLU C 296 11.56 -11.79 -34.39
N PRO C 297 12.86 -11.59 -34.17
CA PRO C 297 13.38 -10.22 -34.15
C PRO C 297 13.17 -9.45 -35.43
N GLU C 298 13.23 -10.10 -36.59
CA GLU C 298 13.06 -9.40 -37.86
C GLU C 298 11.61 -8.99 -38.09
N ARG C 299 10.65 -9.79 -37.62
CA ARG C 299 9.24 -9.46 -37.84
C ARG C 299 8.79 -8.36 -36.89
N PHE C 300 9.28 -8.39 -35.66
CA PHE C 300 8.93 -7.40 -34.64
C PHE C 300 10.11 -6.50 -34.28
N LYS C 301 10.87 -6.11 -35.30
CA LYS C 301 11.98 -5.19 -35.08
C LYS C 301 11.47 -3.92 -34.43
N ALA C 302 12.00 -3.61 -33.24
CA ALA C 302 11.55 -2.44 -32.52
C ALA C 302 12.07 -1.17 -33.18
N ASN C 303 11.22 -0.16 -33.23
CA ASN C 303 11.65 1.13 -33.74
C ASN C 303 12.66 1.76 -32.78
N GLU C 304 13.24 2.89 -33.21
CA GLU C 304 14.33 3.48 -32.45
C GLU C 304 13.93 3.80 -31.02
N ASN C 305 12.68 4.20 -30.79
CA ASN C 305 12.23 4.53 -29.44
C ASN C 305 11.97 3.29 -28.59
N GLY C 306 12.25 2.10 -29.10
CA GLY C 306 12.04 0.89 -28.34
C GLY C 306 10.64 0.35 -28.38
N GLU C 307 9.71 1.04 -29.02
CA GLU C 307 8.34 0.54 -29.14
C GLU C 307 8.25 -0.48 -30.26
N ILE C 308 7.31 -1.40 -30.13
CA ILE C 308 6.93 -2.32 -31.18
C ILE C 308 5.48 -2.03 -31.54
N LEU C 309 5.23 -1.77 -32.81
CA LEU C 309 3.94 -1.26 -33.28
C LEU C 309 3.17 -2.39 -33.95
N MET C 310 1.95 -2.62 -33.48
CA MET C 310 1.09 -3.66 -34.04
C MET C 310 -0.35 -3.18 -34.00
N THR C 311 -1.12 -3.54 -35.02
CA THR C 311 -2.53 -3.21 -35.07
C THR C 311 -3.36 -4.29 -34.38
N GLU C 312 -4.58 -3.93 -34.00
CA GLU C 312 -5.42 -4.86 -33.26
C GLU C 312 -5.51 -6.21 -33.98
N GLY C 313 -5.60 -6.20 -35.31
CA GLY C 313 -5.63 -7.45 -36.02
C GLY C 313 -4.36 -8.25 -35.83
N GLU C 314 -3.21 -7.59 -35.96
CA GLU C 314 -1.94 -8.29 -35.78
C GLU C 314 -1.80 -8.83 -34.36
N PHE C 315 -2.20 -8.03 -33.37
CA PHE C 315 -2.14 -8.48 -31.99
C PHE C 315 -3.04 -9.68 -31.79
N GLU C 316 -4.25 -9.66 -32.35
CA GLU C 316 -5.15 -10.80 -32.21
C GLU C 316 -4.56 -12.03 -32.87
N GLN C 317 -3.90 -11.86 -34.00
CA GLN C 317 -3.24 -13.00 -34.63
C GLN C 317 -2.15 -13.57 -33.72
N VAL C 318 -1.37 -12.70 -33.09
CA VAL C 318 -0.34 -13.16 -32.17
C VAL C 318 -0.98 -13.91 -31.01
N VAL C 319 -2.08 -13.39 -30.48
CA VAL C 319 -2.75 -14.05 -29.37
C VAL C 319 -3.29 -15.40 -29.79
N ASP C 320 -3.78 -15.51 -31.01
CA ASP C 320 -4.22 -16.81 -31.52
C ASP C 320 -3.06 -17.79 -31.61
N ASP C 321 -1.92 -17.32 -32.09
CA ASP C 321 -0.75 -18.19 -32.16
C ASP C 321 -0.36 -18.67 -30.77
N LEU C 322 -0.39 -17.77 -29.79
CA LEU C 322 -0.09 -18.16 -28.42
C LEU C 322 -1.12 -19.17 -27.90
N ARG C 323 -2.40 -18.93 -28.16
CA ARG C 323 -3.40 -19.91 -27.71
C ARG C 323 -3.16 -21.26 -28.35
N GLN C 324 -2.66 -21.27 -29.58
CA GLN C 324 -2.36 -22.55 -30.21
C GLN C 324 -1.21 -23.25 -29.50
N GLN C 325 -0.11 -22.55 -29.27
CA GLN C 325 1.06 -23.21 -28.69
C GLN C 325 0.89 -23.46 -27.20
N PHE C 326 0.79 -22.39 -26.41
CA PHE C 326 0.80 -22.51 -24.97
C PHE C 326 -0.60 -22.56 -24.37
N GLY C 327 -1.63 -22.39 -25.20
CA GLY C 327 -2.98 -22.32 -24.66
C GLY C 327 -3.35 -23.52 -23.82
N THR C 328 -2.77 -24.68 -24.11
CA THR C 328 -3.07 -25.87 -23.32
C THR C 328 -2.75 -25.65 -21.86
N GLY C 329 -1.79 -24.76 -21.57
CA GLY C 329 -1.37 -24.56 -20.19
C GLY C 329 -1.94 -23.30 -19.57
N TRP C 330 -2.61 -22.47 -20.36
CA TRP C 330 -3.22 -21.28 -19.80
C TRP C 330 -4.24 -21.66 -18.73
N ALA C 331 -4.60 -20.68 -17.91
CA ALA C 331 -5.67 -20.89 -16.94
C ALA C 331 -6.99 -21.08 -17.68
N LYS C 332 -7.88 -21.88 -17.08
CA LYS C 332 -9.14 -22.17 -17.73
C LYS C 332 -9.94 -20.90 -18.00
N TYR C 333 -9.64 -19.83 -17.28
CA TYR C 333 -10.35 -18.58 -17.52
C TYR C 333 -10.13 -18.10 -18.96
N PHE C 334 -8.89 -18.14 -19.43
CA PHE C 334 -8.60 -17.66 -20.78
C PHE C 334 -8.86 -18.74 -21.82
N ARG C 335 -8.65 -20.00 -21.46
CA ARG C 335 -8.81 -21.08 -22.42
C ARG C 335 -10.21 -21.09 -23.01
N ASP C 336 -11.20 -20.58 -22.28
CA ASP C 336 -12.60 -20.64 -22.70
C ASP C 336 -13.09 -19.36 -23.34
N MET C 337 -12.24 -18.36 -23.53
CA MET C 337 -12.66 -17.03 -23.97
C MET C 337 -12.13 -16.74 -25.37
N SER C 338 -12.96 -16.07 -26.17
CA SER C 338 -12.62 -15.78 -27.54
C SER C 338 -11.37 -14.91 -27.63
N THR C 339 -10.83 -14.78 -28.84
CA THR C 339 -9.58 -14.04 -29.02
C THR C 339 -9.72 -12.58 -28.60
N LYS C 340 -10.79 -11.91 -29.02
CA LYS C 340 -10.87 -10.48 -28.75
C LYS C 340 -10.97 -10.21 -27.25
N GLY C 341 -11.69 -11.06 -26.51
CA GLY C 341 -11.73 -10.90 -25.06
C GLY C 341 -10.36 -11.05 -24.43
N ILE C 342 -9.60 -12.05 -24.88
CA ILE C 342 -8.24 -12.22 -24.37
C ILE C 342 -7.41 -11.00 -24.70
N ARG C 343 -7.56 -10.46 -25.91
CA ARG C 343 -6.81 -9.26 -26.26
C ARG C 343 -7.15 -8.12 -25.32
N THR C 344 -8.43 -7.91 -25.03
CA THR C 344 -8.81 -6.84 -24.12
C THR C 344 -8.23 -7.05 -22.73
N GLU C 345 -8.34 -8.27 -22.20
CA GLU C 345 -7.85 -8.53 -20.85
C GLU C 345 -6.33 -8.37 -20.78
N LEU C 346 -5.62 -8.97 -21.75
CA LEU C 346 -4.18 -8.87 -21.77
C LEU C 346 -3.73 -7.43 -21.90
N LEU C 347 -4.44 -6.64 -22.71
CA LEU C 347 -4.05 -5.26 -22.88
C LEU C 347 -4.33 -4.45 -21.62
N ARG C 348 -5.41 -4.75 -20.89
CA ARG C 348 -5.61 -4.08 -19.62
C ARG C 348 -4.46 -4.41 -18.66
N ALA C 349 -4.12 -5.68 -18.56
CA ALA C 349 -3.03 -6.07 -17.68
C ALA C 349 -1.74 -5.35 -18.06
N MET C 350 -1.39 -5.38 -19.35
CA MET C 350 -0.15 -4.74 -19.79
C MET C 350 -0.22 -3.23 -19.61
N LYS C 351 -1.41 -2.63 -19.66
CA LYS C 351 -1.54 -1.22 -19.35
C LYS C 351 -1.20 -0.95 -17.91
N ASP C 352 -1.69 -1.79 -16.99
CA ASP C 352 -1.44 -1.55 -15.58
C ASP C 352 0.05 -1.47 -15.30
N TRP C 353 0.84 -2.32 -15.94
CA TRP C 353 2.28 -2.36 -15.71
C TRP C 353 3.04 -1.43 -16.64
N MET C 354 2.35 -0.54 -17.35
CA MET C 354 3.02 0.37 -18.29
C MET C 354 3.83 -0.41 -19.30
N MET C 355 3.41 -1.64 -19.59
CA MET C 355 4.09 -2.44 -20.60
C MET C 355 3.77 -1.94 -22.01
N ALA C 356 2.56 -1.44 -22.23
CA ALA C 356 2.14 -1.06 -23.56
C ALA C 356 1.13 0.07 -23.49
N GLU C 357 0.88 0.70 -24.64
CA GLU C 357 -0.11 1.74 -24.77
C GLU C 357 -1.05 1.41 -25.92
N VAL C 358 -2.30 1.83 -25.79
CA VAL C 358 -3.24 1.80 -26.89
C VAL C 358 -3.30 3.20 -27.47
N ASP C 359 -2.88 3.33 -28.73
CA ASP C 359 -2.85 4.64 -29.35
C ASP C 359 -4.26 5.22 -29.38
N SER C 360 -4.38 6.47 -28.93
CA SER C 360 -5.71 7.08 -28.80
C SER C 360 -6.40 7.20 -30.16
N GLU C 361 -5.66 7.59 -31.19
CA GLU C 361 -6.26 7.91 -32.48
C GLU C 361 -6.41 6.69 -33.37
N THR C 362 -5.29 6.02 -33.69
CA THR C 362 -5.28 4.96 -34.69
C THR C 362 -5.58 3.58 -34.11
N SER C 363 -5.83 3.48 -32.80
CA SER C 363 -6.00 2.19 -32.15
C SER C 363 -4.77 1.30 -32.32
N LEU C 364 -3.63 1.90 -32.65
CA LEU C 364 -2.40 1.14 -32.79
C LEU C 364 -1.85 0.76 -31.42
N ILE C 365 -1.28 -0.44 -31.33
CA ILE C 365 -0.74 -0.95 -30.09
C ILE C 365 0.75 -0.67 -30.06
N ARG C 366 1.22 -0.07 -28.97
CA ARG C 366 2.64 0.17 -28.74
C ARG C 366 3.07 -0.69 -27.56
N ILE C 367 3.91 -1.69 -27.84
CA ILE C 367 4.49 -2.53 -26.80
C ILE C 367 5.83 -1.93 -26.40
N LYS C 368 5.95 -1.53 -25.16
CA LYS C 368 7.12 -0.79 -24.70
C LYS C 368 8.28 -1.75 -24.38
N SER C 369 9.48 -1.20 -24.40
CA SER C 369 10.67 -2.02 -24.21
C SER C 369 10.67 -2.73 -22.87
N LEU C 370 9.90 -2.23 -21.90
CA LEU C 370 9.89 -2.85 -20.58
C LEU C 370 9.41 -4.30 -20.66
N THR C 371 8.59 -4.62 -21.66
CA THR C 371 8.07 -5.98 -21.76
C THR C 371 9.19 -6.99 -21.99
N GLY C 372 10.23 -6.58 -22.70
CA GLY C 372 11.27 -7.52 -23.09
C GLY C 372 12.25 -7.84 -21.98
N VAL C 373 12.04 -7.26 -20.80
CA VAL C 373 12.95 -7.54 -19.69
C VAL C 373 12.82 -8.99 -19.24
N MET C 374 11.61 -9.54 -19.31
CA MET C 374 11.33 -10.86 -18.75
C MET C 374 10.67 -11.73 -19.81
N THR C 375 11.04 -13.00 -19.81
CA THR C 375 10.40 -13.98 -20.69
C THR C 375 10.15 -15.25 -19.91
N GLY C 376 9.08 -15.95 -20.27
CA GLY C 376 8.68 -17.13 -19.53
C GLY C 376 8.24 -18.23 -20.48
N GLU C 377 8.38 -19.46 -20.00
CA GLU C 377 8.00 -20.62 -20.77
C GLU C 377 7.59 -21.73 -19.81
N TYR C 378 6.82 -22.68 -20.31
CA TYR C 378 6.51 -23.85 -19.52
C TYR C 378 7.75 -24.73 -19.37
N PRO C 379 7.80 -25.56 -18.34
CA PRO C 379 8.89 -26.54 -18.26
C PRO C 379 8.86 -27.44 -19.50
N SER C 380 10.05 -27.78 -19.99
CA SER C 380 10.13 -28.54 -21.24
C SER C 380 9.36 -29.85 -21.15
N ASP C 381 9.32 -30.46 -19.97
CA ASP C 381 8.65 -31.75 -19.84
C ASP C 381 7.14 -31.63 -20.05
N PHE C 382 6.53 -30.53 -19.61
CA PHE C 382 5.11 -30.33 -19.91
C PHE C 382 4.92 -30.03 -21.38
N GLN C 383 5.77 -29.17 -21.96
CA GLN C 383 5.63 -28.83 -23.38
C GLN C 383 5.67 -30.09 -24.23
N THR C 384 6.62 -30.97 -23.97
CA THR C 384 6.57 -32.30 -24.58
C THR C 384 5.31 -33.03 -24.17
N GLY C 385 4.85 -32.82 -22.93
CA GLY C 385 3.56 -33.33 -22.52
C GLY C 385 2.43 -32.72 -23.34
N GLY C 386 2.52 -31.43 -23.64
CA GLY C 386 1.52 -30.82 -24.50
C GLY C 386 1.51 -31.42 -25.89
N THR C 387 2.66 -31.93 -26.35
CA THR C 387 2.70 -32.61 -27.64
C THR C 387 1.90 -33.89 -27.63
N GLU C 388 1.97 -34.65 -26.54
CA GLU C 388 1.28 -35.93 -26.45
C GLU C 388 -0.22 -35.77 -26.69
N SER D 128 -17.13 9.66 49.46
CA SER D 128 -15.78 10.12 49.75
C SER D 128 -15.05 9.13 50.66
N LEU D 129 -13.96 8.56 50.16
CA LEU D 129 -13.22 7.57 50.91
C LEU D 129 -12.30 8.23 51.93
N GLU D 130 -11.80 7.42 52.85
CA GLU D 130 -10.91 7.89 53.92
C GLU D 130 -9.47 7.59 53.54
N ARG D 131 -8.62 8.62 53.58
CA ARG D 131 -7.21 8.44 53.23
C ARG D 131 -6.47 7.55 54.21
N SER D 132 -7.05 7.25 55.37
CA SER D 132 -6.38 6.42 56.36
C SER D 132 -6.76 4.94 56.26
N GLN D 133 -7.52 4.55 55.24
CA GLN D 133 -7.92 3.15 55.09
C GLN D 133 -6.72 2.23 55.24
N PHE D 134 -5.75 2.37 54.33
CA PHE D 134 -4.59 1.51 54.37
C PHE D 134 -3.71 1.81 55.57
N ASP D 135 -3.76 3.04 56.10
CA ASP D 135 -3.06 3.31 57.35
C ASP D 135 -3.63 2.48 58.49
N ARG D 136 -4.96 2.39 58.57
CA ARG D 136 -5.58 1.56 59.61
C ARG D 136 -5.21 0.10 59.42
N LEU D 137 -5.31 -0.40 58.19
CA LEU D 137 -4.97 -1.80 57.96
C LEU D 137 -3.51 -2.06 58.29
N PHE D 138 -2.63 -1.12 57.95
CA PHE D 138 -1.22 -1.29 58.24
C PHE D 138 -0.96 -1.29 59.74
N GLN D 139 -1.65 -0.43 60.49
CA GLN D 139 -1.48 -0.45 61.94
C GLN D 139 -1.94 -1.78 62.52
N ALA D 140 -3.05 -2.31 62.02
CA ALA D 140 -3.53 -3.60 62.51
C ALA D 140 -2.50 -4.69 62.22
N ILE D 141 -1.97 -4.72 60.99
CA ILE D 141 -0.99 -5.73 60.65
C ILE D 141 0.31 -5.50 61.43
N THR D 142 0.62 -4.24 61.76
CA THR D 142 1.81 -3.95 62.54
C THR D 142 1.68 -4.51 63.95
N SER D 143 0.52 -4.33 64.58
CA SER D 143 0.30 -4.93 65.88
C SER D 143 0.35 -6.45 65.79
N LEU D 144 -0.22 -7.02 64.71
CA LEU D 144 -0.16 -8.47 64.54
C LEU D 144 1.28 -8.95 64.44
N GLN D 145 2.11 -8.25 63.67
CA GLN D 145 3.54 -8.58 63.60
C GLN D 145 4.18 -8.49 64.98
N ASN D 146 3.88 -7.40 65.70
CA ASN D 146 4.47 -7.21 67.03
C ASN D 146 4.17 -8.39 67.92
N GLU D 147 2.91 -8.85 67.93
CA GLU D 147 2.54 -9.96 68.80
C GLU D 147 3.11 -11.28 68.29
N LEU D 148 3.08 -11.52 66.98
CA LEU D 148 3.66 -12.76 66.46
C LEU D 148 5.15 -12.84 66.75
N GLU D 149 5.83 -11.69 66.87
CA GLU D 149 7.22 -11.70 67.30
C GLU D 149 7.34 -12.14 68.75
N ASN D 150 6.30 -11.90 69.56
CA ASN D 150 6.31 -12.36 70.95
C ASN D 150 5.93 -13.82 71.07
N ASP D 151 5.52 -14.46 69.96
CA ASP D 151 5.37 -15.91 69.90
C ASP D 151 4.35 -16.45 70.88
N LEU D 152 3.09 -16.02 70.75
CA LEU D 152 1.96 -16.59 71.46
C LEU D 152 2.12 -16.56 72.97
N ASN D 153 2.79 -15.55 73.52
CA ASN D 153 3.02 -15.48 74.95
C ASN D 153 2.06 -14.49 75.59
N LYS D 154 0.83 -14.43 75.10
CA LYS D 154 -0.16 -13.48 75.59
C LYS D 154 -1.55 -14.10 75.47
N SER D 155 -2.54 -13.36 75.98
CA SER D 155 -3.88 -13.89 76.12
C SER D 155 -4.56 -14.07 74.76
N ALA D 156 -5.67 -14.81 74.76
CA ALA D 156 -6.41 -15.06 73.54
C ALA D 156 -7.25 -13.85 73.12
N GLU D 157 -7.74 -13.07 74.09
CA GLU D 157 -8.58 -11.92 73.75
C GLU D 157 -7.82 -10.92 72.89
N GLU D 158 -6.56 -10.67 73.22
CA GLU D 158 -5.74 -9.76 72.41
C GLU D 158 -5.69 -10.23 70.97
N TYR D 159 -5.50 -11.54 70.76
CA TYR D 159 -5.42 -12.06 69.41
C TYR D 159 -6.73 -11.88 68.66
N MET D 160 -7.86 -12.15 69.33
CA MET D 160 -9.16 -11.95 68.68
C MET D 160 -9.39 -10.49 68.32
N ARG D 161 -9.03 -9.56 69.21
CA ARG D 161 -9.18 -8.16 68.89
C ARG D 161 -8.30 -7.76 67.71
N ILE D 162 -7.07 -8.25 67.68
CA ILE D 162 -6.17 -7.92 66.58
C ILE D 162 -6.74 -8.42 65.26
N TRP D 163 -7.18 -9.67 65.24
CA TRP D 163 -7.77 -10.23 64.02
C TRP D 163 -9.01 -9.44 63.61
N GLU D 164 -9.84 -9.07 64.60
CA GLU D 164 -11.06 -8.34 64.29
C GLU D 164 -10.74 -7.02 63.63
N ASP D 165 -9.80 -6.26 64.20
CA ASP D 165 -9.40 -5.00 63.57
C ASP D 165 -8.87 -5.24 62.16
N VAL D 166 -7.98 -6.23 62.02
CA VAL D 166 -7.35 -6.46 60.72
C VAL D 166 -8.41 -6.72 59.66
N PHE D 167 -9.34 -7.64 59.94
CA PHE D 167 -10.24 -8.04 58.87
C PHE D 167 -11.41 -7.09 58.73
N ARG D 168 -11.79 -6.36 59.79
CA ARG D 168 -12.74 -5.28 59.59
C ARG D 168 -12.18 -4.26 58.60
N TYR D 169 -10.94 -3.82 58.83
CA TYR D 169 -10.34 -2.87 57.90
C TYR D 169 -10.16 -3.46 56.51
N PHE D 170 -9.76 -4.73 56.43
CA PHE D 170 -9.56 -5.33 55.11
C PHE D 170 -10.86 -5.43 54.34
N GLN D 171 -11.96 -5.80 55.01
CA GLN D 171 -13.25 -5.85 54.34
C GLN D 171 -13.70 -4.45 53.95
N THR D 172 -13.41 -3.45 54.78
CA THR D 172 -13.66 -2.07 54.38
C THR D 172 -12.96 -1.75 53.07
N ILE D 173 -11.67 -2.09 52.99
CA ILE D 173 -10.90 -1.78 51.79
C ILE D 173 -11.42 -2.59 50.61
N ARG D 174 -11.87 -3.82 50.86
CA ARG D 174 -12.38 -4.65 49.79
C ARG D 174 -13.65 -4.04 49.19
N THR D 175 -14.56 -3.58 50.05
CA THR D 175 -15.74 -2.87 49.56
C THR D 175 -15.34 -1.61 48.80
N SER D 176 -14.37 -0.88 49.34
CA SER D 176 -13.93 0.35 48.68
C SER D 176 -13.43 0.05 47.27
N THR D 177 -12.59 -0.97 47.12
CA THR D 177 -12.04 -1.27 45.81
C THR D 177 -13.10 -1.80 44.86
N ALA D 178 -14.03 -2.62 45.36
CA ALA D 178 -15.12 -3.06 44.50
C ALA D 178 -15.89 -1.88 43.96
N ASP D 179 -16.30 -0.97 44.85
CA ASP D 179 -17.08 0.19 44.42
C ASP D 179 -16.26 1.06 43.47
N TYR D 180 -14.99 1.29 43.77
CA TYR D 180 -14.18 2.18 42.96
C TYR D 180 -13.96 1.59 41.57
N ILE D 181 -13.71 0.28 41.49
CA ILE D 181 -13.51 -0.32 40.18
C ILE D 181 -14.81 -0.30 39.40
N ALA D 182 -15.94 -0.47 40.07
CA ALA D 182 -17.22 -0.30 39.38
C ALA D 182 -17.37 1.11 38.84
N TYR D 183 -16.98 2.11 39.63
CA TYR D 183 -17.03 3.49 39.16
C TYR D 183 -16.16 3.70 37.94
N ILE D 184 -14.93 3.20 37.99
CA ILE D 184 -14.01 3.39 36.86
C ILE D 184 -14.56 2.72 35.61
N ASN D 185 -15.06 1.50 35.76
CA ASN D 185 -15.55 0.78 34.59
C ASN D 185 -16.90 1.32 34.12
N SER D 186 -17.50 2.21 34.90
CA SER D 186 -18.90 2.56 34.69
C SER D 186 -19.19 2.93 33.24
N GLU D 187 -20.20 2.29 32.67
CA GLU D 187 -20.73 2.74 31.39
C GLU D 187 -21.27 4.15 31.51
N GLN D 188 -21.67 4.55 32.73
CA GLN D 188 -21.97 5.95 32.98
C GLN D 188 -20.83 6.83 32.49
N THR D 189 -19.59 6.45 32.81
CA THR D 189 -18.43 7.14 32.26
C THR D 189 -18.42 7.03 30.74
N ASP D 190 -18.69 5.83 30.22
CA ASP D 190 -18.57 5.60 28.79
C ASP D 190 -19.54 6.47 28.00
N GLN D 191 -20.78 6.62 28.47
CA GLN D 191 -21.67 7.57 27.82
C GLN D 191 -21.35 9.00 28.22
N ARG D 192 -20.81 9.20 29.43
CA ARG D 192 -20.53 10.55 29.89
C ARG D 192 -19.34 11.18 29.18
N MET D 193 -18.59 10.40 28.39
CA MET D 193 -17.53 11.04 27.62
C MET D 193 -18.08 12.09 26.67
N GLN D 194 -19.27 11.87 26.13
CA GLN D 194 -19.78 12.70 25.05
C GLN D 194 -20.36 14.03 25.51
N THR D 195 -20.07 14.48 26.73
CA THR D 195 -20.70 15.68 27.24
C THR D 195 -19.73 16.43 28.15
N GLU D 196 -20.26 17.48 28.79
CA GLU D 196 -19.54 18.13 29.87
C GLU D 196 -19.57 17.28 31.13
N ALA D 197 -20.54 16.37 31.26
CA ALA D 197 -20.62 15.53 32.44
C ALA D 197 -19.31 14.77 32.66
N PHE D 198 -18.59 14.47 31.59
CA PHE D 198 -17.27 13.87 31.74
C PHE D 198 -16.40 14.71 32.67
N LEU D 199 -16.52 16.04 32.62
CA LEU D 199 -15.80 16.88 33.57
C LEU D 199 -16.18 16.52 34.98
N VAL D 200 -17.47 16.31 35.24
CA VAL D 200 -17.89 15.86 36.57
C VAL D 200 -17.24 14.52 36.89
N TYR D 201 -17.26 13.61 35.92
CA TYR D 201 -16.60 12.33 36.11
C TYR D 201 -15.10 12.52 36.36
N LYS D 202 -14.49 13.45 35.64
CA LYS D 202 -13.06 13.69 35.84
C LYS D 202 -12.79 14.16 37.26
N ASN D 203 -13.62 15.08 37.78
CA ASN D 203 -13.41 15.56 39.14
C ASN D 203 -13.63 14.44 40.16
N GLN D 204 -14.66 13.64 39.98
CA GLN D 204 -14.88 12.53 40.91
C GLN D 204 -13.73 11.54 40.85
N PHE D 205 -13.23 11.25 39.65
CA PHE D 205 -12.14 10.31 39.47
C PHE D 205 -10.85 10.84 40.10
N THR D 206 -10.57 12.13 39.92
CA THR D 206 -9.35 12.66 40.53
C THR D 206 -9.47 12.69 42.04
N THR D 207 -10.67 12.93 42.56
CA THR D 207 -10.85 12.80 44.01
C THR D 207 -10.59 11.37 44.46
N TYR D 208 -11.11 10.39 43.72
CA TYR D 208 -10.86 9.00 44.05
C TYR D 208 -9.37 8.70 44.09
N LEU D 209 -8.64 9.13 43.06
CA LEU D 209 -7.20 8.90 43.04
C LEU D 209 -6.52 9.58 44.22
N ARG D 210 -6.90 10.83 44.49
CA ARG D 210 -6.17 11.61 45.49
C ARG D 210 -6.40 11.09 46.89
N ASP D 211 -7.58 10.53 47.16
CA ASP D 211 -7.85 10.04 48.51
C ASP D 211 -7.50 8.57 48.65
N PHE D 212 -7.88 7.76 47.68
CA PHE D 212 -7.79 6.30 47.79
C PHE D 212 -6.44 5.78 47.29
N ILE D 213 -6.15 5.99 46.01
CA ILE D 213 -5.01 5.30 45.39
C ILE D 213 -3.69 5.82 45.92
N VAL D 214 -3.62 7.11 46.26
CA VAL D 214 -2.36 7.62 46.80
C VAL D 214 -2.02 6.89 48.09
N SER D 215 -3.02 6.69 48.95
CA SER D 215 -2.78 5.89 50.16
C SER D 215 -2.39 4.46 49.79
N LEU D 216 -3.06 3.89 48.79
CA LEU D 216 -2.71 2.54 48.37
C LEU D 216 -1.25 2.44 47.98
N GLN D 217 -0.75 3.45 47.26
CA GLN D 217 0.62 3.43 46.81
C GLN D 217 1.58 3.64 47.98
N LYS D 218 1.21 4.50 48.92
CA LYS D 218 2.11 4.79 50.03
C LYS D 218 2.22 3.62 50.98
N THR D 219 1.15 2.81 51.09
CA THR D 219 1.14 1.81 52.16
C THR D 219 1.20 0.37 51.61
N SER D 220 0.98 0.17 50.31
CA SER D 220 0.91 -1.18 49.79
C SER D 220 2.24 -1.90 49.89
N LEU D 221 3.34 -1.19 49.71
CA LEU D 221 4.65 -1.85 49.73
C LEU D 221 4.91 -2.49 51.08
N GLN D 222 4.75 -1.72 52.16
CA GLN D 222 4.98 -2.27 53.49
C GLN D 222 4.00 -3.39 53.80
N ILE D 223 2.75 -3.22 53.38
CA ILE D 223 1.76 -4.28 53.58
C ILE D 223 2.18 -5.54 52.84
N GLN D 224 2.62 -5.38 51.60
CA GLN D 224 3.02 -6.54 50.82
C GLN D 224 4.21 -7.24 51.48
N HIS D 225 5.16 -6.47 51.98
CA HIS D 225 6.29 -7.07 52.71
C HIS D 225 5.82 -7.86 53.92
N SER D 226 5.00 -7.23 54.76
CA SER D 226 4.54 -7.89 55.99
C SER D 226 3.80 -9.18 55.64
N LEU D 227 2.95 -9.14 54.63
CA LEU D 227 2.22 -10.34 54.22
C LEU D 227 3.16 -11.39 53.66
N SER D 228 4.24 -10.97 52.99
CA SER D 228 5.25 -11.93 52.57
C SER D 228 5.88 -12.63 53.75
N GLU D 229 6.12 -11.89 54.84
CA GLU D 229 6.64 -12.53 56.05
C GLU D 229 5.65 -13.52 56.63
N LEU D 230 4.38 -13.12 56.77
CA LEU D 230 3.40 -13.89 57.53
C LEU D 230 2.65 -14.85 56.60
N THR D 231 3.12 -16.09 56.60
CA THR D 231 2.38 -17.17 55.97
C THR D 231 1.52 -17.89 57.01
N LEU D 232 0.90 -19.00 56.56
CA LEU D 232 0.11 -19.80 57.49
C LEU D 232 0.97 -20.36 58.61
N GLU D 233 2.23 -20.67 58.32
CA GLU D 233 3.11 -21.25 59.33
C GLU D 233 3.27 -20.33 60.52
N ARG D 234 3.46 -19.04 60.27
CA ARG D 234 3.64 -18.06 61.33
C ARG D 234 2.34 -17.71 62.05
N LEU D 235 1.27 -18.45 61.81
CA LEU D 235 -0.06 -18.01 62.23
C LEU D 235 -0.90 -19.08 62.91
N GLN D 236 -0.63 -20.38 62.71
CA GLN D 236 -1.58 -21.40 63.12
C GLN D 236 -1.73 -21.48 64.64
N HIS D 237 -0.65 -21.25 65.39
CA HIS D 237 -0.79 -21.15 66.85
C HIS D 237 -1.68 -19.97 67.23
N PHE D 238 -1.48 -18.84 66.56
CA PHE D 238 -2.35 -17.69 66.77
C PHE D 238 -3.78 -18.01 66.34
N PHE D 239 -3.94 -18.84 65.30
CA PHE D 239 -5.26 -19.33 64.96
C PHE D 239 -5.87 -20.14 66.09
N GLN D 240 -5.08 -21.00 66.73
CA GLN D 240 -5.61 -21.84 67.80
C GLN D 240 -6.05 -20.99 68.99
N LYS D 241 -5.28 -19.94 69.31
CA LYS D 241 -5.70 -19.07 70.41
C LYS D 241 -6.92 -18.24 70.03
N LEU D 242 -7.01 -17.80 68.77
CA LEU D 242 -8.24 -17.19 68.28
C LEU D 242 -9.41 -18.14 68.50
N ILE D 243 -9.20 -19.42 68.21
CA ILE D 243 -10.24 -20.43 68.41
C ILE D 243 -10.61 -20.53 69.88
N GLU D 244 -9.61 -20.46 70.76
CA GLU D 244 -9.89 -20.43 72.19
C GLU D 244 -10.86 -19.31 72.51
N HIS D 245 -10.55 -18.09 72.07
CA HIS D 245 -11.42 -16.97 72.39
C HIS D 245 -12.79 -17.14 71.75
N ARG D 246 -12.84 -17.70 70.54
CA ARG D 246 -14.13 -17.99 69.90
C ARG D 246 -14.97 -18.91 70.76
N GLY D 247 -14.35 -19.95 71.33
CA GLY D 247 -15.06 -20.79 72.27
C GLY D 247 -15.47 -20.04 73.52
N ALA D 248 -14.66 -19.05 73.94
CA ALA D 248 -15.02 -18.25 75.10
C ALA D 248 -16.30 -17.47 74.88
N ILE D 249 -16.56 -17.04 73.65
CA ILE D 249 -17.78 -16.31 73.31
C ILE D 249 -18.96 -17.26 73.43
N PRO D 250 -19.99 -16.96 74.22
CA PRO D 250 -21.15 -17.84 74.29
C PRO D 250 -22.02 -17.78 73.04
N ARG D 251 -21.47 -18.17 71.90
CA ARG D 251 -22.22 -18.11 70.65
C ARG D 251 -23.46 -18.98 70.73
N LEU D 252 -24.63 -18.36 70.61
CA LEU D 252 -25.90 -19.06 70.58
C LEU D 252 -26.34 -19.40 69.17
N GLU D 253 -25.46 -19.21 68.18
CA GLU D 253 -25.80 -19.39 66.78
C GLU D 253 -25.81 -20.88 66.45
N ASP D 254 -25.95 -21.20 65.17
CA ASP D 254 -25.90 -22.57 64.70
C ASP D 254 -24.44 -23.03 64.67
N VAL D 255 -23.79 -23.04 65.84
CA VAL D 255 -22.38 -23.38 65.90
C VAL D 255 -22.23 -24.89 66.05
N SER D 256 -22.34 -25.60 64.93
CA SER D 256 -22.00 -27.02 64.90
C SER D 256 -20.69 -27.26 64.17
N SER D 257 -20.23 -26.28 63.39
CA SER D 257 -18.96 -26.39 62.71
C SER D 257 -17.85 -26.61 63.73
N SER D 258 -17.02 -27.62 63.47
CA SER D 258 -15.98 -28.00 64.41
C SER D 258 -14.98 -26.86 64.60
N THR D 259 -14.16 -26.99 65.65
CA THR D 259 -13.05 -26.07 65.83
C THR D 259 -12.16 -26.06 64.60
N ASN D 260 -11.99 -27.21 63.95
CA ASN D 260 -11.25 -27.25 62.70
C ASN D 260 -11.92 -26.42 61.62
N ASP D 261 -13.25 -26.35 61.62
CA ASP D 261 -13.93 -25.47 60.68
C ASP D 261 -13.61 -24.01 60.95
N TRP D 262 -13.54 -23.62 62.23
CA TRP D 262 -13.12 -22.25 62.54
C TRP D 262 -11.70 -22.00 62.07
N LEU D 263 -10.82 -22.97 62.30
CA LEU D 263 -9.43 -22.85 61.84
C LEU D 263 -9.38 -22.67 60.33
N THR D 264 -10.17 -23.46 59.59
CA THR D 264 -10.18 -23.36 58.15
C THR D 264 -10.76 -22.04 57.69
N GLU D 265 -11.78 -21.54 58.38
CA GLU D 265 -12.33 -20.23 58.04
C GLU D 265 -11.28 -19.15 58.19
N TYR D 266 -10.57 -19.14 59.32
CA TYR D 266 -9.53 -18.13 59.52
C TYR D 266 -8.41 -18.29 58.51
N GLU D 267 -8.02 -19.54 58.21
CA GLU D 267 -6.96 -19.77 57.25
C GLU D 267 -7.34 -19.30 55.86
N GLU D 268 -8.58 -19.58 55.43
CA GLU D 268 -9.03 -19.12 54.13
C GLU D 268 -9.13 -17.60 54.09
N TYR D 269 -9.55 -16.97 55.19
CA TYR D 269 -9.56 -15.52 55.26
C TYR D 269 -8.16 -14.95 55.07
N TRP D 270 -7.19 -15.49 55.81
CA TRP D 270 -5.83 -14.97 55.73
C TRP D 270 -5.21 -15.25 54.36
N PHE D 271 -5.51 -16.42 53.78
CA PHE D 271 -5.04 -16.71 52.44
C PHE D 271 -5.65 -15.76 51.43
N SER D 272 -6.91 -15.36 51.65
CA SER D 272 -7.52 -14.36 50.79
C SER D 272 -6.79 -13.04 50.88
N LEU D 273 -6.42 -12.63 52.09
CA LEU D 273 -5.64 -11.40 52.24
C LEU D 273 -4.30 -11.50 51.53
N ARG D 274 -3.61 -12.63 51.72
CA ARG D 274 -2.31 -12.83 51.09
C ARG D 274 -2.43 -12.80 49.58
N GLN D 275 -3.48 -13.42 49.04
CA GLN D 275 -3.69 -13.35 47.60
C GLN D 275 -4.01 -11.94 47.14
N TRP D 276 -4.79 -11.21 47.93
CA TRP D 276 -5.16 -9.85 47.56
C TRP D 276 -3.92 -8.98 47.37
N PHE D 277 -2.98 -9.06 48.31
CA PHE D 277 -1.81 -8.20 48.20
C PHE D 277 -0.71 -8.85 47.36
N LEU D 278 -0.18 -9.99 47.82
CA LEU D 278 0.95 -10.62 47.16
C LEU D 278 0.56 -11.34 45.87
N GLY D 279 -0.72 -11.64 45.68
CA GLY D 279 -1.12 -12.38 44.50
C GLY D 279 -0.70 -13.84 44.61
N SER D 280 -0.36 -14.42 43.46
CA SER D 280 0.06 -15.82 43.42
C SER D 280 0.91 -16.03 42.17
N ALA D 281 1.62 -17.15 42.16
CA ALA D 281 2.48 -17.47 41.03
C ALA D 281 1.68 -17.71 39.76
N VAL D 282 0.37 -17.91 39.87
CA VAL D 282 -0.48 -18.20 38.72
C VAL D 282 -1.45 -17.08 38.40
N GLN D 283 -1.68 -16.14 39.32
CA GLN D 283 -2.61 -15.04 39.08
C GLN D 283 -1.98 -13.74 39.52
N GLN D 284 -2.30 -12.66 38.81
CA GLN D 284 -1.90 -11.33 39.24
C GLN D 284 -2.70 -10.93 40.47
N SER D 285 -2.02 -10.38 41.47
CA SER D 285 -2.68 -10.02 42.71
C SER D 285 -3.83 -9.05 42.44
N GLU D 286 -4.72 -8.95 43.43
CA GLU D 286 -5.80 -7.97 43.34
C GLU D 286 -5.24 -6.55 43.32
N LEU D 287 -4.22 -6.29 44.12
CA LEU D 287 -3.58 -4.97 44.12
C LEU D 287 -3.05 -4.63 42.74
N ASP D 288 -2.35 -5.57 42.10
CA ASP D 288 -1.77 -5.31 40.79
C ASP D 288 -2.85 -5.04 39.75
N ILE D 289 -3.92 -5.83 39.75
CA ILE D 289 -4.99 -5.61 38.78
C ILE D 289 -5.64 -4.26 39.00
N LEU D 290 -5.92 -3.92 40.26
CA LEU D 290 -6.47 -2.60 40.55
C LEU D 290 -5.57 -1.50 40.01
N GLN D 291 -4.27 -1.58 40.30
CA GLN D 291 -3.36 -0.54 39.87
C GLN D 291 -3.29 -0.45 38.34
N TRP D 292 -3.24 -1.59 37.66
CA TRP D 292 -3.15 -1.56 36.21
C TRP D 292 -4.41 -1.00 35.59
N GLN D 293 -5.57 -1.37 36.12
CA GLN D 293 -6.80 -0.79 35.61
C GLN D 293 -6.83 0.72 35.84
N THR D 294 -6.32 1.15 36.99
CA THR D 294 -6.26 2.58 37.26
C THR D 294 -5.39 3.29 36.24
N ASN D 295 -4.22 2.73 35.92
CA ASN D 295 -3.36 3.35 34.92
C ASN D 295 -4.03 3.38 33.56
N GLU D 296 -4.69 2.29 33.18
CA GLU D 296 -5.38 2.27 31.90
C GLU D 296 -6.44 3.36 31.85
N MET D 297 -7.20 3.52 32.93
CA MET D 297 -8.23 4.55 32.95
C MET D 297 -7.62 5.93 32.89
N ILE D 298 -6.48 6.15 33.56
CA ILE D 298 -5.85 7.47 33.52
C ILE D 298 -5.45 7.81 32.10
N ARG D 299 -4.83 6.85 31.40
CA ARG D 299 -4.51 7.10 30.01
C ARG D 299 -5.76 7.42 29.21
N ARG D 300 -6.83 6.66 29.45
CA ARG D 300 -8.05 6.88 28.68
C ARG D 300 -8.59 8.29 28.90
N MET D 301 -8.61 8.75 30.15
CA MET D 301 -9.18 10.07 30.43
C MET D 301 -8.31 11.17 29.83
N THR D 302 -6.99 11.08 29.98
CA THR D 302 -6.14 12.09 29.39
C THR D 302 -6.29 12.11 27.87
N ARG D 303 -6.35 10.94 27.25
CA ARG D 303 -6.54 10.90 25.81
C ARG D 303 -7.87 11.52 25.43
N TYR D 304 -8.92 11.34 26.24
CA TYR D 304 -10.19 11.96 25.90
C TYR D 304 -10.12 13.47 25.99
N VAL D 305 -9.38 14.00 26.97
CA VAL D 305 -9.20 15.46 27.00
C VAL D 305 -8.47 15.93 25.75
N GLN D 306 -7.44 15.20 25.35
CA GLN D 306 -6.80 15.49 24.07
C GLN D 306 -7.82 15.51 22.95
N ARG D 307 -8.75 14.55 22.96
CA ARG D 307 -9.73 14.46 21.88
C ARG D 307 -10.69 15.65 21.91
N ILE D 308 -11.03 16.13 23.10
CA ILE D 308 -11.87 17.32 23.18
C ILE D 308 -11.16 18.50 22.55
N GLY D 309 -9.87 18.66 22.85
CA GLY D 309 -9.11 19.71 22.20
C GLY D 309 -9.16 19.58 20.68
N GLU D 310 -8.94 18.35 20.18
CA GLU D 310 -8.97 18.15 18.74
C GLU D 310 -10.34 18.48 18.16
N ARG D 311 -11.41 18.03 18.80
CA ARG D 311 -12.76 18.31 18.32
C ARG D 311 -13.00 19.80 18.23
N GLN D 312 -12.53 20.55 19.23
CA GLN D 312 -12.83 21.98 19.25
C GLN D 312 -12.02 22.74 18.21
N GLN D 313 -10.77 22.37 17.99
CA GLN D 313 -9.86 23.27 17.27
C GLN D 313 -10.06 23.22 15.75
N HIS D 314 -9.99 22.02 15.17
CA HIS D 314 -9.59 21.86 13.77
C HIS D 314 -10.63 22.36 12.75
N PHE D 315 -11.84 22.72 13.16
CA PHE D 315 -12.97 22.77 12.22
C PHE D 315 -12.82 23.91 11.22
N ARG D 316 -12.29 23.55 10.04
CA ARG D 316 -12.08 24.47 8.93
C ARG D 316 -12.57 23.85 7.62
N SER D 317 -13.83 23.41 7.60
CA SER D 317 -14.32 22.39 6.69
C SER D 317 -13.83 22.56 5.26
N ARG D 318 -13.70 21.41 4.58
CA ARG D 318 -13.26 21.30 3.20
C ARG D 318 -14.39 20.98 2.23
N LYS D 319 -15.65 21.07 2.66
CA LYS D 319 -16.75 20.52 1.88
C LYS D 319 -16.72 20.97 0.43
N LYS D 320 -16.41 22.25 0.19
CA LYS D 320 -16.39 22.74 -1.17
C LYS D 320 -15.36 21.99 -2.00
N ASP D 321 -14.20 21.68 -1.43
CA ASP D 321 -13.20 20.91 -2.17
C ASP D 321 -13.74 19.55 -2.57
N TYR D 322 -14.37 18.84 -1.64
CA TYR D 322 -14.85 17.50 -1.95
C TYR D 322 -15.93 17.55 -3.03
N LEU D 323 -16.85 18.50 -2.96
CA LEU D 323 -17.88 18.56 -3.99
C LEU D 323 -17.29 18.94 -5.34
N GLN D 324 -16.36 19.90 -5.36
CA GLN D 324 -15.61 20.17 -6.58
C GLN D 324 -15.01 18.88 -7.14
N LEU D 325 -14.43 18.07 -6.26
CA LEU D 325 -13.78 16.85 -6.69
C LEU D 325 -14.77 15.87 -7.30
N SER D 326 -15.94 15.73 -6.68
CA SER D 326 -16.95 14.86 -7.24
C SER D 326 -17.38 15.35 -8.62
N LYS D 327 -17.55 16.65 -8.76
CA LYS D 327 -17.86 17.21 -10.06
C LYS D 327 -16.79 16.81 -11.07
N TRP D 328 -15.53 16.93 -10.69
CA TRP D 328 -14.44 16.54 -11.59
C TRP D 328 -14.54 15.07 -11.97
N PHE D 329 -14.74 14.20 -10.99
CA PHE D 329 -14.74 12.77 -11.27
C PHE D 329 -15.85 12.38 -12.21
N VAL D 330 -17.06 12.91 -11.98
CA VAL D 330 -18.17 12.50 -12.83
C VAL D 330 -17.91 12.86 -14.28
N GLU D 331 -17.08 13.88 -14.52
CA GLU D 331 -16.76 14.26 -15.89
C GLU D 331 -15.83 13.25 -16.57
N CYS D 332 -15.29 12.30 -15.82
CA CYS D 332 -14.36 11.34 -16.42
C CYS D 332 -15.10 10.39 -17.36
N ARG D 333 -14.48 10.12 -18.51
CA ARG D 333 -15.11 9.26 -19.50
C ARG D 333 -15.08 7.78 -19.10
N ASP D 334 -13.95 7.31 -18.60
CA ASP D 334 -13.78 5.88 -18.36
C ASP D 334 -12.96 5.68 -17.09
N SER D 335 -12.76 4.41 -16.73
CA SER D 335 -12.09 4.10 -15.49
C SER D 335 -10.66 4.62 -15.48
N GLU D 336 -9.95 4.49 -16.60
CA GLU D 336 -8.54 4.90 -16.62
C GLU D 336 -8.40 6.37 -16.28
N GLU D 337 -9.26 7.21 -16.88
CA GLU D 337 -9.19 8.64 -16.60
C GLU D 337 -9.48 8.91 -15.14
N ALA D 338 -10.46 8.22 -14.56
CA ALA D 338 -10.79 8.45 -13.16
C ALA D 338 -9.64 8.04 -12.26
N HIS D 339 -8.99 6.91 -12.56
CA HIS D 339 -7.84 6.50 -11.75
C HIS D 339 -6.71 7.52 -11.86
N LYS D 340 -6.47 8.03 -13.07
CA LYS D 340 -5.45 9.06 -13.23
C LYS D 340 -5.78 10.26 -12.34
N LEU D 341 -7.04 10.69 -12.37
CA LEU D 341 -7.42 11.84 -11.56
C LEU D 341 -7.24 11.55 -10.08
N SER D 342 -7.60 10.35 -9.65
CA SER D 342 -7.42 9.99 -8.24
C SER D 342 -5.95 10.03 -7.86
N ALA D 343 -5.09 9.55 -8.75
CA ALA D 343 -3.66 9.60 -8.46
C ALA D 343 -3.19 11.03 -8.30
N VAL D 344 -3.66 11.92 -9.17
CA VAL D 344 -3.22 13.32 -9.08
C VAL D 344 -3.74 13.96 -7.80
N VAL D 345 -4.97 13.63 -7.41
CA VAL D 345 -5.62 14.35 -6.31
C VAL D 345 -5.17 13.77 -4.97
N PHE D 346 -5.53 12.52 -4.69
CA PHE D 346 -5.20 11.93 -3.40
C PHE D 346 -3.75 11.53 -3.32
N GLY D 347 -3.14 11.19 -4.43
CA GLY D 347 -1.80 10.63 -4.44
C GLY D 347 -1.82 9.13 -4.64
N SER D 348 -0.78 8.63 -5.30
CA SER D 348 -0.72 7.21 -5.61
C SER D 348 -0.87 6.40 -4.33
N MET D 349 -1.75 5.39 -4.36
CA MET D 349 -2.02 4.62 -3.16
C MET D 349 -0.93 3.57 -2.92
N THR D 350 -0.03 3.37 -3.87
CA THR D 350 1.00 2.36 -3.73
C THR D 350 2.03 2.54 -4.85
N ILE D 351 2.92 1.57 -4.97
CA ILE D 351 3.91 1.53 -6.05
C ILE D 351 4.11 0.09 -6.47
N GLN D 352 4.65 -0.09 -7.66
CA GLN D 352 4.85 -1.39 -8.26
C GLN D 352 6.27 -1.47 -8.81
N HIS D 353 6.79 -2.68 -8.94
CA HIS D 353 8.14 -2.85 -9.44
C HIS D 353 8.33 -4.26 -9.95
N LEU D 354 9.41 -4.47 -10.70
CA LEU D 354 9.72 -5.76 -11.27
C LEU D 354 10.63 -6.54 -10.33
N GLN D 355 10.37 -7.83 -10.20
CA GLN D 355 11.23 -8.70 -9.39
C GLN D 355 12.31 -9.29 -10.28
N LEU D 356 13.56 -9.17 -9.84
CA LEU D 356 14.69 -9.79 -10.53
C LEU D 356 15.76 -10.11 -9.52
N GLU D 357 16.44 -11.23 -9.72
CA GLU D 357 17.39 -11.72 -8.71
C GLU D 357 18.72 -11.01 -8.75
N GLU D 358 19.09 -10.37 -9.86
CA GLU D 358 20.40 -9.77 -9.98
C GLU D 358 20.39 -8.67 -11.03
N ALA D 359 21.26 -7.69 -10.84
CA ALA D 359 21.44 -6.60 -11.82
C ALA D 359 22.22 -7.15 -13.01
N THR D 360 21.52 -7.98 -13.79
CA THR D 360 22.18 -8.75 -14.84
C THR D 360 22.92 -7.84 -15.84
N THR D 361 22.21 -6.86 -16.39
CA THR D 361 22.79 -6.03 -17.44
C THR D 361 23.60 -4.88 -16.84
N GLU D 362 24.44 -4.29 -17.69
CA GLU D 362 25.13 -3.06 -17.38
C GLU D 362 25.23 -2.13 -18.58
N ASN D 363 24.64 -2.48 -19.71
CA ASN D 363 24.89 -1.81 -20.98
C ASN D 363 23.79 -0.79 -21.24
N LEU D 364 24.17 0.50 -21.22
CA LEU D 364 23.22 1.57 -21.47
C LEU D 364 22.81 1.66 -22.94
N HIS D 365 23.53 0.99 -23.84
CA HIS D 365 23.39 1.25 -25.27
C HIS D 365 22.58 0.21 -26.01
N VAL D 366 22.06 -0.81 -25.33
CA VAL D 366 21.36 -1.90 -25.98
C VAL D 366 19.91 -1.89 -25.55
N ASP D 367 19.01 -1.98 -26.52
CA ASP D 367 17.58 -2.06 -26.24
C ASP D 367 17.26 -3.41 -25.62
N THR D 368 16.25 -3.41 -24.74
CA THR D 368 15.93 -4.63 -24.00
C THR D 368 15.67 -5.80 -24.93
N TRP D 369 15.03 -5.56 -26.07
CA TRP D 369 14.75 -6.66 -26.99
C TRP D 369 16.03 -7.35 -27.45
N ASP D 370 17.04 -6.57 -27.81
CA ASP D 370 18.26 -7.16 -28.33
C ASP D 370 19.14 -7.72 -27.22
N GLU D 371 18.86 -7.36 -25.96
CA GLU D 371 19.63 -7.89 -24.85
C GLU D 371 19.15 -9.30 -24.50
N ALA D 372 19.95 -9.99 -23.69
CA ALA D 372 19.57 -11.32 -23.24
C ALA D 372 18.49 -11.20 -22.17
N PRO D 373 17.31 -11.77 -22.37
CA PRO D 373 16.23 -11.60 -21.40
C PRO D 373 16.48 -12.45 -20.16
N THR D 374 15.59 -12.30 -19.19
CA THR D 374 15.59 -13.12 -17.98
C THR D 374 14.54 -14.19 -18.12
N GLU D 375 14.95 -15.45 -17.95
CA GLU D 375 14.11 -16.59 -18.27
C GLU D 375 13.43 -17.09 -17.01
N LEU D 376 12.10 -17.24 -17.07
CA LEU D 376 11.32 -17.75 -15.95
C LEU D 376 10.62 -19.04 -16.32
N THR D 377 10.31 -19.83 -15.31
CA THR D 377 9.62 -21.10 -15.49
C THR D 377 8.17 -20.91 -15.08
N ILE D 378 7.31 -20.69 -16.08
CA ILE D 378 5.88 -20.54 -15.81
C ILE D 378 5.32 -21.88 -15.38
N LYS D 379 4.65 -21.90 -14.24
CA LYS D 379 4.00 -23.13 -13.81
C LYS D 379 2.71 -23.29 -14.59
N PRO D 380 2.56 -24.32 -15.42
CA PRO D 380 1.30 -24.51 -16.13
C PRO D 380 0.15 -24.64 -15.14
N ARG D 381 -0.95 -23.97 -15.44
CA ARG D 381 -2.08 -23.92 -14.51
C ARG D 381 -3.05 -25.06 -14.72
N THR D 382 -2.53 -26.28 -14.75
CA THR D 382 -3.33 -27.49 -14.81
C THR D 382 -2.73 -28.50 -13.86
N VAL D 383 -3.59 -29.19 -13.11
CA VAL D 383 -3.12 -30.28 -12.27
C VAL D 383 -2.42 -31.35 -13.08
N ARG D 384 -2.66 -31.38 -14.40
CA ARG D 384 -1.89 -32.23 -15.29
C ARG D 384 -0.41 -32.22 -14.92
N TYR D 385 0.15 -31.05 -14.67
CA TYR D 385 1.53 -30.97 -14.21
C TYR D 385 1.63 -30.89 -12.69
N ARG D 386 1.14 -29.79 -12.10
CA ARG D 386 1.29 -29.57 -10.67
C ARG D 386 0.50 -28.34 -10.24
N GLU D 387 -0.20 -28.45 -9.11
CA GLU D 387 -0.84 -27.32 -8.45
C GLU D 387 -1.18 -27.72 -7.02
N LYS D 388 -0.79 -26.90 -6.05
CA LYS D 388 -0.86 -27.29 -4.65
C LYS D 388 -1.41 -26.15 -3.81
N THR D 389 -2.24 -26.51 -2.83
CA THR D 389 -2.67 -25.56 -1.80
C THR D 389 -2.48 -26.16 -0.42
N LYS D 390 -2.68 -27.47 -0.30
CA LYS D 390 -2.48 -28.18 0.96
C LYS D 390 -1.04 -28.66 1.02
N PRO D 391 -0.59 -29.18 2.18
CA PRO D 391 0.86 -29.37 2.38
C PRO D 391 1.44 -30.29 1.31
N GLY D 392 2.64 -29.94 0.84
CA GLY D 392 3.26 -30.68 -0.24
C GLY D 392 4.10 -31.85 0.26
N SER D 393 4.58 -32.62 -0.70
CA SER D 393 5.35 -33.83 -0.40
C SER D 393 6.84 -33.58 -0.58
N PHE D 394 7.64 -34.47 0.00
CA PHE D 394 9.09 -34.45 -0.13
C PHE D 394 9.55 -35.80 -0.65
N ASN D 395 10.85 -35.89 -0.94
CA ASN D 395 11.36 -37.01 -1.71
C ASN D 395 11.92 -38.15 -0.86
N SER D 396 12.30 -37.90 0.38
CA SER D 396 12.89 -38.93 1.23
C SER D 396 14.07 -39.59 0.51
N ASN D 397 15.08 -38.78 0.22
CA ASN D 397 16.21 -39.19 -0.61
C ASN D 397 17.28 -39.90 0.22
N GLU D 398 16.95 -41.12 0.65
CA GLU D 398 17.90 -41.88 1.45
C GLU D 398 19.07 -42.39 0.61
N GLN D 399 18.82 -42.72 -0.65
CA GLN D 399 19.90 -43.27 -1.48
C GLN D 399 21.01 -42.25 -1.66
N LYS D 400 20.65 -40.98 -1.88
CA LYS D 400 21.65 -39.93 -1.94
C LYS D 400 22.52 -39.93 -0.69
N LYS D 401 21.87 -39.96 0.48
CA LYS D 401 22.60 -39.88 1.74
C LYS D 401 23.52 -41.09 1.90
N LYS D 402 23.04 -42.27 1.53
CA LYS D 402 23.89 -43.46 1.63
C LYS D 402 25.12 -43.31 0.75
N GLU D 403 24.93 -42.86 -0.49
CA GLU D 403 26.07 -42.69 -1.38
C GLU D 403 27.05 -41.69 -0.82
N GLN D 404 26.55 -40.56 -0.32
CA GLN D 404 27.43 -39.53 0.21
C GLN D 404 28.20 -40.02 1.41
N ARG D 405 27.52 -40.70 2.34
CA ARG D 405 28.20 -41.23 3.51
C ARG D 405 29.30 -42.20 3.11
N GLU D 406 28.98 -43.14 2.22
CA GLU D 406 29.98 -44.13 1.85
C GLU D 406 31.17 -43.48 1.18
N LEU D 407 30.94 -42.53 0.26
CA LEU D 407 32.06 -41.87 -0.39
C LEU D 407 32.92 -41.11 0.60
N TYR D 408 32.28 -40.36 1.50
CA TYR D 408 33.05 -39.57 2.45
C TYR D 408 33.89 -40.45 3.36
N LEU D 409 33.30 -41.54 3.86
CA LEU D 409 34.06 -42.41 4.74
C LEU D 409 35.16 -43.15 3.98
N LYS D 410 34.92 -43.49 2.72
CA LYS D 410 35.99 -44.11 1.93
C LYS D 410 37.15 -43.15 1.76
N GLU D 411 36.86 -41.88 1.49
CA GLU D 411 37.93 -40.89 1.38
C GLU D 411 38.69 -40.79 2.69
N ARG D 412 37.96 -40.74 3.80
CA ARG D 412 38.63 -40.68 5.11
C ARG D 412 39.54 -41.88 5.31
N GLU D 413 39.04 -43.08 5.01
CA GLU D 413 39.83 -44.29 5.21
C GLU D 413 41.06 -44.29 4.33
N GLN D 414 40.93 -43.85 3.08
CA GLN D 414 42.07 -43.85 2.18
C GLN D 414 43.12 -42.85 2.62
N GLU D 415 42.70 -41.67 3.09
CA GLU D 415 43.67 -40.73 3.64
C GLU D 415 44.35 -41.32 4.88
N LYS D 416 43.57 -41.98 5.73
CA LYS D 416 44.15 -42.62 6.91
C LYS D 416 45.21 -43.63 6.51
N LYS D 417 44.94 -44.39 5.44
CA LYS D 417 45.92 -45.37 4.98
C LYS D 417 47.17 -44.68 4.43
N LEU D 418 46.98 -43.65 3.61
CA LEU D 418 48.14 -42.92 3.09
C LEU D 418 49.03 -42.43 4.22
N ILE D 419 48.42 -41.94 5.32
CA ILE D 419 49.21 -41.61 6.49
C ILE D 419 49.86 -42.87 7.07
N GLU D 420 49.11 -43.95 7.14
CA GLU D 420 49.64 -45.20 7.66
C GLU D 420 50.77 -45.73 6.79
N LYS D 421 50.72 -45.46 5.48
CA LYS D 421 51.71 -46.02 4.56
C LYS D 421 53.12 -45.66 4.98
N TYR D 422 53.32 -44.51 5.62
CA TYR D 422 54.64 -44.05 6.01
C TYR D 422 54.95 -44.31 7.47
N MET D 423 53.98 -44.81 8.24
CA MET D 423 54.22 -45.11 9.64
C MET D 423 55.38 -46.08 9.78
N THR D 424 56.32 -45.75 10.65
CA THR D 424 57.49 -46.59 10.92
C THR D 424 57.65 -46.72 12.43
N GLN D 425 57.38 -47.92 12.95
CA GLN D 425 57.51 -48.20 14.38
C GLN D 425 56.70 -47.19 15.19
N GLY D 426 55.53 -46.83 14.67
CA GLY D 426 54.61 -45.98 15.40
C GLY D 426 54.88 -44.50 15.30
N LYS D 427 55.83 -44.07 14.48
CA LYS D 427 56.10 -42.65 14.33
C LYS D 427 56.63 -42.38 12.94
N ILE D 428 56.61 -41.10 12.57
CA ILE D 428 57.11 -40.63 11.28
C ILE D 428 58.23 -39.64 11.54
N THR D 429 59.36 -39.83 10.87
CA THR D 429 60.46 -38.87 10.91
C THR D 429 60.75 -38.41 9.50
N LEU D 430 60.68 -37.09 9.29
CA LEU D 430 60.69 -36.56 7.93
C LEU D 430 61.96 -36.93 7.19
N SER D 431 63.12 -36.83 7.86
CA SER D 431 64.38 -37.12 7.18
C SER D 431 64.36 -38.51 6.57
N ALA D 432 63.67 -39.46 7.20
CA ALA D 432 63.62 -40.81 6.67
C ALA D 432 62.83 -40.89 5.36
N LEU D 433 61.78 -40.08 5.23
CA LEU D 433 60.94 -40.16 4.04
C LEU D 433 61.76 -39.93 2.79
N SER D 434 61.61 -40.82 1.82
CA SER D 434 62.31 -40.68 0.54
C SER D 434 61.52 -39.77 -0.41
N THR D 435 60.32 -40.20 -0.78
CA THR D 435 59.44 -39.44 -1.64
C THR D 435 58.03 -39.57 -1.10
N VAL D 436 57.29 -38.48 -1.12
CA VAL D 436 56.04 -38.39 -0.37
C VAL D 436 54.91 -37.90 -1.28
N GLU D 437 53.71 -38.35 -0.96
CA GLU D 437 52.53 -37.85 -1.66
C GLU D 437 52.36 -36.36 -1.34
N PRO D 438 52.00 -35.53 -2.31
CA PRO D 438 51.79 -34.10 -2.00
C PRO D 438 50.77 -33.90 -0.90
N PHE D 439 49.72 -34.71 -0.87
CA PHE D 439 48.73 -34.61 0.18
C PHE D 439 49.34 -34.85 1.56
N ILE D 440 50.24 -35.83 1.65
CA ILE D 440 50.88 -36.07 2.94
C ILE D 440 51.76 -34.88 3.30
N ARG D 441 52.42 -34.26 2.32
CA ARG D 441 53.21 -33.08 2.60
C ARG D 441 52.34 -31.99 3.20
N LYS D 442 51.17 -31.77 2.61
CA LYS D 442 50.28 -30.72 3.12
C LYS D 442 49.77 -31.06 4.51
N VAL D 443 49.44 -32.33 4.76
CA VAL D 443 48.98 -32.72 6.09
C VAL D 443 50.09 -32.49 7.12
N LEU D 444 51.32 -32.85 6.77
CA LEU D 444 52.43 -32.66 7.68
C LEU D 444 52.67 -31.19 7.97
N LEU D 445 52.59 -30.35 6.94
CA LEU D 445 52.74 -28.92 7.17
C LEU D 445 51.63 -28.39 8.07
N SER D 446 50.40 -28.87 7.87
CA SER D 446 49.30 -28.47 8.73
C SER D 446 49.59 -28.85 10.18
N TRP D 447 50.05 -30.09 10.39
CA TRP D 447 50.37 -30.52 11.75
C TRP D 447 51.47 -29.67 12.36
N ILE D 448 52.53 -29.39 11.59
CA ILE D 448 53.63 -28.60 12.12
C ILE D 448 53.12 -27.23 12.55
N GLY D 449 52.31 -26.60 11.70
CA GLY D 449 51.78 -25.29 12.06
C GLY D 449 50.90 -25.33 13.30
N LYS D 450 50.00 -26.31 13.36
CA LYS D 450 49.09 -26.39 14.50
C LYS D 450 49.84 -26.69 15.79
N SER D 451 50.84 -27.57 15.71
CA SER D 451 51.53 -28.01 16.92
C SER D 451 52.11 -26.84 17.70
N MET D 452 52.74 -25.89 17.01
CA MET D 452 53.36 -24.78 17.72
C MET D 452 52.32 -23.92 18.42
N ALA D 453 51.06 -23.96 17.98
CA ALA D 453 50.03 -23.19 18.65
C ALA D 453 49.76 -23.71 20.05
N ALA D 454 49.66 -25.02 20.20
CA ALA D 454 49.41 -25.64 21.50
C ALA D 454 50.74 -25.78 22.26
N LYS D 455 50.77 -25.32 23.50
CA LYS D 455 52.02 -25.34 24.26
C LYS D 455 52.50 -26.77 24.49
N ASN D 456 51.59 -27.71 24.70
CA ASN D 456 51.94 -29.11 24.87
C ASN D 456 52.41 -29.75 23.58
N ARG D 457 52.35 -29.03 22.46
CA ARG D 457 52.74 -29.56 21.16
C ARG D 457 51.95 -30.81 20.80
N MET D 458 50.79 -30.99 21.41
CA MET D 458 49.89 -32.06 21.03
C MET D 458 48.97 -31.58 19.91
N VAL D 459 48.60 -32.52 19.04
CA VAL D 459 47.70 -32.23 17.93
C VAL D 459 46.64 -33.31 17.88
N LYS D 460 45.51 -32.98 17.28
CA LYS D 460 44.42 -33.92 17.10
C LYS D 460 44.06 -34.00 15.63
N THR D 461 43.56 -35.15 15.21
CA THR D 461 43.25 -35.40 13.82
C THR D 461 41.90 -36.09 13.71
N ASP D 462 41.25 -35.93 12.56
CA ASP D 462 39.94 -36.52 12.34
C ASP D 462 40.00 -38.05 12.26
N TYR D 463 41.20 -38.62 12.22
CA TYR D 463 41.36 -40.06 12.13
C TYR D 463 41.32 -40.75 13.49
N GLY D 464 41.10 -40.00 14.57
CA GLY D 464 41.16 -40.56 15.90
C GLY D 464 42.56 -40.68 16.46
N LEU D 465 43.57 -40.16 15.77
CA LEU D 465 44.95 -40.27 16.20
C LEU D 465 45.39 -38.97 16.87
N HIS D 466 45.58 -39.02 18.19
CA HIS D 466 46.35 -37.98 18.84
C HIS D 466 47.77 -38.01 18.29
N VAL D 467 48.36 -36.83 18.07
CA VAL D 467 49.69 -36.73 17.51
C VAL D 467 50.50 -35.72 18.30
N LYS D 468 51.69 -36.12 18.70
CA LYS D 468 52.65 -35.23 19.35
C LYS D 468 53.76 -34.90 18.35
N VAL D 469 54.12 -33.63 18.28
CA VAL D 469 55.11 -33.15 17.32
C VAL D 469 56.29 -32.56 18.08
N MET D 470 57.48 -33.09 17.82
CA MET D 470 58.71 -32.54 18.34
C MET D 470 59.53 -32.00 17.17
N LEU D 471 60.14 -30.83 17.36
CA LEU D 471 60.86 -30.17 16.30
C LEU D 471 62.32 -30.00 16.66
N ASP D 472 63.19 -30.43 15.76
CA ASP D 472 64.58 -30.01 15.76
C ASP D 472 64.77 -29.01 14.65
N TYR D 473 65.35 -27.86 14.98
CA TYR D 473 65.57 -26.84 13.96
C TYR D 473 67.07 -26.52 13.95
N GLU D 474 67.82 -27.44 13.36
CA GLU D 474 69.12 -27.12 12.77
C GLU D 474 69.33 -28.22 11.73
N LYS D 475 68.89 -27.97 10.50
CA LYS D 475 68.90 -29.04 9.52
C LYS D 475 68.47 -28.50 8.16
N THR D 476 69.13 -29.02 7.13
CA THR D 476 68.74 -28.80 5.74
C THR D 476 68.27 -30.14 5.20
N ILE D 477 66.99 -30.46 5.44
CA ILE D 477 66.42 -31.73 5.04
C ILE D 477 65.37 -31.47 3.98
N THR D 478 65.33 -32.34 2.98
CA THR D 478 64.44 -32.20 1.85
C THR D 478 63.29 -33.19 1.96
N LEU D 479 62.07 -32.68 1.83
CA LEU D 479 60.89 -33.53 1.72
C LEU D 479 60.45 -33.50 0.27
N GLN D 480 60.65 -34.61 -0.43
CA GLN D 480 60.48 -34.68 -1.87
C GLN D 480 59.12 -35.25 -2.24
N ALA D 481 58.57 -34.77 -3.35
CA ALA D 481 57.34 -35.30 -3.92
C ALA D 481 57.41 -35.10 -5.43
N GLU D 482 56.31 -35.43 -6.11
CA GLU D 482 56.27 -35.25 -7.56
C GLU D 482 56.51 -33.79 -7.94
N ASP D 483 56.07 -32.85 -7.10
CA ASP D 483 56.21 -31.43 -7.35
C ASP D 483 57.08 -30.80 -6.28
N GLY D 484 58.23 -30.28 -6.68
CA GLY D 484 59.04 -29.46 -5.81
C GLY D 484 59.72 -30.20 -4.66
N ASN D 485 60.82 -29.64 -4.18
CA ASN D 485 61.57 -30.17 -3.05
C ASN D 485 61.57 -29.16 -1.92
N LEU D 486 60.84 -29.47 -0.86
CA LEU D 486 60.63 -28.54 0.23
C LEU D 486 61.67 -28.71 1.32
N LEU D 487 62.46 -27.66 1.55
CA LEU D 487 63.48 -27.65 2.59
C LEU D 487 62.88 -27.06 3.85
N MET D 488 62.97 -27.79 4.95
CA MET D 488 62.30 -27.40 6.18
C MET D 488 63.03 -27.99 7.36
N PRO D 489 62.75 -27.55 8.57
CA PRO D 489 63.39 -28.15 9.75
C PRO D 489 62.80 -29.51 10.07
N ASP D 490 63.64 -30.45 10.46
CA ASP D 490 63.22 -31.83 10.71
C ASP D 490 62.24 -31.89 11.86
N ALA D 491 61.40 -32.93 11.83
CA ALA D 491 60.37 -33.13 12.84
C ALA D 491 60.20 -34.62 13.08
N THR D 492 59.53 -34.95 14.18
CA THR D 492 59.14 -36.31 14.48
C THR D 492 57.71 -36.31 14.97
N PHE D 493 56.94 -37.33 14.58
CA PHE D 493 55.52 -37.40 14.88
C PHE D 493 55.23 -38.70 15.60
N LEU D 494 54.85 -38.62 16.86
CA LEU D 494 54.39 -39.77 17.62
C LEU D 494 52.86 -39.80 17.58
N PHE D 495 52.30 -41.01 17.61
CA PHE D 495 50.85 -41.20 17.60
C PHE D 495 50.48 -42.00 18.84
N GLU D 496 49.50 -41.51 19.59
CA GLU D 496 49.18 -42.11 20.88
C GLU D 496 48.19 -43.26 20.71
N GLU D 497 48.02 -44.02 21.80
CA GLU D 497 47.20 -45.22 21.80
C GLU D 497 45.76 -44.83 22.17
N THR D 498 44.94 -44.65 21.13
CA THR D 498 43.53 -44.33 21.30
C THR D 498 42.76 -45.62 21.53
N ARG D 499 42.82 -46.12 22.76
CA ARG D 499 42.24 -47.42 23.09
C ARG D 499 41.54 -47.38 24.45
N ILE E 13 -46.86 13.44 46.53
CA ILE E 13 -46.83 12.48 45.43
C ILE E 13 -45.97 11.28 45.83
N GLU E 14 -44.95 11.56 46.65
CA GLU E 14 -44.01 10.52 47.05
C GLU E 14 -44.71 9.41 47.82
N ALA E 15 -45.75 9.75 48.58
CA ALA E 15 -46.51 8.72 49.28
C ALA E 15 -47.04 7.68 48.30
N SER E 16 -47.36 8.08 47.08
CA SER E 16 -47.79 7.12 46.07
C SER E 16 -46.71 6.07 45.82
N TYR E 17 -45.47 6.52 45.55
CA TYR E 17 -44.39 5.56 45.36
C TYR E 17 -44.21 4.71 46.60
N LEU E 18 -44.41 5.30 47.78
CA LEU E 18 -44.30 4.55 49.02
C LEU E 18 -45.44 3.56 49.17
N THR E 19 -46.65 3.91 48.68
CA THR E 19 -47.82 3.08 48.92
C THR E 19 -48.76 2.93 47.72
N ALA E 20 -48.28 3.03 46.48
CA ALA E 20 -49.16 2.83 45.34
C ALA E 20 -49.30 1.35 45.00
N ASP E 21 -49.96 1.05 43.89
CA ASP E 21 -50.27 -0.33 43.51
C ASP E 21 -49.02 -1.09 43.09
N SER E 22 -47.89 -0.39 42.96
CA SER E 22 -46.60 -1.06 42.77
C SER E 22 -45.56 -0.53 43.74
N ALA E 23 -45.94 -0.37 45.01
CA ALA E 23 -45.04 0.25 45.98
C ALA E 23 -43.75 -0.54 46.13
N ALA E 24 -43.83 -1.87 46.03
CA ALA E 24 -42.62 -2.68 46.13
C ALA E 24 -41.65 -2.36 45.00
N HIS E 25 -42.15 -2.36 43.76
CA HIS E 25 -41.30 -2.07 42.60
C HIS E 25 -40.76 -0.64 42.69
N TYR E 26 -41.62 0.31 43.07
CA TYR E 26 -41.20 1.69 43.18
C TYR E 26 -40.08 1.84 44.22
N ARG E 27 -40.27 1.22 45.38
CA ARG E 27 -39.28 1.31 46.44
C ARG E 27 -37.96 0.69 46.00
N THR E 28 -38.02 -0.47 45.36
CA THR E 28 -36.79 -1.10 44.88
C THR E 28 -36.09 -0.21 43.87
N ILE E 29 -36.84 0.38 42.94
CA ILE E 29 -36.22 1.17 41.88
C ILE E 29 -35.58 2.43 42.46
N LEU E 30 -36.32 3.17 43.29
CA LEU E 30 -35.73 4.36 43.90
C LEU E 30 -34.60 4.01 44.85
N ARG E 31 -34.62 2.82 45.45
CA ARG E 31 -33.50 2.43 46.29
C ARG E 31 -32.26 2.18 45.46
N TYR E 32 -32.41 1.58 44.28
CA TYR E 32 -31.26 1.45 43.40
C TYR E 32 -30.76 2.81 42.93
N PHE E 33 -31.68 3.72 42.62
CA PHE E 33 -31.26 5.08 42.26
C PHE E 33 -30.48 5.72 43.41
N TYR E 34 -30.96 5.57 44.64
CA TYR E 34 -30.27 6.12 45.79
C TYR E 34 -28.90 5.47 45.97
N HIS E 35 -28.84 4.15 45.81
CA HIS E 35 -27.56 3.44 45.88
C HIS E 35 -26.56 4.04 44.90
N GLN E 36 -26.95 4.15 43.64
CA GLN E 36 -26.03 4.64 42.62
C GLN E 36 -25.67 6.09 42.85
N HIS E 37 -26.60 6.91 43.36
CA HIS E 37 -26.27 8.29 43.66
C HIS E 37 -25.25 8.38 44.79
N GLU E 38 -25.45 7.60 45.85
CA GLU E 38 -24.52 7.66 46.98
C GLU E 38 -23.10 7.33 46.56
N ARG E 39 -22.95 6.55 45.48
CA ARG E 39 -21.66 6.29 44.87
C ARG E 39 -21.40 7.19 43.66
N MET E 40 -22.24 8.22 43.47
CA MET E 40 -22.04 9.21 42.42
C MET E 40 -22.08 8.58 41.02
N ARG E 41 -23.01 7.66 40.80
CA ARG E 41 -23.22 7.00 39.52
C ARG E 41 -24.69 7.03 39.15
N ASP E 42 -25.30 8.21 39.28
CA ASP E 42 -26.75 8.35 39.37
C ASP E 42 -27.47 8.41 38.03
N PHE E 43 -26.88 9.00 37.00
CA PHE E 43 -27.60 9.24 35.74
C PHE E 43 -27.81 7.92 35.00
N ILE E 44 -28.75 7.12 35.51
CA ILE E 44 -28.90 5.75 35.06
C ILE E 44 -29.96 5.67 33.97
N ALA E 45 -29.79 4.71 33.07
CA ALA E 45 -30.79 4.40 32.05
C ALA E 45 -31.60 3.17 32.45
N PRO E 46 -32.68 2.87 31.72
CA PRO E 46 -33.56 1.77 32.15
C PRO E 46 -32.90 0.40 32.23
N GLU E 47 -31.86 0.14 31.44
CA GLU E 47 -31.34 -1.22 31.34
C GLU E 47 -30.73 -1.71 32.66
N GLU E 48 -29.95 -0.87 33.35
CA GLU E 48 -29.35 -1.32 34.60
C GLU E 48 -30.41 -1.49 35.68
N LEU E 49 -31.43 -0.64 35.67
CA LEU E 49 -32.54 -0.83 36.59
C LEU E 49 -33.26 -2.14 36.31
N LEU E 50 -33.44 -2.49 35.04
CA LEU E 50 -34.03 -3.77 34.68
C LEU E 50 -33.17 -4.92 35.20
N GLU E 51 -31.85 -4.80 35.07
CA GLU E 51 -30.95 -5.82 35.61
C GLU E 51 -31.14 -5.96 37.11
N HIS E 52 -31.21 -4.83 37.83
CA HIS E 52 -31.40 -4.88 39.27
C HIS E 52 -32.72 -5.55 39.62
N MET E 53 -33.78 -5.20 38.87
CA MET E 53 -35.08 -5.83 39.09
C MET E 53 -34.99 -7.34 38.90
N ARG E 54 -34.28 -7.78 37.87
CA ARG E 54 -34.15 -9.20 37.61
C ARG E 54 -33.27 -9.88 38.65
N SER E 55 -32.38 -9.13 39.30
CA SER E 55 -31.53 -9.73 40.32
C SER E 55 -32.34 -10.21 41.52
N ILE E 56 -33.35 -9.45 41.92
CA ILE E 56 -34.15 -9.80 43.10
C ILE E 56 -35.05 -10.99 42.74
N PRO E 57 -35.10 -12.03 43.58
CA PRO E 57 -35.90 -13.21 43.21
C PRO E 57 -37.36 -12.90 42.93
N ALA E 58 -37.98 -12.01 43.70
CA ALA E 58 -39.40 -11.73 43.52
C ALA E 58 -39.68 -11.16 42.13
N PHE E 59 -38.83 -10.23 41.69
CA PHE E 59 -39.02 -9.62 40.37
C PHE E 59 -38.05 -10.19 39.35
N ALA E 60 -37.48 -11.36 39.61
CA ALA E 60 -36.46 -11.93 38.75
C ALA E 60 -36.91 -12.01 37.30
N ASP E 61 -38.21 -12.27 37.08
CA ASP E 61 -38.76 -12.37 35.74
C ASP E 61 -39.17 -11.02 35.16
N PHE E 62 -38.62 -9.91 35.64
CA PHE E 62 -39.11 -8.60 35.24
C PHE E 62 -39.01 -8.42 33.73
N GLN E 63 -39.78 -7.46 33.23
CA GLN E 63 -39.85 -7.15 31.81
C GLN E 63 -39.63 -5.65 31.61
N GLU E 64 -39.20 -5.28 30.41
CA GLU E 64 -38.89 -3.87 30.14
C GLU E 64 -40.16 -3.04 30.07
N ASP E 65 -41.26 -3.62 29.59
CA ASP E 65 -42.48 -2.84 29.37
C ASP E 65 -43.08 -2.36 30.69
N GLN E 66 -43.23 -3.27 31.66
CA GLN E 66 -43.74 -2.88 32.96
C GLN E 66 -42.81 -1.88 33.63
N LEU E 67 -41.51 -2.06 33.46
CA LEU E 67 -40.54 -1.11 33.98
C LEU E 67 -40.77 0.28 33.38
N HIS E 68 -41.01 0.34 32.07
CA HIS E 68 -41.27 1.63 31.43
C HIS E 68 -42.57 2.25 31.92
N GLN E 69 -43.62 1.45 32.08
CA GLN E 69 -44.86 2.01 32.62
C GLN E 69 -44.62 2.64 33.98
N GLN E 70 -43.94 1.89 34.87
CA GLN E 70 -43.71 2.41 36.21
C GLN E 70 -42.79 3.63 36.18
N LEU E 71 -41.77 3.64 35.32
CA LEU E 71 -40.84 4.76 35.28
C LEU E 71 -41.48 6.02 34.72
N ALA E 72 -42.31 5.88 33.69
CA ALA E 72 -43.09 7.02 33.21
C ALA E 72 -43.99 7.53 34.32
N GLN E 73 -44.63 6.61 35.04
CA GLN E 73 -45.43 6.99 36.20
C GLN E 73 -44.60 7.80 37.19
N LEU E 74 -43.36 7.37 37.44
CA LEU E 74 -42.53 8.06 38.43
C LEU E 74 -42.16 9.45 37.96
N VAL E 75 -41.70 9.58 36.72
CA VAL E 75 -41.32 10.89 36.21
C VAL E 75 -42.52 11.82 36.25
N LYS E 76 -43.73 11.27 36.14
CA LYS E 76 -44.92 12.08 36.37
C LYS E 76 -44.90 12.68 37.77
N TRP E 77 -44.44 11.90 38.76
CA TRP E 77 -44.25 12.34 40.14
C TRP E 77 -42.95 13.06 40.41
N ASN E 78 -42.16 13.36 39.38
CA ASN E 78 -40.93 14.15 39.55
C ASN E 78 -39.91 13.45 40.44
N ASN E 79 -39.97 12.11 40.53
CA ASN E 79 -38.95 11.39 41.27
C ASN E 79 -37.62 11.39 40.55
N LEU E 80 -37.61 11.72 39.26
CA LEU E 80 -36.46 11.53 38.41
C LEU E 80 -36.29 12.72 37.48
N ILE E 81 -35.07 12.88 36.96
CA ILE E 81 -34.75 13.90 35.98
C ILE E 81 -34.46 13.19 34.67
N ALA E 82 -35.26 13.46 33.65
CA ALA E 82 -35.24 12.71 32.40
C ALA E 82 -34.40 13.43 31.36
N ARG E 83 -33.47 12.69 30.76
CA ARG E 83 -32.69 13.15 29.62
C ARG E 83 -32.90 12.21 28.46
N GLN E 84 -32.83 12.75 27.24
CA GLN E 84 -33.00 11.98 26.02
C GLN E 84 -31.64 11.50 25.55
N ASP E 85 -31.55 10.21 25.23
CA ASP E 85 -30.27 9.58 24.90
C ASP E 85 -30.01 9.64 23.39
N MET E 86 -29.54 10.81 22.94
CA MET E 86 -29.22 11.03 21.54
C MET E 86 -27.73 11.02 21.26
N THR E 87 -26.89 10.62 22.23
CA THR E 87 -25.45 10.80 22.09
C THR E 87 -24.76 9.57 21.51
N ASN E 88 -25.20 8.36 21.84
CA ASN E 88 -24.52 7.18 21.34
C ASN E 88 -25.49 6.01 21.29
N ALA E 89 -25.10 4.97 20.55
CA ALA E 89 -25.93 3.81 20.34
C ALA E 89 -25.04 2.61 20.08
N LYS E 90 -25.64 1.41 20.18
CA LYS E 90 -24.92 0.17 19.95
C LYS E 90 -25.59 -0.70 18.89
N THR E 91 -26.85 -0.46 18.58
CA THR E 91 -27.53 -1.20 17.52
C THR E 91 -28.42 -0.25 16.75
N ILE E 92 -28.83 -0.68 15.56
CA ILE E 92 -29.63 0.17 14.69
C ILE E 92 -30.90 0.60 15.42
N GLU E 93 -31.60 -0.35 16.02
CA GLU E 93 -32.83 -0.02 16.73
C GLU E 93 -32.55 0.93 17.88
N GLU E 94 -31.45 0.72 18.59
CA GLU E 94 -31.09 1.64 19.66
C GLU E 94 -30.89 3.05 19.12
N TYR E 95 -30.26 3.19 17.96
CA TYR E 95 -30.15 4.51 17.35
C TYR E 95 -31.53 5.09 17.03
N LYS E 96 -32.41 4.28 16.47
CA LYS E 96 -33.72 4.79 16.10
C LYS E 96 -34.56 5.10 17.34
N LYS E 97 -34.35 4.38 18.43
CA LYS E 97 -35.12 4.63 19.64
C LYS E 97 -34.73 5.98 20.23
N LYS E 98 -35.74 6.74 20.66
CA LYS E 98 -35.52 8.00 21.37
C LYS E 98 -35.44 7.70 22.88
N ARG E 99 -34.38 7.01 23.24
CA ARG E 99 -34.25 6.51 24.61
C ARG E 99 -34.10 7.68 25.58
N PHE E 100 -33.96 7.32 26.85
CA PHE E 100 -33.82 8.32 27.91
C PHE E 100 -32.90 7.81 28.99
N ARG E 101 -32.36 8.74 29.78
CA ARG E 101 -31.60 8.46 30.98
C ARG E 101 -32.18 9.28 32.12
N TYR E 102 -32.11 8.73 33.34
CA TYR E 102 -32.83 9.28 34.47
C TYR E 102 -31.90 9.56 35.64
N GLN E 103 -32.16 10.65 36.36
CA GLN E 103 -31.43 11.04 37.54
C GLN E 103 -32.41 11.44 38.63
N CYS E 104 -32.17 10.95 39.84
CA CYS E 104 -33.08 11.13 40.97
C CYS E 104 -33.00 12.57 41.48
N THR E 105 -34.15 13.10 41.87
CA THR E 105 -34.22 14.47 42.35
C THR E 105 -33.68 14.58 43.78
N PRO E 106 -33.28 15.77 44.21
CA PRO E 106 -32.77 15.91 45.59
C PRO E 106 -33.78 15.49 46.63
N TYR E 107 -35.07 15.76 46.39
CA TYR E 107 -36.10 15.34 47.34
C TYR E 107 -36.11 13.83 47.51
N THR E 108 -36.01 13.11 46.39
CA THR E 108 -35.96 11.64 46.46
C THR E 108 -34.75 11.18 47.25
N VAL E 109 -33.59 11.78 46.97
CA VAL E 109 -32.38 11.42 47.70
C VAL E 109 -32.60 11.59 49.20
N GLU E 110 -33.15 12.72 49.58
CA GLU E 110 -33.33 12.99 51.02
C GLU E 110 -34.32 12.02 51.65
N ILE E 111 -35.45 11.75 51.01
CA ILE E 111 -36.44 10.87 51.64
C ILE E 111 -35.85 9.47 51.78
N GLU E 112 -35.20 8.98 50.73
CA GLU E 112 -34.60 7.66 50.82
C GLU E 112 -33.52 7.63 51.89
N ARG E 113 -32.82 8.75 52.09
CA ARG E 113 -31.85 8.83 53.18
C ARG E 113 -32.54 8.67 54.53
N MET E 114 -33.70 9.31 54.70
CA MET E 114 -34.42 9.15 55.96
C MET E 114 -34.87 7.71 56.18
N ILE E 115 -35.37 7.07 55.12
CA ILE E 115 -35.79 5.69 55.25
C ILE E 115 -34.60 4.80 55.60
N VAL E 116 -33.46 5.03 54.95
CA VAL E 116 -32.26 4.26 55.26
C VAL E 116 -31.81 4.51 56.69
N GLN E 117 -31.93 5.75 57.16
CA GLN E 117 -31.55 6.04 58.54
C GLN E 117 -32.45 5.32 59.53
N LEU E 118 -33.75 5.28 59.27
CA LEU E 118 -34.64 4.47 60.11
C LEU E 118 -34.23 3.00 60.06
N GLU E 119 -33.85 2.53 58.87
CA GLU E 119 -33.39 1.15 58.75
C GLU E 119 -32.17 0.90 59.62
N LYS E 120 -31.24 1.84 59.64
CA LYS E 120 -30.01 1.70 60.41
C LYS E 120 -30.29 1.69 61.91
PB ADP F . 28.65 -22.69 9.48
O1B ADP F . 30.06 -22.50 8.98
O2B ADP F . 28.29 -24.15 9.37
O3B ADP F . 28.54 -22.25 10.91
PA ADP F . 25.98 -22.09 8.62
O1A ADP F . 25.71 -23.48 9.12
O2A ADP F . 25.38 -21.08 9.56
O3A ADP F . 27.60 -21.85 8.54
O5' ADP F . 25.31 -21.92 7.13
C5' ADP F . 25.15 -23.08 6.38
C4' ADP F . 24.59 -22.80 5.00
O4' ADP F . 23.18 -22.02 5.09
C3' ADP F . 25.38 -22.01 4.31
O3' ADP F . 26.09 -22.81 3.27
C2' ADP F . 24.45 -20.99 3.64
O2' ADP F . 24.70 -20.91 2.31
C1' ADP F . 23.06 -21.59 3.88
N9 ADP F . 22.00 -20.58 3.72
C8 ADP F . 20.92 -21.14 4.24
N7 ADP F . 19.96 -20.23 4.09
C5 ADP F . 20.49 -19.15 3.49
C6 ADP F . 19.94 -17.95 3.11
N6 ADP F . 18.53 -17.68 3.37
N1 ADP F . 20.67 -17.03 2.52
C2 ADP F . 21.99 -17.26 2.28
N3 ADP F . 22.55 -18.44 2.65
C4 ADP F . 21.78 -19.37 3.25
H5'1 ADP F . 24.48 -23.76 6.91
H5'2 ADP F . 26.12 -23.57 6.28
H4' ADP F . 24.46 -23.73 4.46
H3' ADP F . 26.10 -21.52 4.95
HO3' ADP F . 26.06 -22.35 2.44
H2' ADP F . 24.54 -20.02 4.11
HO2' ADP F . 24.88 -20.01 2.08
H1' ADP F . 22.89 -22.42 3.20
H8 ADP F . 20.84 -22.11 4.70
HN61 ADP F . 18.01 -18.34 3.90
HN62 ADP F . 18.10 -16.86 3.00
H2 ADP F . 22.60 -16.52 1.79
PB ADP G . 44.90 -10.96 9.44
O1B ADP G . 44.11 -11.40 10.64
O2B ADP G . 46.01 -11.94 9.20
O3B ADP G . 44.00 -10.91 8.23
PA ADP G . 46.84 -9.29 10.71
O1A ADP G . 46.95 -10.52 11.58
O2A ADP G . 48.10 -9.12 9.91
O3A ADP G . 45.55 -9.48 9.72
O5' ADP G . 46.60 -7.97 11.68
C5' ADP G . 45.53 -8.04 12.59
C4' ADP G . 46.10 -8.20 13.98
O4' ADP G . 46.86 -6.86 14.43
C3' ADP G . 45.14 -8.42 14.85
O3' ADP G . 45.53 -9.55 15.76
C2' ADP G . 45.01 -7.14 15.68
O2' ADP G . 44.70 -7.44 16.96
C1' ADP G . 46.40 -6.50 15.60
N9 ADP G . 46.31 -5.03 15.68
C8 ADP G . 47.53 -4.59 15.41
N7 ADP G . 47.44 -3.26 15.49
C5 ADP G . 46.17 -2.93 15.81
C6 ADP G . 45.55 -1.72 16.01
N6 ADP G . 46.30 -0.48 15.88
N1 ADP G . 44.27 -1.67 16.32
C2 ADP G . 43.55 -2.81 16.45
N3 ADP G . 44.15 -4.01 16.25
C4 ADP G . 45.46 -4.04 15.94
H5'1 ADP G . 44.90 -8.88 12.33
H5'2 ADP G . 44.96 -7.12 12.54
H4' ADP G . 46.80 -9.04 14.00
H3' ADP G . 44.21 -8.64 14.35
HO3' ADP G . 45.33 -9.31 16.65
H2' ADP G . 44.26 -6.48 15.24
HO2' ADP G . 43.96 -6.92 17.24
H1' ADP G . 47.05 -6.90 16.38
H8 ADP G . 48.40 -5.18 15.17
HN61 ADP G . 45.88 0.38 16.18
HN62 ADP G . 47.22 -0.50 15.50
H2 ADP G . 42.50 -2.78 16.70
#